data_8P65
#
_entry.id   8P65
#
loop_
_entity.id
_entity.type
_entity.pdbx_description
1 polymer 'Cytochrome b-c1 complex subunit 1, mitochondrial'
2 polymer 'Cytochrome b-c1 complex subunit 2, mitochondrial'
3 polymer 'Cytochrome b'
4 polymer 'Cytochrome c1, heme protein, mitochondrial'
5 polymer 'Cytochrome b-c1 complex subunit Rieske, mitochondrial'
6 polymer 'Cytochrome b-c1 complex subunit 7'
7 polymer 'Cytochrome b-c1 complex subunit 8'
8 polymer 'Cytochrome b-c1 complex subunit 6, mitochondrial'
9 polymer 'Cytochrome b-c1 complex subunit 9'
10 polymer 'Cytochrome b-c1 complex subunit 9'
11 polymer 'Cytochrome b-c1 complex subunit 10'
12 non-polymer 'PROTOPORPHYRIN IX CONTAINING FE'
13 non-polymer 'HEME C'
14 non-polymer 'FE2/S2 (INORGANIC) CLUSTER'
#
loop_
_entity_poly.entity_id
_entity_poly.type
_entity_poly.pdbx_seq_one_letter_code
_entity_poly.pdbx_strand_id
1 'polypeptide(L)'
;TATYAQALQSVPETQVSQLDNGLRVASEQSSQPTCTVGVWIDAGSRYESEKNNGAGYFVEHLAFKGTKNRPGNALEKEVE
SMGAHLNAYSTREHTAYYIKALSKDLPKAVELLADIVQNCSLEDSQIEKERDVILQELQENDTSMRDVVFNYLHATAFQG
TPLAQSVEGPSENVRKLSRADLTEYLSRHYKAPRMVLAAAGGLEHRQLLDLAQKHFSGLSGTYDEDAVPTLSPCRFTGSQ
ICHREDGLPLAHVAIAVEGPGWAHPDNVALQVANAIIGHYDCTYGGGAHLSSPLASIAATNKLCQSFQTFNICYADTGLL
GAHFVCDHMSIDDMMFVLQGQWMRLCTSATESEVLRGKNLLRNALVSHLDGTTPVCEDIGRSLLTYGRRIPLAEWESRIA
EVDARVVREVCSKYFYDQCPAVAGFGPIEQLPDYNRIRSGMFWLRF
;
A,N
2 'polypeptide(L)'
;SLKVAPKVKATEAPAGVPPHPQDLEFTRLPNGLVIASLENYAPASRIGLFIKAGSRYENSNNLGTSHLLRLASSLTTKGA
SSFKITRGIEAVGGKLSVTSTRENMAYTVECLRDDVDILMEFLLNVTTAPEFRRWEVAALQPQLRIDKAVALQNPQAHVI
ENLHAAAYRNALANSLYCPDYRIGKVTPVELHDYVQNHFTSARMALIGLGVSHPVLKQVAEQFLNIRGGLGLSGAKAKYH
GGEIREQNGDSLVHAALVAESAAIGSAEANAFSVLQHVLGAGPHVKRGSNATSSLYQAVAKGVHEPFDVSAFNASYSDSG
LFGFYTISQAASAGDVIKAAYNQVKTIAQGNLSNPDVQAAKNKLKAGYLMSVESSEGFLDEVGSQALAAGSYTPPSTVLQ
QIDAVADADVINAAKKFVSGRKSMAASGNLGHTPFIDEL
;
B,O
3 'polypeptide(L)'
;MTNIRKSHPLMKIVNNAFIDLPAPSNISSWWNFGSLLGICLILQILTGLFLAMHYTSDTTTAFSSVTHICRDVNYGWIIR
YMHANGASMFFICLYMHVGRGLYYGSYTFLETWNIGVILLLTVMATAFMGYVLPWGQMSFWGATVITNLLSAIPYIGTNL
VEWIWGGFSVDKATLTRFFAFHFILPFIIMAIAMVHLLFLHETGSNNPTGISSDVDKIPFHPYYTIKDILGALLLILALM
LLVLFAPDLLGDPDNYTPANPLNTPPHIKPEWYFLFAYAILRSIPNKLGGVLALAFSILILALIPLLHTSKQRSMMFRPL
SQCLFWALVADLLTLTWIGGQPVEHPYITIGQLASVLYFLLILVLMPTAGTIENKLLKW
;
C,P
4 'polypeptide(L)'
;SDLELHPPSYPWSHRGLLSSLDHTSIRRGFQVYKQVCSSCHSMDYVAYRHLVGVCYTEDEAKALAEEVEVQDGPNEDGEM
FMRPGKLSDYFPKPYPNPEAARAANNGALPPDLSYIVRARHGGEDYVFSLLTGYCEPPTGVSLREGLYFNPYFPGQAIGM
APPIYNEVLEFDDGTPATMSQVAKDVCTFLRWAAEPEHDHRKRMGLKMLLMMGLLLPLVYAMKRHKWSVLKSRKLAYRPP
K
;
D,Q
5 'polypeptide(L)'
;SHTDIKVPDFSDYRRPEVLDSTKSSKESSEARKGFSYLVTATTTVGVAYAAKNVVSQFVSSMSASADVLAMSKIEIKLSD
IPEGKNMAFKWRGKPLFVRHRTKKEIDQEAAVEVSQLRDPQHDLERVKKPEWVILIGVCTHLGCVPIANAGDFGGYYCPC
HGSHYDASGRIRKGPAPLNLEVPSYEFTSDDMVIVG
;
E,R
6 'polypeptide(L)'
;MAGRPAVSASSRWLEGIRKWYYNAAGFNKLGLMRDDTIHENDDVKEAIRRLPENLYDDRVFRIKRALDLSMRQQILPKEQ
WTKYEEDKSYLEPYLKEVIRERKEREEWAKK
;
F,S
7 'polypeptide(L)'
;MGRQFGHLTRVRHVITYSLSPFEQRAFPHYFSKGIPNVLRRTRACILRVAPPFVAFYLVYTWGTQEFEKSKRKNPAAYEN
DR
;
G,T
8 'polypeptide(L)' GDPKEEEEEEEELVDPLTTVREQCEQLEKCVKARERLELCDERVSSRSQTEEDCTEELLDFLHARDHCVAHKLFNSLK H,U
9 'polypeptide(L)' MLSVAARSGPFAPVLSATSRGVAGALRPLVQAAVPATSESPVLDLKRSVLCRES I,V
10 'polypeptide(L)' MVAPTLTARLYSLLFRRTSTFALTIVVGALFFERAFDQGADAIYEHINEGKLWKHIKHKYENKE J,W
11 'polypeptide(L)' MLTRFLGPRYRQLARNWVPTASLWGAVGAVGLVWATDWRLILDWVPYIN K,X
#
# COMPACT_ATOMS: atom_id res chain seq x y z
N THR A 1 -25.82 56.40 21.99
CA THR A 1 -25.45 57.73 21.54
C THR A 1 -23.97 57.87 21.22
N ALA A 2 -23.14 56.90 21.61
CA ALA A 2 -21.70 56.95 21.37
C ALA A 2 -21.33 55.78 20.48
N THR A 3 -21.23 56.03 19.18
CA THR A 3 -20.85 54.98 18.24
C THR A 3 -19.37 54.65 18.38
N TYR A 4 -18.94 53.61 17.67
CA TYR A 4 -17.54 53.22 17.68
C TYR A 4 -16.65 54.32 17.11
N ALA A 5 -17.09 54.96 16.03
CA ALA A 5 -16.31 56.01 15.40
C ALA A 5 -16.19 57.24 16.31
N GLN A 6 -17.28 57.59 17.00
CA GLN A 6 -17.25 58.76 17.87
C GLN A 6 -16.36 58.55 19.08
N ALA A 7 -16.30 57.32 19.60
CA ALA A 7 -15.47 57.05 20.77
C ALA A 7 -13.99 57.22 20.46
N LEU A 8 -13.57 56.85 19.24
CA LEU A 8 -12.18 57.03 18.86
C LEU A 8 -11.80 58.50 18.83
N GLN A 9 -12.72 59.37 18.38
CA GLN A 9 -12.43 60.79 18.34
C GLN A 9 -12.26 61.39 19.73
N SER A 10 -12.94 60.81 20.73
CA SER A 10 -12.88 61.33 22.09
C SER A 10 -11.65 60.86 22.87
N VAL A 11 -10.84 59.99 22.28
CA VAL A 11 -9.60 59.56 22.95
C VAL A 11 -8.67 60.75 23.10
N PRO A 12 -8.06 60.96 24.26
CA PRO A 12 -7.17 62.11 24.44
C PRO A 12 -6.00 62.07 23.46
N GLU A 13 -5.62 63.25 22.97
CA GLU A 13 -4.55 63.37 21.99
C GLU A 13 -3.20 63.45 22.69
N THR A 14 -2.23 62.70 22.17
CA THR A 14 -0.89 62.73 22.73
C THR A 14 -0.24 64.09 22.52
N GLN A 15 0.45 64.58 23.54
CA GLN A 15 1.17 65.84 23.49
C GLN A 15 2.67 65.56 23.48
N VAL A 16 3.35 66.05 22.46
CA VAL A 16 4.79 65.82 22.28
C VAL A 16 5.49 67.16 22.29
N SER A 17 6.51 67.29 23.14
CA SER A 17 7.32 68.49 23.21
C SER A 17 8.79 68.11 23.21
N GLN A 18 9.60 68.96 22.60
CA GLN A 18 11.02 68.73 22.43
C GLN A 18 11.81 69.62 23.37
N LEU A 19 12.88 69.08 23.96
CA LEU A 19 13.73 69.82 24.85
C LEU A 19 14.84 70.53 24.07
N ASP A 20 15.80 71.11 24.77
CA ASP A 20 16.86 71.87 24.10
C ASP A 20 17.87 70.95 23.44
N ASN A 21 18.16 69.80 24.06
CA ASN A 21 19.15 68.88 23.52
C ASN A 21 18.56 67.85 22.57
N GLY A 22 17.27 67.95 22.26
CA GLY A 22 16.63 67.03 21.35
C GLY A 22 15.81 65.94 22.00
N LEU A 23 15.65 65.97 23.32
CA LEU A 23 14.83 64.98 24.01
C LEU A 23 13.37 65.21 23.69
N ARG A 24 12.67 64.15 23.30
CA ARG A 24 11.26 64.21 22.96
C ARG A 24 10.46 63.83 24.19
N VAL A 25 9.78 64.81 24.79
CA VAL A 25 8.94 64.59 25.96
C VAL A 25 7.51 64.42 25.46
N ALA A 26 6.92 63.26 25.73
CA ALA A 26 5.59 62.94 25.26
C ALA A 26 4.75 62.41 26.42
N SER A 27 3.44 62.67 26.35
CA SER A 27 2.53 62.20 27.39
C SER A 27 1.12 62.15 26.83
N GLU A 28 0.29 61.35 27.50
CA GLU A 28 -1.15 61.31 27.23
C GLU A 28 -1.88 61.47 28.55
N GLN A 29 -2.65 62.55 28.68
CA GLN A 29 -3.38 62.80 29.92
C GLN A 29 -4.57 61.86 30.05
N SER A 30 -4.87 61.49 31.29
CA SER A 30 -5.99 60.61 31.58
C SER A 30 -6.53 60.96 32.97
N SER A 31 -7.34 60.05 33.52
CA SER A 31 -7.95 60.27 34.82
C SER A 31 -7.53 59.27 35.88
N GLN A 32 -6.68 58.30 35.53
CA GLN A 32 -6.32 57.26 36.49
C GLN A 32 -5.47 57.84 37.61
N PRO A 33 -5.62 57.33 38.84
CA PRO A 33 -4.71 57.73 39.91
C PRO A 33 -3.30 57.19 39.73
N THR A 34 -3.11 56.22 38.84
CA THR A 34 -1.81 55.60 38.59
C THR A 34 -1.28 56.05 37.24
N CYS A 35 0.03 55.90 37.06
CA CYS A 35 0.69 56.30 35.84
C CYS A 35 2.02 55.58 35.73
N THR A 36 2.55 55.53 34.51
CA THR A 36 3.88 55.01 34.27
C THR A 36 4.64 55.98 33.37
N VAL A 37 5.93 56.13 33.64
CA VAL A 37 6.82 56.99 32.86
C VAL A 37 8.05 56.18 32.49
N GLY A 38 8.53 56.36 31.27
CA GLY A 38 9.67 55.60 30.80
C GLY A 38 10.44 56.32 29.72
N VAL A 39 11.64 55.82 29.44
CA VAL A 39 12.53 56.38 28.45
C VAL A 39 12.82 55.31 27.40
N TRP A 40 12.55 55.63 26.14
CA TRP A 40 12.81 54.75 25.02
C TRP A 40 14.00 55.30 24.23
N ILE A 41 15.00 54.46 24.01
CA ILE A 41 16.23 54.90 23.35
C ILE A 41 16.49 54.03 22.14
N ASP A 42 17.16 54.61 21.15
CA ASP A 42 17.51 53.89 19.92
C ASP A 42 18.81 53.14 20.17
N ALA A 43 18.67 51.90 20.60
CA ALA A 43 19.82 51.05 20.87
C ALA A 43 19.38 49.60 20.80
N GLY A 44 20.33 48.72 20.52
CA GLY A 44 20.03 47.31 20.40
C GLY A 44 21.16 46.58 19.71
N SER A 45 20.90 45.32 19.38
CA SER A 45 21.91 44.50 18.72
C SER A 45 22.28 45.07 17.36
N ARG A 46 21.30 45.59 16.63
CA ARG A 46 21.55 46.11 15.29
C ARG A 46 22.53 47.28 15.30
N TYR A 47 22.68 47.97 16.42
CA TYR A 47 23.59 49.10 16.51
C TYR A 47 24.97 48.71 17.02
N GLU A 48 25.20 47.42 17.29
CA GLU A 48 26.47 46.95 17.81
C GLU A 48 27.17 46.07 16.78
N SER A 49 28.46 46.30 16.60
CA SER A 49 29.27 45.45 15.75
C SER A 49 29.50 44.10 16.44
N GLU A 50 30.29 43.25 15.80
CA GLU A 50 30.55 41.93 16.37
C GLU A 50 31.37 42.04 17.65
N LYS A 51 32.27 43.03 17.75
CA LYS A 51 33.15 43.12 18.90
C LYS A 51 32.36 43.46 20.18
N ASN A 52 31.37 44.34 20.08
CA ASN A 52 30.59 44.75 21.24
C ASN A 52 29.16 44.25 21.19
N ASN A 53 28.91 43.18 20.44
CA ASN A 53 27.56 42.62 20.38
C ASN A 53 27.14 42.12 21.75
N GLY A 54 25.88 42.37 22.08
CA GLY A 54 25.37 42.00 23.39
C GLY A 54 25.71 42.96 24.51
N ALA A 55 26.22 44.15 24.18
CA ALA A 55 26.48 45.14 25.22
C ALA A 55 25.19 45.64 25.85
N GLY A 56 24.14 45.80 25.04
CA GLY A 56 22.88 46.32 25.56
C GLY A 56 22.29 45.43 26.64
N TYR A 57 22.31 44.13 26.43
CA TYR A 57 21.87 43.20 27.48
C TYR A 57 22.75 43.31 28.71
N PHE A 58 24.07 43.43 28.50
CA PHE A 58 24.97 43.64 29.63
C PHE A 58 24.72 44.99 30.28
N VAL A 59 24.48 46.03 29.49
CA VAL A 59 24.22 47.36 30.03
C VAL A 59 22.90 47.38 30.80
N GLU A 60 21.86 46.75 30.24
CA GLU A 60 20.56 46.74 30.90
C GLU A 60 20.63 46.02 32.24
N HIS A 61 21.43 44.96 32.33
CA HIS A 61 21.55 44.23 33.58
C HIS A 61 22.10 45.11 34.70
N LEU A 62 23.09 45.93 34.38
CA LEU A 62 23.72 46.80 35.38
C LEU A 62 23.00 48.13 35.55
N ALA A 63 21.92 48.36 34.81
CA ALA A 63 21.24 49.66 34.87
C ALA A 63 20.64 49.90 36.25
N PHE A 64 20.05 48.88 36.86
CA PHE A 64 19.38 49.02 38.14
C PHE A 64 20.23 48.58 39.32
N LYS A 65 21.49 48.23 39.09
CA LYS A 65 22.34 47.71 40.16
C LYS A 65 23.12 48.80 40.88
N GLY A 66 22.98 50.05 40.49
CA GLY A 66 23.67 51.13 41.17
C GLY A 66 23.97 52.31 40.28
N THR A 67 23.81 53.51 40.81
CA THR A 67 24.08 54.74 40.10
C THR A 67 25.10 55.57 40.89
N LYS A 68 25.49 56.70 40.30
CA LYS A 68 26.42 57.60 40.99
C LYS A 68 25.81 58.18 42.25
N ASN A 69 24.53 58.57 42.18
CA ASN A 69 23.86 59.15 43.33
C ASN A 69 23.46 58.11 44.37
N ARG A 70 23.04 56.92 43.92
CA ARG A 70 22.50 55.90 44.81
C ARG A 70 23.28 54.61 44.59
N PRO A 71 24.49 54.50 45.14
CA PRO A 71 25.27 53.28 44.97
C PRO A 71 24.60 52.09 45.64
N GLY A 72 24.83 50.91 45.06
CA GLY A 72 24.29 49.70 45.65
C GLY A 72 22.81 49.54 45.37
N ASN A 73 22.08 49.11 46.39
CA ASN A 73 20.65 48.84 46.27
C ASN A 73 19.79 50.02 46.70
N ALA A 74 20.39 51.18 46.95
CA ALA A 74 19.62 52.34 47.37
C ALA A 74 18.62 52.76 46.28
N LEU A 75 19.04 52.68 45.02
CA LEU A 75 18.13 53.00 43.93
C LEU A 75 16.95 52.05 43.91
N GLU A 76 17.20 50.76 44.11
CA GLU A 76 16.11 49.79 44.17
C GLU A 76 15.26 50.00 45.41
N LYS A 77 15.89 50.32 46.54
CA LYS A 77 15.13 50.52 47.78
C LYS A 77 14.19 51.70 47.69
N GLU A 78 14.59 52.76 46.97
CA GLU A 78 13.70 53.91 46.81
C GLU A 78 12.44 53.53 46.08
N VAL A 79 12.54 52.70 45.04
CA VAL A 79 11.37 52.32 44.26
C VAL A 79 10.45 51.42 45.06
N GLU A 80 11.01 50.42 45.75
CA GLU A 80 10.19 49.41 46.40
C GLU A 80 9.40 50.00 47.56
N SER A 81 10.08 50.75 48.45
CA SER A 81 9.38 51.39 49.55
C SER A 81 8.38 52.41 49.05
N MET A 82 8.60 52.94 47.85
CA MET A 82 7.66 53.88 47.24
C MET A 82 6.41 53.16 46.72
N GLY A 83 6.54 51.88 46.38
CA GLY A 83 5.42 51.11 45.87
C GLY A 83 5.35 50.99 44.36
N ALA A 84 6.39 51.39 43.65
CA ALA A 84 6.37 51.40 42.19
C ALA A 84 6.97 50.12 41.62
N HIS A 85 6.65 49.86 40.36
CA HIS A 85 7.18 48.71 39.63
C HIS A 85 8.18 49.21 38.60
N LEU A 86 9.37 48.62 38.58
CA LEU A 86 10.44 49.00 37.67
C LEU A 86 10.68 47.86 36.69
N ASN A 87 10.65 48.18 35.40
CA ASN A 87 10.80 47.20 34.34
C ASN A 87 11.67 47.77 33.24
N ALA A 88 12.26 46.88 32.44
CA ALA A 88 13.12 47.28 31.34
C ALA A 88 13.21 46.14 30.34
N TYR A 89 13.09 46.49 29.06
CA TYR A 89 13.19 45.51 27.99
C TYR A 89 14.05 46.08 26.86
N SER A 90 14.73 45.19 26.15
CA SER A 90 15.58 45.59 25.04
C SER A 90 15.41 44.61 23.90
N THR A 91 15.29 45.14 22.69
CA THR A 91 15.17 44.35 21.47
C THR A 91 16.26 44.79 20.50
N ARG A 92 16.15 44.30 19.25
CA ARG A 92 17.17 44.57 18.25
C ARG A 92 17.20 46.02 17.81
N GLU A 93 16.21 46.83 18.17
CA GLU A 93 16.17 48.21 17.70
C GLU A 93 15.95 49.21 18.83
N HIS A 94 15.32 48.76 19.93
CA HIS A 94 14.97 49.67 21.01
C HIS A 94 15.28 49.03 22.36
N THR A 95 15.52 49.88 23.35
CA THR A 95 15.55 49.49 24.74
C THR A 95 14.73 50.51 25.53
N ALA A 96 14.18 50.08 26.66
CA ALA A 96 13.30 50.95 27.43
C ALA A 96 13.47 50.69 28.92
N TYR A 97 13.15 51.71 29.72
CA TYR A 97 13.12 51.60 31.17
C TYR A 97 11.92 52.41 31.65
N TYR A 98 10.84 51.72 32.02
CA TYR A 98 9.61 52.38 32.44
C TYR A 98 9.25 51.97 33.85
N ILE A 99 8.73 52.92 34.62
CA ILE A 99 8.37 52.72 36.02
C ILE A 99 6.93 53.14 36.24
N LYS A 100 6.13 52.25 36.80
CA LYS A 100 4.71 52.51 37.05
C LYS A 100 4.50 52.82 38.53
N ALA A 101 3.79 53.90 38.81
CA ALA A 101 3.54 54.33 40.18
C ALA A 101 2.25 55.13 40.21
N LEU A 102 1.98 55.78 41.34
CA LEU A 102 0.83 56.63 41.45
C LEU A 102 1.08 57.95 40.72
N SER A 103 -0.02 58.62 40.35
CA SER A 103 0.10 59.89 39.63
C SER A 103 0.81 60.94 40.48
N LYS A 104 0.52 60.98 41.78
CA LYS A 104 1.20 61.91 42.67
C LYS A 104 2.68 61.59 42.81
N ASP A 105 3.10 60.41 42.39
CA ASP A 105 4.49 59.98 42.51
C ASP A 105 5.32 60.29 41.27
N LEU A 106 4.73 60.94 40.27
CA LEU A 106 5.47 61.26 39.05
C LEU A 106 6.76 62.04 39.28
N PRO A 107 6.80 63.08 40.14
CA PRO A 107 8.06 63.85 40.27
C PRO A 107 9.25 63.00 40.67
N LYS A 108 9.06 62.02 41.56
CA LYS A 108 10.17 61.18 41.97
C LYS A 108 10.53 60.15 40.91
N ALA A 109 9.54 59.65 40.18
CA ALA A 109 9.82 58.64 39.15
C ALA A 109 10.72 59.20 38.05
N VAL A 110 10.46 60.44 37.63
CA VAL A 110 11.29 61.05 36.59
C VAL A 110 12.71 61.26 37.08
N GLU A 111 12.87 61.70 38.34
CA GLU A 111 14.20 61.92 38.89
C GLU A 111 14.99 60.63 38.93
N LEU A 112 14.35 59.52 39.31
CA LEU A 112 15.03 58.24 39.30
C LEU A 112 15.43 57.83 37.89
N LEU A 113 14.54 58.05 36.91
CA LEU A 113 14.82 57.61 35.55
C LEU A 113 16.02 58.34 34.96
N ALA A 114 16.18 59.62 35.29
CA ALA A 114 17.34 60.36 34.83
C ALA A 114 18.63 59.77 35.40
N ASP A 115 18.60 59.37 36.67
CA ASP A 115 19.80 58.81 37.30
C ASP A 115 20.23 57.51 36.63
N ILE A 116 19.25 56.65 36.29
CA ILE A 116 19.60 55.39 35.64
C ILE A 116 20.26 55.64 34.30
N VAL A 117 19.77 56.63 33.56
CA VAL A 117 20.27 56.87 32.21
C VAL A 117 21.61 57.59 32.25
N GLN A 118 21.67 58.75 32.90
CA GLN A 118 22.86 59.59 32.85
C GLN A 118 23.96 59.08 33.77
N ASN A 119 23.62 58.48 34.91
CA ASN A 119 24.60 58.22 35.94
C ASN A 119 24.76 56.74 36.26
N CYS A 120 24.85 55.90 35.23
CA CYS A 120 25.12 54.49 35.47
C CYS A 120 26.51 54.32 36.09
N SER A 121 26.63 53.39 37.02
CA SER A 121 27.86 53.22 37.78
C SER A 121 28.82 52.22 37.15
N LEU A 122 28.34 51.00 36.88
CA LEU A 122 29.14 49.93 36.28
C LEU A 122 30.38 49.64 37.12
N GLU A 123 30.15 49.29 38.38
CA GLU A 123 31.24 48.94 39.28
C GLU A 123 31.94 47.69 38.80
N ASP A 124 33.25 47.62 39.08
CA ASP A 124 34.05 46.50 38.58
C ASP A 124 33.53 45.17 39.12
N SER A 125 33.14 45.13 40.38
CA SER A 125 32.53 43.92 40.92
C SER A 125 31.18 43.64 40.29
N GLN A 126 30.46 44.69 39.88
CA GLN A 126 29.14 44.50 39.29
C GLN A 126 29.21 43.79 37.95
N ILE A 127 30.17 44.16 37.10
CA ILE A 127 30.32 43.48 35.82
C ILE A 127 30.72 42.02 36.03
N GLU A 128 31.68 41.77 36.93
CA GLU A 128 32.14 40.41 37.15
C GLU A 128 31.03 39.52 37.67
N LYS A 129 30.20 40.03 38.59
CA LYS A 129 29.09 39.23 39.09
C LYS A 129 27.96 39.13 38.08
N GLU A 130 27.74 40.17 37.27
CA GLU A 130 26.71 40.11 36.25
C GLU A 130 27.15 39.27 35.06
N ARG A 131 28.45 39.19 34.81
CA ARG A 131 28.93 38.34 33.72
C ARG A 131 28.53 36.89 33.95
N ASP A 132 28.69 36.40 35.19
CA ASP A 132 28.23 35.06 35.52
C ASP A 132 26.71 34.96 35.46
N VAL A 133 26.02 36.07 35.71
CA VAL A 133 24.56 36.08 35.60
C VAL A 133 24.15 35.95 34.13
N ILE A 134 24.79 36.73 33.25
CA ILE A 134 24.46 36.68 31.83
C ILE A 134 24.79 35.33 31.23
N LEU A 135 25.87 34.69 31.68
CA LEU A 135 26.21 33.36 31.19
C LEU A 135 25.23 32.30 31.67
N GLN A 136 24.34 32.62 32.62
CA GLN A 136 23.43 31.63 33.19
C GLN A 136 22.19 31.42 32.33
N GLU A 137 21.39 32.47 32.13
CA GLU A 137 20.17 32.28 31.36
C GLU A 137 20.44 32.10 29.87
N LEU A 138 21.67 32.32 29.42
CA LEU A 138 22.04 31.92 28.06
C LEU A 138 21.91 30.40 27.91
N GLN A 139 22.34 29.66 28.92
CA GLN A 139 22.05 28.23 28.96
C GLN A 139 20.55 27.97 29.09
N GLU A 140 19.87 28.79 29.90
CA GLU A 140 18.43 28.65 30.04
C GLU A 140 17.69 28.92 28.73
N ASN A 141 18.11 29.97 28.01
CA ASN A 141 17.43 30.32 26.77
C ASN A 141 17.61 29.26 25.69
N ASP A 142 18.58 28.36 25.84
CA ASP A 142 18.72 27.25 24.90
C ASP A 142 17.52 26.33 24.96
N THR A 143 16.84 26.27 26.10
CA THR A 143 15.68 25.40 26.27
C THR A 143 14.39 25.99 25.71
N SER A 144 14.36 27.29 25.42
CA SER A 144 13.17 27.91 24.86
C SER A 144 13.16 27.63 23.36
N MET A 145 12.30 26.71 22.94
CA MET A 145 12.22 26.35 21.53
C MET A 145 11.80 27.54 20.69
N ARG A 146 10.82 28.32 21.15
CA ARG A 146 10.31 29.43 20.35
C ARG A 146 11.36 30.51 20.16
N ASP A 147 12.07 30.87 21.22
CA ASP A 147 13.06 31.94 21.12
C ASP A 147 14.27 31.50 20.30
N VAL A 148 14.67 30.24 20.43
CA VAL A 148 15.79 29.74 19.64
C VAL A 148 15.47 29.77 18.16
N VAL A 149 14.25 29.37 17.80
CA VAL A 149 13.86 29.32 16.39
C VAL A 149 13.85 30.72 15.79
N PHE A 150 13.31 31.70 16.52
CA PHE A 150 13.29 33.06 16.01
C PHE A 150 14.69 33.65 15.90
N ASN A 151 15.59 33.25 16.81
CA ASN A 151 17.00 33.62 16.66
C ASN A 151 17.60 32.94 15.44
N TYR A 152 17.23 31.68 15.20
CA TYR A 152 17.68 31.00 13.98
C TYR A 152 17.15 31.69 12.74
N LEU A 153 15.87 32.04 12.75
CA LEU A 153 15.28 32.73 11.61
C LEU A 153 15.95 34.07 11.36
N HIS A 154 16.21 34.83 12.43
CA HIS A 154 16.91 36.10 12.28
C HIS A 154 18.34 35.90 11.79
N ALA A 155 18.97 34.79 12.16
CA ALA A 155 20.37 34.57 11.79
C ALA A 155 20.53 34.42 10.29
N THR A 156 19.62 33.70 9.64
CA THR A 156 19.75 33.39 8.22
C THR A 156 18.94 34.33 7.33
N ALA A 157 17.83 34.87 7.80
CA ALA A 157 17.08 35.82 6.99
C ALA A 157 17.91 37.06 6.72
N PHE A 158 18.59 37.54 7.75
CA PHE A 158 19.45 38.75 7.60
C PHE A 158 20.90 38.36 7.84
N GLN A 159 21.36 37.27 7.23
CA GLN A 159 22.73 36.82 7.45
C GLN A 159 23.73 37.81 6.88
N GLY A 160 24.85 37.97 7.58
CA GLY A 160 25.87 38.91 7.17
C GLY A 160 25.51 40.36 7.39
N THR A 161 24.50 40.61 8.21
CA THR A 161 24.03 42.00 8.47
C THR A 161 23.90 42.21 9.98
N PRO A 162 24.00 43.45 10.52
CA PRO A 162 23.82 43.68 11.96
C PRO A 162 22.52 43.13 12.51
N LEU A 163 21.47 43.07 11.70
CA LEU A 163 20.18 42.59 12.16
C LEU A 163 20.18 41.11 12.51
N ALA A 164 21.23 40.37 12.13
CA ALA A 164 21.30 38.95 12.43
C ALA A 164 21.85 38.66 13.82
N GLN A 165 22.39 39.65 14.50
CA GLN A 165 22.94 39.43 15.83
C GLN A 165 21.83 39.22 16.84
N SER A 166 22.15 38.48 17.91
CA SER A 166 21.23 38.31 19.01
C SER A 166 21.32 39.50 19.96
N VAL A 167 20.20 39.78 20.64
CA VAL A 167 20.21 40.85 21.62
C VAL A 167 21.16 40.51 22.77
N GLU A 168 21.10 39.27 23.25
CA GLU A 168 21.99 38.85 24.33
C GLU A 168 23.43 38.73 23.83
N GLY A 169 23.62 38.21 22.63
CA GLY A 169 24.94 38.08 22.06
C GLY A 169 25.58 36.73 22.36
N PRO A 170 26.69 36.44 21.70
CA PRO A 170 27.37 35.16 21.92
C PRO A 170 27.93 35.06 23.32
N SER A 171 28.04 33.82 23.79
CA SER A 171 28.60 33.60 25.12
C SER A 171 30.04 34.06 25.20
N GLU A 172 30.82 33.83 24.15
CA GLU A 172 32.21 34.27 24.14
C GLU A 172 32.31 35.79 24.22
N ASN A 173 31.44 36.50 23.50
CA ASN A 173 31.43 37.96 23.59
C ASN A 173 31.05 38.42 24.98
N VAL A 174 30.18 37.68 25.66
CA VAL A 174 29.81 38.03 27.03
C VAL A 174 31.02 37.90 27.95
N ARG A 175 31.79 36.83 27.80
CA ARG A 175 32.94 36.61 28.69
C ARG A 175 33.99 37.70 28.49
N LYS A 176 34.25 38.10 27.25
CA LYS A 176 35.33 39.03 26.94
C LYS A 176 34.91 40.49 27.05
N LEU A 177 33.63 40.77 27.28
CA LEU A 177 33.19 42.16 27.43
C LEU A 177 33.78 42.75 28.70
N SER A 178 34.29 43.97 28.60
CA SER A 178 34.92 44.67 29.71
C SER A 178 34.18 45.96 29.99
N ARG A 179 34.59 46.65 31.05
CA ARG A 179 33.94 47.91 31.41
C ARG A 179 34.16 48.98 30.35
N ALA A 180 35.31 48.96 29.68
CA ALA A 180 35.60 49.99 28.67
C ALA A 180 34.59 49.94 27.53
N ASP A 181 34.25 48.74 27.07
CA ASP A 181 33.27 48.63 25.99
C ASP A 181 31.89 49.12 26.43
N LEU A 182 31.51 48.83 27.67
CA LEU A 182 30.18 49.21 28.13
C LEU A 182 30.03 50.71 28.23
N THR A 183 31.02 51.39 28.83
CA THR A 183 30.92 52.84 28.95
C THR A 183 31.06 53.52 27.59
N GLU A 184 31.86 52.93 26.68
CA GLU A 184 31.91 53.44 25.32
C GLU A 184 30.57 53.28 24.62
N TYR A 185 29.91 52.14 24.84
CA TYR A 185 28.59 51.93 24.25
C TYR A 185 27.58 52.94 24.79
N LEU A 186 27.63 53.22 26.10
CA LEU A 186 26.72 54.20 26.68
C LEU A 186 26.95 55.59 26.10
N SER A 187 28.22 56.00 25.98
CA SER A 187 28.53 57.34 25.50
C SER A 187 28.29 57.52 24.01
N ARG A 188 28.02 56.44 23.28
CA ARG A 188 27.80 56.51 21.84
C ARG A 188 26.33 56.42 21.45
N HIS A 189 25.54 55.63 22.19
CA HIS A 189 24.15 55.40 21.83
C HIS A 189 23.14 56.04 22.77
N TYR A 190 23.54 56.42 23.97
CA TYR A 190 22.62 57.00 24.95
C TYR A 190 22.76 58.52 24.88
N LYS A 191 22.11 59.11 23.88
CA LYS A 191 22.18 60.54 23.65
C LYS A 191 20.77 61.11 23.56
N ALA A 192 20.65 62.39 23.88
CA ALA A 192 19.34 63.03 23.89
C ALA A 192 18.61 63.00 22.55
N PRO A 193 19.24 63.30 21.41
CA PRO A 193 18.47 63.32 20.15
C PRO A 193 17.80 62.00 19.82
N ARG A 194 18.41 60.88 20.19
CA ARG A 194 17.85 59.56 19.95
C ARG A 194 17.05 59.04 21.14
N MET A 195 16.41 59.94 21.88
CA MET A 195 15.75 59.58 23.13
C MET A 195 14.32 60.12 23.12
N VAL A 196 13.44 59.42 23.83
CA VAL A 196 12.08 59.89 24.04
C VAL A 196 11.62 59.45 25.43
N LEU A 197 11.13 60.40 26.21
CA LEU A 197 10.59 60.13 27.54
C LEU A 197 9.08 60.25 27.46
N ALA A 198 8.40 59.12 27.53
CA ALA A 198 6.95 59.07 27.41
C ALA A 198 6.31 58.76 28.75
N ALA A 199 5.02 59.11 28.86
CA ALA A 199 4.26 58.84 30.06
C ALA A 199 2.77 58.84 29.73
N ALA A 200 1.99 58.23 30.61
CA ALA A 200 0.54 58.23 30.46
C ALA A 200 -0.10 57.93 31.81
N GLY A 201 -1.25 58.54 32.06
CA GLY A 201 -1.94 58.38 33.32
C GLY A 201 -2.58 59.67 33.80
N GLY A 202 -2.67 59.84 35.10
CA GLY A 202 -3.25 61.05 35.66
C GLY A 202 -2.21 62.14 35.87
N LEU A 203 -1.43 62.42 34.85
CA LEU A 203 -0.35 63.40 34.92
C LEU A 203 -0.58 64.50 33.88
N GLU A 204 -0.34 65.74 34.28
CA GLU A 204 -0.42 66.86 33.34
C GLU A 204 0.86 66.93 32.51
N HIS A 205 0.70 67.25 31.22
CA HIS A 205 1.86 67.30 30.33
C HIS A 205 2.84 68.37 30.76
N ARG A 206 2.35 69.48 31.34
CA ARG A 206 3.24 70.53 31.80
C ARG A 206 4.17 70.04 32.91
N GLN A 207 3.64 69.23 33.83
CA GLN A 207 4.46 68.71 34.91
C GLN A 207 5.56 67.80 34.38
N LEU A 208 5.22 66.92 33.43
CA LEU A 208 6.22 66.01 32.89
C LEU A 208 7.32 66.76 32.14
N LEU A 209 6.94 67.78 31.36
CA LEU A 209 7.94 68.56 30.63
C LEU A 209 8.86 69.30 31.58
N ASP A 210 8.29 69.92 32.63
CA ASP A 210 9.11 70.63 33.60
C ASP A 210 10.03 69.68 34.35
N LEU A 211 9.53 68.49 34.71
CA LEU A 211 10.36 67.51 35.38
C LEU A 211 11.51 67.07 34.48
N ALA A 212 11.23 66.85 33.19
CA ALA A 212 12.29 66.50 32.26
C ALA A 212 13.28 67.63 32.10
N GLN A 213 12.79 68.87 32.06
CA GLN A 213 13.67 70.03 31.97
C GLN A 213 14.59 70.12 33.18
N LYS A 214 14.13 69.71 34.36
CA LYS A 214 14.94 69.80 35.56
C LYS A 214 16.04 68.75 35.58
N HIS A 215 15.74 67.53 35.14
CA HIS A 215 16.66 66.41 35.28
C HIS A 215 17.38 66.03 34.00
N PHE A 216 16.69 66.06 32.86
CA PHE A 216 17.29 65.65 31.59
C PHE A 216 18.00 66.77 30.87
N SER A 217 18.04 67.98 31.45
CA SER A 217 18.78 69.07 30.80
C SER A 217 20.27 68.79 30.78
N GLY A 218 20.79 68.08 31.78
CA GLY A 218 22.19 67.73 31.81
C GLY A 218 22.61 66.77 30.71
N LEU A 219 21.65 66.09 30.09
CA LEU A 219 21.95 65.22 28.96
C LEU A 219 22.47 66.06 27.79
N SER A 220 23.38 65.47 27.03
CA SER A 220 24.04 66.16 25.93
C SER A 220 23.79 65.44 24.61
N GLY A 221 23.87 66.19 23.51
CA GLY A 221 23.77 65.64 22.19
C GLY A 221 24.87 66.17 21.30
N THR A 222 25.03 65.51 20.15
CA THR A 222 26.09 65.82 19.18
C THR A 222 27.45 65.81 19.87
N TYR A 223 27.82 64.63 20.39
CA TYR A 223 29.03 64.51 21.20
C TYR A 223 30.28 64.84 20.40
N ASP A 224 30.41 64.26 19.21
CA ASP A 224 31.63 64.40 18.42
C ASP A 224 31.26 64.32 16.94
N GLU A 225 32.26 64.06 16.10
CA GLU A 225 32.01 63.94 14.67
C GLU A 225 31.00 62.85 14.35
N ASP A 226 30.91 61.82 15.19
CA ASP A 226 29.86 60.82 15.02
C ASP A 226 28.49 61.44 15.20
N ALA A 227 28.33 62.29 16.21
CA ALA A 227 27.07 62.99 16.51
C ALA A 227 25.99 61.92 16.68
N VAL A 228 24.98 61.86 15.81
CA VAL A 228 23.95 60.83 15.86
C VAL A 228 24.24 59.83 14.74
N PRO A 229 24.69 58.62 15.05
CA PRO A 229 25.01 57.66 13.98
C PRO A 229 23.77 57.23 13.21
N THR A 230 23.97 56.93 11.94
CA THR A 230 22.91 56.52 11.04
C THR A 230 23.02 55.02 10.75
N LEU A 231 21.87 54.41 10.48
CA LEU A 231 21.80 52.98 10.22
C LEU A 231 22.16 52.68 8.77
N SER A 232 22.35 51.39 8.50
CA SER A 232 22.61 50.91 7.15
C SER A 232 21.62 49.80 6.82
N PRO A 233 21.17 49.71 5.58
CA PRO A 233 20.18 48.68 5.23
C PRO A 233 20.74 47.28 5.38
N CYS A 234 19.88 46.36 5.78
CA CYS A 234 20.22 44.95 5.94
C CYS A 234 19.48 44.14 4.89
N ARG A 235 20.21 43.32 4.15
CA ARG A 235 19.63 42.60 3.03
C ARG A 235 19.04 41.28 3.51
N PHE A 236 17.76 41.08 3.20
CA PHE A 236 17.12 39.79 3.43
C PHE A 236 17.77 38.74 2.52
N THR A 237 17.89 37.52 3.05
CA THR A 237 18.56 36.44 2.33
C THR A 237 17.72 35.18 2.46
N GLY A 238 17.07 34.79 1.37
CA GLY A 238 16.33 33.54 1.36
C GLY A 238 17.25 32.36 1.65
N SER A 239 16.98 31.65 2.74
CA SER A 239 17.87 30.58 3.18
C SER A 239 17.05 29.62 4.03
N GLN A 240 17.74 28.71 4.71
CA GLN A 240 17.07 27.69 5.52
C GLN A 240 18.06 27.11 6.51
N ILE A 241 17.74 27.16 7.79
CA ILE A 241 18.56 26.59 8.85
C ILE A 241 17.77 25.49 9.52
N CYS A 242 18.41 24.32 9.70
CA CYS A 242 17.75 23.15 10.24
C CYS A 242 18.63 22.54 11.33
N HIS A 243 18.30 22.84 12.59
CA HIS A 243 18.94 22.18 13.72
C HIS A 243 18.10 20.96 14.06
N ARG A 244 18.44 19.83 13.45
CA ARG A 244 17.70 18.60 13.66
C ARG A 244 18.20 17.92 14.94
N GLU A 245 17.34 17.89 15.96
CA GLU A 245 17.64 17.25 17.23
C GLU A 245 16.43 16.39 17.59
N ASP A 246 16.59 15.07 17.52
CA ASP A 246 15.45 14.18 17.68
C ASP A 246 15.05 13.99 19.14
N GLY A 247 15.89 14.38 20.09
CA GLY A 247 15.53 14.23 21.49
C GLY A 247 14.34 15.07 21.88
N LEU A 248 14.29 16.31 21.39
CA LEU A 248 13.18 17.20 21.72
C LEU A 248 11.89 16.72 21.05
N PRO A 249 10.76 16.75 21.75
CA PRO A 249 9.54 16.11 21.25
C PRO A 249 8.94 16.79 20.04
N LEU A 250 8.74 18.10 20.13
CA LEU A 250 7.99 18.85 19.13
C LEU A 250 8.94 19.63 18.22
N ALA A 251 8.42 20.00 17.06
CA ALA A 251 9.18 20.73 16.05
C ALA A 251 8.65 22.14 15.94
N HIS A 252 9.54 23.11 16.13
CA HIS A 252 9.21 24.52 15.96
C HIS A 252 9.78 25.00 14.63
N VAL A 253 8.91 25.53 13.76
CA VAL A 253 9.31 25.98 12.44
C VAL A 253 8.74 27.37 12.22
N ALA A 254 9.60 28.30 11.79
CA ALA A 254 9.18 29.66 11.46
C ALA A 254 9.66 29.96 10.04
N ILE A 255 8.72 30.34 9.18
CA ILE A 255 9.01 30.70 7.79
C ILE A 255 8.50 32.11 7.56
N ALA A 256 9.36 32.97 7.01
CA ALA A 256 9.01 34.37 6.84
C ALA A 256 9.70 34.92 5.61
N VAL A 257 9.19 36.06 5.15
CA VAL A 257 9.75 36.78 4.00
C VAL A 257 9.99 38.21 4.43
N GLU A 258 10.73 38.94 3.59
CA GLU A 258 11.05 40.33 3.92
C GLU A 258 9.78 41.17 3.99
N GLY A 259 9.68 41.97 5.05
CA GLY A 259 8.54 42.82 5.25
C GLY A 259 8.74 44.22 4.70
N PRO A 260 7.74 45.06 4.81
CA PRO A 260 7.85 46.42 4.27
C PRO A 260 8.68 47.34 5.13
N GLY A 261 8.48 47.31 6.45
CA GLY A 261 9.19 48.17 7.38
C GLY A 261 8.25 48.90 8.31
N TRP A 262 8.84 49.72 9.17
CA TRP A 262 8.05 50.46 10.16
C TRP A 262 7.13 51.48 9.51
N ALA A 263 7.67 52.31 8.63
CA ALA A 263 6.95 53.46 8.10
C ALA A 263 6.16 53.14 6.83
N HIS A 264 6.28 51.95 6.29
CA HIS A 264 5.58 51.62 5.06
C HIS A 264 4.08 51.47 5.32
N PRO A 265 3.22 52.16 4.57
CA PRO A 265 1.77 52.05 4.81
C PRO A 265 1.21 50.67 4.55
N ASP A 266 1.93 49.80 3.84
CA ASP A 266 1.44 48.45 3.56
C ASP A 266 1.40 47.57 4.80
N ASN A 267 1.76 48.09 5.96
CA ASN A 267 1.67 47.29 7.18
C ASN A 267 0.21 47.03 7.56
N VAL A 268 -0.67 48.00 7.30
CA VAL A 268 -2.08 47.83 7.66
C VAL A 268 -2.69 46.69 6.87
N ALA A 269 -2.46 46.67 5.55
CA ALA A 269 -3.00 45.60 4.72
C ALA A 269 -2.41 44.26 5.10
N LEU A 270 -1.10 44.24 5.41
CA LEU A 270 -0.47 42.99 5.83
C LEU A 270 -1.01 42.52 7.17
N GLN A 271 -1.29 43.44 8.07
CA GLN A 271 -1.84 43.06 9.37
C GLN A 271 -3.26 42.53 9.26
N VAL A 272 -4.00 42.97 8.25
CA VAL A 272 -5.31 42.38 7.97
C VAL A 272 -5.13 40.97 7.44
N ALA A 273 -4.11 40.75 6.61
CA ALA A 273 -3.87 39.42 6.06
C ALA A 273 -3.51 38.42 7.14
N ASN A 274 -2.71 38.84 8.11
CA ASN A 274 -2.37 37.95 9.23
C ASN A 274 -3.60 37.61 10.06
N ALA A 275 -4.48 38.59 10.28
CA ALA A 275 -5.68 38.34 11.08
C ALA A 275 -6.58 37.31 10.39
N ILE A 276 -6.63 37.33 9.06
CA ILE A 276 -7.44 36.37 8.33
C ILE A 276 -6.93 34.96 8.57
N ILE A 277 -5.61 34.77 8.52
CA ILE A 277 -5.03 33.46 8.78
C ILE A 277 -5.19 33.08 10.25
N GLY A 278 -5.01 34.03 11.15
CA GLY A 278 -5.30 33.80 12.55
C GLY A 278 -4.24 32.97 13.28
N HIS A 279 -4.67 32.39 14.40
CA HIS A 279 -3.79 31.60 15.25
C HIS A 279 -4.63 30.57 16.00
N TYR A 280 -3.95 29.54 16.51
CA TYR A 280 -4.61 28.46 17.22
C TYR A 280 -3.55 27.59 17.89
N ASP A 281 -3.82 27.18 19.14
CA ASP A 281 -2.95 26.19 19.78
C ASP A 281 -3.76 25.35 20.77
N CYS A 282 -4.36 24.27 20.28
CA CYS A 282 -4.74 23.11 21.06
C CYS A 282 -5.53 23.41 22.34
N THR A 283 -6.03 24.64 22.49
CA THR A 283 -6.76 24.99 23.71
C THR A 283 -7.97 25.87 23.43
N TYR A 284 -8.40 26.00 22.18
CA TYR A 284 -9.54 26.82 21.85
C TYR A 284 -10.82 25.99 21.85
N GLY A 285 -11.89 26.55 22.39
CA GLY A 285 -13.16 25.86 22.37
C GLY A 285 -13.82 25.81 21.01
N GLY A 286 -13.36 26.64 20.07
CA GLY A 286 -13.94 26.62 18.74
C GLY A 286 -13.72 25.31 18.01
N GLY A 287 -12.49 24.80 18.04
CA GLY A 287 -12.20 23.55 17.36
C GLY A 287 -12.35 23.69 15.87
N ALA A 288 -13.16 22.80 15.28
CA ALA A 288 -13.36 22.79 13.83
C ALA A 288 -14.22 23.94 13.33
N HIS A 289 -14.83 24.72 14.22
CA HIS A 289 -15.71 25.81 13.82
C HIS A 289 -14.98 27.14 13.70
N LEU A 290 -13.67 27.17 13.89
CA LEU A 290 -12.93 28.42 13.84
C LEU A 290 -12.97 29.00 12.43
N SER A 291 -13.16 30.32 12.36
CA SER A 291 -13.40 30.98 11.08
C SER A 291 -12.20 30.84 10.15
N SER A 292 -10.99 30.95 10.68
CA SER A 292 -9.79 30.86 9.86
C SER A 292 -9.68 29.47 9.26
N PRO A 293 -9.56 29.33 7.93
CA PRO A 293 -9.44 27.99 7.35
C PRO A 293 -8.24 27.22 7.84
N LEU A 294 -7.12 27.91 8.08
CA LEU A 294 -5.94 27.22 8.61
C LEU A 294 -6.20 26.70 10.01
N ALA A 295 -6.83 27.51 10.86
CA ALA A 295 -7.13 27.08 12.22
C ALA A 295 -8.17 25.96 12.23
N SER A 296 -9.17 26.04 11.34
CA SER A 296 -10.20 25.02 11.32
C SER A 296 -9.66 23.66 10.92
N ILE A 297 -8.83 23.62 9.88
CA ILE A 297 -8.25 22.35 9.45
C ILE A 297 -7.23 21.85 10.48
N ALA A 298 -6.42 22.75 11.02
CA ALA A 298 -5.43 22.35 12.01
C ALA A 298 -6.08 21.77 13.27
N ALA A 299 -7.31 22.17 13.56
CA ALA A 299 -8.03 21.65 14.71
C ALA A 299 -8.92 20.47 14.38
N THR A 300 -9.33 20.33 13.11
CA THR A 300 -10.21 19.22 12.75
C THR A 300 -9.47 17.89 12.84
N ASN A 301 -8.27 17.82 12.25
CA ASN A 301 -7.49 16.59 12.22
C ASN A 301 -6.25 16.67 13.11
N LYS A 302 -6.19 17.66 14.00
CA LYS A 302 -5.11 17.79 14.97
C LYS A 302 -3.74 17.87 14.27
N LEU A 303 -3.57 18.94 13.49
CA LEU A 303 -2.34 19.11 12.72
C LEU A 303 -1.21 19.62 13.61
N CYS A 304 -1.43 20.74 14.29
CA CYS A 304 -0.38 21.39 15.05
C CYS A 304 -0.74 21.47 16.53
N GLN A 305 0.29 21.49 17.37
CA GLN A 305 0.08 21.86 18.76
C GLN A 305 -0.08 23.36 18.92
N SER A 306 0.55 24.13 18.05
CA SER A 306 0.47 25.59 18.10
C SER A 306 0.86 26.16 16.75
N PHE A 307 0.40 27.38 16.48
CA PHE A 307 0.77 28.11 15.27
C PHE A 307 0.29 29.54 15.40
N GLN A 308 1.03 30.46 14.81
CA GLN A 308 0.69 31.87 14.89
C GLN A 308 1.31 32.62 13.70
N THR A 309 0.75 33.78 13.42
CA THR A 309 1.20 34.63 12.32
C THR A 309 1.74 35.93 12.91
N PHE A 310 2.93 36.34 12.46
CA PHE A 310 3.60 37.50 12.99
C PHE A 310 4.02 38.43 11.85
N ASN A 311 4.21 39.70 12.19
CA ASN A 311 4.76 40.70 11.27
C ASN A 311 5.74 41.56 12.07
N ILE A 312 7.00 41.15 12.09
CA ILE A 312 8.04 41.92 12.76
C ILE A 312 8.48 43.04 11.83
N CYS A 313 8.47 44.27 12.33
CA CYS A 313 8.78 45.45 11.53
C CYS A 313 10.07 46.08 12.01
N TYR A 314 10.92 46.46 11.06
CA TYR A 314 12.17 47.14 11.36
C TYR A 314 12.27 48.44 10.58
N ALA A 315 13.43 49.08 10.59
CA ALA A 315 13.55 50.39 9.95
C ALA A 315 13.32 50.30 8.45
N ASP A 316 13.88 49.28 7.79
CA ASP A 316 13.69 49.13 6.36
C ASP A 316 13.44 47.68 5.96
N THR A 317 13.28 46.78 6.92
CA THR A 317 13.11 45.36 6.62
C THR A 317 12.05 44.81 7.56
N GLY A 318 11.84 43.49 7.50
CA GLY A 318 10.89 42.85 8.38
C GLY A 318 10.91 41.36 8.16
N LEU A 319 10.21 40.65 9.04
CA LEU A 319 10.05 39.20 8.96
C LEU A 319 8.56 38.90 9.01
N LEU A 320 7.93 38.88 7.83
CA LEU A 320 6.51 38.60 7.71
C LEU A 320 6.33 37.14 7.34
N GLY A 321 5.63 36.38 8.19
CA GLY A 321 5.44 34.97 7.94
C GLY A 321 4.60 34.29 9.00
N ALA A 322 5.02 33.11 9.46
CA ALA A 322 4.27 32.38 10.48
C ALA A 322 5.22 31.42 11.19
N HIS A 323 4.78 30.97 12.36
CA HIS A 323 5.54 30.03 13.18
C HIS A 323 4.58 29.01 13.76
N PHE A 324 4.88 27.73 13.58
CA PHE A 324 3.97 26.68 14.01
C PHE A 324 4.72 25.62 14.82
N VAL A 325 3.98 24.99 15.73
CA VAL A 325 4.48 23.93 16.59
C VAL A 325 3.60 22.71 16.34
N CYS A 326 4.23 21.59 15.98
CA CYS A 326 3.47 20.41 15.59
C CYS A 326 4.27 19.16 15.93
N ASP A 327 3.69 18.01 15.62
CA ASP A 327 4.35 16.73 15.82
C ASP A 327 5.50 16.59 14.83
N HIS A 328 6.25 15.51 14.97
CA HIS A 328 7.31 15.20 14.02
C HIS A 328 6.78 14.56 12.74
N MET A 329 5.52 14.11 12.75
CA MET A 329 4.87 13.67 11.52
C MET A 329 3.70 14.56 11.16
N SER A 330 3.88 15.88 11.30
CA SER A 330 2.88 16.82 10.83
C SER A 330 3.49 18.06 10.19
N ILE A 331 4.81 18.13 10.04
CA ILE A 331 5.44 19.33 9.49
C ILE A 331 5.04 19.54 8.05
N ASP A 332 5.14 18.48 7.23
CA ASP A 332 4.78 18.60 5.82
C ASP A 332 3.29 18.81 5.65
N ASP A 333 2.47 18.17 6.50
CA ASP A 333 1.03 18.28 6.35
C ASP A 333 0.50 19.67 6.68
N MET A 334 1.22 20.47 7.47
CA MET A 334 0.76 21.82 7.74
C MET A 334 1.51 22.89 6.96
N MET A 335 2.81 22.73 6.74
CA MET A 335 3.50 23.67 5.85
C MET A 335 2.85 23.69 4.48
N PHE A 336 2.22 22.58 4.08
CA PHE A 336 1.52 22.56 2.81
C PHE A 336 0.25 23.41 2.89
N VAL A 337 -0.47 23.34 4.00
CA VAL A 337 -1.68 24.16 4.12
C VAL A 337 -1.35 25.57 4.59
N LEU A 338 -0.22 25.75 5.28
CA LEU A 338 0.19 27.11 5.66
C LEU A 338 0.48 27.94 4.43
N GLN A 339 1.33 27.44 3.53
CA GLN A 339 1.61 28.17 2.30
C GLN A 339 0.41 28.20 1.37
N GLY A 340 -0.46 27.18 1.44
CA GLY A 340 -1.67 27.20 0.65
C GLY A 340 -2.60 28.33 1.02
N GLN A 341 -2.63 28.70 2.30
CA GLN A 341 -3.44 29.84 2.72
C GLN A 341 -2.83 31.15 2.24
N TRP A 342 -1.50 31.25 2.24
CA TRP A 342 -0.85 32.46 1.74
C TRP A 342 -1.17 32.70 0.28
N MET A 343 -1.11 31.65 -0.55
CA MET A 343 -1.37 31.81 -1.97
C MET A 343 -2.85 32.06 -2.25
N ARG A 344 -3.73 31.79 -1.29
CA ARG A 344 -5.15 32.10 -1.49
C ARG A 344 -5.39 33.61 -1.40
N LEU A 345 -4.80 34.28 -0.41
CA LEU A 345 -4.96 35.71 -0.30
C LEU A 345 -4.31 36.42 -1.48
N CYS A 346 -3.15 35.95 -1.93
CA CYS A 346 -2.47 36.58 -3.05
C CYS A 346 -3.28 36.47 -4.33
N THR A 347 -4.07 35.40 -4.48
CA THR A 347 -4.79 35.13 -5.71
C THR A 347 -6.28 35.38 -5.60
N SER A 348 -6.97 34.77 -4.63
CA SER A 348 -8.42 34.85 -4.54
C SER A 348 -8.82 35.10 -3.07
N ALA A 349 -9.01 36.37 -2.74
CA ALA A 349 -9.47 36.76 -1.41
C ALA A 349 -10.85 37.40 -1.54
N THR A 350 -11.82 36.88 -0.78
CA THR A 350 -13.17 37.40 -0.80
C THR A 350 -13.32 38.51 0.23
N GLU A 351 -14.28 39.41 -0.04
CA GLU A 351 -14.47 40.56 0.83
C GLU A 351 -14.95 40.17 2.22
N SER A 352 -15.68 39.05 2.33
CA SER A 352 -16.24 38.66 3.62
C SER A 352 -15.15 38.35 4.63
N GLU A 353 -14.10 37.63 4.22
CA GLU A 353 -13.04 37.28 5.16
C GLU A 353 -12.13 38.47 5.46
N VAL A 354 -11.99 39.41 4.53
CA VAL A 354 -11.25 40.62 4.82
C VAL A 354 -12.00 41.46 5.85
N LEU A 355 -13.33 41.44 5.81
CA LEU A 355 -14.12 42.10 6.85
C LEU A 355 -13.88 41.47 8.21
N ARG A 356 -13.76 40.14 8.25
CA ARG A 356 -13.39 39.49 9.50
C ARG A 356 -12.00 39.91 9.94
N GLY A 357 -11.06 39.98 9.00
CA GLY A 357 -9.71 40.41 9.34
C GLY A 357 -9.66 41.86 9.78
N LYS A 358 -10.44 42.72 9.13
CA LYS A 358 -10.46 44.13 9.51
C LYS A 358 -11.03 44.31 10.91
N ASN A 359 -12.11 43.59 11.24
CA ASN A 359 -12.67 43.66 12.59
C ASN A 359 -11.67 43.13 13.61
N LEU A 360 -10.99 42.02 13.27
CA LEU A 360 -9.99 41.47 14.19
C LEU A 360 -8.86 42.46 14.43
N LEU A 361 -8.42 43.15 13.38
CA LEU A 361 -7.39 44.16 13.55
C LEU A 361 -7.90 45.34 14.36
N ARG A 362 -9.19 45.69 14.18
CA ARG A 362 -9.75 46.79 14.95
C ARG A 362 -9.72 46.51 16.45
N ASN A 363 -10.06 45.28 16.85
CA ASN A 363 -10.04 44.95 18.27
C ASN A 363 -8.61 44.83 18.80
N ALA A 364 -7.67 44.42 17.95
CA ALA A 364 -6.29 44.29 18.41
C ALA A 364 -5.72 45.65 18.83
N LEU A 365 -6.03 46.70 18.08
CA LEU A 365 -5.50 48.02 18.42
C LEU A 365 -6.17 48.59 19.66
N VAL A 366 -7.50 48.48 19.75
CA VAL A 366 -8.22 49.08 20.87
C VAL A 366 -7.92 48.33 22.16
N SER A 367 -7.92 47.00 22.11
CA SER A 367 -7.74 46.20 23.32
C SER A 367 -6.29 46.07 23.76
N HIS A 368 -5.33 46.43 22.90
CA HIS A 368 -3.94 46.38 23.31
C HIS A 368 -3.61 47.46 24.34
N LEU A 369 -4.26 48.62 24.23
CA LEU A 369 -4.00 49.73 25.15
C LEU A 369 -4.90 49.60 26.37
N ASP A 370 -4.68 48.53 27.15
CA ASP A 370 -5.55 48.26 28.34
C ASP A 370 -4.94 48.86 29.61
N GLY A 371 -4.41 50.09 29.53
CA GLY A 371 -3.84 50.75 30.68
C GLY A 371 -2.69 51.67 30.33
N THR A 372 -2.08 52.27 31.34
CA THR A 372 -0.98 53.20 31.08
C THR A 372 0.27 52.48 30.60
N THR A 373 0.50 51.25 31.06
CA THR A 373 1.71 50.53 30.69
C THR A 373 1.82 50.28 29.19
N PRO A 374 0.81 49.77 28.49
CA PRO A 374 0.94 49.59 27.03
C PRO A 374 0.83 50.88 26.25
N VAL A 375 0.18 51.91 26.81
CA VAL A 375 0.05 53.18 26.09
C VAL A 375 1.40 53.86 25.96
N CYS A 376 2.16 53.92 27.05
CA CYS A 376 3.47 54.56 27.00
C CYS A 376 4.40 53.84 26.03
N GLU A 377 4.36 52.51 26.02
CA GLU A 377 5.13 51.75 25.04
C GLU A 377 4.71 52.14 23.63
N ASP A 378 3.39 52.26 23.40
CA ASP A 378 2.92 52.71 22.09
C ASP A 378 3.33 54.15 21.81
N ILE A 379 3.30 55.00 22.83
CA ILE A 379 3.72 56.38 22.65
C ILE A 379 5.22 56.46 22.42
N GLY A 380 6.00 55.78 23.25
CA GLY A 380 7.44 55.85 23.11
C GLY A 380 7.97 55.20 21.84
N ARG A 381 7.47 54.01 21.52
CA ARG A 381 7.99 53.28 20.37
C ARG A 381 7.61 53.96 19.07
N SER A 382 6.39 54.50 18.98
CA SER A 382 5.99 55.18 17.76
C SER A 382 6.87 56.39 17.48
N LEU A 383 7.20 57.15 18.52
CA LEU A 383 8.02 58.35 18.34
C LEU A 383 9.42 58.03 17.87
N LEU A 384 9.85 56.77 17.96
CA LEU A 384 11.15 56.35 17.47
C LEU A 384 11.09 55.69 16.09
N THR A 385 9.92 55.23 15.67
CA THR A 385 9.76 54.53 14.40
C THR A 385 8.90 55.31 13.41
N TYR A 386 7.67 55.67 13.81
CA TYR A 386 6.79 56.43 12.94
C TYR A 386 7.05 57.92 12.97
N GLY A 387 7.89 58.41 13.89
CA GLY A 387 8.06 59.85 14.02
C GLY A 387 7.03 60.41 14.97
N ARG A 388 5.92 60.88 14.42
CA ARG A 388 4.75 61.20 15.22
C ARG A 388 4.09 59.91 15.70
N ARG A 389 3.17 60.06 16.65
CA ARG A 389 2.35 58.94 17.12
C ARG A 389 1.01 58.97 16.39
N ILE A 390 0.64 57.85 15.80
CA ILE A 390 -0.57 57.74 14.99
C ILE A 390 -1.78 57.60 15.91
N PRO A 391 -2.77 58.49 15.81
CA PRO A 391 -3.97 58.34 16.64
C PRO A 391 -4.75 57.10 16.26
N LEU A 392 -5.50 56.58 17.23
CA LEU A 392 -6.30 55.40 16.98
C LEU A 392 -7.32 55.66 15.88
N ALA A 393 -7.88 56.87 15.84
CA ALA A 393 -8.84 57.22 14.79
C ALA A 393 -8.18 57.16 13.42
N GLU A 394 -6.93 57.62 13.32
CA GLU A 394 -6.21 57.53 12.05
C GLU A 394 -6.00 56.08 11.63
N TRP A 395 -5.67 55.21 12.59
CA TRP A 395 -5.55 53.79 12.28
C TRP A 395 -6.85 53.25 11.71
N GLU A 396 -7.98 53.67 12.27
CA GLU A 396 -9.28 53.24 11.76
C GLU A 396 -9.48 53.72 10.33
N SER A 397 -9.03 54.94 10.02
CA SER A 397 -9.16 55.44 8.65
C SER A 397 -8.38 54.58 7.67
N ARG A 398 -7.16 54.19 8.04
CA ARG A 398 -6.37 53.32 7.16
C ARG A 398 -6.95 51.91 7.10
N ILE A 399 -7.50 51.43 8.22
CA ILE A 399 -8.11 50.10 8.23
C ILE A 399 -9.36 50.08 7.36
N ALA A 400 -10.18 51.13 7.44
CA ALA A 400 -11.41 51.18 6.65
C ALA A 400 -11.15 51.30 5.15
N GLU A 401 -9.92 51.60 4.74
CA GLU A 401 -9.60 51.71 3.33
C GLU A 401 -9.06 50.41 2.74
N VAL A 402 -8.97 49.35 3.53
CA VAL A 402 -8.50 48.05 3.06
C VAL A 402 -9.69 47.24 2.60
N ASP A 403 -9.57 46.62 1.42
CA ASP A 403 -10.62 45.77 0.87
C ASP A 403 -9.97 44.51 0.33
N ALA A 404 -10.75 43.72 -0.40
CA ALA A 404 -10.21 42.48 -0.97
C ALA A 404 -9.14 42.78 -2.00
N ARG A 405 -9.37 43.79 -2.85
CA ARG A 405 -8.40 44.12 -3.90
C ARG A 405 -7.07 44.54 -3.32
N VAL A 406 -7.08 45.33 -2.24
CA VAL A 406 -5.85 45.75 -1.60
C VAL A 406 -5.12 44.55 -1.01
N VAL A 407 -5.85 43.68 -0.32
CA VAL A 407 -5.24 42.51 0.30
C VAL A 407 -4.64 41.59 -0.76
N ARG A 408 -5.36 41.38 -1.85
CA ARG A 408 -4.84 40.54 -2.93
C ARG A 408 -3.58 41.15 -3.54
N GLU A 409 -3.56 42.47 -3.72
CA GLU A 409 -2.39 43.12 -4.30
C GLU A 409 -1.22 43.15 -3.31
N VAL A 410 -1.49 43.50 -2.06
CA VAL A 410 -0.42 43.63 -1.07
C VAL A 410 0.20 42.27 -0.78
N CYS A 411 -0.63 41.23 -0.60
CA CYS A 411 -0.10 39.91 -0.30
C CYS A 411 0.71 39.36 -1.47
N SER A 412 0.22 39.54 -2.70
CA SER A 412 0.94 39.05 -3.87
C SER A 412 2.25 39.77 -4.09
N LYS A 413 2.49 40.90 -3.42
CA LYS A 413 3.73 41.66 -3.58
C LYS A 413 4.81 41.21 -2.62
N TYR A 414 4.44 40.70 -1.45
CA TYR A 414 5.42 40.24 -0.47
C TYR A 414 5.46 38.74 -0.30
N PHE A 415 4.38 38.03 -0.62
CA PHE A 415 4.30 36.59 -0.40
C PHE A 415 4.51 35.80 -1.69
N TYR A 416 3.84 36.18 -2.77
CA TYR A 416 3.82 35.37 -3.97
C TYR A 416 5.17 35.39 -4.67
N ASP A 417 5.72 34.20 -4.92
CA ASP A 417 6.95 34.03 -5.68
C ASP A 417 8.12 34.81 -5.07
N GLN A 418 8.27 34.67 -3.76
CA GLN A 418 9.38 35.30 -3.04
C GLN A 418 10.12 34.22 -2.26
N CYS A 419 11.43 34.37 -2.15
CA CYS A 419 12.24 33.40 -1.44
C CYS A 419 12.03 33.54 0.05
N PRO A 420 11.55 32.53 0.76
CA PRO A 420 11.34 32.64 2.20
C PRO A 420 12.54 32.14 3.00
N ALA A 421 12.58 32.57 4.26
CA ALA A 421 13.60 32.15 5.20
C ALA A 421 12.98 31.16 6.17
N VAL A 422 13.61 30.00 6.32
CA VAL A 422 13.06 28.90 7.10
C VAL A 422 14.01 28.60 8.25
N ALA A 423 13.46 28.48 9.45
CA ALA A 423 14.21 28.07 10.63
C ALA A 423 13.51 26.89 11.27
N GLY A 424 14.27 25.84 11.58
CA GLY A 424 13.72 24.64 12.17
C GLY A 424 14.45 24.26 13.44
N PHE A 425 13.78 23.44 14.25
CA PHE A 425 14.35 22.96 15.49
C PHE A 425 13.60 21.72 15.92
N GLY A 426 14.33 20.70 16.35
CA GLY A 426 13.73 19.48 16.84
C GLY A 426 13.75 18.37 15.81
N PRO A 427 12.72 17.53 15.81
CA PRO A 427 12.60 16.45 14.82
C PRO A 427 12.03 16.95 13.50
N ILE A 428 12.92 17.52 12.68
CA ILE A 428 12.50 18.18 11.44
C ILE A 428 12.88 17.35 10.24
N GLU A 429 12.91 16.01 10.40
CA GLU A 429 13.16 15.15 9.26
C GLU A 429 12.08 15.32 8.20
N GLN A 430 10.81 15.40 8.62
CA GLN A 430 9.72 15.51 7.66
C GLN A 430 9.72 16.87 6.98
N LEU A 431 10.32 17.89 7.59
CA LEU A 431 10.35 19.24 7.05
C LEU A 431 10.78 19.21 5.58
N PRO A 432 9.95 19.70 4.66
CA PRO A 432 10.24 19.53 3.24
C PRO A 432 11.48 20.32 2.81
N ASP A 433 12.10 19.84 1.74
CA ASP A 433 13.27 20.49 1.17
C ASP A 433 12.93 21.91 0.75
N TYR A 434 13.97 22.75 0.67
CA TYR A 434 13.74 24.16 0.38
C TYR A 434 13.10 24.35 -0.99
N ASN A 435 13.53 23.56 -1.97
CA ASN A 435 12.92 23.65 -3.30
C ASN A 435 11.44 23.29 -3.25
N ARG A 436 11.10 22.30 -2.43
CA ARG A 436 9.68 22.02 -2.20
C ARG A 436 9.00 23.18 -1.48
N ILE A 437 9.73 23.82 -0.55
CA ILE A 437 9.18 25.00 0.13
C ILE A 437 9.11 26.18 -0.82
N ARG A 438 10.17 26.41 -1.61
CA ARG A 438 10.18 27.54 -2.53
C ARG A 438 9.10 27.42 -3.58
N SER A 439 8.93 26.22 -4.15
CA SER A 439 7.94 26.02 -5.19
C SER A 439 6.51 26.11 -4.66
N GLY A 440 6.31 26.14 -3.36
CA GLY A 440 5.00 26.31 -2.79
C GLY A 440 4.48 27.72 -2.79
N MET A 441 5.29 28.68 -3.23
CA MET A 441 4.88 30.08 -3.27
C MET A 441 3.96 30.42 -4.43
N PHE A 442 3.86 29.54 -5.42
CA PHE A 442 3.01 29.79 -6.59
C PHE A 442 2.19 28.55 -6.92
N TRP A 443 1.08 28.78 -7.61
CA TRP A 443 0.15 27.72 -7.97
C TRP A 443 0.16 27.53 -9.49
N LEU A 444 -0.42 26.42 -9.93
CA LEU A 444 -0.66 26.03 -11.31
C LEU A 444 0.62 25.58 -12.01
N ARG A 445 1.77 25.79 -11.39
CA ARG A 445 3.02 25.10 -11.67
C ARG A 445 3.46 25.16 -13.14
N PHE A 446 2.79 25.95 -13.97
CA PHE A 446 3.07 25.93 -15.41
C PHE A 446 3.72 27.22 -15.90
N SER B 1 -10.80 54.41 28.92
CA SER B 1 -10.28 55.77 28.99
C SER B 1 -10.69 56.52 30.24
N LEU B 2 -11.90 56.31 30.76
CA LEU B 2 -12.45 57.15 31.82
C LEU B 2 -12.62 56.41 33.14
N LYS B 3 -13.52 55.44 33.19
CA LYS B 3 -13.72 54.63 34.40
C LYS B 3 -12.89 53.35 34.33
N VAL B 4 -11.58 53.53 34.48
CA VAL B 4 -10.63 52.42 34.47
C VAL B 4 -9.86 52.33 35.79
N ALA B 5 -10.37 52.94 36.86
CA ALA B 5 -9.85 52.68 38.19
C ALA B 5 -10.90 53.10 39.24
N PRO B 6 -11.36 54.38 39.29
CA PRO B 6 -12.45 54.70 40.21
C PRO B 6 -13.80 54.65 39.51
N LYS B 7 -14.84 54.14 40.19
CA LYS B 7 -16.16 54.16 39.60
C LYS B 7 -16.81 55.53 39.67
N VAL B 8 -16.19 56.48 40.36
CA VAL B 8 -16.56 57.89 40.29
C VAL B 8 -15.42 58.63 39.59
N LYS B 9 -15.75 59.42 38.58
CA LYS B 9 -14.75 60.05 37.74
C LYS B 9 -14.66 61.55 38.02
N ALA B 10 -13.45 62.07 37.94
CA ALA B 10 -13.23 63.50 38.10
C ALA B 10 -13.81 64.26 36.93
N THR B 11 -14.24 65.50 37.19
CA THR B 11 -14.81 66.33 36.15
C THR B 11 -13.78 66.62 35.07
N GLU B 12 -14.18 66.46 33.81
CA GLU B 12 -13.27 66.61 32.67
C GLU B 12 -13.92 67.46 31.58
N ALA B 13 -14.46 68.62 31.98
CA ALA B 13 -14.98 69.62 31.05
C ALA B 13 -16.09 69.05 30.17
N PRO B 14 -17.30 68.83 30.73
CA PRO B 14 -18.39 68.24 29.94
C PRO B 14 -18.64 68.93 28.60
N ALA B 15 -18.39 68.20 27.51
CA ALA B 15 -18.59 68.70 26.16
C ALA B 15 -18.54 67.52 25.20
N GLY B 16 -19.47 67.50 24.24
CA GLY B 16 -19.55 66.45 23.25
C GLY B 16 -20.34 65.23 23.68
N VAL B 17 -20.22 64.85 24.95
CA VAL B 17 -20.85 63.73 25.66
C VAL B 17 -19.90 62.52 25.74
N PRO B 18 -19.41 61.94 24.64
CA PRO B 18 -18.35 60.92 24.77
C PRO B 18 -17.12 61.45 25.48
N PRO B 19 -16.69 62.72 25.23
CA PRO B 19 -15.52 63.22 25.97
C PRO B 19 -15.82 63.65 27.40
N HIS B 20 -16.99 63.29 27.93
CA HIS B 20 -17.33 63.69 29.28
C HIS B 20 -17.58 62.47 30.16
N PRO B 21 -16.93 62.40 31.31
CA PRO B 21 -17.20 61.32 32.26
C PRO B 21 -18.42 61.58 33.12
N GLN B 22 -18.89 60.53 33.77
CA GLN B 22 -20.06 60.62 34.64
C GLN B 22 -19.89 59.66 35.81
N ASP B 23 -20.95 59.50 36.59
CA ASP B 23 -20.93 58.67 37.78
C ASP B 23 -21.17 57.21 37.40
N LEU B 24 -21.45 56.38 38.38
CA LEU B 24 -21.68 54.94 38.20
C LEU B 24 -23.11 54.61 38.62
N GLU B 25 -23.72 53.68 37.89
CA GLU B 25 -25.08 53.23 38.19
C GLU B 25 -25.02 51.80 38.74
N PHE B 26 -25.53 51.62 39.95
CA PHE B 26 -25.57 50.32 40.61
C PHE B 26 -27.00 50.06 41.04
N THR B 27 -27.55 48.93 40.61
CA THR B 27 -28.93 48.57 40.93
C THR B 27 -29.03 47.08 41.21
N ARG B 28 -29.97 46.74 42.08
CA ARG B 28 -30.28 45.35 42.40
C ARG B 28 -31.74 45.08 42.03
N LEU B 29 -31.95 44.06 41.21
CA LEU B 29 -33.28 43.72 40.76
C LEU B 29 -34.09 43.10 41.89
N PRO B 30 -35.42 43.17 41.81
CA PRO B 30 -36.25 42.58 42.87
C PRO B 30 -36.01 41.08 43.08
N ASN B 31 -35.60 40.36 42.05
CA ASN B 31 -35.37 38.93 42.17
C ASN B 31 -33.99 38.60 42.76
N GLY B 32 -33.19 39.61 43.09
CA GLY B 32 -31.88 39.40 43.66
C GLY B 32 -30.74 39.60 42.69
N LEU B 33 -31.00 39.72 41.39
CA LEU B 33 -29.94 39.96 40.43
C LEU B 33 -29.35 41.34 40.63
N VAL B 34 -28.07 41.47 40.30
CA VAL B 34 -27.32 42.71 40.48
C VAL B 34 -26.81 43.17 39.12
N ILE B 35 -27.03 44.45 38.82
CA ILE B 35 -26.60 45.06 37.57
C ILE B 35 -25.70 46.25 37.90
N ALA B 36 -24.51 46.27 37.33
CA ALA B 36 -23.55 47.36 37.52
C ALA B 36 -23.09 47.81 36.13
N SER B 37 -23.85 48.70 35.51
CA SER B 37 -23.56 49.17 34.16
C SER B 37 -22.63 50.36 34.19
N LEU B 38 -21.70 50.39 33.24
CA LEU B 38 -20.72 51.45 33.12
C LEU B 38 -20.75 52.02 31.70
N GLU B 39 -20.52 53.33 31.62
CA GLU B 39 -20.34 54.01 30.33
C GLU B 39 -19.09 54.88 30.44
N ASN B 40 -17.95 54.32 30.03
CA ASN B 40 -16.71 55.07 29.94
C ASN B 40 -16.48 55.65 28.55
N TYR B 41 -17.41 55.43 27.62
CA TYR B 41 -17.34 55.99 26.28
C TYR B 41 -16.10 55.51 25.53
N ALA B 42 -15.59 54.35 25.91
CA ALA B 42 -14.44 53.79 25.22
C ALA B 42 -14.87 53.13 23.91
N PRO B 43 -13.96 53.05 22.94
CA PRO B 43 -14.30 52.32 21.70
C PRO B 43 -14.65 50.86 21.93
N ALA B 44 -14.04 50.21 22.92
CA ALA B 44 -14.27 48.80 23.19
C ALA B 44 -15.28 48.64 24.32
N SER B 45 -16.19 47.70 24.16
CA SER B 45 -17.21 47.40 25.15
C SER B 45 -16.97 46.01 25.72
N ARG B 46 -17.08 45.87 27.04
CA ARG B 46 -16.81 44.61 27.70
C ARG B 46 -17.97 44.30 28.66
N ILE B 47 -18.51 43.09 28.56
CA ILE B 47 -19.62 42.64 29.37
C ILE B 47 -19.24 41.35 30.07
N GLY B 48 -19.50 41.28 31.36
CA GLY B 48 -19.16 40.10 32.14
C GLY B 48 -20.32 39.67 33.02
N LEU B 49 -20.55 38.36 33.07
CA LEU B 49 -21.58 37.76 33.91
C LEU B 49 -20.87 36.94 34.99
N PHE B 50 -21.02 37.37 36.24
CA PHE B 50 -20.32 36.75 37.35
C PHE B 50 -21.28 35.86 38.13
N ILE B 51 -20.89 34.61 38.33
CA ILE B 51 -21.76 33.59 38.92
C ILE B 51 -21.03 32.91 40.07
N LYS B 52 -21.77 32.58 41.13
CA LYS B 52 -21.23 31.83 42.25
C LYS B 52 -21.30 30.33 41.97
N ALA B 53 -20.61 29.92 40.91
CA ALA B 53 -20.58 28.54 40.45
C ALA B 53 -19.14 28.05 40.35
N GLY B 54 -18.37 28.29 41.39
CA GLY B 54 -16.97 27.92 41.39
C GLY B 54 -16.77 26.43 41.47
N SER B 55 -15.48 26.04 41.41
CA SER B 55 -15.13 24.63 41.51
C SER B 55 -15.42 24.05 42.88
N ARG B 56 -15.58 24.90 43.89
CA ARG B 56 -15.88 24.41 45.22
C ARG B 56 -17.31 23.91 45.35
N TYR B 57 -18.20 24.34 44.45
CA TYR B 57 -19.61 23.97 44.58
C TYR B 57 -19.88 22.54 44.12
N GLU B 58 -18.91 21.88 43.50
CA GLU B 58 -19.07 20.46 43.17
C GLU B 58 -18.92 19.62 44.43
N ASN B 59 -19.77 18.62 44.56
CA ASN B 59 -19.66 17.66 45.65
C ASN B 59 -18.70 16.54 45.22
N SER B 60 -18.64 15.47 46.00
CA SER B 60 -17.74 14.37 45.66
C SER B 60 -18.21 13.61 44.43
N ASN B 61 -19.52 13.58 44.18
CA ASN B 61 -20.05 12.77 43.09
C ASN B 61 -19.76 13.38 41.73
N ASN B 62 -19.91 14.70 41.60
CA ASN B 62 -19.81 15.38 40.31
C ASN B 62 -18.56 16.25 40.22
N LEU B 63 -17.43 15.75 40.71
CA LEU B 63 -16.18 16.49 40.64
C LEU B 63 -15.79 16.74 39.20
N GLY B 64 -15.22 17.92 38.94
CA GLY B 64 -14.79 18.29 37.61
C GLY B 64 -15.87 18.86 36.72
N THR B 65 -17.10 19.00 37.22
CA THR B 65 -18.17 19.56 36.41
C THR B 65 -17.90 21.02 36.05
N SER B 66 -17.34 21.79 36.99
CA SER B 66 -17.01 23.18 36.70
C SER B 66 -15.96 23.28 35.61
N HIS B 67 -14.97 22.39 35.62
CA HIS B 67 -13.96 22.41 34.56
C HIS B 67 -14.59 22.15 33.20
N LEU B 68 -15.46 21.14 33.11
CA LEU B 68 -16.16 20.90 31.86
C LEU B 68 -17.12 22.03 31.54
N LEU B 69 -17.75 22.61 32.55
CA LEU B 69 -18.63 23.76 32.32
C LEU B 69 -17.84 24.97 31.85
N ARG B 70 -16.59 25.11 32.31
CA ARG B 70 -15.73 26.17 31.80
C ARG B 70 -15.42 25.96 30.32
N LEU B 71 -15.14 24.72 29.94
CA LEU B 71 -14.92 24.38 28.53
C LEU B 71 -16.22 24.27 27.75
N ALA B 72 -17.37 24.21 28.43
CA ALA B 72 -18.64 23.99 27.77
C ALA B 72 -19.09 25.17 26.91
N SER B 73 -18.42 26.31 27.00
CA SER B 73 -18.79 27.45 26.17
C SER B 73 -18.54 27.11 24.69
N SER B 74 -19.12 27.94 23.83
CA SER B 74 -19.03 27.76 22.38
C SER B 74 -19.65 26.43 21.94
N LEU B 75 -20.72 26.04 22.61
CA LEU B 75 -21.48 24.85 22.26
C LEU B 75 -22.91 25.24 21.90
N THR B 76 -23.64 24.30 21.29
CA THR B 76 -24.98 24.59 20.81
C THR B 76 -25.89 24.95 21.96
N THR B 77 -26.69 25.99 21.76
CA THR B 77 -27.63 26.49 22.75
C THR B 77 -29.04 26.42 22.17
N LYS B 78 -30.00 26.97 22.90
CA LYS B 78 -31.38 27.00 22.44
C LYS B 78 -31.65 28.13 21.46
N GLY B 79 -30.74 29.09 21.34
CA GLY B 79 -30.93 30.19 20.41
C GLY B 79 -29.87 30.28 19.34
N ALA B 80 -28.67 29.80 19.66
CA ALA B 80 -27.54 29.84 18.73
C ALA B 80 -26.79 28.52 18.82
N SER B 81 -26.38 28.01 17.66
CA SER B 81 -25.63 26.77 17.62
C SER B 81 -24.16 27.03 17.94
N SER B 82 -23.40 25.94 18.07
CA SER B 82 -21.96 26.08 18.28
C SER B 82 -21.30 26.74 17.08
N PHE B 83 -21.71 26.36 15.88
CA PHE B 83 -21.16 26.99 14.67
C PHE B 83 -21.51 28.46 14.63
N LYS B 84 -22.78 28.81 14.90
CA LYS B 84 -23.20 30.20 14.84
C LYS B 84 -22.48 31.04 15.90
N ILE B 85 -22.28 30.47 17.09
CA ILE B 85 -21.60 31.20 18.15
C ILE B 85 -20.14 31.46 17.78
N THR B 86 -19.42 30.42 17.35
CA THR B 86 -18.03 30.60 16.98
C THR B 86 -17.87 31.52 15.78
N ARG B 87 -18.72 31.33 14.76
CA ARG B 87 -18.63 32.17 13.57
C ARG B 87 -19.12 33.58 13.84
N GLY B 88 -20.22 33.71 14.61
CA GLY B 88 -20.75 35.03 14.89
C GLY B 88 -19.83 35.86 15.75
N ILE B 89 -19.15 35.24 16.71
CA ILE B 89 -18.23 35.96 17.57
C ILE B 89 -17.04 36.47 16.77
N GLU B 90 -16.43 35.59 15.96
CA GLU B 90 -15.20 35.94 15.28
C GLU B 90 -15.45 36.92 14.13
N ALA B 91 -16.64 36.88 13.54
CA ALA B 91 -16.93 37.78 12.42
C ALA B 91 -16.83 39.24 12.85
N VAL B 92 -17.37 39.57 14.03
CA VAL B 92 -17.27 40.92 14.56
C VAL B 92 -15.97 41.14 15.33
N GLY B 93 -15.09 40.15 15.36
CA GLY B 93 -13.81 40.28 16.03
C GLY B 93 -13.85 40.13 17.53
N GLY B 94 -15.01 39.86 18.11
CA GLY B 94 -15.12 39.79 19.55
C GLY B 94 -14.43 38.57 20.14
N LYS B 95 -14.30 38.58 21.46
CA LYS B 95 -13.71 37.49 22.20
C LYS B 95 -14.69 37.00 23.26
N LEU B 96 -14.55 35.72 23.61
CA LEU B 96 -15.41 35.10 24.61
C LEU B 96 -14.53 34.24 25.51
N SER B 97 -14.41 34.64 26.78
CA SER B 97 -13.57 33.95 27.74
C SER B 97 -14.36 33.69 29.01
N VAL B 98 -14.04 32.58 29.66
CA VAL B 98 -14.67 32.20 30.91
C VAL B 98 -13.60 32.13 31.99
N THR B 99 -13.74 32.94 33.04
CA THR B 99 -12.85 32.94 34.18
C THR B 99 -13.54 32.25 35.34
N SER B 100 -12.87 31.26 35.92
CA SER B 100 -13.45 30.49 37.02
C SER B 100 -12.42 30.31 38.11
N THR B 101 -12.74 30.82 39.30
CA THR B 101 -11.97 30.55 40.50
C THR B 101 -12.69 29.48 41.32
N ARG B 102 -12.19 29.22 42.53
CA ARG B 102 -12.85 28.22 43.37
C ARG B 102 -14.24 28.66 43.82
N GLU B 103 -14.51 29.97 43.84
CA GLU B 103 -15.80 30.47 44.30
C GLU B 103 -16.67 30.99 43.16
N ASN B 104 -16.12 31.82 42.28
CA ASN B 104 -16.91 32.48 41.24
C ASN B 104 -16.62 31.87 39.88
N MET B 105 -17.47 32.22 38.92
CA MET B 105 -17.32 31.80 37.53
C MET B 105 -17.82 32.94 36.66
N ALA B 106 -16.90 33.64 36.01
CA ALA B 106 -17.21 34.84 35.25
C ALA B 106 -17.29 34.53 33.77
N TYR B 107 -18.37 34.98 33.13
CA TYR B 107 -18.55 34.84 31.68
C TYR B 107 -18.35 36.22 31.07
N THR B 108 -17.20 36.43 30.45
CA THR B 108 -16.82 37.73 29.93
C THR B 108 -16.81 37.72 28.41
N VAL B 109 -17.30 38.80 27.81
CA VAL B 109 -17.25 39.00 26.37
C VAL B 109 -16.69 40.39 26.10
N GLU B 110 -15.75 40.48 25.16
CA GLU B 110 -15.13 41.73 24.79
C GLU B 110 -15.29 41.95 23.29
N CYS B 111 -15.70 43.15 22.91
CA CYS B 111 -15.90 43.50 21.51
C CYS B 111 -15.91 45.02 21.39
N LEU B 112 -16.28 45.52 20.23
CA LEU B 112 -16.43 46.95 20.00
C LEU B 112 -17.86 47.38 20.35
N ARG B 113 -18.00 48.65 20.74
CA ARG B 113 -19.29 49.13 21.22
C ARG B 113 -20.36 49.14 20.13
N ASP B 114 -19.97 49.11 18.86
CA ASP B 114 -20.95 49.14 17.79
C ASP B 114 -21.75 47.84 17.73
N ASP B 115 -21.14 46.71 18.08
CA ASP B 115 -21.81 45.42 18.00
C ASP B 115 -21.90 44.73 19.35
N VAL B 116 -22.31 45.47 20.37
CA VAL B 116 -22.47 44.86 21.70
C VAL B 116 -23.82 44.16 21.85
N ASP B 117 -24.82 44.52 21.06
CA ASP B 117 -26.11 43.84 21.14
C ASP B 117 -26.00 42.41 20.64
N ILE B 118 -25.19 42.19 19.61
CA ILE B 118 -24.96 40.83 19.12
C ILE B 118 -24.28 40.00 20.20
N LEU B 119 -23.30 40.58 20.88
CA LEU B 119 -22.61 39.89 21.96
C LEU B 119 -23.54 39.61 23.14
N MET B 120 -24.62 40.37 23.29
CA MET B 120 -25.58 40.11 24.36
C MET B 120 -26.26 38.76 24.17
N GLU B 121 -26.77 38.50 22.96
CA GLU B 121 -27.48 37.25 22.70
C GLU B 121 -26.57 36.05 22.85
N PHE B 122 -25.34 36.15 22.33
CA PHE B 122 -24.40 35.04 22.44
C PHE B 122 -23.93 34.80 23.86
N LEU B 123 -24.17 35.74 24.79
CA LEU B 123 -23.78 35.57 26.17
C LEU B 123 -24.88 34.94 27.00
N LEU B 124 -26.11 35.43 26.89
CA LEU B 124 -27.22 34.84 27.64
C LEU B 124 -27.50 33.43 27.17
N ASN B 125 -27.47 33.18 25.85
CA ASN B 125 -27.74 31.85 25.35
C ASN B 125 -26.72 30.84 25.85
N VAL B 126 -25.44 31.23 25.85
CA VAL B 126 -24.40 30.35 26.36
C VAL B 126 -24.56 30.13 27.86
N THR B 127 -24.78 31.21 28.60
CA THR B 127 -24.81 31.14 30.06
C THR B 127 -26.09 30.50 30.58
N THR B 128 -27.25 30.87 30.03
CA THR B 128 -28.53 30.52 30.64
C THR B 128 -29.22 29.33 29.98
N ALA B 129 -29.13 29.20 28.66
CA ALA B 129 -29.91 28.19 27.93
C ALA B 129 -29.00 27.34 27.06
N PRO B 130 -28.25 26.41 27.66
CA PRO B 130 -27.45 25.48 26.86
C PRO B 130 -28.18 24.17 26.59
N GLU B 131 -28.02 23.67 25.38
CA GLU B 131 -28.65 22.40 25.02
C GLU B 131 -27.93 21.21 25.63
N PHE B 132 -26.59 21.27 25.65
CA PHE B 132 -25.76 20.20 26.21
C PHE B 132 -26.08 18.85 25.55
N ARG B 133 -25.95 18.82 24.23
CA ARG B 133 -26.19 17.60 23.48
C ARG B 133 -25.14 16.55 23.84
N ARG B 134 -25.58 15.29 23.92
CA ARG B 134 -24.72 14.23 24.43
C ARG B 134 -23.48 14.06 23.57
N TRP B 135 -23.64 14.09 22.24
CA TRP B 135 -22.48 13.91 21.37
C TRP B 135 -21.48 15.05 21.53
N GLU B 136 -21.97 16.28 21.66
CA GLU B 136 -21.07 17.42 21.80
C GLU B 136 -20.30 17.37 23.11
N VAL B 137 -20.98 17.02 24.20
CA VAL B 137 -20.30 16.90 25.49
C VAL B 137 -19.28 15.78 25.44
N ALA B 138 -19.62 14.67 24.79
CA ALA B 138 -18.68 13.57 24.66
C ALA B 138 -17.45 13.97 23.85
N ALA B 139 -17.65 14.74 22.78
CA ALA B 139 -16.53 15.15 21.95
C ALA B 139 -15.61 16.14 22.66
N LEU B 140 -16.17 17.02 23.48
CA LEU B 140 -15.38 17.97 24.25
C LEU B 140 -14.66 17.34 25.44
N GLN B 141 -15.00 16.10 25.78
CA GLN B 141 -14.44 15.47 26.97
C GLN B 141 -12.92 15.31 26.91
N PRO B 142 -12.31 14.83 25.82
CA PRO B 142 -10.85 14.70 25.81
C PRO B 142 -10.10 16.01 25.97
N GLN B 143 -10.75 17.15 25.72
CA GLN B 143 -10.11 18.44 25.96
C GLN B 143 -9.77 18.63 27.44
N LEU B 144 -10.47 17.94 28.34
CA LEU B 144 -10.17 18.06 29.76
C LEU B 144 -8.74 17.64 30.06
N ARG B 145 -8.30 16.53 29.47
CA ARG B 145 -6.93 16.08 29.67
C ARG B 145 -5.92 17.07 29.10
N ILE B 146 -6.22 17.64 27.93
CA ILE B 146 -5.31 18.59 27.30
C ILE B 146 -5.21 19.87 28.13
N ASP B 147 -6.35 20.37 28.59
CA ASP B 147 -6.35 21.59 29.40
C ASP B 147 -5.64 21.38 30.72
N LYS B 148 -5.86 20.23 31.37
CA LYS B 148 -5.22 19.95 32.64
C LYS B 148 -3.72 19.74 32.50
N ALA B 149 -3.29 19.16 31.37
CA ALA B 149 -1.86 18.91 31.19
C ALA B 149 -1.07 20.20 31.07
N VAL B 150 -1.53 21.12 30.22
CA VAL B 150 -0.82 22.38 30.03
C VAL B 150 -0.89 23.24 31.27
N ALA B 151 -2.03 23.22 31.96
CA ALA B 151 -2.19 24.02 33.17
C ALA B 151 -1.34 23.49 34.31
N LEU B 152 -1.09 22.19 34.33
CA LEU B 152 -0.22 21.59 35.34
C LEU B 152 1.23 21.51 34.91
N GLN B 153 1.56 22.00 33.71
CA GLN B 153 2.95 22.04 33.29
C GLN B 153 3.77 22.93 34.20
N ASN B 154 3.19 24.05 34.63
CA ASN B 154 3.87 24.93 35.57
C ASN B 154 3.87 24.28 36.95
N PRO B 155 5.04 24.03 37.55
CA PRO B 155 5.07 23.26 38.81
C PRO B 155 4.32 23.90 39.95
N GLN B 156 4.29 25.23 40.04
CA GLN B 156 3.64 25.89 41.17
C GLN B 156 2.13 25.98 41.02
N ALA B 157 1.57 25.58 39.87
CA ALA B 157 0.13 25.47 39.74
C ALA B 157 -0.41 24.18 40.33
N HIS B 158 0.44 23.20 40.59
CA HIS B 158 0.02 21.93 41.16
C HIS B 158 0.09 21.92 42.68
N VAL B 159 1.04 22.65 43.25
CA VAL B 159 1.14 22.75 44.71
C VAL B 159 -0.08 23.46 45.28
N ILE B 160 -0.54 24.51 44.58
CA ILE B 160 -1.72 25.24 45.05
C ILE B 160 -2.94 24.34 45.05
N GLU B 161 -3.06 23.45 44.07
CA GLU B 161 -4.17 22.51 44.06
C GLU B 161 -4.10 21.58 45.26
N ASN B 162 -2.91 21.11 45.61
CA ASN B 162 -2.75 20.25 46.78
C ASN B 162 -2.84 21.04 48.08
N LEU B 163 -2.50 22.33 48.04
CA LEU B 163 -2.55 23.16 49.24
C LEU B 163 -3.97 23.25 49.79
N HIS B 164 -4.94 23.49 48.90
CA HIS B 164 -6.33 23.53 49.34
C HIS B 164 -6.84 22.15 49.68
N ALA B 165 -6.36 21.12 48.96
CA ALA B 165 -6.75 19.75 49.27
C ALA B 165 -6.28 19.35 50.66
N ALA B 166 -5.06 19.74 51.03
CA ALA B 166 -4.52 19.35 52.33
C ALA B 166 -5.17 20.14 53.46
N ALA B 167 -5.65 21.35 53.18
CA ALA B 167 -6.14 22.22 54.24
C ALA B 167 -7.64 22.10 54.49
N TYR B 168 -8.40 21.51 53.58
CA TYR B 168 -9.84 21.42 53.72
C TYR B 168 -10.33 20.01 53.45
N ARG B 169 -11.41 19.64 54.12
CA ARG B 169 -12.15 18.41 53.81
C ARG B 169 -13.41 18.70 53.00
N ASN B 170 -13.56 19.91 52.48
CA ASN B 170 -14.83 20.38 51.98
C ASN B 170 -14.70 21.17 50.68
N ALA B 171 -15.72 21.97 50.38
CA ALA B 171 -15.82 22.71 49.13
C ALA B 171 -14.50 23.30 48.65
N LEU B 172 -13.86 24.11 49.49
CA LEU B 172 -12.68 24.84 49.05
C LEU B 172 -11.51 23.95 48.68
N ALA B 173 -11.54 22.67 49.07
CA ALA B 173 -10.46 21.75 48.73
C ALA B 173 -10.55 21.20 47.32
N ASN B 174 -11.68 21.38 46.64
CA ASN B 174 -11.82 20.87 45.29
C ASN B 174 -10.84 21.57 44.35
N SER B 175 -10.16 20.80 43.52
CA SER B 175 -9.26 21.38 42.55
C SER B 175 -10.05 22.06 41.44
N LEU B 176 -9.38 22.97 40.75
CA LEU B 176 -10.02 23.71 39.65
C LEU B 176 -10.11 22.89 38.37
N TYR B 177 -9.55 21.70 38.35
CA TYR B 177 -9.49 20.88 37.15
C TYR B 177 -10.11 19.53 37.42
N CYS B 178 -10.70 18.95 36.37
CA CYS B 178 -11.38 17.68 36.51
C CYS B 178 -10.40 16.58 36.92
N PRO B 179 -10.74 15.76 37.91
CA PRO B 179 -9.80 14.75 38.39
C PRO B 179 -9.48 13.72 37.33
N ASP B 180 -8.33 13.07 37.49
CA ASP B 180 -7.85 12.14 36.48
C ASP B 180 -8.83 11.00 36.23
N TYR B 181 -9.63 10.64 37.22
CA TYR B 181 -10.59 9.57 37.04
C TYR B 181 -11.91 10.06 36.45
N ARG B 182 -12.16 11.37 36.45
CA ARG B 182 -13.43 11.89 35.98
C ARG B 182 -13.41 12.29 34.51
N ILE B 183 -12.26 12.26 33.86
CA ILE B 183 -12.19 12.58 32.44
C ILE B 183 -12.87 11.45 31.67
N GLY B 184 -14.05 11.73 31.12
CA GLY B 184 -14.87 10.74 30.47
C GLY B 184 -16.04 10.27 31.30
N LYS B 185 -16.02 10.52 32.61
CA LYS B 185 -17.10 10.10 33.49
C LYS B 185 -18.16 11.16 33.70
N VAL B 186 -17.99 12.34 33.12
CA VAL B 186 -18.98 13.40 33.24
C VAL B 186 -20.07 13.22 32.20
N THR B 187 -21.31 13.53 32.58
CA THR B 187 -22.47 13.29 31.74
C THR B 187 -23.28 14.57 31.59
N PRO B 188 -24.01 14.71 30.48
CA PRO B 188 -24.84 15.91 30.31
C PRO B 188 -25.89 16.10 31.39
N VAL B 189 -26.29 15.03 32.08
CA VAL B 189 -27.23 15.17 33.19
C VAL B 189 -26.59 15.97 34.32
N GLU B 190 -25.32 15.69 34.63
CA GLU B 190 -24.63 16.42 35.68
C GLU B 190 -24.47 17.89 35.32
N LEU B 191 -24.16 18.18 34.05
CA LEU B 191 -23.99 19.57 33.63
C LEU B 191 -25.30 20.34 33.73
N HIS B 192 -26.42 19.71 33.37
CA HIS B 192 -27.71 20.38 33.50
C HIS B 192 -28.05 20.62 34.96
N ASP B 193 -27.75 19.66 35.83
CA ASP B 193 -28.00 19.85 37.26
C ASP B 193 -27.12 20.96 37.83
N TYR B 194 -25.84 20.98 37.45
CA TYR B 194 -24.95 22.03 37.93
C TYR B 194 -25.40 23.40 37.44
N VAL B 195 -25.82 23.50 36.19
CA VAL B 195 -26.26 24.79 35.66
C VAL B 195 -27.55 25.23 36.34
N GLN B 196 -28.51 24.32 36.49
CA GLN B 196 -29.80 24.67 37.06
C GLN B 196 -29.66 25.13 38.51
N ASN B 197 -28.83 24.43 39.28
CA ASN B 197 -28.71 24.74 40.71
C ASN B 197 -27.91 26.02 40.94
N HIS B 198 -26.80 26.19 40.23
CA HIS B 198 -25.83 27.22 40.56
C HIS B 198 -25.97 28.48 39.72
N PHE B 199 -26.93 28.54 38.81
CA PHE B 199 -27.18 29.73 38.00
C PHE B 199 -28.51 30.31 38.46
N THR B 200 -28.45 31.31 39.34
CA THR B 200 -29.66 31.91 39.89
C THR B 200 -29.39 33.38 40.14
N SER B 201 -30.48 34.16 40.25
CA SER B 201 -30.36 35.60 40.47
C SER B 201 -29.57 35.90 41.74
N ALA B 202 -29.87 35.19 42.83
CA ALA B 202 -29.22 35.47 44.11
C ALA B 202 -27.73 35.17 44.09
N ARG B 203 -27.24 34.45 43.08
CA ARG B 203 -25.83 34.10 42.98
C ARG B 203 -25.23 34.54 41.65
N MET B 204 -25.75 35.64 41.09
CA MET B 204 -25.27 36.14 39.82
C MET B 204 -25.24 37.67 39.86
N ALA B 205 -24.42 38.24 38.98
CA ALA B 205 -24.30 39.69 38.86
C ALA B 205 -23.82 40.02 37.46
N LEU B 206 -24.41 41.04 36.85
CA LEU B 206 -24.10 41.46 35.50
C LEU B 206 -23.31 42.76 35.54
N ILE B 207 -22.12 42.76 34.94
CA ILE B 207 -21.24 43.92 34.93
C ILE B 207 -20.88 44.26 33.50
N GLY B 208 -20.96 45.55 33.16
CA GLY B 208 -20.67 46.02 31.83
C GLY B 208 -19.60 47.10 31.83
N LEU B 209 -19.02 47.32 30.65
CA LEU B 209 -17.95 48.30 30.44
C LEU B 209 -18.30 49.07 29.17
N GLY B 210 -18.90 50.24 29.34
CA GLY B 210 -19.30 51.03 28.19
C GLY B 210 -20.65 50.61 27.62
N VAL B 211 -21.67 50.64 28.45
CA VAL B 211 -23.02 50.27 28.04
C VAL B 211 -24.02 50.97 28.95
N SER B 212 -25.12 51.44 28.37
CA SER B 212 -26.13 52.15 29.13
C SER B 212 -26.82 51.20 30.12
N HIS B 213 -27.33 51.78 31.20
CA HIS B 213 -28.03 50.98 32.21
C HIS B 213 -29.27 50.28 31.67
N PRO B 214 -30.18 50.95 30.95
CA PRO B 214 -31.37 50.23 30.45
C PRO B 214 -31.03 49.09 29.52
N VAL B 215 -29.95 49.19 28.74
CA VAL B 215 -29.55 48.08 27.89
C VAL B 215 -29.18 46.87 28.73
N LEU B 216 -28.42 47.09 29.80
CA LEU B 216 -28.11 46.00 30.73
C LEU B 216 -29.35 45.60 31.53
N LYS B 217 -30.21 46.55 31.88
CA LYS B 217 -31.36 46.25 32.71
C LYS B 217 -32.33 45.30 32.02
N GLN B 218 -32.55 45.49 30.71
CA GLN B 218 -33.54 44.72 29.98
C GLN B 218 -33.07 43.31 29.64
N VAL B 219 -31.82 42.98 29.91
CA VAL B 219 -31.25 41.74 29.39
C VAL B 219 -30.73 40.88 30.54
N ALA B 220 -31.36 40.98 31.71
CA ALA B 220 -30.81 40.37 32.92
C ALA B 220 -31.68 39.24 33.49
N GLU B 221 -32.93 39.52 33.82
CA GLU B 221 -33.72 38.65 34.71
C GLU B 221 -34.83 37.95 33.92
N GLN B 222 -34.59 36.68 33.57
CA GLN B 222 -35.62 35.92 32.87
C GLN B 222 -36.09 34.67 33.62
N PHE B 223 -35.19 33.73 33.92
CA PHE B 223 -35.60 32.38 34.32
C PHE B 223 -34.70 31.80 35.42
N LEU B 224 -34.43 32.57 36.46
CA LEU B 224 -33.64 32.08 37.57
C LEU B 224 -34.55 31.58 38.68
N ASN B 225 -34.36 30.32 39.09
CA ASN B 225 -35.37 29.62 39.89
C ASN B 225 -34.90 29.27 41.30
N ILE B 226 -33.82 28.51 41.45
CA ILE B 226 -33.47 27.92 42.75
C ILE B 226 -31.99 28.11 43.04
N ARG B 227 -31.64 28.00 44.32
CA ARG B 227 -30.27 28.14 44.77
C ARG B 227 -29.50 26.84 44.57
N GLY B 228 -28.24 26.84 45.00
CA GLY B 228 -27.37 25.70 44.82
C GLY B 228 -27.43 24.69 45.96
N GLY B 229 -28.54 23.99 46.08
CA GLY B 229 -28.72 23.00 47.11
C GLY B 229 -28.36 21.57 46.73
N LEU B 230 -27.59 21.39 45.65
CA LEU B 230 -27.25 20.05 45.21
C LEU B 230 -26.40 19.31 46.25
N GLY B 231 -25.41 19.98 46.82
CA GLY B 231 -24.59 19.34 47.83
C GLY B 231 -23.36 20.18 48.13
N LEU B 232 -22.69 19.80 49.22
CA LEU B 232 -21.47 20.44 49.69
C LEU B 232 -21.69 21.92 49.91
N SER B 233 -21.35 22.75 48.91
CA SER B 233 -21.49 24.18 49.04
C SER B 233 -22.97 24.57 49.07
N GLY B 234 -23.21 25.83 49.44
CA GLY B 234 -24.54 26.27 49.80
C GLY B 234 -24.91 25.99 51.23
N ALA B 235 -24.08 25.25 51.97
CA ALA B 235 -24.29 24.96 53.38
C ALA B 235 -22.98 25.06 54.16
N LYS B 236 -22.16 26.06 53.84
CA LYS B 236 -20.93 26.39 54.58
C LYS B 236 -19.86 25.32 54.37
N ALA B 237 -18.62 25.63 54.77
CA ALA B 237 -17.49 24.72 54.66
C ALA B 237 -16.68 24.80 55.96
N LYS B 238 -15.59 24.05 56.03
CA LYS B 238 -14.79 23.99 57.25
C LYS B 238 -13.33 23.76 56.89
N TYR B 239 -12.45 24.19 57.79
CA TYR B 239 -11.01 24.13 57.60
C TYR B 239 -10.43 22.96 58.39
N HIS B 240 -9.46 22.27 57.78
CA HIS B 240 -8.93 21.04 58.36
C HIS B 240 -7.48 21.17 58.79
N GLY B 241 -6.57 21.49 57.88
CA GLY B 241 -5.17 21.54 58.22
C GLY B 241 -4.52 20.18 58.02
N GLY B 242 -3.63 20.07 57.06
CA GLY B 242 -3.01 18.80 56.77
C GLY B 242 -1.65 18.98 56.14
N GLU B 243 -1.22 17.94 55.43
CA GLU B 243 0.09 17.98 54.77
C GLU B 243 0.09 16.98 53.63
N ILE B 244 0.35 17.47 52.42
CA ILE B 244 0.43 16.64 51.22
C ILE B 244 1.82 16.80 50.63
N ARG B 245 2.53 15.69 50.45
CA ARG B 245 3.88 15.70 49.92
C ARG B 245 3.94 14.79 48.71
N GLU B 246 4.36 15.36 47.58
CA GLU B 246 4.44 14.62 46.32
C GLU B 246 5.87 14.73 45.79
N GLN B 247 6.41 13.60 45.35
CA GLN B 247 7.76 13.55 44.81
C GLN B 247 7.69 13.27 43.32
N ASN B 248 8.43 14.05 42.53
CA ASN B 248 8.49 13.83 41.09
C ASN B 248 9.90 13.99 40.53
N GLY B 249 10.93 14.01 41.38
CA GLY B 249 12.29 14.05 40.89
C GLY B 249 12.68 15.33 40.19
N ASP B 250 11.92 16.40 40.38
CA ASP B 250 12.26 17.68 39.76
C ASP B 250 13.48 18.29 40.43
N SER B 251 14.19 19.14 39.68
CA SER B 251 15.38 19.79 40.22
C SER B 251 15.02 20.82 41.28
N LEU B 252 13.94 21.57 41.07
CA LEU B 252 13.55 22.64 41.97
C LEU B 252 12.38 22.20 42.83
N VAL B 253 12.45 22.51 44.12
CA VAL B 253 11.46 22.07 45.10
C VAL B 253 10.51 23.24 45.40
N HIS B 254 9.22 23.01 45.21
CA HIS B 254 8.19 23.98 45.52
C HIS B 254 7.53 23.61 46.84
N ALA B 255 7.51 24.54 47.78
CA ALA B 255 6.91 24.32 49.09
C ALA B 255 5.98 25.47 49.43
N ALA B 256 4.83 25.14 49.99
CA ALA B 256 3.81 26.13 50.37
C ALA B 256 3.34 25.80 51.78
N LEU B 257 3.79 26.59 52.76
CA LEU B 257 3.38 26.44 54.15
C LEU B 257 2.45 27.58 54.50
N VAL B 258 1.19 27.25 54.79
CA VAL B 258 0.17 28.25 55.07
C VAL B 258 -0.53 27.90 56.38
N ALA B 259 -1.41 28.79 56.81
CA ALA B 259 -2.22 28.61 58.01
C ALA B 259 -3.62 29.14 57.71
N GLU B 260 -4.40 29.34 58.76
CA GLU B 260 -5.77 29.82 58.61
C GLU B 260 -5.80 31.33 58.81
N SER B 261 -6.36 32.04 57.83
CA SER B 261 -6.51 33.49 57.88
C SER B 261 -8.00 33.83 57.81
N ALA B 262 -8.29 35.12 57.71
CA ALA B 262 -9.67 35.59 57.74
C ALA B 262 -10.21 35.77 56.33
N ALA B 263 -11.54 35.75 56.23
CA ALA B 263 -12.23 35.88 54.96
C ALA B 263 -12.22 37.33 54.48
N ILE B 264 -12.53 37.50 53.18
CA ILE B 264 -12.57 38.84 52.62
C ILE B 264 -13.67 39.66 53.26
N GLY B 265 -13.54 40.98 53.17
CA GLY B 265 -14.49 41.88 53.79
C GLY B 265 -14.19 42.12 55.25
N SER B 266 -13.75 41.08 55.95
CA SER B 266 -13.38 41.21 57.35
C SER B 266 -12.16 42.11 57.50
N ALA B 267 -12.15 42.89 58.58
CA ALA B 267 -11.03 43.78 58.85
C ALA B 267 -9.74 43.02 59.12
N GLU B 268 -9.83 41.76 59.53
CA GLU B 268 -8.62 40.97 59.75
C GLU B 268 -7.96 40.58 58.45
N ALA B 269 -8.74 40.44 57.37
CA ALA B 269 -8.16 40.11 56.07
C ALA B 269 -7.24 41.23 55.60
N ASN B 270 -7.61 42.49 55.85
CA ASN B 270 -6.74 43.60 55.51
C ASN B 270 -5.44 43.53 56.30
N ALA B 271 -5.49 43.05 57.53
CA ALA B 271 -4.27 42.93 58.33
C ALA B 271 -3.30 41.95 57.70
N PHE B 272 -3.81 40.83 57.17
CA PHE B 272 -2.94 39.88 56.49
C PHE B 272 -2.43 40.44 55.17
N SER B 273 -3.28 41.19 54.45
CA SER B 273 -2.87 41.73 53.15
C SER B 273 -1.71 42.72 53.31
N VAL B 274 -1.78 43.60 54.30
CA VAL B 274 -0.66 44.49 54.56
C VAL B 274 0.52 43.70 55.15
N LEU B 275 0.24 42.65 55.93
CA LEU B 275 1.31 41.77 56.37
C LEU B 275 1.93 41.02 55.20
N GLN B 276 1.13 40.76 54.15
CA GLN B 276 1.65 40.05 53.00
C GLN B 276 2.75 40.83 52.30
N HIS B 277 2.70 42.17 52.36
CA HIS B 277 3.73 42.99 51.74
C HIS B 277 4.86 43.34 52.69
N VAL B 278 4.64 43.25 54.00
CA VAL B 278 5.75 43.33 54.95
C VAL B 278 6.73 42.19 54.68
N LEU B 279 6.20 40.98 54.50
CA LEU B 279 7.03 39.83 54.17
C LEU B 279 7.53 39.87 52.74
N GLY B 280 6.86 40.60 51.86
CA GLY B 280 7.28 40.67 50.47
C GLY B 280 6.63 39.59 49.63
N ALA B 281 5.82 39.98 48.66
CA ALA B 281 5.03 39.03 47.88
C ALA B 281 5.12 39.34 46.39
N GLY B 282 6.34 39.58 45.91
CA GLY B 282 6.55 39.84 44.51
C GLY B 282 7.55 40.95 44.28
N PRO B 283 8.40 40.78 43.27
CA PRO B 283 9.42 41.79 43.00
C PRO B 283 8.81 43.05 42.39
N HIS B 284 9.48 44.17 42.65
CA HIS B 284 9.13 45.44 42.05
C HIS B 284 10.17 45.96 41.08
N VAL B 285 11.41 45.49 41.18
CA VAL B 285 12.49 45.91 40.30
C VAL B 285 12.97 44.68 39.53
N LYS B 286 13.02 44.80 38.21
CA LYS B 286 13.46 43.69 37.38
C LYS B 286 14.88 43.30 37.72
N ARG B 287 15.11 42.00 37.93
CA ARG B 287 16.43 41.47 38.29
C ARG B 287 16.96 42.13 39.56
N GLY B 288 16.06 42.37 40.52
CA GLY B 288 16.45 43.01 41.76
C GLY B 288 16.87 42.02 42.82
N SER B 289 17.50 42.55 43.88
CA SER B 289 17.92 41.75 45.02
C SER B 289 16.87 41.70 46.12
N ASN B 290 15.76 42.41 45.96
CA ASN B 290 14.66 42.43 46.94
C ASN B 290 15.15 42.85 48.32
N ALA B 291 15.70 44.07 48.37
CA ALA B 291 16.23 44.60 49.62
C ALA B 291 15.13 44.79 50.66
N THR B 292 13.98 45.32 50.24
CA THR B 292 12.89 45.59 51.17
C THR B 292 12.07 44.35 51.50
N SER B 293 12.23 43.26 50.75
CA SER B 293 11.49 42.03 51.02
C SER B 293 12.09 41.35 52.24
N SER B 294 11.30 41.29 53.33
CA SER B 294 11.81 40.71 54.56
C SER B 294 12.11 39.23 54.40
N LEU B 295 11.24 38.49 53.71
CA LEU B 295 11.45 37.06 53.54
C LEU B 295 12.70 36.77 52.73
N TYR B 296 12.84 37.41 51.56
CA TYR B 296 13.99 37.14 50.71
C TYR B 296 15.29 37.55 51.39
N GLN B 297 15.29 38.70 52.07
CA GLN B 297 16.48 39.15 52.76
C GLN B 297 16.86 38.20 53.90
N ALA B 298 15.85 37.66 54.60
CA ALA B 298 16.12 36.76 55.72
C ALA B 298 16.82 35.49 55.24
N VAL B 299 16.37 34.91 54.13
CA VAL B 299 17.01 33.71 53.59
C VAL B 299 18.28 34.01 52.81
N ALA B 300 18.54 35.28 52.49
CA ALA B 300 19.72 35.61 51.71
C ALA B 300 20.99 35.22 52.45
N LYS B 301 21.06 35.49 53.76
CA LYS B 301 22.19 35.05 54.55
C LYS B 301 22.13 33.55 54.77
N GLY B 302 23.28 32.90 54.63
CA GLY B 302 23.36 31.46 54.77
C GLY B 302 23.20 30.73 53.45
N VAL B 303 22.06 30.95 52.79
CA VAL B 303 21.79 30.31 51.49
C VAL B 303 22.43 31.18 50.41
N HIS B 304 23.44 30.65 49.74
CA HIS B 304 24.15 31.35 48.68
C HIS B 304 23.95 30.64 47.34
N GLU B 305 22.74 30.17 47.10
CA GLU B 305 22.36 29.45 45.90
C GLU B 305 21.04 29.98 45.40
N PRO B 306 20.67 29.70 44.15
CA PRO B 306 19.38 30.18 43.64
C PRO B 306 18.21 29.71 44.49
N PHE B 307 17.28 30.62 44.75
CA PHE B 307 16.11 30.33 45.56
C PHE B 307 15.11 31.45 45.35
N ASP B 308 13.91 31.25 45.87
CA ASP B 308 12.84 32.24 45.78
C ASP B 308 11.83 32.00 46.88
N VAL B 309 11.27 33.10 47.41
CA VAL B 309 10.29 33.01 48.48
C VAL B 309 9.42 34.25 48.44
N SER B 310 8.15 34.09 48.78
CA SER B 310 7.21 35.21 48.84
C SER B 310 6.02 34.80 49.69
N ALA B 311 5.31 35.80 50.20
CA ALA B 311 4.13 35.53 51.00
C ALA B 311 3.00 35.02 50.12
N PHE B 312 2.06 34.31 50.73
CA PHE B 312 0.92 33.74 50.04
C PHE B 312 -0.34 34.10 50.81
N ASN B 313 -1.27 34.79 50.16
CA ASN B 313 -2.49 35.27 50.78
C ASN B 313 -3.68 34.89 49.90
N ALA B 314 -4.22 33.69 50.11
CA ALA B 314 -5.41 33.23 49.42
C ALA B 314 -6.60 33.44 50.35
N SER B 315 -7.41 34.46 50.05
CA SER B 315 -8.57 34.81 50.86
C SER B 315 -9.84 34.45 50.10
N TYR B 316 -10.84 33.99 50.84
CA TYR B 316 -12.09 33.53 50.25
C TYR B 316 -13.26 34.16 50.99
N SER B 317 -14.47 33.82 50.56
CA SER B 317 -15.67 34.43 51.16
C SER B 317 -15.91 33.94 52.57
N ASP B 318 -15.55 32.70 52.88
CA ASP B 318 -15.82 32.12 54.18
C ASP B 318 -14.57 31.88 55.02
N SER B 319 -13.41 31.71 54.40
CA SER B 319 -12.17 31.45 55.12
C SER B 319 -11.01 32.05 54.34
N GLY B 320 -9.80 31.63 54.67
CA GLY B 320 -8.64 32.09 53.94
C GLY B 320 -7.42 31.26 54.32
N LEU B 321 -6.40 31.37 53.47
CA LEU B 321 -5.11 30.72 53.72
C LEU B 321 -4.03 31.78 53.62
N PHE B 322 -3.22 31.90 54.67
CA PHE B 322 -2.09 32.81 54.67
C PHE B 322 -0.82 32.05 55.01
N GLY B 323 0.28 32.44 54.37
CA GLY B 323 1.54 31.76 54.57
C GLY B 323 2.56 32.26 53.56
N PHE B 324 3.65 31.50 53.44
CA PHE B 324 4.70 31.84 52.50
C PHE B 324 4.89 30.69 51.51
N TYR B 325 5.24 31.04 50.28
CA TYR B 325 5.54 30.08 49.23
C TYR B 325 7.02 30.22 48.89
N THR B 326 7.72 29.09 48.80
CA THR B 326 9.16 29.09 48.59
C THR B 326 9.54 28.14 47.46
N ILE B 327 10.67 28.44 46.83
CA ILE B 327 11.27 27.61 45.79
C ILE B 327 12.76 27.51 46.06
N SER B 328 13.27 26.29 46.15
CA SER B 328 14.68 26.11 46.49
C SER B 328 15.17 24.78 45.95
N GLN B 329 16.49 24.65 45.87
CA GLN B 329 17.11 23.38 45.49
C GLN B 329 16.87 22.33 46.55
N ALA B 330 16.80 21.07 46.11
CA ALA B 330 16.59 19.97 47.06
C ALA B 330 17.75 19.85 48.03
N ALA B 331 18.96 20.25 47.61
CA ALA B 331 20.10 20.16 48.50
C ALA B 331 19.95 21.09 49.71
N SER B 332 19.23 22.19 49.55
CA SER B 332 19.00 23.15 50.64
C SER B 332 17.54 23.58 50.67
N ALA B 333 16.63 22.61 50.52
CA ALA B 333 15.21 22.94 50.60
C ALA B 333 14.80 23.26 52.03
N GLY B 334 15.28 22.47 52.99
CA GLY B 334 14.88 22.67 54.37
C GLY B 334 15.37 23.99 54.94
N ASP B 335 16.58 24.41 54.57
CA ASP B 335 17.14 25.65 55.10
C ASP B 335 16.30 26.85 54.69
N VAL B 336 15.84 26.88 53.44
CA VAL B 336 15.10 28.03 52.94
C VAL B 336 13.73 28.12 53.61
N ILE B 337 13.05 26.98 53.79
CA ILE B 337 11.77 27.00 54.47
C ILE B 337 11.93 27.41 55.92
N LYS B 338 12.92 26.84 56.61
CA LYS B 338 13.12 27.14 58.02
C LYS B 338 13.55 28.59 58.23
N ALA B 339 14.47 29.08 57.40
CA ALA B 339 14.91 30.47 57.53
C ALA B 339 13.77 31.44 57.27
N ALA B 340 12.96 31.18 56.25
CA ALA B 340 11.81 32.04 55.98
C ALA B 340 10.77 31.94 57.08
N TYR B 341 10.58 30.74 57.65
CA TYR B 341 9.62 30.57 58.73
C TYR B 341 10.06 31.30 59.98
N ASN B 342 11.35 31.27 60.29
CA ASN B 342 11.84 31.94 61.49
C ASN B 342 11.67 33.45 61.39
N GLN B 343 11.77 34.01 60.19
CA GLN B 343 11.58 35.45 60.02
C GLN B 343 10.17 35.86 60.37
N VAL B 344 9.18 35.04 60.00
CA VAL B 344 7.80 35.34 60.35
C VAL B 344 7.60 35.32 61.85
N LYS B 345 8.30 34.42 62.54
CA LYS B 345 8.18 34.35 63.99
C LYS B 345 8.67 35.63 64.64
N THR B 346 9.73 36.24 64.10
CA THR B 346 10.22 37.51 64.64
C THR B 346 9.16 38.60 64.51
N ILE B 347 8.42 38.60 63.40
CA ILE B 347 7.33 39.57 63.24
C ILE B 347 6.28 39.35 64.32
N ALA B 348 5.93 38.09 64.58
CA ALA B 348 4.91 37.81 65.58
C ALA B 348 5.33 38.26 66.98
N GLN B 349 6.63 38.30 67.24
CA GLN B 349 7.15 38.73 68.53
C GLN B 349 7.22 40.24 68.67
N GLY B 350 6.59 40.99 67.76
CA GLY B 350 6.58 42.43 67.86
C GLY B 350 7.78 43.13 67.27
N ASN B 351 8.70 42.41 66.63
CA ASN B 351 9.89 43.02 66.04
C ASN B 351 9.54 43.57 64.66
N LEU B 352 8.73 44.63 64.68
CA LEU B 352 8.29 45.30 63.47
C LEU B 352 8.42 46.81 63.65
N SER B 353 8.81 47.49 62.59
CA SER B 353 9.00 48.94 62.61
C SER B 353 7.88 49.62 61.84
N ASN B 354 7.51 50.81 62.30
CA ASN B 354 6.48 51.58 61.60
C ASN B 354 6.84 51.91 60.15
N PRO B 355 8.07 52.32 59.82
CA PRO B 355 8.38 52.52 58.39
C PRO B 355 8.20 51.27 57.55
N ASP B 356 8.45 50.08 58.11
CA ASP B 356 8.18 48.84 57.39
C ASP B 356 6.69 48.70 57.10
N VAL B 357 5.84 49.04 58.08
CA VAL B 357 4.40 49.01 57.84
C VAL B 357 4.01 50.08 56.83
N GLN B 358 4.61 51.27 56.93
CA GLN B 358 4.26 52.35 56.02
C GLN B 358 4.59 52.00 54.58
N ALA B 359 5.75 51.36 54.35
CA ALA B 359 6.08 50.94 52.99
C ALA B 359 5.12 49.87 52.50
N ALA B 360 4.76 48.92 53.37
CA ALA B 360 3.84 47.87 52.97
C ALA B 360 2.46 48.43 52.63
N LYS B 361 2.02 49.43 53.39
CA LYS B 361 0.76 50.10 53.05
C LYS B 361 0.86 50.77 51.69
N ASN B 362 2.01 51.38 51.38
CA ASN B 362 2.20 51.99 50.07
C ASN B 362 2.19 50.96 48.96
N LYS B 363 2.83 49.81 49.19
CA LYS B 363 2.80 48.75 48.19
C LYS B 363 1.39 48.21 47.99
N LEU B 364 0.65 48.03 49.08
CA LEU B 364 -0.71 47.52 48.97
C LEU B 364 -1.62 48.49 48.23
N LYS B 365 -1.50 49.79 48.53
CA LYS B 365 -2.32 50.78 47.85
C LYS B 365 -1.97 50.84 46.37
N ALA B 366 -0.68 50.91 46.06
CA ALA B 366 -0.25 50.96 44.65
C ALA B 366 -0.61 49.66 43.93
N GLY B 367 -0.38 48.51 44.56
CA GLY B 367 -0.67 47.25 43.92
C GLY B 367 -2.14 47.09 43.60
N TYR B 368 -3.02 47.61 44.46
CA TYR B 368 -4.45 47.53 44.19
C TYR B 368 -4.85 48.44 43.05
N LEU B 369 -4.30 49.66 43.00
CA LEU B 369 -4.71 50.63 41.99
C LEU B 369 -4.34 50.15 40.59
N MET B 370 -3.15 49.57 40.42
CA MET B 370 -2.77 49.05 39.11
C MET B 370 -3.56 47.80 38.75
N SER B 371 -4.01 47.05 39.75
CA SER B 371 -4.81 45.85 39.47
C SER B 371 -6.11 46.23 38.77
N VAL B 372 -6.79 47.28 39.23
CA VAL B 372 -8.00 47.75 38.60
C VAL B 372 -7.73 48.74 37.48
N GLU B 373 -6.47 49.11 37.25
CA GLU B 373 -6.15 50.06 36.21
C GLU B 373 -6.52 49.55 34.83
N SER B 374 -6.23 48.28 34.56
CA SER B 374 -6.59 47.68 33.29
C SER B 374 -8.11 47.54 33.17
N SER B 375 -8.60 47.58 31.93
CA SER B 375 -10.03 47.42 31.72
C SER B 375 -10.51 46.03 32.12
N GLU B 376 -9.74 45.00 31.77
CA GLU B 376 -10.12 43.64 32.16
C GLU B 376 -10.02 43.42 33.66
N GLY B 377 -8.96 43.92 34.29
CA GLY B 377 -8.83 43.80 35.73
C GLY B 377 -9.90 44.58 36.49
N PHE B 378 -10.31 45.73 35.95
CA PHE B 378 -11.34 46.52 36.60
C PHE B 378 -12.66 45.77 36.66
N LEU B 379 -13.02 45.09 35.58
CA LEU B 379 -14.27 44.32 35.56
C LEU B 379 -14.26 43.22 36.59
N ASP B 380 -13.12 42.53 36.74
CA ASP B 380 -13.03 41.45 37.72
C ASP B 380 -13.18 41.98 39.14
N GLU B 381 -12.61 43.15 39.43
CA GLU B 381 -12.69 43.69 40.79
C GLU B 381 -14.12 44.00 41.17
N VAL B 382 -14.84 44.76 40.34
CA VAL B 382 -16.22 45.10 40.66
C VAL B 382 -17.10 43.86 40.57
N GLY B 383 -16.83 42.98 39.59
CA GLY B 383 -17.67 41.82 39.42
C GLY B 383 -17.67 40.91 40.64
N SER B 384 -16.49 40.65 41.20
CA SER B 384 -16.43 39.87 42.42
C SER B 384 -17.01 40.63 43.61
N GLN B 385 -16.86 41.95 43.63
CA GLN B 385 -17.45 42.74 44.71
C GLN B 385 -18.97 42.66 44.70
N ALA B 386 -19.57 42.72 43.51
CA ALA B 386 -21.02 42.62 43.41
C ALA B 386 -21.54 41.24 43.81
N LEU B 387 -20.65 40.24 43.88
CA LEU B 387 -21.02 38.90 44.30
C LEU B 387 -20.74 38.66 45.78
N ALA B 388 -19.50 38.89 46.21
CA ALA B 388 -19.17 38.71 47.63
C ALA B 388 -19.95 39.68 48.50
N ALA B 389 -20.07 40.94 48.06
CA ALA B 389 -20.87 41.95 48.73
C ALA B 389 -22.03 42.35 47.84
N GLY B 390 -22.86 43.26 48.34
CA GLY B 390 -23.99 43.76 47.58
C GLY B 390 -23.82 45.14 46.99
N SER B 391 -22.62 45.72 47.02
CA SER B 391 -22.41 47.07 46.55
C SER B 391 -20.94 47.25 46.20
N TYR B 392 -20.64 48.34 45.51
CA TYR B 392 -19.29 48.66 45.11
C TYR B 392 -18.65 49.63 46.09
N THR B 393 -17.36 49.44 46.34
CA THR B 393 -16.58 50.32 47.19
C THR B 393 -15.55 51.06 46.36
N PRO B 394 -15.58 52.39 46.31
CA PRO B 394 -14.62 53.10 45.46
C PRO B 394 -13.21 52.87 45.95
N PRO B 395 -12.22 52.97 45.05
CA PRO B 395 -10.83 52.76 45.47
C PRO B 395 -10.38 53.72 46.55
N SER B 396 -10.89 54.95 46.56
CA SER B 396 -10.54 55.89 47.62
C SER B 396 -10.97 55.36 48.98
N THR B 397 -12.16 54.78 49.05
CA THR B 397 -12.61 54.15 50.30
C THR B 397 -11.71 52.97 50.67
N VAL B 398 -11.29 52.20 49.67
CA VAL B 398 -10.40 51.07 49.93
C VAL B 398 -9.07 51.55 50.46
N LEU B 399 -8.53 52.63 49.89
CA LEU B 399 -7.27 53.18 50.39
C LEU B 399 -7.41 53.64 51.84
N GLN B 400 -8.57 54.21 52.19
CA GLN B 400 -8.81 54.59 53.57
C GLN B 400 -8.82 53.37 54.48
N GLN B 401 -9.45 52.28 54.03
CA GLN B 401 -9.48 51.06 54.84
C GLN B 401 -8.09 50.49 55.04
N ILE B 402 -7.27 50.52 53.99
CA ILE B 402 -5.88 50.08 54.12
C ILE B 402 -5.12 51.01 55.07
N ASP B 403 -5.34 52.31 54.94
CA ASP B 403 -4.67 53.27 55.82
C ASP B 403 -5.18 53.17 57.25
N ALA B 404 -6.35 52.56 57.47
CA ALA B 404 -6.91 52.40 58.80
C ALA B 404 -6.51 51.07 59.45
N VAL B 405 -5.39 50.50 59.05
CA VAL B 405 -4.89 49.25 59.60
C VAL B 405 -3.80 49.58 60.60
N ALA B 406 -4.05 49.28 61.88
CA ALA B 406 -3.06 49.57 62.91
C ALA B 406 -1.91 48.58 62.83
N ASP B 407 -0.73 49.03 63.28
CA ASP B 407 0.44 48.16 63.28
C ASP B 407 0.26 46.98 64.23
N ALA B 408 -0.55 47.14 65.27
CA ALA B 408 -0.82 46.03 66.17
C ALA B 408 -1.59 44.93 65.45
N ASP B 409 -2.50 45.30 64.54
CA ASP B 409 -3.25 44.29 63.79
C ASP B 409 -2.35 43.44 62.93
N VAL B 410 -1.28 44.02 62.39
CA VAL B 410 -0.32 43.24 61.61
C VAL B 410 0.37 42.20 62.49
N ILE B 411 0.75 42.59 63.70
CA ILE B 411 1.39 41.66 64.62
C ILE B 411 0.43 40.53 64.98
N ASN B 412 -0.83 40.86 65.26
CA ASN B 412 -1.81 39.84 65.59
C ASN B 412 -2.02 38.88 64.42
N ALA B 413 -2.02 39.40 63.20
CA ALA B 413 -2.13 38.54 62.03
C ALA B 413 -0.95 37.58 61.94
N ALA B 414 0.26 38.06 62.24
CA ALA B 414 1.42 37.18 62.26
C ALA B 414 1.29 36.10 63.32
N LYS B 415 0.77 36.47 64.49
CA LYS B 415 0.58 35.49 65.56
C LYS B 415 -0.42 34.42 65.15
N LYS B 416 -1.45 34.80 64.39
CA LYS B 416 -2.43 33.81 63.95
C LYS B 416 -1.78 32.77 63.05
N PHE B 417 -0.89 33.19 62.16
CA PHE B 417 -0.21 32.24 61.28
C PHE B 417 0.73 31.34 62.06
N VAL B 418 1.52 31.92 62.97
CA VAL B 418 2.52 31.14 63.70
C VAL B 418 1.84 30.14 64.63
N SER B 419 0.82 30.58 65.36
CA SER B 419 0.15 29.74 66.33
C SER B 419 -0.95 28.87 65.73
N GLY B 420 -1.25 29.04 64.44
CA GLY B 420 -2.33 28.32 63.81
C GLY B 420 -1.95 26.90 63.43
N ARG B 421 -2.94 26.19 62.87
CA ARG B 421 -2.75 24.84 62.38
C ARG B 421 -2.31 24.89 60.93
N LYS B 422 -1.08 24.45 60.66
CA LYS B 422 -0.47 24.66 59.37
C LYS B 422 -1.02 23.69 58.33
N SER B 423 -0.71 23.99 57.06
CA SER B 423 -1.11 23.16 55.92
C SER B 423 0.01 23.23 54.89
N MET B 424 0.83 22.18 54.81
CA MET B 424 2.02 22.17 53.98
C MET B 424 1.78 21.34 52.73
N ALA B 425 2.07 21.92 51.57
CA ALA B 425 2.03 21.22 50.29
C ALA B 425 3.37 21.40 49.61
N ALA B 426 4.03 20.29 49.27
CA ALA B 426 5.36 20.33 48.69
C ALA B 426 5.39 19.49 47.43
N SER B 427 6.35 19.81 46.56
CA SER B 427 6.55 19.09 45.31
C SER B 427 8.02 19.15 44.94
N GLY B 428 8.44 18.22 44.10
CA GLY B 428 9.82 18.13 43.69
C GLY B 428 10.57 17.00 44.37
N ASN B 429 11.87 17.16 44.56
CA ASN B 429 12.68 16.18 45.27
C ASN B 429 12.60 16.48 46.76
N LEU B 430 11.84 15.67 47.49
CA LEU B 430 11.54 15.92 48.90
C LEU B 430 12.47 15.17 49.84
N GLY B 431 13.73 14.99 49.44
CA GLY B 431 14.68 14.32 50.31
C GLY B 431 15.00 15.10 51.57
N HIS B 432 15.09 16.42 51.44
CA HIS B 432 15.46 17.29 52.55
C HIS B 432 14.35 18.20 53.02
N THR B 433 13.21 18.22 52.34
CA THR B 433 12.12 19.09 52.73
C THR B 433 11.51 18.62 54.05
N PRO B 434 11.44 19.47 55.07
CA PRO B 434 10.94 19.02 56.37
C PRO B 434 9.43 18.88 56.39
N PHE B 435 8.95 18.22 57.44
CA PHE B 435 7.53 18.02 57.65
C PHE B 435 6.99 19.14 58.54
N ILE B 436 5.68 19.10 58.80
CA ILE B 436 5.07 20.15 59.61
C ILE B 436 5.60 20.11 61.04
N ASP B 437 5.71 18.91 61.62
CA ASP B 437 6.19 18.79 62.99
C ASP B 437 7.64 19.24 63.15
N GLU B 438 8.39 19.31 62.06
CA GLU B 438 9.76 19.79 62.09
C GLU B 438 9.88 21.27 61.76
N LEU B 439 8.74 21.95 61.58
CA LEU B 439 8.70 23.38 61.27
C LEU B 439 9.44 23.70 59.98
N MET C 1 0.52 23.61 -3.36
CA MET C 1 -0.10 23.68 -2.03
C MET C 1 -1.33 24.58 -2.05
N THR C 2 -2.51 23.99 -1.84
CA THR C 2 -3.76 24.74 -1.89
C THR C 2 -4.74 24.45 -0.75
N ASN C 3 -4.73 23.25 -0.18
CA ASN C 3 -5.78 22.80 0.74
C ASN C 3 -5.15 21.90 1.79
N ILE C 4 -5.96 21.07 2.45
CA ILE C 4 -5.44 19.90 3.17
C ILE C 4 -5.24 18.72 2.23
N ARG C 5 -5.55 18.89 0.95
CA ARG C 5 -5.43 17.89 -0.11
C ARG C 5 -6.51 16.82 0.01
N LYS C 6 -7.22 16.80 1.15
CA LYS C 6 -8.34 15.90 1.40
C LYS C 6 -8.09 14.49 0.88
N SER C 7 -9.15 13.87 0.36
CA SER C 7 -9.10 12.62 -0.41
C SER C 7 -8.03 11.64 0.08
N HIS C 8 -7.25 11.10 -0.89
CA HIS C 8 -6.02 10.30 -0.81
C HIS C 8 -6.22 8.84 -1.22
N PRO C 9 -7.34 8.12 -0.89
CA PRO C 9 -7.56 6.75 -1.39
C PRO C 9 -7.72 6.68 -2.91
N LEU C 10 -6.64 6.94 -3.66
CA LEU C 10 -6.65 6.87 -5.11
C LEU C 10 -5.28 6.37 -5.55
N MET C 11 -4.95 6.56 -6.82
CA MET C 11 -3.65 6.13 -7.34
C MET C 11 -2.56 7.17 -7.17
N LYS C 12 -2.87 8.33 -6.60
CA LYS C 12 -1.85 9.34 -6.36
C LYS C 12 -0.81 8.85 -5.36
N ILE C 13 -1.25 8.15 -4.32
CA ILE C 13 -0.29 7.66 -3.32
C ILE C 13 0.70 6.70 -3.95
N VAL C 14 0.28 5.93 -4.94
CA VAL C 14 1.23 5.09 -5.67
C VAL C 14 2.27 5.97 -6.35
N ASN C 15 1.90 7.19 -6.73
CA ASN C 15 2.82 8.12 -7.36
C ASN C 15 3.70 8.87 -6.36
N ASN C 16 3.48 8.69 -5.06
CA ASN C 16 4.41 9.26 -4.08
C ASN C 16 5.79 8.65 -4.22
N ALA C 17 5.89 7.44 -4.78
CA ALA C 17 7.18 6.81 -5.06
C ALA C 17 7.97 7.54 -6.13
N PHE C 18 7.34 8.48 -6.85
CA PHE C 18 8.02 9.26 -7.87
C PHE C 18 8.26 10.70 -7.46
N ILE C 19 7.70 11.14 -6.33
CA ILE C 19 7.74 12.53 -5.92
C ILE C 19 8.37 12.66 -4.54
N ASP C 20 7.78 11.97 -3.56
CA ASP C 20 8.19 12.09 -2.18
C ASP C 20 9.09 10.95 -1.72
N LEU C 21 9.59 10.14 -2.63
CA LEU C 21 10.41 9.00 -2.25
C LEU C 21 11.76 9.48 -1.74
N PRO C 22 12.19 9.06 -0.55
CA PRO C 22 13.54 9.39 -0.10
C PRO C 22 14.59 8.78 -1.02
N ALA C 23 15.65 9.54 -1.27
CA ALA C 23 16.74 9.09 -2.12
C ALA C 23 18.05 9.64 -1.60
N PRO C 24 19.14 8.89 -1.75
CA PRO C 24 20.45 9.41 -1.32
C PRO C 24 20.83 10.65 -2.11
N SER C 25 21.55 11.56 -1.44
CA SER C 25 21.99 12.77 -2.12
C SER C 25 23.15 12.51 -3.06
N ASN C 26 24.07 11.60 -2.70
CA ASN C 26 25.29 11.38 -3.45
C ASN C 26 25.12 10.38 -4.58
N ILE C 27 23.90 10.20 -5.08
CA ILE C 27 23.65 9.29 -6.19
C ILE C 27 24.30 9.87 -7.45
N SER C 28 25.21 9.11 -8.05
CA SER C 28 26.02 9.61 -9.15
C SER C 28 25.25 9.53 -10.46
N SER C 29 25.94 9.82 -11.57
CA SER C 29 25.32 9.80 -12.89
C SER C 29 25.10 8.38 -13.41
N TRP C 30 25.77 7.39 -12.82
CA TRP C 30 25.62 5.98 -13.21
C TRP C 30 24.28 5.42 -12.87
N TRP C 31 23.35 6.26 -12.44
CA TRP C 31 22.05 5.83 -11.97
C TRP C 31 20.90 6.26 -12.85
N ASN C 32 21.11 7.24 -13.74
CA ASN C 32 20.07 7.60 -14.68
C ASN C 32 19.68 6.43 -15.57
N PHE C 33 20.55 5.43 -15.69
CA PHE C 33 20.25 4.26 -16.51
C PHE C 33 19.03 3.51 -16.02
N GLY C 34 18.69 3.65 -14.74
CA GLY C 34 17.43 3.10 -14.27
C GLY C 34 16.24 3.75 -14.94
N SER C 35 16.22 5.08 -14.94
CA SER C 35 15.15 5.79 -15.64
C SER C 35 15.35 5.74 -17.15
N LEU C 36 16.60 5.69 -17.61
CA LEU C 36 16.85 5.54 -19.04
C LEU C 36 16.31 4.22 -19.56
N LEU C 37 16.43 3.15 -18.77
CA LEU C 37 15.90 1.86 -19.18
C LEU C 37 14.39 1.92 -19.35
N GLY C 38 13.70 2.62 -18.44
CA GLY C 38 12.27 2.83 -18.62
C GLY C 38 11.96 3.68 -19.84
N ILE C 39 12.80 4.67 -20.10
CA ILE C 39 12.64 5.47 -21.32
C ILE C 39 12.84 4.60 -22.55
N CYS C 40 13.86 3.75 -22.53
CA CYS C 40 14.11 2.85 -23.66
C CYS C 40 12.95 1.88 -23.85
N LEU C 41 12.39 1.36 -22.75
CA LEU C 41 11.33 0.37 -22.86
C LEU C 41 10.10 0.95 -23.53
N ILE C 42 9.62 2.11 -23.05
CA ILE C 42 8.44 2.71 -23.64
C ILE C 42 8.73 3.29 -25.01
N LEU C 43 10.01 3.50 -25.34
CA LEU C 43 10.35 3.95 -26.69
C LEU C 43 10.25 2.81 -27.69
N GLN C 44 10.67 1.60 -27.30
CA GLN C 44 10.53 0.46 -28.19
C GLN C 44 9.06 0.14 -28.44
N ILE C 45 8.23 0.25 -27.41
CA ILE C 45 6.81 -0.01 -27.56
C ILE C 45 6.16 1.04 -28.46
N LEU C 46 6.55 2.30 -28.30
CA LEU C 46 5.96 3.37 -29.11
C LEU C 46 6.32 3.20 -30.59
N THR C 47 7.61 3.05 -30.88
CA THR C 47 8.01 2.85 -32.27
C THR C 47 7.62 1.47 -32.78
N GLY C 48 7.68 0.45 -31.92
CA GLY C 48 7.33 -0.89 -32.34
C GLY C 48 5.87 -1.00 -32.77
N LEU C 49 4.97 -0.35 -32.03
CA LEU C 49 3.56 -0.42 -32.37
C LEU C 49 3.29 0.18 -33.74
N PHE C 50 3.92 1.32 -34.04
CA PHE C 50 3.73 1.94 -35.34
C PHE C 50 4.43 1.15 -36.45
N LEU C 51 5.50 0.42 -36.10
CA LEU C 51 6.11 -0.48 -37.07
C LEU C 51 5.20 -1.67 -37.35
N ALA C 52 4.49 -2.16 -36.34
CA ALA C 52 3.60 -3.30 -36.50
C ALA C 52 2.36 -2.96 -37.30
N MET C 53 2.11 -1.69 -37.60
CA MET C 53 0.98 -1.31 -38.42
C MET C 53 1.28 -1.39 -39.92
N HIS C 54 2.49 -1.76 -40.30
CA HIS C 54 2.85 -1.94 -41.69
C HIS C 54 3.65 -3.21 -41.94
N TYR C 55 3.97 -3.97 -40.90
CA TYR C 55 4.78 -5.17 -41.02
C TYR C 55 3.90 -6.40 -41.12
N THR C 56 4.23 -7.29 -42.05
CA THR C 56 3.48 -8.51 -42.28
C THR C 56 4.43 -9.70 -42.14
N SER C 57 4.02 -10.70 -41.36
CA SER C 57 4.91 -11.76 -40.93
C SER C 57 5.14 -12.83 -41.99
N ASP C 58 4.35 -12.88 -43.06
CA ASP C 58 4.53 -13.90 -44.07
C ASP C 58 5.87 -13.71 -44.78
N THR C 59 6.57 -14.82 -45.02
CA THR C 59 7.90 -14.75 -45.60
C THR C 59 7.87 -14.14 -46.99
N THR C 60 6.83 -14.43 -47.77
CA THR C 60 6.72 -13.86 -49.11
C THR C 60 6.60 -12.34 -49.07
N THR C 61 6.13 -11.78 -47.97
CA THR C 61 5.98 -10.33 -47.85
C THR C 61 6.42 -9.83 -46.49
N ALA C 62 7.53 -10.36 -45.98
CA ALA C 62 8.12 -9.85 -44.75
C ALA C 62 9.19 -8.80 -45.05
N PHE C 63 10.22 -9.20 -45.80
CA PHE C 63 11.30 -8.28 -46.15
C PHE C 63 10.77 -7.13 -47.01
N SER C 64 9.89 -7.43 -47.96
CA SER C 64 9.36 -6.40 -48.83
C SER C 64 8.52 -5.37 -48.07
N SER C 65 7.94 -5.77 -46.94
CA SER C 65 7.18 -4.83 -46.12
C SER C 65 8.11 -3.89 -45.35
N VAL C 66 9.28 -4.36 -44.96
CA VAL C 66 10.25 -3.50 -44.31
C VAL C 66 10.74 -2.43 -45.29
N THR C 67 10.99 -2.81 -46.53
CA THR C 67 11.34 -1.83 -47.55
C THR C 67 10.21 -0.84 -47.79
N HIS C 68 8.97 -1.34 -47.81
CA HIS C 68 7.82 -0.45 -47.98
C HIS C 68 7.70 0.53 -46.83
N ILE C 69 8.11 0.13 -45.62
CA ILE C 69 8.05 1.02 -44.47
C ILE C 69 8.95 2.23 -44.70
N CYS C 70 10.20 1.98 -45.11
CA CYS C 70 11.15 3.07 -45.31
C CYS C 70 10.86 3.85 -46.58
N ARG C 71 10.57 3.15 -47.67
CA ARG C 71 10.48 3.81 -48.98
C ARG C 71 9.16 4.56 -49.15
N ASP C 72 8.06 4.04 -48.62
CA ASP C 72 6.74 4.57 -48.92
C ASP C 72 6.10 5.32 -47.76
N VAL C 73 6.17 4.79 -46.54
CA VAL C 73 5.45 5.40 -45.43
C VAL C 73 6.07 6.76 -45.11
N ASN C 74 5.21 7.77 -44.95
CA ASN C 74 5.68 9.11 -44.62
C ASN C 74 6.33 9.09 -43.25
N TYR C 75 7.59 9.52 -43.19
CA TYR C 75 8.40 9.50 -41.97
C TYR C 75 8.53 8.10 -41.40
N GLY C 76 8.29 7.08 -42.21
CA GLY C 76 8.45 5.71 -41.76
C GLY C 76 9.88 5.23 -41.72
N TRP C 77 10.79 5.98 -42.35
CA TRP C 77 12.19 5.56 -42.34
C TRP C 77 12.85 5.80 -40.99
N ILE C 78 12.52 6.92 -40.35
CA ILE C 78 13.14 7.23 -39.06
C ILE C 78 12.67 6.23 -38.00
N ILE C 79 11.37 5.91 -37.99
CA ILE C 79 10.82 5.04 -36.96
C ILE C 79 11.52 3.69 -36.98
N ARG C 80 11.82 3.16 -38.17
CA ARG C 80 12.51 1.88 -38.26
C ARG C 80 13.90 1.97 -37.64
N TYR C 81 14.57 3.11 -37.77
CA TYR C 81 15.95 3.22 -37.32
C TYR C 81 16.08 3.61 -35.86
N MET C 82 15.13 4.36 -35.29
CA MET C 82 15.14 4.51 -33.84
C MET C 82 14.74 3.21 -33.15
N HIS C 83 14.00 2.34 -33.85
CA HIS C 83 13.73 1.02 -33.33
C HIS C 83 14.96 0.11 -33.42
N ALA C 84 15.67 0.16 -34.54
CA ALA C 84 16.85 -0.68 -34.71
C ALA C 84 18.00 -0.20 -33.84
N ASN C 85 18.20 1.10 -33.76
CA ASN C 85 19.27 1.67 -32.94
C ASN C 85 18.84 1.89 -31.50
N GLY C 86 17.55 1.88 -31.21
CA GLY C 86 17.11 1.94 -29.82
C GLY C 86 17.47 0.68 -29.06
N ALA C 87 17.35 -0.47 -29.70
CA ALA C 87 17.77 -1.72 -29.07
C ALA C 87 19.25 -1.71 -28.76
N SER C 88 20.03 -1.02 -29.60
CA SER C 88 21.44 -0.78 -29.28
C SER C 88 21.56 0.08 -28.03
N MET C 89 20.71 1.10 -27.91
CA MET C 89 20.71 1.91 -26.70
C MET C 89 20.15 1.16 -25.51
N PHE C 90 19.17 0.28 -25.75
CA PHE C 90 18.63 -0.54 -24.67
C PHE C 90 19.72 -1.39 -24.05
N PHE C 91 20.49 -2.10 -24.87
CA PHE C 91 21.52 -2.98 -24.34
C PHE C 91 22.74 -2.22 -23.88
N ILE C 92 22.98 -1.02 -24.43
CA ILE C 92 24.00 -0.14 -23.86
C ILE C 92 23.60 0.25 -22.44
N CYS C 93 22.33 0.66 -22.26
CA CYS C 93 21.85 1.01 -20.94
C CYS C 93 21.71 -0.22 -20.05
N LEU C 94 21.36 -1.37 -20.61
CA LEU C 94 21.18 -2.58 -19.81
C LEU C 94 22.50 -3.03 -19.19
N TYR C 95 23.59 -2.94 -19.94
CA TYR C 95 24.86 -3.45 -19.44
C TYR C 95 25.48 -2.54 -18.39
N MET C 96 25.20 -1.23 -18.43
CA MET C 96 25.65 -0.36 -17.36
C MET C 96 24.78 -0.49 -16.11
N HIS C 97 23.50 -0.84 -16.28
CA HIS C 97 22.66 -1.12 -15.13
C HIS C 97 23.17 -2.32 -14.35
N VAL C 98 23.62 -3.36 -15.06
CA VAL C 98 24.23 -4.51 -14.40
C VAL C 98 25.58 -4.15 -13.82
N GLY C 99 26.38 -3.37 -14.56
CA GLY C 99 27.72 -3.05 -14.11
C GLY C 99 27.73 -2.25 -12.83
N ARG C 100 26.80 -1.30 -12.69
CA ARG C 100 26.72 -0.51 -11.47
C ARG C 100 26.40 -1.37 -10.26
N GLY C 101 25.50 -2.34 -10.42
CA GLY C 101 25.22 -3.26 -9.33
C GLY C 101 26.43 -4.09 -8.94
N LEU C 102 27.23 -4.51 -9.93
CA LEU C 102 28.46 -5.23 -9.63
C LEU C 102 29.41 -4.36 -8.82
N TYR C 103 29.58 -3.10 -9.23
CA TYR C 103 30.55 -2.23 -8.58
C TYR C 103 30.07 -1.76 -7.22
N TYR C 104 28.79 -1.37 -7.12
CA TYR C 104 28.27 -0.78 -5.90
C TYR C 104 27.56 -1.77 -5.01
N GLY C 105 27.70 -3.06 -5.29
CA GLY C 105 27.12 -4.09 -4.43
C GLY C 105 25.62 -4.03 -4.32
N SER C 106 24.93 -3.58 -5.37
CA SER C 106 23.48 -3.52 -5.34
C SER C 106 22.83 -4.89 -5.34
N TYR C 107 23.60 -5.96 -5.59
CA TYR C 107 23.03 -7.30 -5.57
C TYR C 107 22.68 -7.75 -4.16
N THR C 108 23.07 -7.00 -3.13
CA THR C 108 22.62 -7.31 -1.78
C THR C 108 21.11 -7.16 -1.64
N PHE C 109 20.47 -6.40 -2.53
CA PHE C 109 19.01 -6.41 -2.64
C PHE C 109 18.64 -7.68 -3.42
N LEU C 110 18.53 -8.78 -2.68
CA LEU C 110 18.38 -10.08 -3.31
C LEU C 110 17.11 -10.16 -4.13
N GLU C 111 16.00 -9.62 -3.61
CA GLU C 111 14.74 -9.67 -4.35
C GLU C 111 14.83 -8.87 -5.64
N THR C 112 15.30 -7.62 -5.54
CA THR C 112 15.39 -6.77 -6.73
C THR C 112 16.39 -7.32 -7.73
N TRP C 113 17.55 -7.77 -7.25
CA TRP C 113 18.59 -8.26 -8.15
C TRP C 113 18.12 -9.49 -8.92
N ASN C 114 17.46 -10.42 -8.24
CA ASN C 114 16.99 -11.63 -8.91
C ASN C 114 15.95 -11.31 -9.97
N ILE C 115 15.03 -10.38 -9.67
CA ILE C 115 14.07 -9.92 -10.67
C ILE C 115 14.80 -9.20 -11.80
N GLY C 116 15.94 -8.58 -11.50
CA GLY C 116 16.70 -7.92 -12.54
C GLY C 116 17.25 -8.89 -13.57
N VAL C 117 17.74 -10.05 -13.11
CA VAL C 117 18.21 -11.07 -14.04
C VAL C 117 17.07 -11.56 -14.93
N ILE C 118 15.90 -11.78 -14.33
CA ILE C 118 14.73 -12.18 -15.12
C ILE C 118 14.43 -11.13 -16.17
N LEU C 119 14.54 -9.85 -15.81
CA LEU C 119 14.34 -8.78 -16.78
C LEU C 119 15.40 -8.83 -17.87
N LEU C 120 16.65 -9.13 -17.51
CA LEU C 120 17.70 -9.24 -18.51
C LEU C 120 17.42 -10.37 -19.49
N LEU C 121 17.01 -11.53 -18.98
CA LEU C 121 16.72 -12.66 -19.86
C LEU C 121 15.57 -12.35 -20.81
N THR C 122 14.54 -11.66 -20.31
CA THR C 122 13.38 -11.37 -21.13
C THR C 122 13.73 -10.44 -22.29
N VAL C 123 14.56 -9.44 -22.05
CA VAL C 123 14.93 -8.50 -23.11
C VAL C 123 15.81 -9.18 -24.15
N MET C 124 16.80 -9.96 -23.70
CA MET C 124 17.66 -10.66 -24.64
C MET C 124 16.85 -11.63 -25.49
N ALA C 125 15.85 -12.29 -24.89
CA ALA C 125 14.93 -13.10 -25.67
C ALA C 125 14.12 -12.24 -26.62
N THR C 126 13.60 -11.11 -26.14
CA THR C 126 12.78 -10.24 -26.98
C THR C 126 13.58 -9.67 -28.14
N ALA C 127 14.81 -9.23 -27.88
CA ALA C 127 15.63 -8.67 -28.95
C ALA C 127 16.07 -9.72 -29.96
N PHE C 128 16.10 -11.00 -29.55
CA PHE C 128 16.50 -12.05 -30.47
C PHE C 128 15.43 -12.29 -31.53
N MET C 129 14.16 -12.37 -31.11
CA MET C 129 13.08 -12.60 -32.06
C MET C 129 12.81 -11.38 -32.92
N GLY C 130 13.14 -10.19 -32.43
CA GLY C 130 12.98 -9.01 -33.26
C GLY C 130 13.94 -8.98 -34.43
N TYR C 131 15.17 -9.46 -34.22
CA TYR C 131 16.15 -9.51 -35.29
C TYR C 131 15.71 -10.44 -36.41
N VAL C 132 14.94 -11.48 -36.08
CA VAL C 132 14.45 -12.41 -37.10
C VAL C 132 13.31 -11.83 -37.90
N LEU C 133 12.66 -10.77 -37.42
CA LEU C 133 11.49 -10.22 -38.10
C LEU C 133 11.81 -9.66 -39.49
N PRO C 134 12.87 -8.88 -39.71
CA PRO C 134 13.12 -8.36 -41.06
C PRO C 134 13.34 -9.43 -42.11
N TRP C 135 13.80 -10.63 -41.71
CA TRP C 135 13.98 -11.75 -42.63
C TRP C 135 14.96 -11.40 -43.75
N GLY C 136 16.22 -11.16 -43.36
CA GLY C 136 17.19 -10.60 -44.28
C GLY C 136 18.54 -11.27 -44.38
N GLN C 137 18.58 -12.61 -44.36
CA GLN C 137 19.79 -13.38 -44.57
C GLN C 137 20.74 -13.29 -43.38
N MET C 138 20.47 -12.36 -42.47
CA MET C 138 21.04 -12.37 -41.13
C MET C 138 19.99 -12.73 -40.09
N SER C 139 18.74 -12.40 -40.36
CA SER C 139 17.63 -12.86 -39.53
C SER C 139 17.46 -14.37 -39.64
N PHE C 140 17.44 -14.89 -40.87
CA PHE C 140 17.25 -16.32 -41.06
C PHE C 140 18.42 -17.11 -40.49
N TRP C 141 19.64 -16.70 -40.81
CA TRP C 141 20.81 -17.49 -40.44
C TRP C 141 21.24 -17.21 -39.01
N GLY C 142 21.10 -15.98 -38.53
CA GLY C 142 21.35 -15.72 -37.12
C GLY C 142 20.44 -16.52 -36.21
N ALA C 143 19.17 -16.65 -36.59
CA ALA C 143 18.25 -17.50 -35.84
C ALA C 143 18.51 -18.98 -36.08
N THR C 144 19.12 -19.34 -37.21
CA THR C 144 19.37 -20.75 -37.51
C THR C 144 20.37 -21.35 -36.53
N VAL C 145 21.52 -20.69 -36.35
CA VAL C 145 22.57 -21.25 -35.51
C VAL C 145 22.17 -21.23 -34.05
N ILE C 146 21.55 -20.14 -33.59
CA ILE C 146 21.24 -20.00 -32.16
C ILE C 146 20.16 -21.00 -31.74
N THR C 147 19.09 -21.10 -32.51
CA THR C 147 18.03 -22.04 -32.16
C THR C 147 18.49 -23.49 -32.29
N ASN C 148 19.36 -23.76 -33.26
CA ASN C 148 19.89 -25.11 -33.41
C ASN C 148 20.77 -25.52 -32.24
N LEU C 149 21.20 -24.56 -31.41
CA LEU C 149 21.98 -24.90 -30.22
C LEU C 149 21.16 -25.73 -29.25
N LEU C 150 19.84 -25.58 -29.27
CA LEU C 150 18.98 -26.35 -28.36
C LEU C 150 18.93 -27.82 -28.71
N SER C 151 19.45 -28.22 -29.88
CA SER C 151 19.48 -29.63 -30.23
C SER C 151 20.51 -30.42 -29.43
N ALA C 152 21.40 -29.74 -28.70
CA ALA C 152 22.39 -30.45 -27.89
C ALA C 152 21.79 -31.03 -26.62
N ILE C 153 20.64 -30.54 -26.19
CA ILE C 153 19.97 -31.10 -25.01
C ILE C 153 19.54 -32.53 -25.31
N PRO C 154 19.65 -33.47 -24.37
CA PRO C 154 19.23 -34.85 -24.64
C PRO C 154 17.78 -35.13 -24.29
N TYR C 155 17.14 -35.91 -25.16
CA TYR C 155 15.80 -36.46 -24.98
C TYR C 155 14.73 -35.38 -25.17
N ILE C 156 15.13 -34.13 -25.27
CA ILE C 156 14.18 -33.05 -25.55
C ILE C 156 14.75 -32.11 -26.60
N GLY C 157 16.06 -32.22 -26.84
CA GLY C 157 16.71 -31.25 -27.70
C GLY C 157 16.14 -31.26 -29.11
N THR C 158 15.98 -32.43 -29.70
CA THR C 158 15.39 -32.52 -31.02
C THR C 158 13.90 -32.19 -30.98
N ASN C 159 13.20 -32.65 -29.94
CA ASN C 159 11.76 -32.44 -29.87
C ASN C 159 11.41 -30.98 -29.71
N LEU C 160 12.11 -30.27 -28.82
CA LEU C 160 11.75 -28.87 -28.56
C LEU C 160 12.22 -27.95 -29.67
N VAL C 161 13.27 -28.31 -30.39
CA VAL C 161 13.75 -27.45 -31.48
C VAL C 161 12.70 -27.37 -32.58
N GLU C 162 12.16 -28.52 -32.99
CA GLU C 162 11.06 -28.51 -33.94
C GLU C 162 9.83 -27.82 -33.36
N TRP C 163 9.58 -28.03 -32.07
CA TRP C 163 8.48 -27.33 -31.41
C TRP C 163 8.71 -25.82 -31.42
N ILE C 164 9.95 -25.39 -31.22
CA ILE C 164 10.26 -23.97 -31.34
C ILE C 164 10.17 -23.53 -32.80
N TRP C 165 10.64 -24.37 -33.73
CA TRP C 165 10.66 -23.99 -35.13
C TRP C 165 9.28 -24.02 -35.76
N GLY C 166 8.37 -24.84 -35.25
CA GLY C 166 7.11 -25.05 -35.93
C GLY C 166 7.30 -25.75 -37.27
N GLY C 167 8.13 -26.78 -37.29
CA GLY C 167 8.47 -27.47 -38.52
C GLY C 167 9.84 -28.13 -38.39
N PHE C 168 10.50 -28.30 -39.52
CA PHE C 168 11.82 -28.92 -39.56
C PHE C 168 12.95 -27.90 -39.64
N SER C 169 12.65 -26.63 -39.91
CA SER C 169 13.66 -25.58 -39.97
C SER C 169 12.96 -24.24 -39.84
N VAL C 170 13.77 -23.19 -39.72
CA VAL C 170 13.23 -21.84 -39.67
C VAL C 170 12.54 -21.52 -40.99
N ASP C 171 11.29 -21.08 -40.91
CA ASP C 171 10.48 -20.87 -42.11
C ASP C 171 9.36 -19.89 -41.76
N LYS C 172 8.34 -19.84 -42.61
CA LYS C 172 7.22 -18.95 -42.38
C LYS C 172 6.53 -19.25 -41.05
N ALA C 173 6.46 -20.53 -40.69
CA ALA C 173 5.83 -20.89 -39.42
C ALA C 173 6.56 -20.27 -38.24
N THR C 174 7.90 -20.31 -38.27
CA THR C 174 8.68 -19.69 -37.20
C THR C 174 8.54 -18.17 -37.23
N LEU C 175 8.49 -17.57 -38.42
CA LEU C 175 8.47 -16.12 -38.53
C LEU C 175 7.19 -15.53 -37.94
N THR C 176 6.04 -16.14 -38.22
CA THR C 176 4.79 -15.63 -37.66
C THR C 176 4.77 -15.76 -36.15
N ARG C 177 5.29 -16.88 -35.63
CA ARG C 177 5.31 -17.07 -34.18
C ARG C 177 6.19 -16.04 -33.49
N PHE C 178 7.32 -15.69 -34.11
CA PHE C 178 8.23 -14.72 -33.50
C PHE C 178 7.58 -13.34 -33.42
N PHE C 179 6.89 -12.92 -34.49
CA PHE C 179 6.27 -11.60 -34.48
C PHE C 179 5.20 -11.50 -33.41
N ALA C 180 4.39 -12.55 -33.25
CA ALA C 180 3.40 -12.56 -32.17
C ALA C 180 4.06 -12.57 -30.81
N PHE C 181 5.11 -13.39 -30.65
CA PHE C 181 5.83 -13.42 -29.38
C PHE C 181 6.57 -12.11 -29.13
N HIS C 182 7.14 -11.52 -30.18
CA HIS C 182 7.81 -10.23 -30.04
C HIS C 182 6.85 -9.12 -29.66
N PHE C 183 5.57 -9.28 -29.97
CA PHE C 183 4.58 -8.26 -29.62
C PHE C 183 4.22 -8.31 -28.14
N ILE C 184 4.12 -9.51 -27.56
CA ILE C 184 3.60 -9.65 -26.20
C ILE C 184 4.70 -9.49 -25.15
N LEU C 185 5.90 -10.01 -25.42
CA LEU C 185 6.96 -10.00 -24.42
C LEU C 185 7.28 -8.62 -23.86
N PRO C 186 7.36 -7.54 -24.65
CA PRO C 186 7.64 -6.23 -24.06
C PRO C 186 6.60 -5.80 -23.03
N PHE C 187 5.34 -6.18 -23.21
CA PHE C 187 4.34 -5.84 -22.20
C PHE C 187 4.51 -6.66 -20.93
N ILE C 188 5.11 -7.84 -21.04
CA ILE C 188 5.50 -8.57 -19.84
C ILE C 188 6.61 -7.84 -19.11
N ILE C 189 7.53 -7.23 -19.85
CA ILE C 189 8.65 -6.53 -19.25
C ILE C 189 8.16 -5.33 -18.43
N MET C 190 7.12 -4.65 -18.90
CA MET C 190 6.56 -3.55 -18.13
C MET C 190 6.03 -4.02 -16.79
N ALA C 191 5.32 -5.16 -16.77
CA ALA C 191 4.81 -5.69 -15.51
C ALA C 191 5.92 -6.09 -14.57
N ILE C 192 6.97 -6.74 -15.09
CA ILE C 192 8.07 -7.15 -14.26
C ILE C 192 8.85 -5.94 -13.76
N ALA C 193 8.98 -4.92 -14.60
CA ALA C 193 9.70 -3.71 -14.19
C ALA C 193 9.00 -3.02 -13.02
N MET C 194 7.66 -3.00 -13.05
CA MET C 194 6.93 -2.50 -11.89
C MET C 194 7.17 -3.38 -10.67
N VAL C 195 7.23 -4.70 -10.87
CA VAL C 195 7.60 -5.61 -9.79
C VAL C 195 9.04 -5.38 -9.37
N HIS C 196 9.91 -5.06 -10.34
CA HIS C 196 11.30 -4.76 -10.03
C HIS C 196 11.42 -3.59 -9.09
N LEU C 197 10.65 -2.52 -9.32
CA LEU C 197 10.68 -1.38 -8.41
C LEU C 197 10.03 -1.73 -7.07
N LEU C 198 9.03 -2.60 -7.06
CA LEU C 198 8.32 -2.92 -5.82
C LEU C 198 9.24 -3.58 -4.82
N PHE C 199 10.24 -4.32 -5.28
CA PHE C 199 11.20 -4.95 -4.38
C PHE C 199 12.34 -4.03 -4.00
N LEU C 200 12.42 -2.84 -4.59
CA LEU C 200 13.46 -1.86 -4.29
C LEU C 200 12.99 -0.75 -3.39
N HIS C 201 11.73 -0.30 -3.54
CA HIS C 201 11.21 0.76 -2.70
C HIS C 201 11.14 0.38 -1.24
N GLU C 202 11.11 -0.93 -0.94
CA GLU C 202 11.13 -1.36 0.46
C GLU C 202 12.46 -1.02 1.14
N THR C 203 13.55 -0.96 0.38
CA THR C 203 14.87 -0.74 0.96
C THR C 203 15.58 0.48 0.41
N GLY C 204 15.05 1.14 -0.61
CA GLY C 204 15.66 2.35 -1.13
C GLY C 204 16.85 2.08 -2.01
N SER C 205 17.53 3.15 -2.38
CA SER C 205 18.64 3.09 -3.33
C SER C 205 19.92 2.67 -2.61
N ASN C 206 21.07 2.81 -3.30
CA ASN C 206 22.35 2.28 -2.82
C ASN C 206 23.45 3.29 -3.10
N ASN C 207 23.69 4.20 -2.16
CA ASN C 207 24.64 5.28 -2.41
C ASN C 207 26.01 4.73 -2.81
N PRO C 208 26.72 5.41 -3.70
CA PRO C 208 28.03 4.91 -4.14
C PRO C 208 29.00 4.66 -3.01
N THR C 209 28.85 5.36 -1.88
CA THR C 209 29.68 5.07 -0.72
C THR C 209 29.47 3.65 -0.24
N GLY C 210 28.22 3.18 -0.26
CA GLY C 210 27.88 1.85 0.21
C GLY C 210 27.36 1.80 1.63
N ILE C 211 27.47 2.88 2.39
CA ILE C 211 26.94 2.95 3.75
C ILE C 211 25.48 3.34 3.67
N SER C 212 24.75 3.17 4.78
CA SER C 212 23.34 3.55 4.81
C SER C 212 23.19 5.05 4.60
N SER C 213 22.27 5.42 3.71
CA SER C 213 22.03 6.82 3.37
C SER C 213 20.77 7.36 4.03
N ASP C 214 20.27 6.69 5.07
CA ASP C 214 19.06 7.13 5.74
C ASP C 214 19.22 8.48 6.41
N VAL C 215 20.46 8.88 6.72
CA VAL C 215 20.72 10.16 7.37
C VAL C 215 20.73 11.33 6.41
N ASP C 216 20.80 11.09 5.11
CA ASP C 216 20.93 12.16 4.13
C ASP C 216 20.04 11.90 2.92
N LYS C 217 18.78 11.51 3.16
CA LYS C 217 17.84 11.33 2.07
C LYS C 217 17.28 12.68 1.63
N ILE C 218 16.95 12.78 0.35
CA ILE C 218 16.41 14.01 -0.21
C ILE C 218 15.15 13.67 -1.02
N PRO C 219 14.21 14.61 -1.18
CA PRO C 219 13.04 14.31 -2.02
C PRO C 219 13.45 14.04 -3.46
N PHE C 220 12.72 13.14 -4.10
CA PHE C 220 13.04 12.78 -5.47
C PHE C 220 12.64 13.86 -6.46
N HIS C 221 11.47 14.48 -6.27
CA HIS C 221 10.89 15.29 -7.32
C HIS C 221 11.74 16.47 -7.76
N PRO C 222 12.22 17.36 -6.88
CA PRO C 222 12.91 18.55 -7.38
C PRO C 222 14.35 18.29 -7.80
N TYR C 223 14.93 17.17 -7.41
CA TYR C 223 16.35 16.93 -7.58
C TYR C 223 16.69 15.87 -8.62
N TYR C 224 15.94 14.77 -8.66
CA TYR C 224 16.28 13.69 -9.57
C TYR C 224 15.41 13.63 -10.81
N THR C 225 14.20 14.20 -10.77
CA THR C 225 13.44 14.32 -12.01
C THR C 225 14.16 15.21 -13.01
N ILE C 226 14.71 16.33 -12.54
CA ILE C 226 15.50 17.19 -13.41
C ILE C 226 16.84 16.56 -13.72
N LYS C 227 17.33 15.67 -12.86
CA LYS C 227 18.56 14.94 -13.17
C LYS C 227 18.32 13.83 -14.17
N ASP C 228 17.16 13.18 -14.11
CA ASP C 228 16.82 12.16 -15.09
C ASP C 228 16.43 12.76 -16.43
N ILE C 229 15.81 13.94 -16.43
CA ILE C 229 15.47 14.61 -17.68
C ILE C 229 16.73 14.95 -18.45
N LEU C 230 17.76 15.45 -17.76
CA LEU C 230 19.04 15.68 -18.42
C LEU C 230 19.64 14.38 -18.91
N GLY C 231 19.54 13.31 -18.11
CA GLY C 231 20.01 12.01 -18.55
C GLY C 231 19.22 11.47 -19.73
N ALA C 232 17.92 11.75 -19.78
CA ALA C 232 17.12 11.33 -20.92
C ALA C 232 17.59 12.02 -22.19
N LEU C 233 17.89 13.31 -22.12
CA LEU C 233 18.35 14.04 -23.30
C LEU C 233 19.67 13.48 -23.82
N LEU C 234 20.58 13.14 -22.90
CA LEU C 234 21.82 12.52 -23.32
C LEU C 234 21.58 11.18 -23.97
N LEU C 235 20.51 10.49 -23.60
CA LEU C 235 20.13 9.28 -24.31
C LEU C 235 19.56 9.59 -25.68
N ILE C 236 18.67 10.58 -25.76
CA ILE C 236 18.09 10.96 -27.05
C ILE C 236 19.19 11.49 -27.98
N LEU C 237 20.12 12.28 -27.45
CA LEU C 237 21.23 12.76 -28.25
C LEU C 237 22.07 11.61 -28.78
N ALA C 238 22.37 10.63 -27.93
CA ALA C 238 23.19 9.50 -28.35
C ALA C 238 22.44 8.61 -29.35
N LEU C 239 21.16 8.34 -29.08
CA LEU C 239 20.38 7.52 -29.99
C LEU C 239 20.17 8.23 -31.32
N MET C 240 19.80 9.51 -31.28
CA MET C 240 19.54 10.24 -32.51
C MET C 240 20.81 10.46 -33.32
N LEU C 241 21.97 10.49 -32.67
CA LEU C 241 23.23 10.62 -33.41
C LEU C 241 23.45 9.42 -34.32
N LEU C 242 23.13 8.21 -33.84
CA LEU C 242 23.21 7.04 -34.69
C LEU C 242 22.17 7.10 -35.81
N VAL C 243 20.93 7.41 -35.45
CA VAL C 243 19.84 7.32 -36.42
C VAL C 243 20.03 8.33 -37.56
N LEU C 244 20.41 9.56 -37.23
CA LEU C 244 20.47 10.63 -38.21
C LEU C 244 21.83 10.79 -38.85
N PHE C 245 22.86 10.07 -38.41
CA PHE C 245 24.19 10.22 -38.97
C PHE C 245 24.90 8.93 -39.31
N ALA C 246 24.51 7.80 -38.73
CA ALA C 246 25.09 6.51 -39.08
C ALA C 246 24.10 5.40 -38.77
N PRO C 247 22.97 5.35 -39.47
CA PRO C 247 21.92 4.39 -39.10
C PRO C 247 22.35 2.93 -39.17
N ASP C 248 23.23 2.58 -40.10
CA ASP C 248 23.68 1.21 -40.27
C ASP C 248 25.09 0.99 -39.71
N LEU C 249 25.55 1.86 -38.81
CA LEU C 249 26.89 1.71 -38.25
C LEU C 249 27.01 0.42 -37.45
N LEU C 250 25.99 0.08 -36.67
CA LEU C 250 26.05 -1.12 -35.84
C LEU C 250 25.50 -2.35 -36.54
N GLY C 251 24.44 -2.20 -37.33
CA GLY C 251 23.88 -3.34 -38.03
C GLY C 251 24.79 -3.83 -39.13
N ASP C 252 24.70 -5.14 -39.39
CA ASP C 252 25.54 -5.76 -40.41
C ASP C 252 24.98 -5.48 -41.81
N PRO C 253 25.85 -5.19 -42.78
CA PRO C 253 25.36 -4.91 -44.14
C PRO C 253 24.66 -6.09 -44.79
N ASP C 254 25.03 -7.32 -44.44
CA ASP C 254 24.45 -8.49 -45.10
C ASP C 254 22.97 -8.65 -44.81
N ASN C 255 22.43 -7.93 -43.83
CA ASN C 255 21.01 -8.07 -43.50
C ASN C 255 20.09 -7.47 -44.55
N TYR C 256 20.63 -6.75 -45.53
CA TYR C 256 19.80 -6.09 -46.53
C TYR C 256 19.53 -6.95 -47.76
N THR C 257 20.01 -8.19 -47.77
CA THR C 257 19.65 -9.10 -48.86
C THR C 257 18.61 -10.10 -48.36
N PRO C 258 17.59 -10.40 -49.16
CA PRO C 258 16.51 -11.26 -48.69
C PRO C 258 17.02 -12.63 -48.27
N ALA C 259 16.39 -13.18 -47.24
CA ALA C 259 16.84 -14.46 -46.68
C ALA C 259 16.77 -15.55 -47.73
N ASN C 260 17.84 -16.33 -47.82
CA ASN C 260 17.93 -17.43 -48.78
C ASN C 260 18.45 -18.66 -48.05
N PRO C 261 17.60 -19.65 -47.75
CA PRO C 261 18.08 -20.85 -47.05
C PRO C 261 19.13 -21.63 -47.83
N LEU C 262 19.20 -21.49 -49.15
CA LEU C 262 20.21 -22.19 -49.94
C LEU C 262 21.56 -21.48 -49.95
N ASN C 263 21.61 -20.23 -49.52
CA ASN C 263 22.84 -19.45 -49.57
C ASN C 263 23.25 -19.03 -48.16
N THR C 264 24.54 -19.17 -47.87
CA THR C 264 25.06 -18.88 -46.55
C THR C 264 25.89 -17.60 -46.59
N PRO C 265 25.69 -16.68 -45.64
CA PRO C 265 26.46 -15.44 -45.64
C PRO C 265 27.93 -15.70 -45.40
N PRO C 266 28.81 -14.80 -45.85
CA PRO C 266 30.25 -15.04 -45.67
C PRO C 266 30.65 -15.21 -44.20
N HIS C 267 30.04 -14.43 -43.31
CA HIS C 267 30.27 -14.57 -41.87
C HIS C 267 28.94 -14.50 -41.17
N ILE C 268 28.64 -15.49 -40.34
CA ILE C 268 27.38 -15.60 -39.62
C ILE C 268 27.63 -15.22 -38.17
N LYS C 269 26.88 -14.24 -37.68
CA LYS C 269 27.11 -13.70 -36.34
C LYS C 269 25.85 -13.01 -35.86
N PRO C 270 25.62 -12.97 -34.55
CA PRO C 270 24.46 -12.24 -34.02
C PRO C 270 24.74 -10.76 -33.86
N GLU C 271 23.81 -10.03 -33.26
CA GLU C 271 24.01 -8.61 -33.03
C GLU C 271 25.12 -8.39 -32.01
N TRP C 272 25.55 -7.13 -31.88
CA TRP C 272 26.74 -6.84 -31.08
C TRP C 272 26.53 -7.10 -29.60
N TYR C 273 25.29 -7.06 -29.12
CA TYR C 273 25.06 -7.26 -27.69
C TYR C 273 25.02 -8.73 -27.31
N PHE C 274 25.00 -9.64 -28.29
CA PHE C 274 25.13 -11.07 -28.03
C PHE C 274 26.49 -11.61 -28.43
N LEU C 275 27.37 -10.76 -28.94
CA LEU C 275 28.66 -11.22 -29.45
C LEU C 275 29.52 -11.82 -28.33
N PHE C 276 29.47 -11.22 -27.14
CA PHE C 276 30.25 -11.75 -26.03
C PHE C 276 29.78 -13.15 -25.65
N ALA C 277 28.47 -13.41 -25.76
CA ALA C 277 27.95 -14.74 -25.50
C ALA C 277 28.38 -15.73 -26.58
N TYR C 278 28.46 -15.27 -27.83
CA TYR C 278 28.90 -16.13 -28.92
C TYR C 278 30.34 -16.59 -28.71
N ALA C 279 31.20 -15.70 -28.22
CA ALA C 279 32.60 -16.05 -28.02
C ALA C 279 32.76 -17.16 -26.99
N ILE C 280 31.98 -17.11 -25.90
CA ILE C 280 32.07 -18.14 -24.87
C ILE C 280 31.63 -19.49 -25.43
N LEU C 281 30.52 -19.52 -26.17
CA LEU C 281 30.04 -20.78 -26.73
C LEU C 281 31.04 -21.36 -27.72
N ARG C 282 31.62 -20.51 -28.57
CA ARG C 282 32.56 -20.98 -29.58
C ARG C 282 33.90 -21.41 -29.00
N SER C 283 34.15 -21.12 -27.73
CA SER C 283 35.45 -21.44 -27.13
C SER C 283 35.60 -22.92 -26.78
N ILE C 284 34.52 -23.68 -26.81
CA ILE C 284 34.56 -25.10 -26.44
C ILE C 284 34.18 -25.93 -27.66
N PRO C 285 35.01 -26.89 -28.08
CA PRO C 285 34.64 -27.74 -29.21
C PRO C 285 33.37 -28.54 -28.98
N ASN C 286 33.10 -28.94 -27.74
CA ASN C 286 31.91 -29.71 -27.43
C ASN C 286 30.66 -28.89 -27.69
N LYS C 287 29.59 -29.57 -28.11
CA LYS C 287 28.33 -28.90 -28.38
C LYS C 287 27.52 -28.70 -27.10
N LEU C 288 27.43 -29.74 -26.27
CA LEU C 288 26.69 -29.63 -25.02
C LEU C 288 27.39 -28.67 -24.06
N GLY C 289 28.72 -28.67 -24.04
CA GLY C 289 29.44 -27.74 -23.19
C GLY C 289 29.24 -26.30 -23.61
N GLY C 290 29.18 -26.06 -24.93
CA GLY C 290 29.05 -24.69 -25.41
C GLY C 290 27.73 -24.05 -25.04
N VAL C 291 26.63 -24.79 -25.17
CA VAL C 291 25.33 -24.22 -24.85
C VAL C 291 25.20 -23.99 -23.35
N LEU C 292 25.76 -24.90 -22.54
CA LEU C 292 25.73 -24.70 -21.10
C LEU C 292 26.54 -23.47 -20.69
N ALA C 293 27.74 -23.31 -21.26
CA ALA C 293 28.53 -22.13 -20.94
C ALA C 293 27.88 -20.86 -21.45
N LEU C 294 27.16 -20.93 -22.57
CA LEU C 294 26.41 -19.77 -23.05
C LEU C 294 25.33 -19.37 -22.04
N ALA C 295 24.62 -20.34 -21.49
CA ALA C 295 23.59 -20.05 -20.51
C ALA C 295 24.18 -19.72 -19.15
N PHE C 296 25.26 -20.39 -18.76
CA PHE C 296 25.85 -20.16 -17.44
C PHE C 296 26.38 -18.73 -17.31
N SER C 297 27.02 -18.22 -18.37
CA SER C 297 27.57 -16.88 -18.32
C SER C 297 26.47 -15.84 -18.09
N ILE C 298 25.33 -16.01 -18.77
CA ILE C 298 24.21 -15.10 -18.54
C ILE C 298 23.60 -15.33 -17.17
N LEU C 299 23.48 -16.58 -16.75
CA LEU C 299 22.84 -16.93 -15.49
C LEU C 299 23.79 -16.83 -14.30
N ILE C 300 25.06 -16.49 -14.52
CA ILE C 300 26.00 -16.33 -13.41
C ILE C 300 25.67 -15.11 -12.55
N LEU C 301 24.82 -14.20 -13.04
CA LEU C 301 24.47 -13.03 -12.27
C LEU C 301 23.76 -13.42 -10.98
N ALA C 302 22.86 -14.42 -11.05
CA ALA C 302 22.16 -14.87 -9.87
C ALA C 302 23.10 -15.49 -8.84
N LEU C 303 24.27 -15.97 -9.27
CA LEU C 303 25.25 -16.54 -8.35
C LEU C 303 26.16 -15.49 -7.73
N ILE C 304 26.13 -14.26 -8.23
CA ILE C 304 27.01 -13.21 -7.68
C ILE C 304 26.69 -12.88 -6.23
N PRO C 305 25.43 -12.68 -5.82
CA PRO C 305 25.17 -12.33 -4.41
C PRO C 305 25.66 -13.37 -3.42
N LEU C 306 25.77 -14.62 -3.83
CA LEU C 306 26.27 -15.67 -2.94
C LEU C 306 27.79 -15.72 -2.90
N LEU C 307 28.49 -14.86 -3.64
CA LEU C 307 29.94 -14.86 -3.68
C LEU C 307 30.54 -13.66 -2.95
N HIS C 308 29.73 -12.84 -2.30
CA HIS C 308 30.24 -11.68 -1.59
C HIS C 308 31.10 -12.13 -0.41
N THR C 309 32.25 -11.50 -0.25
CA THR C 309 33.16 -11.86 0.84
C THR C 309 33.59 -10.64 1.65
N SER C 310 33.70 -9.49 0.99
CA SER C 310 34.23 -8.30 1.64
C SER C 310 33.28 -7.80 2.73
N LYS C 311 33.85 -7.31 3.83
CA LYS C 311 33.04 -6.73 4.88
C LYS C 311 32.42 -5.40 4.46
N GLN C 312 33.06 -4.71 3.51
CA GLN C 312 32.42 -3.58 2.86
C GLN C 312 31.49 -4.07 1.77
N ARG C 313 30.74 -3.14 1.19
CA ARG C 313 29.69 -3.52 0.24
C ARG C 313 29.91 -2.94 -1.15
N SER C 314 30.24 -1.66 -1.26
CA SER C 314 30.56 -1.06 -2.53
C SER C 314 32.05 -1.12 -2.78
N MET C 315 32.43 -1.17 -4.06
CA MET C 315 33.84 -1.23 -4.44
C MET C 315 34.54 0.10 -4.32
N MET C 316 33.92 1.10 -3.72
CA MET C 316 34.53 2.42 -3.61
C MET C 316 35.82 2.37 -2.80
N PHE C 317 35.82 1.65 -1.68
CA PHE C 317 36.98 1.54 -0.81
C PHE C 317 37.64 0.17 -0.91
N ARG C 318 37.60 -0.44 -2.09
CA ARG C 318 38.18 -1.77 -2.31
C ARG C 318 39.10 -1.69 -3.52
N PRO C 319 40.28 -1.10 -3.38
CA PRO C 319 41.16 -0.93 -4.55
C PRO C 319 41.56 -2.23 -5.21
N LEU C 320 41.73 -3.30 -4.43
CA LEU C 320 42.09 -4.58 -5.03
C LEU C 320 40.96 -5.11 -5.92
N SER C 321 39.72 -4.95 -5.47
CA SER C 321 38.58 -5.41 -6.28
C SER C 321 38.33 -4.48 -7.47
N GLN C 322 38.71 -3.21 -7.35
CA GLN C 322 38.53 -2.27 -8.47
C GLN C 322 39.38 -2.70 -9.66
N CYS C 323 40.61 -3.13 -9.41
CA CYS C 323 41.46 -3.58 -10.51
C CYS C 323 40.86 -4.80 -11.19
N LEU C 324 40.26 -5.70 -10.42
CA LEU C 324 39.62 -6.87 -11.01
C LEU C 324 38.36 -6.50 -11.77
N PHE C 325 37.61 -5.51 -11.29
CA PHE C 325 36.37 -5.15 -11.95
C PHE C 325 36.60 -4.64 -13.36
N TRP C 326 37.59 -3.76 -13.52
CA TRP C 326 37.90 -3.24 -14.85
C TRP C 326 38.64 -4.27 -15.70
N ALA C 327 39.27 -5.26 -15.08
CA ALA C 327 39.77 -6.40 -15.84
C ALA C 327 38.62 -7.22 -16.42
N LEU C 328 37.55 -7.38 -15.64
CA LEU C 328 36.37 -8.08 -16.15
C LEU C 328 35.69 -7.29 -17.26
N VAL C 329 35.59 -5.97 -17.10
CA VAL C 329 35.00 -5.14 -18.14
C VAL C 329 35.84 -5.19 -19.41
N ALA C 330 37.16 -5.10 -19.27
CA ALA C 330 38.03 -5.21 -20.43
C ALA C 330 37.91 -6.59 -21.08
N ASP C 331 37.84 -7.64 -20.26
CA ASP C 331 37.68 -8.99 -20.81
C ASP C 331 36.34 -9.13 -21.51
N LEU C 332 35.28 -8.55 -20.93
CA LEU C 332 33.98 -8.57 -21.61
C LEU C 332 34.04 -7.83 -22.94
N LEU C 333 34.90 -6.82 -23.04
CA LEU C 333 35.11 -6.17 -24.34
C LEU C 333 35.94 -7.03 -25.27
N THR C 334 36.89 -7.80 -24.73
CA THR C 334 37.63 -8.75 -25.56
C THR C 334 36.71 -9.82 -26.11
N LEU C 335 35.77 -10.29 -25.30
CA LEU C 335 34.80 -11.27 -25.77
C LEU C 335 33.93 -10.71 -26.89
N THR C 336 33.55 -9.43 -26.78
CA THR C 336 32.80 -8.79 -27.86
C THR C 336 33.63 -8.69 -29.13
N TRP C 337 34.91 -8.35 -28.99
CA TRP C 337 35.78 -8.27 -30.15
C TRP C 337 35.97 -9.64 -30.79
N ILE C 338 36.12 -10.68 -29.97
CA ILE C 338 36.35 -12.02 -30.50
C ILE C 338 35.12 -12.52 -31.23
N GLY C 339 33.93 -12.23 -30.70
CA GLY C 339 32.70 -12.75 -31.29
C GLY C 339 32.47 -12.29 -32.71
N GLY C 340 32.87 -11.07 -33.03
CA GLY C 340 32.68 -10.54 -34.37
C GLY C 340 33.72 -10.98 -35.38
N GLN C 341 34.68 -11.80 -34.98
CA GLN C 341 35.76 -12.23 -35.85
C GLN C 341 35.62 -13.71 -36.18
N PRO C 342 36.08 -14.14 -37.35
CA PRO C 342 35.98 -15.55 -37.72
C PRO C 342 36.87 -16.42 -36.85
N VAL C 343 36.51 -17.70 -36.77
CA VAL C 343 37.22 -18.66 -35.94
C VAL C 343 38.48 -19.13 -36.66
N GLU C 344 39.62 -18.50 -36.36
CA GLU C 344 40.90 -18.88 -36.96
C GLU C 344 41.94 -19.05 -35.87
N HIS C 345 43.22 -19.22 -36.23
CA HIS C 345 44.17 -19.56 -35.17
C HIS C 345 44.50 -18.41 -34.21
N PRO C 346 44.47 -17.11 -34.60
CA PRO C 346 44.78 -16.09 -33.60
C PRO C 346 43.66 -15.87 -32.61
N TYR C 347 42.44 -16.28 -32.93
CA TYR C 347 41.27 -15.99 -32.11
C TYR C 347 40.81 -17.18 -31.29
N ILE C 348 41.13 -18.41 -31.70
CA ILE C 348 40.82 -19.57 -30.86
C ILE C 348 41.59 -19.51 -29.55
N THR C 349 42.87 -19.15 -29.61
CA THR C 349 43.66 -19.01 -28.39
C THR C 349 43.16 -17.83 -27.57
N ILE C 350 42.92 -16.70 -28.20
CA ILE C 350 42.44 -15.52 -27.48
C ILE C 350 41.03 -15.76 -26.95
N GLY C 351 40.18 -16.41 -27.75
CA GLY C 351 38.81 -16.65 -27.32
C GLY C 351 38.73 -17.58 -26.12
N GLN C 352 39.50 -18.66 -26.14
CA GLN C 352 39.50 -19.59 -25.02
C GLN C 352 40.07 -18.94 -23.76
N LEU C 353 41.15 -18.17 -23.90
CA LEU C 353 41.76 -17.52 -22.74
C LEU C 353 40.83 -16.46 -22.15
N ALA C 354 40.17 -15.68 -23.00
CA ALA C 354 39.25 -14.67 -22.50
C ALA C 354 38.06 -15.31 -21.79
N SER C 355 37.51 -16.39 -22.36
CA SER C 355 36.38 -17.05 -21.74
C SER C 355 36.76 -17.71 -20.42
N VAL C 356 37.92 -18.38 -20.38
CA VAL C 356 38.34 -19.01 -19.14
C VAL C 356 38.65 -17.97 -18.08
N LEU C 357 39.04 -16.77 -18.49
CA LEU C 357 39.27 -15.70 -17.54
C LEU C 357 37.96 -15.08 -17.06
N TYR C 358 36.94 -15.06 -17.92
CA TYR C 358 35.66 -14.46 -17.54
C TYR C 358 35.06 -15.17 -16.34
N PHE C 359 35.06 -16.51 -16.36
CA PHE C 359 34.54 -17.27 -15.23
C PHE C 359 35.53 -17.31 -14.08
N LEU C 360 36.83 -17.33 -14.37
CA LEU C 360 37.82 -17.40 -13.29
C LEU C 360 37.79 -16.15 -12.43
N LEU C 361 37.61 -14.98 -13.04
CA LEU C 361 37.62 -13.73 -12.28
C LEU C 361 36.47 -13.70 -11.27
N ILE C 362 35.25 -13.92 -11.73
CA ILE C 362 34.09 -13.78 -10.85
C ILE C 362 34.03 -14.92 -9.84
N LEU C 363 34.35 -16.14 -10.27
CA LEU C 363 34.19 -17.29 -9.37
C LEU C 363 35.32 -17.40 -8.36
N VAL C 364 36.54 -17.02 -8.73
CA VAL C 364 37.69 -17.28 -7.87
C VAL C 364 38.37 -15.98 -7.45
N LEU C 365 38.78 -15.16 -8.42
CA LEU C 365 39.62 -14.01 -8.11
C LEU C 365 38.85 -12.98 -7.30
N MET C 366 37.63 -12.66 -7.69
CA MET C 366 36.85 -11.66 -6.95
C MET C 366 36.54 -12.08 -5.52
N PRO C 367 36.04 -13.30 -5.24
CA PRO C 367 35.88 -13.70 -3.84
C PRO C 367 37.18 -13.75 -3.08
N THR C 368 38.28 -14.14 -3.72
CA THR C 368 39.58 -14.10 -3.06
C THR C 368 40.05 -12.67 -2.83
N ALA C 369 39.66 -11.75 -3.73
CA ALA C 369 40.02 -10.35 -3.53
C ALA C 369 39.38 -9.79 -2.27
N GLY C 370 38.12 -10.11 -2.03
CA GLY C 370 37.46 -9.62 -0.82
C GLY C 370 38.04 -10.20 0.45
N THR C 371 38.42 -11.48 0.41
CA THR C 371 39.04 -12.09 1.57
C THR C 371 40.39 -11.47 1.90
N ILE C 372 41.19 -11.15 0.87
CA ILE C 372 42.51 -10.59 1.10
C ILE C 372 42.42 -9.24 1.79
N GLU C 373 41.51 -8.37 1.33
CA GLU C 373 41.38 -7.06 1.95
C GLU C 373 40.85 -7.14 3.37
N ASN C 374 40.05 -8.16 3.67
CA ASN C 374 39.56 -8.32 5.03
C ASN C 374 40.71 -8.50 6.01
N LYS C 375 41.74 -9.23 5.59
CA LYS C 375 42.94 -9.34 6.42
C LYS C 375 43.67 -8.01 6.52
N LEU C 376 43.64 -7.20 5.46
CA LEU C 376 44.37 -5.94 5.45
C LEU C 376 43.69 -4.86 6.29
N LEU C 377 42.44 -5.06 6.67
CA LEU C 377 41.71 -4.10 7.49
C LEU C 377 41.46 -4.60 8.90
N LYS C 378 42.18 -5.65 9.31
CA LYS C 378 42.08 -6.20 10.67
C LYS C 378 40.68 -6.70 11.00
N TRP C 379 39.93 -7.14 10.00
CA TRP C 379 38.61 -7.68 10.25
C TRP C 379 38.22 -8.75 9.23
N SER D 1 41.48 -17.56 -56.26
CA SER D 1 42.43 -16.84 -55.40
C SER D 1 42.00 -16.86 -53.94
N ASP D 2 40.74 -16.52 -53.67
CA ASP D 2 40.18 -16.53 -52.31
C ASP D 2 40.98 -15.62 -51.37
N LEU D 3 40.96 -14.33 -51.68
CA LEU D 3 41.61 -13.33 -50.84
C LEU D 3 40.83 -12.03 -50.92
N GLU D 4 40.98 -11.20 -49.89
CA GLU D 4 40.21 -9.97 -49.75
C GLU D 4 41.11 -8.76 -49.94
N LEU D 5 40.56 -7.73 -50.60
CA LEU D 5 41.25 -6.46 -50.80
C LEU D 5 40.38 -5.34 -50.27
N HIS D 6 40.97 -4.47 -49.46
CA HIS D 6 40.22 -3.38 -48.84
C HIS D 6 39.93 -2.30 -49.87
N PRO D 7 38.67 -1.96 -50.13
CA PRO D 7 38.35 -0.89 -51.07
C PRO D 7 38.90 0.44 -50.58
N PRO D 8 39.39 1.28 -51.48
CA PRO D 8 39.84 2.62 -51.08
C PRO D 8 38.66 3.49 -50.69
N SER D 9 38.94 4.48 -49.84
CA SER D 9 37.90 5.42 -49.38
C SER D 9 37.85 6.59 -50.34
N TYR D 10 37.10 6.42 -51.41
CA TYR D 10 36.95 7.47 -52.41
C TYR D 10 36.19 8.65 -51.81
N PRO D 11 36.67 9.88 -51.96
CA PRO D 11 35.88 11.03 -51.53
C PRO D 11 34.60 11.13 -52.34
N TRP D 12 33.52 11.54 -51.68
CA TRP D 12 32.22 11.68 -52.31
C TRP D 12 31.66 13.06 -52.01
N SER D 13 30.71 13.48 -52.85
CA SER D 13 29.98 14.70 -52.57
C SER D 13 29.03 14.56 -51.39
N HIS D 14 28.84 13.33 -50.88
CA HIS D 14 27.93 13.07 -49.78
C HIS D 14 28.61 12.28 -48.66
N ARG D 15 29.93 12.43 -48.53
CA ARG D 15 30.66 11.72 -47.49
C ARG D 15 30.65 12.43 -46.14
N GLY D 16 30.27 13.71 -46.11
CA GLY D 16 30.27 14.44 -44.87
C GLY D 16 29.07 14.11 -43.99
N LEU D 17 29.13 14.59 -42.75
CA LEU D 17 28.02 14.37 -41.83
C LEU D 17 26.78 15.14 -42.25
N LEU D 18 26.95 16.28 -42.94
CA LEU D 18 25.84 17.08 -43.40
C LEU D 18 25.77 17.20 -44.92
N SER D 19 26.75 16.66 -45.63
CA SER D 19 26.73 16.73 -47.10
C SER D 19 25.59 15.90 -47.65
N SER D 20 24.97 16.39 -48.71
CA SER D 20 23.84 15.74 -49.34
C SER D 20 24.24 15.15 -50.69
N LEU D 21 23.33 14.39 -51.27
CA LEU D 21 23.57 13.78 -52.57
C LEU D 21 23.56 14.83 -53.67
N ASP D 22 24.38 14.60 -54.69
CA ASP D 22 24.44 15.47 -55.86
C ASP D 22 23.37 14.99 -56.84
N HIS D 23 22.24 15.69 -56.89
CA HIS D 23 21.13 15.22 -57.70
C HIS D 23 21.40 15.33 -59.19
N THR D 24 22.37 16.15 -59.61
CA THR D 24 22.80 16.12 -61.00
C THR D 24 23.43 14.78 -61.35
N SER D 25 24.22 14.23 -60.42
CA SER D 25 24.82 12.91 -60.65
C SER D 25 23.78 11.81 -60.62
N ILE D 26 22.73 11.97 -59.81
CA ILE D 26 21.67 10.96 -59.77
C ILE D 26 20.99 10.85 -61.13
N ARG D 27 20.69 11.98 -61.76
CA ARG D 27 20.06 11.97 -63.08
C ARG D 27 20.95 11.26 -64.09
N ARG D 28 22.26 11.53 -64.06
CA ARG D 28 23.18 10.80 -64.91
C ARG D 28 23.35 9.37 -64.45
N GLY D 29 23.25 9.13 -63.15
CA GLY D 29 23.39 7.78 -62.64
C GLY D 29 22.28 6.86 -63.09
N PHE D 30 21.06 7.39 -63.22
CA PHE D 30 19.96 6.59 -63.72
C PHE D 30 20.17 6.21 -65.18
N GLN D 31 20.73 7.14 -65.97
CA GLN D 31 20.99 6.85 -67.38
C GLN D 31 21.88 5.63 -67.54
N VAL D 32 22.79 5.42 -66.59
CA VAL D 32 23.59 4.19 -66.60
C VAL D 32 22.70 2.99 -66.33
N TYR D 33 21.76 3.11 -65.40
CA TYR D 33 20.91 1.98 -65.07
C TYR D 33 19.98 1.62 -66.22
N LYS D 34 19.28 2.61 -66.78
CA LYS D 34 18.31 2.31 -67.83
C LYS D 34 18.95 1.84 -69.12
N GLN D 35 20.27 1.96 -69.26
CA GLN D 35 20.95 1.55 -70.48
C GLN D 35 21.91 0.38 -70.28
N VAL D 36 22.53 0.25 -69.10
CA VAL D 36 23.55 -0.78 -68.89
C VAL D 36 23.10 -1.77 -67.83
N CYS D 37 22.73 -1.29 -66.65
CA CYS D 37 22.34 -2.19 -65.57
C CYS D 37 21.06 -2.94 -65.90
N SER D 38 20.06 -2.25 -66.46
CA SER D 38 18.75 -2.84 -66.66
C SER D 38 18.76 -3.99 -67.65
N SER D 39 19.84 -4.16 -68.42
CA SER D 39 19.91 -5.26 -69.36
C SER D 39 19.85 -6.61 -68.64
N CYS D 40 20.60 -6.74 -67.54
CA CYS D 40 20.60 -7.99 -66.80
C CYS D 40 20.62 -7.82 -65.29
N HIS D 41 20.36 -6.62 -64.77
CA HIS D 41 20.31 -6.39 -63.34
C HIS D 41 18.95 -5.80 -62.97
N SER D 42 18.37 -6.30 -61.89
CA SER D 42 17.03 -5.91 -61.48
C SER D 42 17.08 -4.85 -60.40
N MET D 43 16.03 -4.03 -60.33
CA MET D 43 15.81 -3.06 -59.26
C MET D 43 14.31 -3.03 -59.01
N ASP D 44 13.83 -3.87 -58.09
CA ASP D 44 12.41 -4.11 -57.91
C ASP D 44 11.82 -3.37 -56.71
N TYR D 45 12.56 -2.42 -56.13
CA TYR D 45 12.05 -1.65 -55.01
C TYR D 45 11.97 -0.16 -55.31
N VAL D 46 12.46 0.28 -56.47
CA VAL D 46 12.39 1.67 -56.87
C VAL D 46 11.38 1.79 -58.01
N ALA D 47 10.47 2.75 -57.89
CA ALA D 47 9.45 2.98 -58.90
C ALA D 47 9.85 4.13 -59.81
N TYR D 48 9.13 4.26 -60.92
CA TYR D 48 9.32 5.41 -61.79
C TYR D 48 8.84 6.70 -61.16
N ARG D 49 7.95 6.61 -60.16
CA ARG D 49 7.49 7.78 -59.44
C ARG D 49 8.49 8.27 -58.40
N HIS D 50 9.45 7.42 -57.99
CA HIS D 50 10.42 7.84 -57.00
C HIS D 50 11.39 8.88 -57.57
N LEU D 51 11.67 8.82 -58.87
CA LEU D 51 12.57 9.77 -59.51
C LEU D 51 11.98 11.18 -59.58
N VAL D 52 10.69 11.35 -59.31
CA VAL D 52 10.09 12.68 -59.34
C VAL D 52 10.56 13.48 -58.14
N GLY D 53 11.10 14.67 -58.39
CA GLY D 53 11.64 15.49 -57.33
C GLY D 53 13.03 15.12 -56.86
N VAL D 54 13.67 14.14 -57.49
CA VAL D 54 15.01 13.73 -57.10
C VAL D 54 15.97 13.98 -58.27
N CYS D 55 15.67 13.40 -59.43
CA CYS D 55 16.49 13.56 -60.61
C CYS D 55 15.70 13.86 -61.87
N TYR D 56 14.39 13.66 -61.87
CA TYR D 56 13.56 13.93 -63.04
C TYR D 56 12.29 14.64 -62.58
N THR D 57 11.70 15.41 -63.50
CA THR D 57 10.43 16.06 -63.22
C THR D 57 9.28 15.07 -63.41
N GLU D 58 8.08 15.51 -63.05
CA GLU D 58 6.91 14.65 -63.18
C GLU D 58 6.65 14.29 -64.64
N ASP D 59 6.76 15.27 -65.54
CA ASP D 59 6.58 14.99 -66.96
C ASP D 59 7.73 14.16 -67.50
N GLU D 60 8.95 14.41 -67.04
CA GLU D 60 10.09 13.62 -67.46
C GLU D 60 9.95 12.16 -67.06
N ALA D 61 9.54 11.92 -65.80
CA ALA D 61 9.43 10.56 -65.32
C ALA D 61 8.26 9.82 -65.95
N LYS D 62 7.17 10.53 -66.23
CA LYS D 62 6.04 9.90 -66.91
C LYS D 62 6.43 9.44 -68.31
N ALA D 63 7.23 10.24 -69.01
CA ALA D 63 7.73 9.82 -70.32
C ALA D 63 8.65 8.62 -70.19
N LEU D 64 9.50 8.60 -69.16
CA LEU D 64 10.37 7.43 -68.95
C LEU D 64 9.54 6.18 -68.66
N ALA D 65 8.50 6.31 -67.85
CA ALA D 65 7.68 5.15 -67.52
C ALA D 65 6.93 4.63 -68.73
N GLU D 66 6.34 5.53 -69.51
CA GLU D 66 5.60 5.12 -70.69
C GLU D 66 6.50 4.58 -71.79
N GLU D 67 7.82 4.74 -71.67
CA GLU D 67 8.75 4.22 -72.66
C GLU D 67 8.84 2.70 -72.62
N VAL D 68 8.39 2.07 -71.54
CA VAL D 68 8.52 0.63 -71.36
C VAL D 68 7.14 0.04 -71.15
N GLU D 69 6.85 -1.04 -71.87
CA GLU D 69 5.58 -1.73 -71.73
C GLU D 69 5.62 -2.71 -70.56
N VAL D 70 4.49 -2.82 -69.85
CA VAL D 70 4.37 -3.72 -68.71
C VAL D 70 3.01 -4.40 -68.77
N GLN D 71 2.81 -5.38 -67.88
CA GLN D 71 1.58 -6.13 -67.78
C GLN D 71 0.57 -5.39 -66.89
N ASP D 72 -0.71 -5.54 -67.21
CA ASP D 72 -1.78 -4.86 -66.48
C ASP D 72 -2.87 -5.84 -66.07
N GLY D 73 -2.47 -6.98 -65.54
CA GLY D 73 -3.39 -7.90 -64.92
C GLY D 73 -4.36 -8.52 -65.90
N PRO D 74 -5.46 -9.05 -65.40
CA PRO D 74 -6.40 -9.77 -66.25
C PRO D 74 -7.29 -8.82 -67.05
N ASN D 75 -7.45 -9.16 -68.33
CA ASN D 75 -8.37 -8.42 -69.21
C ASN D 75 -9.81 -8.81 -68.87
N GLU D 76 -10.76 -8.19 -69.58
CA GLU D 76 -12.15 -8.56 -69.41
C GLU D 76 -12.40 -10.02 -69.77
N ASP D 77 -11.59 -10.57 -70.65
CA ASP D 77 -11.67 -11.98 -71.02
C ASP D 77 -10.71 -12.85 -70.23
N GLY D 78 -10.13 -12.33 -69.16
CA GLY D 78 -9.22 -13.09 -68.33
C GLY D 78 -7.91 -13.46 -69.00
N GLU D 79 -7.29 -12.52 -69.70
CA GLU D 79 -6.02 -12.76 -70.38
C GLU D 79 -5.07 -11.60 -70.11
N MET D 80 -3.78 -11.87 -70.21
CA MET D 80 -2.76 -10.85 -70.01
C MET D 80 -2.72 -9.94 -71.22
N PHE D 81 -2.29 -8.69 -71.00
CA PHE D 81 -2.14 -7.77 -72.12
C PHE D 81 -1.12 -6.69 -71.76
N MET D 82 -0.29 -6.34 -72.73
CA MET D 82 0.73 -5.32 -72.57
C MET D 82 0.12 -3.92 -72.57
N ARG D 83 0.83 -2.99 -71.96
CA ARG D 83 0.41 -1.60 -71.91
C ARG D 83 1.61 -0.73 -71.53
N PRO D 84 1.63 0.53 -71.95
CA PRO D 84 2.71 1.42 -71.51
C PRO D 84 2.68 1.62 -70.01
N GLY D 85 3.87 1.70 -69.42
CA GLY D 85 3.97 1.82 -67.98
C GLY D 85 3.51 3.18 -67.47
N LYS D 86 3.32 3.24 -66.16
CA LYS D 86 2.90 4.45 -65.47
C LYS D 86 3.93 4.80 -64.40
N LEU D 87 3.69 5.93 -63.72
CA LEU D 87 4.60 6.36 -62.67
C LEU D 87 4.66 5.35 -61.53
N SER D 88 3.52 4.76 -61.18
CA SER D 88 3.46 3.82 -60.07
C SER D 88 4.17 2.51 -60.36
N ASP D 89 4.54 2.24 -61.60
CA ASP D 89 5.17 0.98 -61.94
C ASP D 89 6.62 0.95 -61.47
N TYR D 90 7.04 -0.21 -60.95
CA TYR D 90 8.42 -0.41 -60.55
C TYR D 90 9.30 -0.61 -61.78
N PHE D 91 10.60 -0.58 -61.58
CA PHE D 91 11.53 -0.77 -62.69
C PHE D 91 11.35 -2.16 -63.28
N PRO D 92 11.41 -2.30 -64.61
CA PRO D 92 11.14 -3.60 -65.24
C PRO D 92 12.13 -4.66 -64.78
N LYS D 93 11.63 -5.88 -64.63
CA LYS D 93 12.47 -7.01 -64.26
C LYS D 93 13.03 -7.66 -65.52
N PRO D 94 14.34 -7.73 -65.69
CA PRO D 94 14.89 -8.33 -66.91
C PRO D 94 14.44 -9.77 -67.14
N TYR D 95 14.27 -10.55 -66.09
CA TYR D 95 13.87 -11.94 -66.20
C TYR D 95 12.70 -12.21 -65.25
N PRO D 96 11.84 -13.16 -65.59
CA PRO D 96 10.70 -13.45 -64.71
C PRO D 96 11.10 -14.12 -63.40
N ASN D 97 11.98 -15.11 -63.45
CA ASN D 97 12.38 -15.86 -62.27
C ASN D 97 13.90 -15.95 -62.21
N PRO D 98 14.46 -16.17 -61.01
CA PRO D 98 15.92 -16.31 -60.92
C PRO D 98 16.48 -17.46 -61.73
N GLU D 99 15.68 -18.50 -61.98
CA GLU D 99 16.15 -19.61 -62.80
C GLU D 99 16.44 -19.15 -64.21
N ALA D 100 15.59 -18.29 -64.77
CA ALA D 100 15.88 -17.70 -66.08
C ALA D 100 17.14 -16.86 -66.03
N ALA D 101 17.33 -16.12 -64.95
CA ALA D 101 18.54 -15.29 -64.81
C ALA D 101 19.79 -16.15 -64.81
N ARG D 102 19.78 -17.26 -64.06
CA ARG D 102 20.93 -18.15 -64.07
C ARG D 102 21.14 -18.80 -65.43
N ALA D 103 20.05 -18.94 -66.21
CA ALA D 103 20.19 -19.47 -67.56
C ALA D 103 20.75 -18.44 -68.52
N ALA D 104 20.35 -17.17 -68.36
CA ALA D 104 20.85 -16.12 -69.23
C ALA D 104 22.36 -15.95 -69.09
N ASN D 105 22.86 -15.97 -67.86
CA ASN D 105 24.28 -15.87 -67.59
C ASN D 105 24.87 -17.27 -67.41
N ASN D 106 26.13 -17.33 -67.03
CA ASN D 106 26.80 -18.61 -66.81
C ASN D 106 26.55 -19.14 -65.40
N GLY D 107 25.27 -19.22 -65.04
CA GLY D 107 24.86 -19.69 -63.74
C GLY D 107 24.79 -18.62 -62.68
N ALA D 108 25.62 -17.59 -62.77
CA ALA D 108 25.63 -16.53 -61.78
C ALA D 108 24.31 -15.76 -61.80
N LEU D 109 23.80 -15.43 -60.62
CA LEU D 109 22.54 -14.70 -60.50
C LEU D 109 22.82 -13.25 -60.16
N PRO D 110 22.49 -12.31 -61.04
CA PRO D 110 22.74 -10.90 -60.75
C PRO D 110 21.93 -10.44 -59.54
N PRO D 111 22.61 -9.95 -58.50
CA PRO D 111 21.88 -9.49 -57.31
C PRO D 111 21.06 -8.25 -57.61
N ASP D 112 19.99 -8.09 -56.82
CA ASP D 112 19.16 -6.91 -56.92
C ASP D 112 19.97 -5.67 -56.57
N LEU D 113 19.86 -4.64 -57.40
CA LEU D 113 20.64 -3.42 -57.22
C LEU D 113 19.94 -2.39 -56.33
N SER D 114 18.77 -2.71 -55.79
CA SER D 114 18.05 -1.75 -54.96
C SER D 114 18.81 -1.44 -53.67
N TYR D 115 19.38 -2.46 -53.03
CA TYR D 115 20.09 -2.29 -51.77
C TYR D 115 21.56 -2.67 -51.87
N ILE D 116 22.10 -2.83 -53.08
CA ILE D 116 23.44 -3.38 -53.23
C ILE D 116 24.49 -2.46 -52.64
N VAL D 117 24.19 -1.17 -52.48
CA VAL D 117 25.13 -0.28 -51.81
C VAL D 117 25.20 -0.59 -50.32
N ARG D 118 24.04 -0.79 -49.69
CA ARG D 118 23.97 -1.04 -48.26
C ARG D 118 24.06 -2.52 -47.91
N ALA D 119 24.03 -3.41 -48.90
CA ALA D 119 24.13 -4.85 -48.67
C ALA D 119 25.51 -5.40 -48.94
N ARG D 120 26.50 -4.53 -49.12
CA ARG D 120 27.88 -4.94 -49.35
C ARG D 120 28.80 -4.18 -48.41
N HIS D 121 29.86 -4.83 -47.96
CA HIS D 121 30.84 -4.17 -47.12
C HIS D 121 31.60 -3.13 -47.94
N GLY D 122 31.71 -1.92 -47.42
CA GLY D 122 32.37 -0.83 -48.07
C GLY D 122 31.46 0.15 -48.76
N GLY D 123 30.21 -0.22 -49.02
CA GLY D 123 29.27 0.70 -49.62
C GLY D 123 29.64 1.03 -51.06
N GLU D 124 29.42 2.29 -51.45
CA GLU D 124 29.70 2.71 -52.80
C GLU D 124 31.19 2.66 -53.12
N ASP D 125 32.05 2.74 -52.10
CA ASP D 125 33.49 2.66 -52.35
C ASP D 125 33.87 1.31 -52.94
N TYR D 126 33.31 0.22 -52.40
CA TYR D 126 33.59 -1.09 -52.96
C TYR D 126 33.01 -1.24 -54.35
N VAL D 127 31.79 -0.75 -54.57
CA VAL D 127 31.16 -0.88 -55.89
C VAL D 127 31.93 -0.11 -56.94
N PHE D 128 32.33 1.13 -56.62
CA PHE D 128 33.13 1.91 -57.55
C PHE D 128 34.45 1.22 -57.85
N SER D 129 35.11 0.69 -56.82
CA SER D 129 36.35 -0.02 -57.04
C SER D 129 36.12 -1.33 -57.79
N LEU D 130 34.98 -1.98 -57.55
CA LEU D 130 34.68 -3.22 -58.27
C LEU D 130 34.47 -2.97 -59.75
N LEU D 131 33.72 -1.91 -60.10
CA LEU D 131 33.44 -1.63 -61.50
C LEU D 131 34.71 -1.25 -62.26
N THR D 132 35.60 -0.48 -61.64
CA THR D 132 36.80 0.00 -62.30
C THR D 132 38.04 -0.82 -61.96
N GLY D 133 37.92 -1.86 -61.14
CA GLY D 133 39.07 -2.62 -60.70
C GLY D 133 39.47 -3.77 -61.59
N TYR D 134 38.86 -3.92 -62.76
CA TYR D 134 39.16 -5.04 -63.63
C TYR D 134 40.58 -4.95 -64.15
N CYS D 135 41.27 -6.09 -64.17
CA CYS D 135 42.65 -6.14 -64.63
C CYS D 135 42.96 -7.55 -65.11
N GLU D 136 44.05 -7.66 -65.85
CA GLU D 136 44.48 -8.96 -66.35
C GLU D 136 44.84 -9.87 -65.18
N PRO D 137 44.40 -11.14 -65.20
CA PRO D 137 44.74 -12.06 -64.12
C PRO D 137 46.25 -12.23 -63.99
N PRO D 138 46.75 -12.34 -62.76
CA PRO D 138 48.19 -12.53 -62.58
C PRO D 138 48.64 -13.91 -63.01
N THR D 139 49.94 -14.03 -63.28
CA THR D 139 50.49 -15.30 -63.70
C THR D 139 50.30 -16.36 -62.62
N GLY D 140 49.83 -17.53 -63.03
CA GLY D 140 49.54 -18.60 -62.11
C GLY D 140 48.07 -18.77 -61.78
N VAL D 141 47.18 -17.99 -62.38
CA VAL D 141 45.75 -18.07 -62.14
C VAL D 141 45.07 -18.47 -63.44
N SER D 142 44.26 -19.52 -63.39
CA SER D 142 43.48 -19.99 -64.53
C SER D 142 42.01 -19.81 -64.23
N LEU D 143 41.28 -19.16 -65.14
CA LEU D 143 39.88 -18.86 -64.97
C LEU D 143 39.05 -19.66 -65.97
N ARG D 144 37.99 -20.29 -65.49
CA ARG D 144 37.09 -21.02 -66.37
C ARG D 144 36.34 -20.05 -67.29
N GLU D 145 35.68 -20.61 -68.29
CA GLU D 145 34.91 -19.79 -69.22
C GLU D 145 33.77 -19.09 -68.48
N GLY D 146 33.48 -17.86 -68.91
CA GLY D 146 32.45 -17.08 -68.26
C GLY D 146 32.86 -16.49 -66.94
N LEU D 147 34.14 -16.55 -66.57
CA LEU D 147 34.65 -16.00 -65.34
C LEU D 147 35.73 -14.98 -65.64
N TYR D 148 35.68 -13.86 -64.92
CA TYR D 148 36.63 -12.76 -65.12
C TYR D 148 37.26 -12.40 -63.79
N PHE D 149 38.49 -11.89 -63.85
CA PHE D 149 39.27 -11.59 -62.66
C PHE D 149 38.97 -10.17 -62.19
N ASN D 150 38.51 -10.05 -60.94
CA ASN D 150 38.31 -8.75 -60.31
C ASN D 150 38.78 -8.82 -58.86
N PRO D 151 39.89 -8.17 -58.53
CA PRO D 151 40.44 -8.31 -57.17
C PRO D 151 39.50 -7.83 -56.08
N TYR D 152 38.70 -6.81 -56.33
CA TYR D 152 37.78 -6.31 -55.30
C TYR D 152 36.63 -7.28 -55.05
N PHE D 153 36.36 -8.18 -55.97
CA PHE D 153 35.33 -9.18 -55.74
C PHE D 153 35.87 -10.27 -54.82
N PRO D 154 35.14 -10.63 -53.76
CA PRO D 154 35.60 -11.73 -52.89
C PRO D 154 35.75 -13.02 -53.68
N GLY D 155 36.96 -13.56 -53.68
CA GLY D 155 37.31 -14.71 -54.46
C GLY D 155 38.08 -14.41 -55.73
N GLN D 156 38.08 -13.15 -56.17
CA GLN D 156 38.83 -12.63 -57.31
C GLN D 156 38.38 -13.21 -58.64
N ALA D 157 37.39 -14.09 -58.67
CA ALA D 157 36.82 -14.60 -59.91
C ALA D 157 35.34 -14.29 -59.91
N ILE D 158 34.92 -13.39 -60.80
CA ILE D 158 33.55 -12.91 -60.84
C ILE D 158 32.96 -13.25 -62.20
N GLY D 159 31.68 -13.65 -62.20
CA GLY D 159 30.98 -13.93 -63.43
C GLY D 159 30.39 -12.67 -64.05
N MET D 160 31.26 -11.72 -64.37
CA MET D 160 30.86 -10.41 -64.87
C MET D 160 31.78 -9.97 -65.98
N ALA D 161 31.26 -9.85 -67.20
CA ALA D 161 31.99 -9.12 -68.22
C ALA D 161 32.04 -7.65 -67.81
N PRO D 162 33.13 -6.95 -68.10
CA PRO D 162 33.23 -5.52 -67.73
C PRO D 162 32.06 -4.74 -68.28
N PRO D 163 31.20 -4.20 -67.42
CA PRO D 163 29.95 -3.59 -67.89
C PRO D 163 30.09 -2.13 -68.29
N ILE D 164 31.15 -1.47 -67.82
CA ILE D 164 31.36 -0.05 -68.07
C ILE D 164 32.67 0.11 -68.83
N TYR D 165 32.62 0.86 -69.93
CA TYR D 165 33.82 1.26 -70.64
C TYR D 165 33.63 2.69 -71.11
N ASN D 166 34.69 3.25 -71.68
CA ASN D 166 34.61 4.64 -72.16
C ASN D 166 33.59 4.76 -73.28
N GLU D 167 32.74 5.77 -73.18
CA GLU D 167 31.72 6.06 -74.18
C GLU D 167 30.79 4.87 -74.40
N VAL D 168 30.49 4.14 -73.32
CA VAL D 168 29.51 3.07 -73.41
C VAL D 168 28.11 3.63 -73.63
N LEU D 169 27.80 4.75 -72.98
CA LEU D 169 26.54 5.44 -73.25
C LEU D 169 26.82 6.90 -73.58
N GLU D 170 25.77 7.70 -73.66
CA GLU D 170 25.88 9.14 -73.89
C GLU D 170 25.02 9.86 -72.87
N PHE D 171 25.62 10.81 -72.16
CA PHE D 171 24.90 11.54 -71.13
C PHE D 171 24.12 12.69 -71.74
N ASP D 172 22.96 12.99 -71.14
CA ASP D 172 22.08 14.02 -71.67
C ASP D 172 22.73 15.40 -71.62
N ASP D 173 23.39 15.72 -70.51
CA ASP D 173 23.96 17.06 -70.35
C ASP D 173 25.27 17.25 -71.11
N GLY D 174 25.87 16.18 -71.62
CA GLY D 174 27.06 16.28 -72.42
C GLY D 174 28.37 16.01 -71.72
N THR D 175 28.34 15.56 -70.47
CA THR D 175 29.57 15.21 -69.79
C THR D 175 30.21 14.00 -70.45
N PRO D 176 31.54 13.96 -70.53
CA PRO D 176 32.21 12.81 -71.16
C PRO D 176 31.84 11.52 -70.45
N ALA D 177 31.56 10.49 -71.24
CA ALA D 177 31.16 9.19 -70.71
C ALA D 177 32.36 8.27 -70.55
N THR D 178 33.31 8.72 -69.73
CA THR D 178 34.55 7.99 -69.54
C THR D 178 34.33 6.80 -68.60
N MET D 179 35.33 5.93 -68.54
CA MET D 179 35.26 4.72 -67.73
C MET D 179 35.01 5.06 -66.27
N SER D 180 35.76 6.01 -65.72
CA SER D 180 35.62 6.38 -64.32
C SER D 180 34.37 7.23 -64.08
N GLN D 181 34.07 8.15 -64.99
CA GLN D 181 32.94 9.05 -64.78
C GLN D 181 31.62 8.30 -64.73
N VAL D 182 31.43 7.32 -65.62
CA VAL D 182 30.17 6.58 -65.64
C VAL D 182 30.00 5.78 -64.35
N ALA D 183 31.09 5.21 -63.84
CA ALA D 183 31.02 4.45 -62.59
C ALA D 183 30.64 5.35 -61.42
N LYS D 184 31.11 6.59 -61.43
CA LYS D 184 30.81 7.50 -60.33
C LYS D 184 29.31 7.84 -60.28
N ASP D 185 28.70 8.06 -61.45
CA ASP D 185 27.29 8.43 -61.47
C ASP D 185 26.40 7.29 -61.00
N VAL D 186 26.66 6.07 -61.49
CA VAL D 186 25.83 4.94 -61.09
C VAL D 186 26.03 4.64 -59.61
N CYS D 187 27.24 4.82 -59.09
CA CYS D 187 27.47 4.65 -57.66
C CYS D 187 26.70 5.69 -56.85
N THR D 188 26.64 6.93 -57.35
CA THR D 188 25.80 7.93 -56.71
C THR D 188 24.33 7.56 -56.81
N PHE D 189 23.89 7.05 -57.96
CA PHE D 189 22.52 6.62 -58.09
C PHE D 189 22.23 5.41 -57.21
N LEU D 190 23.13 4.43 -57.20
CA LEU D 190 22.89 3.22 -56.43
C LEU D 190 22.81 3.51 -54.94
N ARG D 191 23.42 4.61 -54.47
CA ARG D 191 23.23 5.02 -53.09
C ARG D 191 21.83 5.58 -52.88
N TRP D 192 21.37 6.44 -53.78
CA TRP D 192 20.01 6.97 -53.65
C TRP D 192 18.98 5.86 -53.76
N ALA D 193 19.20 4.91 -54.68
CA ALA D 193 18.29 3.78 -54.80
C ALA D 193 18.27 2.93 -53.54
N ALA D 194 19.31 3.03 -52.71
CA ALA D 194 19.39 2.28 -51.46
C ALA D 194 18.96 3.11 -50.26
N GLU D 195 19.28 4.39 -50.24
CA GLU D 195 18.92 5.29 -49.13
C GLU D 195 18.28 6.55 -49.71
N PRO D 196 17.02 6.48 -50.11
CA PRO D 196 16.34 7.71 -50.57
C PRO D 196 16.21 8.76 -49.49
N GLU D 197 16.25 8.37 -48.22
CA GLU D 197 16.13 9.26 -47.09
C GLU D 197 17.42 10.02 -46.79
N HIS D 198 18.43 9.88 -47.65
CA HIS D 198 19.76 10.38 -47.33
C HIS D 198 19.76 11.89 -47.10
N ASP D 199 19.05 12.63 -47.95
CA ASP D 199 19.02 14.09 -47.81
C ASP D 199 18.27 14.51 -46.56
N HIS D 200 17.08 13.94 -46.35
CA HIS D 200 16.31 14.26 -45.15
C HIS D 200 17.00 13.76 -43.89
N ARG D 201 17.80 12.70 -44.00
CA ARG D 201 18.53 12.19 -42.85
C ARG D 201 19.47 13.25 -42.29
N LYS D 202 20.20 13.94 -43.16
CA LYS D 202 21.09 15.01 -42.72
C LYS D 202 20.33 16.30 -42.44
N ARG D 203 19.25 16.55 -43.17
CA ARG D 203 18.49 17.79 -42.96
C ARG D 203 17.93 17.84 -41.55
N MET D 204 17.38 16.73 -41.07
CA MET D 204 16.95 16.65 -39.68
C MET D 204 18.13 16.53 -38.73
N GLY D 205 19.26 16.00 -39.21
CA GLY D 205 20.44 15.92 -38.37
C GLY D 205 21.01 17.28 -38.02
N LEU D 206 21.08 18.18 -39.01
CA LEU D 206 21.54 19.54 -38.73
C LEU D 206 20.58 20.26 -37.79
N LYS D 207 19.27 20.06 -37.98
CA LYS D 207 18.29 20.67 -37.10
C LYS D 207 18.41 20.15 -35.68
N MET D 208 18.70 18.85 -35.53
CA MET D 208 18.91 18.28 -34.21
C MET D 208 20.11 18.92 -33.52
N LEU D 209 21.22 19.05 -34.24
CA LEU D 209 22.44 19.58 -33.63
C LEU D 209 22.24 21.01 -33.15
N LEU D 210 21.58 21.84 -33.95
CA LEU D 210 21.27 23.19 -33.52
C LEU D 210 20.25 23.18 -32.39
N MET D 211 19.25 22.31 -32.47
CA MET D 211 18.25 22.23 -31.40
C MET D 211 18.87 21.70 -30.12
N MET D 212 19.59 20.57 -30.20
CA MET D 212 20.14 19.96 -29.00
C MET D 212 21.37 20.71 -28.51
N GLY D 213 22.11 21.36 -29.40
CA GLY D 213 23.24 22.16 -28.97
C GLY D 213 22.84 23.38 -28.15
N LEU D 214 21.58 23.77 -28.22
CA LEU D 214 21.04 24.87 -27.42
C LEU D 214 20.32 24.38 -26.17
N LEU D 215 19.61 23.25 -26.27
CA LEU D 215 18.85 22.75 -25.12
C LEU D 215 19.77 22.13 -24.07
N LEU D 216 20.83 21.45 -24.51
CA LEU D 216 21.71 20.77 -23.55
C LEU D 216 22.35 21.73 -22.55
N PRO D 217 22.93 22.86 -22.96
CA PRO D 217 23.36 23.84 -21.95
C PRO D 217 22.20 24.38 -21.12
N LEU D 218 21.02 24.53 -21.72
CA LEU D 218 19.88 25.09 -20.99
C LEU D 218 19.34 24.09 -19.98
N VAL D 219 19.18 22.83 -20.37
CA VAL D 219 18.70 21.81 -19.45
C VAL D 219 19.70 21.60 -18.32
N TYR D 220 20.99 21.68 -18.63
CA TYR D 220 22.01 21.61 -17.59
C TYR D 220 21.86 22.75 -16.59
N ALA D 221 21.48 23.93 -17.06
CA ALA D 221 21.30 25.06 -16.15
C ALA D 221 20.17 24.82 -15.16
N MET D 222 19.07 24.22 -15.61
CA MET D 222 17.98 23.88 -14.69
C MET D 222 18.43 22.84 -13.68
N LYS D 223 19.23 21.85 -14.12
CA LYS D 223 19.75 20.86 -13.19
C LYS D 223 20.63 21.51 -12.14
N ARG D 224 21.54 22.40 -12.56
CA ARG D 224 22.43 23.06 -11.62
C ARG D 224 21.66 23.99 -10.69
N HIS D 225 20.67 24.71 -11.23
CA HIS D 225 19.91 25.66 -10.42
C HIS D 225 19.14 24.94 -9.31
N LYS D 226 18.48 23.83 -9.65
CA LYS D 226 17.75 23.09 -8.62
C LYS D 226 18.70 22.42 -7.62
N TRP D 227 19.86 21.97 -8.09
CA TRP D 227 20.83 21.30 -7.23
C TRP D 227 21.80 22.25 -6.54
N SER D 228 21.75 23.55 -6.86
CA SER D 228 22.64 24.50 -6.22
C SER D 228 22.36 24.64 -4.73
N VAL D 229 21.17 24.23 -4.28
CA VAL D 229 20.86 24.28 -2.85
C VAL D 229 21.73 23.30 -2.08
N LEU D 230 21.83 22.07 -2.58
CA LEU D 230 22.61 21.03 -1.91
C LEU D 230 24.10 21.21 -2.11
N LYS D 231 24.52 21.70 -3.27
CA LYS D 231 25.95 21.89 -3.51
C LYS D 231 26.54 22.93 -2.56
N SER D 232 25.82 24.03 -2.35
CA SER D 232 26.22 25.04 -1.38
C SER D 232 25.42 24.81 -0.10
N ARG D 233 25.89 23.86 0.70
CA ARG D 233 25.22 23.48 1.94
C ARG D 233 26.29 23.16 2.97
N LYS D 234 26.26 23.88 4.09
CA LYS D 234 27.26 23.73 5.14
C LYS D 234 26.69 22.93 6.30
N LEU D 235 27.46 21.95 6.76
CA LEU D 235 27.08 21.12 7.90
C LEU D 235 27.88 21.53 9.13
N ALA D 236 27.22 21.60 10.27
CA ALA D 236 27.86 21.92 11.53
C ALA D 236 27.42 20.91 12.57
N TYR D 237 28.38 20.33 13.28
CA TYR D 237 28.11 19.38 14.35
C TYR D 237 28.41 20.07 15.68
N ARG D 238 27.37 20.29 16.48
CA ARG D 238 27.50 20.98 17.77
C ARG D 238 26.88 20.10 18.85
N PRO D 239 27.59 19.07 19.28
CA PRO D 239 27.08 18.19 20.34
C PRO D 239 27.14 18.90 21.68
N PRO D 240 26.44 18.38 22.69
CA PRO D 240 26.52 18.99 24.02
C PRO D 240 27.93 18.85 24.60
N LYS D 241 28.20 19.71 25.59
CA LYS D 241 29.48 19.81 26.30
C LYS D 241 30.71 19.29 25.53
N SER E 1 -25.39 -14.67 34.53
CA SER E 1 -26.47 -14.65 33.55
C SER E 1 -25.98 -15.12 32.20
N HIS E 2 -24.66 -15.24 32.05
CA HIS E 2 -24.09 -15.77 30.82
C HIS E 2 -24.34 -17.27 30.68
N THR E 3 -24.60 -17.96 31.79
CA THR E 3 -24.92 -19.38 31.73
C THR E 3 -26.27 -19.65 31.09
N ASP E 4 -27.10 -18.62 30.89
CA ASP E 4 -28.38 -18.80 30.21
C ASP E 4 -28.22 -19.07 28.72
N ILE E 5 -27.01 -18.90 28.16
CA ILE E 5 -26.82 -19.19 26.74
C ILE E 5 -26.80 -20.69 26.53
N LYS E 6 -27.50 -21.13 25.48
CA LYS E 6 -27.53 -22.53 25.10
C LYS E 6 -27.42 -22.62 23.59
N VAL E 7 -26.57 -23.51 23.11
CA VAL E 7 -26.40 -23.64 21.66
C VAL E 7 -27.71 -24.12 21.04
N PRO E 8 -28.20 -23.47 19.99
CA PRO E 8 -29.49 -23.86 19.41
C PRO E 8 -29.45 -25.26 18.82
N ASP E 9 -30.61 -25.71 18.37
CA ASP E 9 -30.75 -27.03 17.79
C ASP E 9 -30.23 -27.02 16.36
N PHE E 10 -29.15 -27.76 16.12
CA PHE E 10 -28.60 -27.91 14.78
C PHE E 10 -28.94 -29.25 14.16
N SER E 11 -29.88 -30.00 14.76
CA SER E 11 -30.21 -31.34 14.27
C SER E 11 -30.82 -31.32 12.89
N ASP E 12 -31.34 -30.17 12.45
CA ASP E 12 -31.90 -30.09 11.10
C ASP E 12 -30.81 -30.28 10.05
N TYR E 13 -29.63 -29.69 10.27
CA TYR E 13 -28.52 -29.79 9.34
C TYR E 13 -27.51 -30.86 9.72
N ARG E 14 -27.65 -31.47 10.89
CA ARG E 14 -26.65 -32.41 11.37
C ARG E 14 -26.63 -33.67 10.51
N ARG E 15 -25.43 -34.20 10.30
CA ARG E 15 -25.28 -35.44 9.55
C ARG E 15 -25.87 -36.60 10.34
N PRO E 16 -26.33 -37.66 9.66
CA PRO E 16 -26.93 -38.79 10.39
C PRO E 16 -26.01 -39.43 11.40
N GLU E 17 -24.70 -39.49 11.12
CA GLU E 17 -23.77 -40.13 12.04
C GLU E 17 -23.62 -39.34 13.34
N VAL E 18 -23.86 -38.04 13.32
CA VAL E 18 -23.71 -37.20 14.51
C VAL E 18 -25.06 -36.72 15.02
N LEU E 19 -26.15 -37.37 14.63
CA LEU E 19 -27.46 -36.98 15.11
C LEU E 19 -27.70 -37.40 16.55
N ASP E 20 -27.07 -38.50 16.99
CA ASP E 20 -27.26 -39.00 18.34
C ASP E 20 -26.29 -38.32 19.30
N SER E 21 -26.84 -37.71 20.36
CA SER E 21 -25.97 -37.03 21.32
C SER E 21 -25.21 -38.02 22.18
N THR E 22 -25.75 -39.22 22.38
CA THR E 22 -25.08 -40.21 23.23
C THR E 22 -23.84 -40.79 22.54
N LYS E 23 -23.95 -41.14 21.26
CA LYS E 23 -22.83 -41.76 20.57
C LYS E 23 -21.73 -40.76 20.31
N SER E 24 -20.48 -41.18 20.54
CA SER E 24 -19.34 -40.31 20.33
C SER E 24 -19.17 -39.98 18.85
N SER E 25 -18.56 -38.83 18.58
CA SER E 25 -18.32 -38.37 17.22
C SER E 25 -16.97 -38.83 16.67
N LYS E 26 -16.15 -39.49 17.48
CA LYS E 26 -14.82 -39.90 17.02
C LYS E 26 -14.86 -41.12 16.11
N GLU E 27 -15.81 -42.03 16.34
CA GLU E 27 -15.88 -43.24 15.53
C GLU E 27 -16.16 -42.91 14.07
N SER E 28 -17.07 -41.97 13.83
CA SER E 28 -17.48 -41.60 12.49
C SER E 28 -16.67 -40.44 11.92
N SER E 29 -15.65 -39.98 12.63
CA SER E 29 -14.89 -38.82 12.17
C SER E 29 -14.20 -39.12 10.84
N GLU E 30 -13.61 -40.31 10.71
CA GLU E 30 -12.95 -40.68 9.46
C GLU E 30 -13.95 -40.75 8.32
N ALA E 31 -15.11 -41.35 8.57
CA ALA E 31 -16.13 -41.47 7.52
C ALA E 31 -16.65 -40.09 7.10
N ARG E 32 -16.88 -39.20 8.08
CA ARG E 32 -17.37 -37.87 7.76
C ARG E 32 -16.33 -37.08 6.97
N LYS E 33 -15.07 -37.13 7.39
CA LYS E 33 -14.01 -36.45 6.67
C LYS E 33 -13.61 -37.18 5.40
N GLY E 34 -13.81 -38.49 5.36
CA GLY E 34 -13.51 -39.24 4.15
C GLY E 34 -14.43 -38.91 3.00
N PHE E 35 -15.73 -38.78 3.29
CA PHE E 35 -16.69 -38.46 2.24
C PHE E 35 -16.46 -37.07 1.67
N SER E 36 -16.19 -36.10 2.54
CA SER E 36 -15.98 -34.73 2.05
C SER E 36 -14.71 -34.62 1.21
N TYR E 37 -13.64 -35.29 1.62
CA TYR E 37 -12.41 -35.26 0.83
C TYR E 37 -12.54 -36.07 -0.44
N LEU E 38 -13.43 -37.08 -0.45
CA LEU E 38 -13.66 -37.85 -1.66
C LEU E 38 -14.23 -36.96 -2.76
N VAL E 39 -15.10 -36.02 -2.40
CA VAL E 39 -15.62 -35.06 -3.37
C VAL E 39 -14.49 -34.20 -3.92
N THR E 40 -13.61 -33.72 -3.05
CA THR E 40 -12.50 -32.89 -3.49
C THR E 40 -11.53 -33.67 -4.37
N ALA E 41 -11.21 -34.91 -3.99
CA ALA E 41 -10.29 -35.72 -4.79
C ALA E 41 -10.88 -36.04 -6.16
N THR E 42 -12.19 -36.32 -6.22
CA THR E 42 -12.81 -36.62 -7.49
C THR E 42 -12.98 -35.36 -8.35
N THR E 43 -13.07 -34.19 -7.73
CA THR E 43 -13.14 -32.96 -8.50
C THR E 43 -11.80 -32.62 -9.14
N THR E 44 -10.72 -32.73 -8.37
CA THR E 44 -9.40 -32.47 -8.94
C THR E 44 -9.02 -33.52 -9.98
N VAL E 45 -9.49 -34.76 -9.83
CA VAL E 45 -9.24 -35.77 -10.84
C VAL E 45 -9.88 -35.36 -12.16
N GLY E 46 -11.11 -34.87 -12.13
CA GLY E 46 -11.75 -34.40 -13.34
C GLY E 46 -11.09 -33.16 -13.91
N VAL E 47 -10.67 -32.25 -13.05
CA VAL E 47 -10.00 -31.03 -13.52
C VAL E 47 -8.62 -31.37 -14.09
N ALA E 48 -7.94 -32.35 -13.49
CA ALA E 48 -6.64 -32.75 -14.01
C ALA E 48 -6.76 -33.30 -15.44
N TYR E 49 -7.83 -34.06 -15.71
CA TYR E 49 -8.07 -34.50 -17.08
C TYR E 49 -8.34 -33.32 -17.99
N ALA E 50 -9.17 -32.38 -17.54
CA ALA E 50 -9.49 -31.22 -18.37
C ALA E 50 -8.27 -30.31 -18.57
N ALA E 51 -7.49 -30.10 -17.51
CA ALA E 51 -6.33 -29.23 -17.62
C ALA E 51 -5.28 -29.79 -18.57
N LYS E 52 -5.03 -31.11 -18.49
CA LYS E 52 -4.03 -31.72 -19.35
C LYS E 52 -4.46 -31.68 -20.81
N ASN E 53 -5.73 -31.92 -21.09
CA ASN E 53 -6.19 -31.93 -22.47
C ASN E 53 -6.16 -30.55 -23.09
N VAL E 54 -6.60 -29.53 -22.35
CA VAL E 54 -6.60 -28.16 -22.88
C VAL E 54 -5.18 -27.68 -23.08
N VAL E 55 -4.28 -27.93 -22.13
CA VAL E 55 -2.90 -27.50 -22.27
C VAL E 55 -2.24 -28.20 -23.45
N SER E 56 -2.45 -29.51 -23.57
CA SER E 56 -1.84 -30.25 -24.68
C SER E 56 -2.42 -29.83 -26.03
N GLN E 57 -3.66 -29.34 -26.05
CA GLN E 57 -4.23 -28.86 -27.30
C GLN E 57 -3.54 -27.58 -27.77
N PHE E 58 -3.22 -26.69 -26.83
CA PHE E 58 -2.52 -25.45 -27.20
C PHE E 58 -1.07 -25.72 -27.55
N VAL E 59 -0.42 -26.65 -26.84
CA VAL E 59 0.96 -26.99 -27.15
C VAL E 59 1.06 -27.66 -28.51
N SER E 60 0.09 -28.52 -28.85
CA SER E 60 0.12 -29.21 -30.13
C SER E 60 -0.06 -28.27 -31.31
N SER E 61 -0.58 -27.06 -31.08
CA SER E 61 -0.79 -26.13 -32.19
C SER E 61 0.52 -25.64 -32.76
N MET E 62 1.56 -25.52 -31.94
CA MET E 62 2.84 -25.00 -32.38
C MET E 62 3.80 -26.09 -32.85
N SER E 63 3.31 -27.31 -33.05
CA SER E 63 4.18 -28.46 -33.27
C SER E 63 4.32 -28.82 -34.74
N ALA E 64 3.22 -29.17 -35.41
CA ALA E 64 3.29 -29.78 -36.73
C ALA E 64 2.75 -28.88 -37.83
N SER E 65 1.52 -28.38 -37.70
CA SER E 65 0.88 -27.58 -38.74
C SER E 65 0.82 -28.37 -40.05
N ALA E 66 -0.06 -29.37 -40.05
CA ALA E 66 -0.10 -30.47 -41.01
C ALA E 66 0.27 -30.11 -42.44
N ASP E 67 -0.12 -28.91 -42.89
CA ASP E 67 0.31 -28.46 -44.22
C ASP E 67 1.83 -28.46 -44.35
N VAL E 68 2.55 -28.22 -43.24
CA VAL E 68 3.99 -28.34 -43.26
C VAL E 68 4.41 -29.79 -43.39
N LEU E 69 3.71 -30.70 -42.69
CA LEU E 69 4.06 -32.11 -42.71
C LEU E 69 3.88 -32.75 -44.08
N ALA E 70 3.04 -32.17 -44.94
CA ALA E 70 2.81 -32.76 -46.25
C ALA E 70 4.07 -32.73 -47.10
N MET E 71 4.96 -31.75 -46.87
CA MET E 71 6.21 -31.63 -47.61
C MET E 71 7.35 -32.37 -46.92
N SER E 72 7.05 -33.39 -46.13
CA SER E 72 8.10 -34.16 -45.47
C SER E 72 8.95 -34.91 -46.47
N LYS E 73 8.34 -35.44 -47.52
CA LYS E 73 9.03 -36.20 -48.55
C LYS E 73 8.84 -35.55 -49.91
N ILE E 74 9.87 -35.62 -50.74
CA ILE E 74 9.85 -35.02 -52.07
C ILE E 74 10.32 -36.05 -53.09
N GLU E 75 10.04 -35.76 -54.36
CA GLU E 75 10.46 -36.60 -55.47
C GLU E 75 11.24 -35.77 -56.48
N ILE E 76 12.41 -36.27 -56.89
CA ILE E 76 13.23 -35.60 -57.89
C ILE E 76 13.92 -36.66 -58.73
N LYS E 77 14.35 -36.25 -59.93
CA LYS E 77 14.99 -37.17 -60.86
C LYS E 77 16.45 -37.40 -60.48
N LEU E 78 17.06 -38.40 -61.13
CA LEU E 78 18.48 -38.65 -60.99
C LEU E 78 19.26 -38.50 -62.30
N SER E 79 18.60 -38.58 -63.45
CA SER E 79 19.28 -38.44 -64.73
C SER E 79 19.58 -36.99 -65.09
N ASP E 80 18.95 -36.03 -64.42
CA ASP E 80 19.24 -34.63 -64.71
C ASP E 80 20.68 -34.27 -64.37
N ILE E 81 21.20 -34.79 -63.27
CA ILE E 81 22.55 -34.48 -62.82
C ILE E 81 23.48 -35.64 -63.17
N PRO E 82 24.65 -35.36 -63.72
CA PRO E 82 25.61 -36.43 -64.02
C PRO E 82 26.43 -36.80 -62.78
N GLU E 83 27.37 -37.72 -62.97
CA GLU E 83 28.25 -38.13 -61.89
C GLU E 83 29.19 -36.98 -61.51
N GLY E 84 29.49 -36.87 -60.22
CA GLY E 84 30.39 -35.85 -59.74
C GLY E 84 29.72 -34.51 -59.52
N LYS E 85 28.94 -34.06 -60.50
CA LYS E 85 28.25 -32.78 -60.39
C LYS E 85 27.21 -32.82 -59.28
N ASN E 86 27.00 -31.64 -58.67
CA ASN E 86 26.07 -31.57 -57.52
C ASN E 86 24.94 -30.57 -57.80
N MET E 87 23.72 -30.93 -57.45
CA MET E 87 22.54 -30.10 -57.62
C MET E 87 21.80 -30.02 -56.29
N ALA E 88 21.28 -28.83 -55.98
CA ALA E 88 20.67 -28.54 -54.70
C ALA E 88 19.24 -28.03 -54.86
N PHE E 89 18.37 -28.43 -53.95
CA PHE E 89 17.02 -27.88 -53.87
C PHE E 89 16.59 -27.92 -52.41
N LYS E 90 15.29 -27.78 -52.17
CA LYS E 90 14.75 -27.61 -50.82
C LYS E 90 14.08 -28.90 -50.36
N TRP E 91 14.44 -29.34 -49.16
CA TRP E 91 13.76 -30.47 -48.51
C TRP E 91 13.78 -30.23 -47.01
N ARG E 92 12.59 -30.25 -46.40
CA ARG E 92 12.43 -30.00 -44.96
C ARG E 92 12.98 -28.63 -44.57
N GLY E 93 13.00 -27.70 -45.52
CA GLY E 93 13.51 -26.37 -45.26
C GLY E 93 15.02 -26.24 -45.25
N LYS E 94 15.74 -27.30 -45.57
CA LYS E 94 17.19 -27.29 -45.58
C LYS E 94 17.69 -27.81 -46.93
N PRO E 95 18.81 -27.26 -47.41
CA PRO E 95 19.34 -27.71 -48.71
C PRO E 95 19.86 -29.13 -48.64
N LEU E 96 19.76 -29.82 -49.77
CA LEU E 96 20.30 -31.16 -49.90
C LEU E 96 20.91 -31.33 -51.29
N PHE E 97 21.92 -32.19 -51.37
CA PHE E 97 22.68 -32.38 -52.60
C PHE E 97 22.51 -33.80 -53.10
N VAL E 98 22.53 -33.95 -54.43
CA VAL E 98 22.44 -35.25 -55.09
C VAL E 98 23.81 -35.55 -55.70
N ARG E 99 24.37 -36.71 -55.35
CA ARG E 99 25.72 -37.08 -55.76
C ARG E 99 25.72 -38.49 -56.31
N HIS E 100 26.28 -38.66 -57.50
CA HIS E 100 26.44 -39.96 -58.14
C HIS E 100 27.91 -40.34 -58.06
N ARG E 101 28.23 -41.32 -57.22
CA ARG E 101 29.62 -41.72 -57.01
C ARG E 101 30.10 -42.59 -58.15
N THR E 102 31.28 -42.25 -58.69
CA THR E 102 31.85 -42.98 -59.81
C THR E 102 32.85 -44.01 -59.27
N LYS E 103 33.60 -44.64 -60.18
CA LYS E 103 34.45 -45.76 -59.79
C LYS E 103 35.67 -45.30 -59.01
N LYS E 104 36.28 -44.18 -59.41
CA LYS E 104 37.56 -43.78 -58.85
C LYS E 104 37.43 -42.95 -57.57
N GLU E 105 36.32 -43.06 -56.85
CA GLU E 105 36.17 -42.36 -55.58
C GLU E 105 35.75 -43.29 -54.46
N ILE E 106 35.02 -44.37 -54.81
CA ILE E 106 34.54 -45.30 -53.79
C ILE E 106 35.70 -46.06 -53.16
N ASP E 107 36.69 -46.44 -53.98
CA ASP E 107 37.80 -47.26 -53.48
C ASP E 107 38.59 -46.54 -52.40
N GLN E 108 38.85 -45.24 -52.60
CA GLN E 108 39.63 -44.49 -51.63
C GLN E 108 38.90 -44.33 -50.31
N GLU E 109 37.57 -44.35 -50.33
CA GLU E 109 36.80 -44.20 -49.09
C GLU E 109 37.04 -45.37 -48.15
N ALA E 110 37.10 -46.60 -48.70
CA ALA E 110 37.35 -47.76 -47.86
C ALA E 110 38.77 -47.80 -47.31
N ALA E 111 39.68 -47.00 -47.87
CA ALA E 111 41.05 -46.98 -47.39
C ALA E 111 41.18 -46.34 -46.01
N VAL E 112 40.25 -45.46 -45.64
CA VAL E 112 40.30 -44.82 -44.34
C VAL E 112 39.96 -45.84 -43.25
N GLU E 113 40.80 -45.90 -42.22
CA GLU E 113 40.60 -46.86 -41.14
C GLU E 113 39.35 -46.51 -40.35
N VAL E 114 38.70 -47.55 -39.81
CA VAL E 114 37.50 -47.35 -39.01
C VAL E 114 37.82 -46.58 -37.73
N SER E 115 38.93 -46.94 -37.08
CA SER E 115 39.34 -46.30 -35.84
C SER E 115 40.22 -45.08 -36.14
N GLN E 116 39.65 -44.16 -36.94
CA GLN E 116 40.33 -42.94 -37.31
C GLN E 116 39.48 -41.69 -37.18
N LEU E 117 38.18 -41.82 -36.91
CA LEU E 117 37.28 -40.69 -36.77
C LEU E 117 36.82 -40.58 -35.33
N ARG E 118 36.02 -39.53 -35.06
CA ARG E 118 35.49 -39.35 -33.70
C ARG E 118 34.56 -40.48 -33.31
N ASP E 119 33.71 -40.92 -34.24
CA ASP E 119 32.78 -42.01 -34.02
C ASP E 119 33.05 -43.12 -35.02
N PRO E 120 33.13 -44.39 -34.58
CA PRO E 120 33.41 -45.48 -35.52
C PRO E 120 32.22 -45.79 -36.42
N GLN E 121 32.33 -45.40 -37.69
CA GLN E 121 31.28 -45.66 -38.68
C GLN E 121 31.92 -46.14 -39.97
N HIS E 122 31.41 -47.25 -40.49
CA HIS E 122 31.93 -47.83 -41.72
C HIS E 122 31.40 -47.07 -42.93
N ASP E 123 32.01 -47.33 -44.09
CA ASP E 123 31.66 -46.68 -45.34
C ASP E 123 30.87 -47.60 -46.27
N LEU E 124 30.23 -48.63 -45.73
CA LEU E 124 29.51 -49.62 -46.53
C LEU E 124 28.01 -49.60 -46.30
N GLU E 125 27.56 -49.47 -45.05
CA GLU E 125 26.15 -49.52 -44.72
C GLU E 125 25.45 -48.17 -44.88
N ARG E 126 26.19 -47.12 -45.26
CA ARG E 126 25.59 -45.79 -45.37
C ARG E 126 24.52 -45.74 -46.46
N VAL E 127 24.73 -46.44 -47.57
CA VAL E 127 23.81 -46.40 -48.70
C VAL E 127 23.45 -47.82 -49.10
N LYS E 128 22.31 -47.94 -49.79
CA LYS E 128 21.88 -49.24 -50.31
C LYS E 128 22.82 -49.75 -51.38
N LYS E 129 23.46 -48.85 -52.14
CA LYS E 129 24.48 -49.22 -53.11
C LYS E 129 25.40 -48.02 -53.32
N PRO E 130 26.71 -48.23 -53.38
CA PRO E 130 27.64 -47.09 -53.29
C PRO E 130 27.60 -46.13 -54.46
N GLU E 131 27.08 -46.53 -55.62
CA GLU E 131 27.19 -45.68 -56.81
C GLU E 131 26.39 -44.39 -56.70
N TRP E 132 25.40 -44.33 -55.81
CA TRP E 132 24.56 -43.15 -55.66
C TRP E 132 24.50 -42.73 -54.20
N VAL E 133 24.35 -41.42 -53.99
CA VAL E 133 24.21 -40.88 -52.64
C VAL E 133 23.55 -39.50 -52.68
N ILE E 134 22.54 -39.31 -51.84
CA ILE E 134 21.89 -38.01 -51.66
C ILE E 134 22.08 -37.60 -50.21
N LEU E 135 22.65 -36.41 -50.01
CA LEU E 135 22.98 -35.94 -48.68
C LEU E 135 22.44 -34.54 -48.46
N ILE E 136 22.22 -34.20 -47.19
CA ILE E 136 21.72 -32.89 -46.81
C ILE E 136 22.87 -31.89 -46.87
N GLY E 137 22.64 -30.76 -47.53
CA GLY E 137 23.69 -29.77 -47.70
C GLY E 137 23.81 -28.80 -46.56
N VAL E 138 24.02 -29.30 -45.34
CA VAL E 138 24.20 -28.47 -44.17
C VAL E 138 25.43 -28.96 -43.42
N CYS E 139 26.04 -28.05 -42.65
CA CYS E 139 27.19 -28.40 -41.83
C CYS E 139 26.72 -29.01 -40.52
N THR E 140 27.43 -30.07 -40.09
CA THR E 140 27.00 -30.81 -38.90
C THR E 140 27.30 -30.07 -37.61
N HIS E 141 28.16 -29.05 -37.64
CA HIS E 141 28.50 -28.33 -36.42
C HIS E 141 27.35 -27.42 -35.98
N LEU E 142 26.99 -26.46 -36.82
CA LEU E 142 25.88 -25.54 -36.52
C LEU E 142 24.90 -25.39 -37.66
N GLY E 143 25.28 -25.69 -38.91
CA GLY E 143 24.42 -25.51 -40.05
C GLY E 143 24.91 -24.42 -40.97
N CYS E 144 25.61 -24.82 -42.04
CA CYS E 144 26.15 -23.89 -43.02
C CYS E 144 26.36 -24.67 -44.31
N VAL E 145 25.78 -24.19 -45.41
CA VAL E 145 25.87 -24.95 -46.66
C VAL E 145 27.31 -25.00 -47.12
N PRO E 146 27.77 -26.13 -47.67
CA PRO E 146 29.17 -26.21 -48.13
C PRO E 146 29.31 -25.83 -49.59
N ILE E 147 30.54 -25.86 -50.09
CA ILE E 147 30.80 -25.51 -51.48
C ILE E 147 30.46 -26.70 -52.38
N ALA E 148 30.31 -26.41 -53.68
CA ALA E 148 29.89 -27.42 -54.66
C ALA E 148 31.14 -28.05 -55.28
N ASN E 149 31.63 -29.11 -54.64
CA ASN E 149 32.76 -29.89 -55.14
C ASN E 149 33.99 -29.01 -55.40
N ALA E 150 34.39 -28.28 -54.36
CA ALA E 150 35.56 -27.41 -54.44
C ALA E 150 36.40 -27.49 -53.18
N GLY E 151 36.36 -28.61 -52.48
CA GLY E 151 37.09 -28.80 -51.25
C GLY E 151 38.45 -29.45 -51.46
N ASP E 152 38.91 -30.15 -50.43
CA ASP E 152 40.22 -30.80 -50.44
C ASP E 152 40.15 -32.31 -50.31
N PHE E 153 39.32 -32.84 -49.41
CA PHE E 153 39.26 -34.27 -49.16
C PHE E 153 37.87 -34.82 -49.43
N GLY E 154 37.28 -34.44 -50.56
CA GLY E 154 35.94 -34.89 -50.90
C GLY E 154 35.12 -33.84 -51.62
N GLY E 155 35.66 -32.63 -51.73
CA GLY E 155 35.00 -31.56 -52.44
C GLY E 155 34.10 -30.68 -51.58
N TYR E 156 33.91 -31.08 -50.32
CA TYR E 156 33.00 -30.32 -49.42
C TYR E 156 33.80 -29.63 -48.31
N TYR E 157 33.67 -28.31 -48.21
CA TYR E 157 34.34 -27.54 -47.17
C TYR E 157 33.42 -26.43 -46.70
N CYS E 158 33.19 -26.36 -45.39
CA CYS E 158 32.29 -25.36 -44.84
C CYS E 158 32.96 -24.00 -44.80
N PRO E 159 32.40 -22.99 -45.45
CA PRO E 159 33.01 -21.65 -45.42
C PRO E 159 32.70 -20.86 -44.16
N CYS E 160 31.87 -21.37 -43.26
CA CYS E 160 31.54 -20.64 -42.04
C CYS E 160 32.69 -20.72 -41.03
N HIS E 161 33.02 -21.93 -40.59
CA HIS E 161 34.12 -22.13 -39.67
C HIS E 161 35.18 -23.10 -40.20
N GLY E 162 34.83 -23.99 -41.12
CA GLY E 162 35.78 -24.95 -41.64
C GLY E 162 35.43 -26.37 -41.27
N SER E 163 34.93 -27.14 -42.25
CA SER E 163 34.58 -28.53 -42.03
C SER E 163 34.71 -29.26 -43.36
N HIS E 164 35.72 -30.11 -43.47
CA HIS E 164 35.99 -30.83 -44.71
C HIS E 164 35.22 -32.15 -44.72
N TYR E 165 34.33 -32.32 -45.68
CA TYR E 165 33.51 -33.52 -45.82
C TYR E 165 33.91 -34.26 -47.09
N ASP E 166 33.95 -35.60 -46.99
CA ASP E 166 34.20 -36.44 -48.14
C ASP E 166 32.91 -36.62 -48.94
N ALA E 167 32.91 -37.55 -49.89
CA ALA E 167 31.68 -37.83 -50.63
C ALA E 167 30.57 -38.32 -49.71
N SER E 168 30.91 -39.16 -48.73
CA SER E 168 29.94 -39.63 -47.75
C SER E 168 29.62 -38.59 -46.68
N GLY E 169 30.41 -37.51 -46.60
CA GLY E 169 30.21 -36.51 -45.57
C GLY E 169 31.03 -36.71 -44.32
N ARG E 170 31.99 -37.64 -44.34
CA ARG E 170 32.83 -37.86 -43.16
C ARG E 170 33.66 -36.63 -42.85
N ILE E 171 33.83 -36.35 -41.57
CA ILE E 171 34.49 -35.14 -41.11
C ILE E 171 36.00 -35.31 -41.23
N ARG E 172 36.63 -34.47 -42.06
CA ARG E 172 38.08 -34.47 -42.17
C ARG E 172 38.73 -33.36 -41.36
N LYS E 173 37.99 -32.29 -41.04
CA LYS E 173 38.52 -31.19 -40.26
C LYS E 173 37.34 -30.43 -39.64
N GLY E 174 37.63 -29.68 -38.59
CA GLY E 174 36.63 -28.90 -37.91
C GLY E 174 36.06 -29.61 -36.71
N PRO E 175 35.56 -28.83 -35.73
CA PRO E 175 35.01 -29.40 -34.49
C PRO E 175 33.57 -29.89 -34.63
N ALA E 176 33.30 -30.63 -35.70
CA ALA E 176 31.98 -31.20 -35.91
C ALA E 176 31.84 -32.48 -35.08
N PRO E 177 30.82 -32.58 -34.23
CA PRO E 177 30.72 -33.75 -33.34
C PRO E 177 30.19 -34.99 -34.03
N LEU E 178 29.27 -34.82 -34.98
CA LEU E 178 28.59 -35.94 -35.61
C LEU E 178 28.83 -35.93 -37.11
N ASN E 179 28.81 -37.12 -37.71
CA ASN E 179 28.99 -37.26 -39.14
C ASN E 179 27.78 -36.71 -39.90
N LEU E 180 27.98 -36.47 -41.19
CA LEU E 180 26.93 -35.92 -42.03
C LEU E 180 25.77 -36.90 -42.14
N GLU E 181 24.55 -36.38 -42.02
CA GLU E 181 23.37 -37.23 -41.96
C GLU E 181 23.07 -37.78 -43.35
N VAL E 182 22.71 -39.06 -43.41
CA VAL E 182 22.34 -39.73 -44.64
C VAL E 182 20.86 -40.07 -44.57
N PRO E 183 20.02 -39.50 -45.43
CA PRO E 183 18.59 -39.80 -45.36
C PRO E 183 18.28 -41.24 -45.73
N SER E 184 17.18 -41.75 -45.18
CA SER E 184 16.77 -43.11 -45.46
C SER E 184 16.43 -43.26 -46.94
N TYR E 185 16.76 -44.44 -47.49
CA TYR E 185 16.60 -44.71 -48.91
C TYR E 185 15.52 -45.77 -49.12
N GLU E 186 14.54 -45.44 -49.95
CA GLU E 186 13.57 -46.41 -50.44
C GLU E 186 13.36 -46.19 -51.92
N PHE E 187 13.13 -47.28 -52.66
CA PHE E 187 13.04 -47.23 -54.11
C PHE E 187 11.78 -47.93 -54.57
N THR E 188 11.10 -47.33 -55.54
CA THR E 188 9.94 -47.93 -56.18
C THR E 188 10.12 -47.90 -57.69
N SER E 189 10.83 -46.88 -58.19
CA SER E 189 11.14 -46.75 -59.59
C SER E 189 12.60 -46.37 -59.74
N ASP E 190 13.22 -46.82 -60.83
CA ASP E 190 14.63 -46.56 -61.06
C ASP E 190 14.90 -45.12 -61.48
N ASP E 191 13.87 -44.34 -61.77
CA ASP E 191 14.03 -42.96 -62.19
C ASP E 191 13.54 -41.94 -61.18
N MET E 192 12.76 -42.36 -60.17
CA MET E 192 12.27 -41.47 -59.12
C MET E 192 12.73 -42.00 -57.77
N VAL E 193 13.03 -41.06 -56.86
CA VAL E 193 13.37 -41.40 -55.49
C VAL E 193 12.49 -40.56 -54.56
N ILE E 194 12.28 -41.07 -53.35
CA ILE E 194 11.56 -40.35 -52.31
C ILE E 194 12.51 -40.22 -51.13
N VAL E 195 12.72 -38.98 -50.67
CA VAL E 195 13.70 -38.71 -49.63
C VAL E 195 13.07 -38.95 -48.25
N GLY E 196 13.18 -40.17 -47.76
CA GLY E 196 12.65 -40.50 -46.45
C GLY E 196 13.71 -40.56 -45.36
N MET F 1 46.03 0.56 -7.53
CA MET F 1 47.25 0.43 -6.67
C MET F 1 48.41 1.17 -7.33
N ALA F 2 49.45 1.50 -6.56
CA ALA F 2 50.62 2.25 -7.11
C ALA F 2 51.91 1.74 -6.49
N GLY F 3 53.06 2.22 -6.98
CA GLY F 3 54.34 1.80 -6.45
C GLY F 3 54.42 1.90 -4.94
N ARG F 4 54.88 0.83 -4.29
CA ARG F 4 54.98 0.85 -2.84
C ARG F 4 56.09 1.80 -2.39
N PRO F 5 55.98 2.36 -1.18
CA PRO F 5 56.89 3.45 -0.79
C PRO F 5 58.36 3.08 -0.76
N ALA F 6 58.73 1.81 -0.53
CA ALA F 6 60.13 1.52 -0.23
C ALA F 6 61.02 1.69 -1.46
N VAL F 7 60.91 0.81 -2.45
CA VAL F 7 61.44 1.11 -3.78
C VAL F 7 60.35 0.79 -4.81
N SER F 8 60.01 -0.48 -4.93
CA SER F 8 58.83 -0.98 -5.61
C SER F 8 58.08 -2.01 -4.78
N ALA F 9 58.81 -2.88 -4.07
CA ALA F 9 58.29 -3.83 -3.08
C ALA F 9 57.31 -4.85 -3.66
N SER F 10 57.62 -6.14 -3.47
CA SER F 10 56.66 -7.19 -3.77
C SER F 10 55.76 -7.47 -2.57
N SER F 11 56.37 -7.87 -1.45
CA SER F 11 55.64 -8.00 -0.19
C SER F 11 56.67 -7.87 0.94
N ARG F 12 56.73 -6.69 1.55
CA ARG F 12 57.66 -6.42 2.63
C ARG F 12 56.86 -6.18 3.91
N TRP F 13 57.30 -6.82 5.01
CA TRP F 13 56.68 -6.71 6.31
C TRP F 13 55.18 -6.97 6.24
N LEU F 14 54.44 -6.50 7.22
CA LEU F 14 52.98 -6.57 7.20
C LEU F 14 52.33 -5.23 7.48
N GLU F 15 52.90 -4.42 8.38
CA GLU F 15 52.31 -3.13 8.70
C GLU F 15 52.47 -2.14 7.55
N GLY F 16 53.55 -2.27 6.77
CA GLY F 16 53.74 -1.37 5.64
C GLY F 16 52.68 -1.53 4.58
N ILE F 17 52.32 -2.77 4.25
CA ILE F 17 51.29 -2.99 3.24
C ILE F 17 49.93 -2.54 3.75
N ARG F 18 49.63 -2.82 5.03
CA ARG F 18 48.37 -2.37 5.61
C ARG F 18 48.28 -0.86 5.63
N LYS F 19 49.36 -0.18 6.00
CA LYS F 19 49.38 1.28 5.96
C LYS F 19 49.23 1.78 4.54
N TRP F 20 49.91 1.14 3.59
CA TRP F 20 49.78 1.53 2.19
C TRP F 20 48.36 1.30 1.67
N TYR F 21 47.74 0.20 2.09
CA TYR F 21 46.39 -0.09 1.62
C TYR F 21 45.37 0.87 2.22
N TYR F 22 45.60 1.32 3.46
CA TYR F 22 44.66 2.24 4.09
C TYR F 22 44.53 3.52 3.29
N ASN F 23 45.65 4.10 2.87
CA ASN F 23 45.61 5.28 2.01
C ASN F 23 45.06 4.93 0.64
N ALA F 24 45.25 3.70 0.18
CA ALA F 24 44.70 3.30 -1.11
C ALA F 24 43.18 3.14 -1.05
N ALA F 25 42.66 2.67 0.09
CA ALA F 25 41.23 2.48 0.21
C ALA F 25 40.48 3.80 0.06
N GLY F 26 40.98 4.86 0.68
CA GLY F 26 40.47 6.19 0.46
C GLY F 26 39.24 6.57 1.26
N PHE F 27 38.83 5.76 2.23
CA PHE F 27 37.74 6.18 3.11
C PHE F 27 38.19 7.13 4.19
N ASN F 28 39.51 7.25 4.42
CA ASN F 28 40.00 8.28 5.32
C ASN F 28 39.89 9.66 4.69
N LYS F 29 40.02 9.74 3.37
CA LYS F 29 39.89 11.02 2.68
C LYS F 29 38.51 11.63 2.84
N LEU F 30 37.50 10.82 3.14
CA LEU F 30 36.15 11.30 3.38
C LEU F 30 35.86 11.57 4.85
N GLY F 31 36.87 11.45 5.71
CA GLY F 31 36.63 11.59 7.13
C GLY F 31 35.78 10.50 7.74
N LEU F 32 36.04 9.25 7.37
CA LEU F 32 35.32 8.10 7.90
C LEU F 32 36.30 7.15 8.55
N MET F 33 35.96 6.64 9.73
CA MET F 33 36.75 5.58 10.32
C MET F 33 36.43 4.26 9.63
N ARG F 34 37.20 3.22 9.97
CA ARG F 34 37.04 1.95 9.30
C ARG F 34 35.65 1.37 9.53
N ASP F 35 35.15 1.45 10.75
CA ASP F 35 33.86 0.87 11.09
C ASP F 35 32.68 1.74 10.69
N ASP F 36 32.93 2.91 10.11
CA ASP F 36 31.87 3.74 9.56
C ASP F 36 31.47 3.33 8.15
N THR F 37 32.19 2.37 7.54
CA THR F 37 31.91 1.93 6.18
C THR F 37 31.51 0.47 6.13
N ILE F 38 31.25 -0.16 7.27
CA ILE F 38 30.95 -1.59 7.28
C ILE F 38 29.56 -1.86 6.71
N HIS F 39 29.37 -3.08 6.23
CA HIS F 39 28.07 -3.50 5.72
C HIS F 39 27.11 -3.74 6.88
N GLU F 40 25.92 -3.16 6.79
CA GLU F 40 24.93 -3.25 7.86
C GLU F 40 24.00 -4.43 7.58
N ASN F 41 24.33 -5.58 8.16
CA ASN F 41 23.46 -6.73 8.11
C ASN F 41 22.61 -6.77 9.38
N ASP F 42 21.88 -7.87 9.57
CA ASP F 42 21.04 -8.02 10.75
C ASP F 42 21.85 -8.14 12.04
N ASP F 43 23.16 -8.32 11.90
CA ASP F 43 24.06 -8.45 13.08
C ASP F 43 24.62 -7.06 13.40
N VAL F 44 25.25 -6.42 12.41
CA VAL F 44 25.87 -5.12 12.62
C VAL F 44 24.80 -4.10 13.04
N LYS F 45 23.60 -4.22 12.48
CA LYS F 45 22.54 -3.27 12.81
C LYS F 45 22.18 -3.32 14.29
N GLU F 46 22.13 -4.53 14.87
CA GLU F 46 21.90 -4.63 16.30
C GLU F 46 23.07 -4.08 17.10
N ALA F 47 24.31 -4.37 16.66
CA ALA F 47 25.48 -3.88 17.36
C ALA F 47 25.61 -2.37 17.27
N ILE F 48 25.00 -1.75 16.26
CA ILE F 48 24.92 -0.30 16.23
C ILE F 48 23.95 0.21 17.30
N ARG F 49 22.84 -0.51 17.49
CA ARG F 49 21.83 -0.09 18.46
C ARG F 49 22.36 -0.07 19.88
N ARG F 50 23.46 -0.77 20.15
CA ARG F 50 24.06 -0.79 21.47
C ARG F 50 25.13 0.28 21.65
N LEU F 51 25.39 1.10 20.63
CA LEU F 51 26.41 2.12 20.74
C LEU F 51 26.00 3.18 21.75
N PRO F 52 26.96 3.74 22.50
CA PRO F 52 26.65 4.86 23.38
C PRO F 52 26.23 6.07 22.58
N GLU F 53 25.45 6.94 23.22
CA GLU F 53 24.87 8.07 22.52
C GLU F 53 25.94 8.99 21.95
N ASN F 54 27.00 9.24 22.72
CA ASN F 54 28.07 10.10 22.22
C ASN F 54 28.76 9.47 21.01
N LEU F 55 29.00 8.16 21.03
CA LEU F 55 29.67 7.50 19.92
C LEU F 55 28.75 7.34 18.72
N TYR F 56 27.48 6.99 18.95
CA TYR F 56 26.54 6.85 17.85
C TYR F 56 26.30 8.17 17.15
N ASP F 57 26.15 9.26 17.92
CA ASP F 57 25.92 10.56 17.30
C ASP F 57 27.13 11.03 16.52
N ASP F 58 28.33 10.68 16.98
CA ASP F 58 29.53 11.02 16.22
C ASP F 58 29.56 10.28 14.89
N ARG F 59 29.14 9.02 14.89
CA ARG F 59 29.11 8.25 13.65
C ARG F 59 28.13 8.84 12.64
N VAL F 60 27.00 9.35 13.12
CA VAL F 60 25.98 9.88 12.23
C VAL F 60 26.53 11.07 11.45
N PHE F 61 27.22 11.97 12.13
CA PHE F 61 27.75 13.16 11.46
C PHE F 61 28.88 12.80 10.51
N ARG F 62 29.74 11.85 10.90
CA ARG F 62 30.83 11.44 10.02
C ARG F 62 30.27 10.86 8.72
N ILE F 63 29.21 10.06 8.80
CA ILE F 63 28.55 9.58 7.61
C ILE F 63 27.85 10.73 6.88
N LYS F 64 27.20 11.62 7.64
CA LYS F 64 26.44 12.71 7.04
C LYS F 64 27.33 13.62 6.20
N ARG F 65 28.52 13.95 6.72
CA ARG F 65 29.42 14.81 5.97
C ARG F 65 30.10 14.07 4.83
N ALA F 66 30.32 12.76 4.98
CA ALA F 66 30.94 11.99 3.91
C ALA F 66 30.03 11.94 2.68
N LEU F 67 28.73 11.77 2.89
CA LEU F 67 27.80 11.80 1.76
C LEU F 67 27.77 13.16 1.10
N ASP F 68 27.95 14.23 1.88
CA ASP F 68 28.09 15.56 1.30
C ASP F 68 29.35 15.65 0.45
N LEU F 69 30.46 15.05 0.92
CA LEU F 69 31.66 15.01 0.12
C LEU F 69 31.47 14.18 -1.14
N SER F 70 30.82 13.03 -1.01
CA SER F 70 30.57 12.19 -2.19
C SER F 70 29.59 12.85 -3.15
N MET F 71 28.64 13.62 -2.63
CA MET F 71 27.68 14.29 -3.49
C MET F 71 28.39 15.30 -4.40
N ARG F 72 29.33 16.06 -3.84
CA ARG F 72 30.12 17.00 -4.61
C ARG F 72 31.35 16.37 -5.24
N GLN F 73 31.56 15.06 -5.03
CA GLN F 73 32.74 14.37 -5.53
C GLN F 73 34.02 15.06 -5.08
N GLN F 74 34.05 15.45 -3.80
CA GLN F 74 35.19 16.12 -3.21
C GLN F 74 35.76 15.27 -2.08
N ILE F 75 36.88 15.73 -1.52
CA ILE F 75 37.51 15.10 -0.37
C ILE F 75 37.87 16.16 0.65
N LEU F 76 38.13 15.72 1.87
CA LEU F 76 38.56 16.62 2.93
C LEU F 76 40.00 17.06 2.68
N PRO F 77 40.39 18.23 3.21
CA PRO F 77 41.77 18.68 3.06
C PRO F 77 42.77 17.69 3.65
N LYS F 78 44.03 17.88 3.29
CA LYS F 78 45.08 16.94 3.68
C LYS F 78 45.21 16.82 5.19
N GLU F 79 44.87 17.87 5.93
CA GLU F 79 45.00 17.85 7.38
C GLU F 79 43.80 17.22 8.08
N GLN F 80 42.68 17.04 7.39
CA GLN F 80 41.47 16.51 8.01
C GLN F 80 41.22 15.04 7.68
N TRP F 81 42.18 14.36 7.06
CA TRP F 81 42.02 12.95 6.79
C TRP F 81 42.18 12.14 8.06
N THR F 82 41.55 10.97 8.08
CA THR F 82 41.64 10.07 9.23
C THR F 82 43.01 9.40 9.21
N LYS F 83 43.84 9.72 10.20
CA LYS F 83 45.15 9.09 10.29
C LYS F 83 45.02 7.61 10.55
N TYR F 84 45.87 6.81 9.90
CA TYR F 84 45.79 5.36 10.03
C TYR F 84 46.05 4.92 11.46
N GLU F 85 47.06 5.51 12.11
CA GLU F 85 47.36 5.15 13.50
C GLU F 85 46.25 5.62 14.43
N GLU F 86 45.70 6.82 14.17
CA GLU F 86 44.63 7.36 15.01
C GLU F 86 43.29 6.69 14.77
N ASP F 87 43.17 5.89 13.72
CA ASP F 87 41.95 5.12 13.49
C ASP F 87 41.81 4.05 14.56
N LYS F 88 40.64 3.98 15.19
CA LYS F 88 40.38 3.00 16.22
C LYS F 88 39.02 2.35 15.98
N SER F 89 38.93 1.08 16.36
CA SER F 89 37.71 0.30 16.16
C SER F 89 36.76 0.60 17.32
N TYR F 90 35.78 1.45 17.06
CA TYR F 90 34.74 1.74 18.04
C TYR F 90 33.58 0.76 17.98
N LEU F 91 33.58 -0.16 17.01
CA LEU F 91 32.50 -1.11 16.84
C LEU F 91 32.92 -2.55 17.03
N GLU F 92 34.23 -2.84 17.02
CA GLU F 92 34.68 -4.21 17.22
C GLU F 92 34.27 -4.80 18.56
N PRO F 93 34.38 -4.11 19.70
CA PRO F 93 33.88 -4.70 20.95
C PRO F 93 32.40 -5.04 20.91
N TYR F 94 31.60 -4.22 20.24
CA TYR F 94 30.16 -4.50 20.16
C TYR F 94 29.86 -5.61 19.16
N LEU F 95 30.60 -5.67 18.06
CA LEU F 95 30.42 -6.77 17.10
C LEU F 95 30.75 -8.11 17.74
N LYS F 96 31.83 -8.16 18.52
CA LYS F 96 32.29 -9.44 19.07
C LYS F 96 31.24 -10.05 19.98
N GLU F 97 30.56 -9.24 20.78
CA GLU F 97 29.51 -9.76 21.66
C GLU F 97 28.34 -10.31 20.86
N VAL F 98 27.94 -9.62 19.79
CA VAL F 98 26.88 -10.13 18.94
C VAL F 98 27.34 -11.38 18.21
N ILE F 99 28.64 -11.47 17.87
CA ILE F 99 29.19 -12.71 17.36
C ILE F 99 29.07 -13.81 18.42
N ARG F 100 29.45 -13.50 19.66
CA ARG F 100 29.35 -14.47 20.74
C ARG F 100 27.91 -14.88 20.99
N GLU F 101 26.99 -13.91 20.99
CA GLU F 101 25.59 -14.22 21.26
C GLU F 101 25.00 -15.08 20.15
N ARG F 102 25.31 -14.77 18.89
CA ARG F 102 24.72 -15.51 17.78
C ARG F 102 25.27 -16.92 17.70
N LYS F 103 26.57 -17.09 17.95
CA LYS F 103 27.15 -18.43 17.91
C LYS F 103 26.57 -19.31 19.01
N GLU F 104 26.38 -18.75 20.21
CA GLU F 104 25.76 -19.50 21.29
C GLU F 104 24.31 -19.85 20.96
N ARG F 105 23.58 -18.90 20.38
CA ARG F 105 22.19 -19.16 20.01
C ARG F 105 22.09 -20.22 18.92
N GLU F 106 22.98 -20.16 17.93
CA GLU F 106 22.95 -21.14 16.85
C GLU F 106 23.32 -22.52 17.35
N GLU F 107 24.37 -22.62 18.16
CA GLU F 107 24.80 -23.93 18.66
C GLU F 107 23.83 -24.51 19.68
N TRP F 108 23.00 -23.68 20.30
CA TRP F 108 21.98 -24.20 21.21
C TRP F 108 20.86 -24.90 20.45
N ALA F 109 20.59 -24.46 19.23
CA ALA F 109 19.60 -25.11 18.38
C ALA F 109 20.17 -26.29 17.62
N LYS F 110 21.46 -26.57 17.75
CA LYS F 110 22.11 -27.68 17.06
C LYS F 110 22.32 -28.88 17.97
N LYS F 111 22.86 -28.67 19.16
CA LYS F 111 23.20 -29.76 20.10
C LYS F 111 22.04 -30.72 20.33
N MET G 1 5.46 3.63 0.63
CA MET G 1 5.65 2.18 0.69
C MET G 1 6.19 1.76 2.05
N GLY G 2 5.52 2.20 3.11
CA GLY G 2 5.95 1.85 4.46
C GLY G 2 7.23 2.51 4.89
N ARG G 3 7.71 3.51 4.16
CA ARG G 3 8.96 4.18 4.49
C ARG G 3 8.93 5.58 3.90
N GLN G 4 9.04 6.58 4.76
CA GLN G 4 9.01 7.98 4.34
C GLN G 4 9.69 8.82 5.40
N PHE G 5 9.87 10.10 5.08
CA PHE G 5 10.52 11.03 6.00
C PHE G 5 9.77 11.09 7.33
N GLY G 6 10.52 11.01 8.43
CA GLY G 6 9.92 11.04 9.75
C GLY G 6 10.40 9.92 10.65
N HIS G 7 10.65 8.75 10.07
CA HIS G 7 11.10 7.59 10.83
C HIS G 7 12.33 6.93 10.23
N LEU G 8 13.04 7.65 9.34
CA LEU G 8 14.15 7.03 8.63
C LEU G 8 15.30 6.69 9.58
N THR G 9 15.70 7.64 10.42
CA THR G 9 16.79 7.42 11.37
C THR G 9 16.70 8.50 12.44
N ARG G 10 17.57 8.39 13.44
CA ARG G 10 17.63 9.33 14.55
C ARG G 10 18.88 10.19 14.38
N VAL G 11 18.68 11.46 14.06
CA VAL G 11 19.76 12.42 13.84
C VAL G 11 19.69 13.47 14.95
N ARG G 12 20.83 13.71 15.59
CA ARG G 12 20.89 14.59 16.75
C ARG G 12 22.06 15.55 16.64
N HIS G 13 21.81 16.81 17.04
CA HIS G 13 22.86 17.82 17.17
C HIS G 13 23.58 18.09 15.85
N VAL G 14 22.83 18.19 14.76
CA VAL G 14 23.38 18.51 13.45
C VAL G 14 22.61 19.69 12.89
N ILE G 15 23.34 20.76 12.56
CA ILE G 15 22.75 21.97 12.00
C ILE G 15 23.22 22.11 10.56
N THR G 16 22.28 22.41 9.67
CA THR G 16 22.57 22.61 8.26
C THR G 16 22.15 24.00 7.83
N TYR G 17 22.90 24.57 6.90
CA TYR G 17 22.56 25.84 6.30
C TYR G 17 22.52 25.67 4.79
N SER G 18 21.61 26.41 4.16
CA SER G 18 21.45 26.35 2.72
C SER G 18 20.96 27.70 2.22
N LEU G 19 21.17 27.94 0.93
CA LEU G 19 20.79 29.19 0.30
C LEU G 19 19.65 28.96 -0.70
N SER G 20 18.91 30.02 -0.96
CA SER G 20 17.90 29.98 -2.00
C SER G 20 18.57 29.82 -3.35
N PRO G 21 18.01 29.01 -4.24
CA PRO G 21 18.64 28.82 -5.56
C PRO G 21 18.70 30.10 -6.37
N PHE G 22 17.87 31.09 -6.06
CA PHE G 22 17.90 32.37 -6.76
C PHE G 22 18.93 33.34 -6.19
N GLU G 23 19.48 33.06 -5.02
CA GLU G 23 20.47 33.92 -4.40
C GLU G 23 21.90 33.41 -4.60
N GLN G 24 22.09 32.39 -5.43
CA GLN G 24 23.41 31.83 -5.66
C GLN G 24 23.58 31.48 -7.12
N ARG G 25 24.82 31.58 -7.60
CA ARG G 25 25.11 31.30 -8.99
C ARG G 25 25.07 29.81 -9.27
N ALA G 26 24.41 29.44 -10.37
CA ALA G 26 24.26 28.02 -10.72
C ALA G 26 25.61 27.40 -11.08
N PHE G 27 26.47 28.15 -11.76
CA PHE G 27 27.78 27.68 -12.21
C PHE G 27 28.88 28.47 -11.51
N PRO G 28 29.11 28.23 -10.23
CA PRO G 28 30.13 29.00 -9.51
C PRO G 28 31.50 28.34 -9.59
N HIS G 29 32.50 29.09 -10.05
CA HIS G 29 33.86 28.60 -10.18
C HIS G 29 33.90 27.28 -10.96
N TYR G 30 33.29 27.30 -12.14
CA TYR G 30 33.21 26.09 -12.96
C TYR G 30 34.59 25.58 -13.33
N PHE G 31 35.33 26.38 -14.10
CA PHE G 31 36.68 26.00 -14.50
C PHE G 31 37.74 26.40 -13.49
N SER G 32 37.39 27.22 -12.50
CA SER G 32 38.37 27.63 -11.50
C SER G 32 38.78 26.46 -10.62
N LYS G 33 37.80 25.65 -10.18
CA LYS G 33 38.08 24.49 -9.35
C LYS G 33 37.55 23.18 -9.91
N GLY G 34 36.60 23.21 -10.84
CA GLY G 34 36.13 21.98 -11.43
C GLY G 34 37.19 21.28 -12.26
N ILE G 35 37.91 22.04 -13.09
CA ILE G 35 38.99 21.45 -13.89
C ILE G 35 40.10 20.87 -13.01
N PRO G 36 40.62 21.59 -12.00
CA PRO G 36 41.58 20.94 -11.09
C PRO G 36 40.99 19.77 -10.34
N ASN G 37 39.67 19.74 -10.15
CA ASN G 37 39.04 18.59 -9.51
C ASN G 37 39.10 17.37 -10.39
N VAL G 38 38.76 17.51 -11.69
CA VAL G 38 38.71 16.36 -12.57
C VAL G 38 40.09 15.73 -12.73
N LEU G 39 41.13 16.55 -12.72
CA LEU G 39 42.49 16.02 -12.71
C LEU G 39 42.73 15.19 -11.45
N ARG G 40 42.24 15.67 -10.31
CA ARG G 40 42.37 14.90 -9.08
C ARG G 40 41.57 13.60 -9.15
N ARG G 41 40.36 13.66 -9.68
CA ARG G 41 39.52 12.46 -9.78
C ARG G 41 40.13 11.44 -10.73
N THR G 42 40.63 11.90 -11.88
CA THR G 42 41.17 10.98 -12.88
C THR G 42 42.41 10.27 -12.35
N ARG G 43 43.29 10.98 -11.65
CA ARG G 43 44.49 10.35 -11.11
C ARG G 43 44.11 9.28 -10.09
N ALA G 44 43.08 9.55 -9.27
CA ALA G 44 42.68 8.59 -8.25
C ALA G 44 42.16 7.28 -8.84
N CYS G 45 41.83 7.25 -10.13
CA CYS G 45 41.28 6.06 -10.77
C CYS G 45 42.08 5.57 -11.97
N ILE G 46 43.03 6.34 -12.48
CA ILE G 46 43.75 5.92 -13.67
C ILE G 46 44.66 4.73 -13.40
N LEU G 47 45.02 4.49 -12.14
CA LEU G 47 45.84 3.32 -11.82
C LEU G 47 45.01 2.06 -11.64
N ARG G 48 43.69 2.16 -11.63
CA ARG G 48 42.81 1.01 -11.54
C ARG G 48 41.92 0.84 -12.76
N VAL G 49 41.85 1.84 -13.64
CA VAL G 49 41.01 1.79 -14.83
C VAL G 49 41.84 1.57 -16.09
N ALA G 50 42.92 2.35 -16.26
CA ALA G 50 43.68 2.29 -17.50
C ALA G 50 44.36 0.95 -17.74
N PRO G 51 45.10 0.36 -16.80
CA PRO G 51 45.87 -0.87 -17.10
C PRO G 51 45.00 -2.00 -17.65
N PRO G 52 43.80 -2.24 -17.11
CA PRO G 52 42.98 -3.31 -17.70
C PRO G 52 42.63 -3.08 -19.16
N PHE G 53 42.38 -1.84 -19.56
CA PHE G 53 42.03 -1.54 -20.94
C PHE G 53 43.24 -1.30 -21.82
N VAL G 54 44.38 -0.94 -21.23
CA VAL G 54 45.62 -0.86 -22.01
C VAL G 54 46.01 -2.24 -22.51
N ALA G 55 45.78 -3.27 -21.70
CA ALA G 55 46.10 -4.63 -22.11
C ALA G 55 45.23 -5.06 -23.30
N PHE G 56 43.96 -4.68 -23.30
CA PHE G 56 43.07 -5.07 -24.39
C PHE G 56 43.56 -4.52 -25.72
N TYR G 57 44.03 -3.27 -25.73
CA TYR G 57 44.58 -2.71 -26.96
C TYR G 57 45.80 -3.49 -27.41
N LEU G 58 46.63 -3.93 -26.46
CA LEU G 58 47.78 -4.77 -26.81
C LEU G 58 47.33 -6.08 -27.44
N VAL G 59 46.25 -6.67 -26.91
CA VAL G 59 45.66 -7.84 -27.54
C VAL G 59 45.13 -7.49 -28.92
N TYR G 60 44.46 -6.34 -29.03
CA TYR G 60 43.94 -5.88 -30.33
C TYR G 60 45.08 -5.71 -31.33
N THR G 61 46.14 -5.01 -30.92
CA THR G 61 47.23 -4.71 -31.85
C THR G 61 48.06 -5.95 -32.22
N TRP G 62 47.90 -7.05 -31.50
CA TRP G 62 48.61 -8.29 -31.81
C TRP G 62 47.71 -9.37 -32.38
N GLY G 63 46.49 -9.50 -31.86
CA GLY G 63 45.56 -10.48 -32.41
C GLY G 63 45.20 -10.19 -33.85
N THR G 64 45.06 -8.91 -34.18
CA THR G 64 44.77 -8.53 -35.57
C THR G 64 46.00 -8.61 -36.45
N GLN G 65 47.18 -8.31 -35.92
CA GLN G 65 48.40 -8.40 -36.70
C GLN G 65 48.69 -9.83 -37.13
N GLU G 66 48.51 -10.78 -36.20
CA GLU G 66 48.75 -12.19 -36.54
C GLU G 66 47.73 -12.70 -37.55
N PHE G 67 46.50 -12.19 -37.49
CA PHE G 67 45.46 -12.68 -38.41
C PHE G 67 45.80 -12.36 -39.85
N GLU G 68 46.30 -11.15 -40.12
CA GLU G 68 46.70 -10.81 -41.48
C GLU G 68 47.91 -11.62 -41.91
N LYS G 69 48.82 -11.91 -40.96
CA LYS G 69 49.99 -12.72 -41.29
C LYS G 69 49.58 -14.13 -41.70
N SER G 70 48.55 -14.67 -41.08
CA SER G 70 48.05 -15.99 -41.49
C SER G 70 47.51 -15.94 -42.91
N LYS G 71 46.71 -14.91 -43.23
CA LYS G 71 46.18 -14.78 -44.58
C LYS G 71 47.27 -14.54 -45.60
N ARG G 72 48.37 -13.90 -45.18
CA ARG G 72 49.50 -13.71 -46.06
C ARG G 72 50.17 -15.04 -46.38
N LYS G 73 50.46 -15.27 -47.65
CA LYS G 73 51.12 -16.51 -48.04
C LYS G 73 52.58 -16.51 -47.57
N ASN G 74 53.11 -17.71 -47.39
CA ASN G 74 54.49 -17.84 -46.96
C ASN G 74 55.34 -18.49 -48.05
N PRO G 75 56.62 -18.14 -48.14
CA PRO G 75 57.46 -18.74 -49.19
C PRO G 75 57.80 -20.18 -48.89
N ALA G 76 56.89 -21.09 -49.24
CA ALA G 76 57.09 -22.53 -49.09
C ALA G 76 56.98 -23.23 -50.44
N ALA G 77 57.60 -22.64 -51.46
CA ALA G 77 57.54 -23.18 -52.82
C ALA G 77 58.63 -24.19 -53.12
N TYR G 78 59.53 -24.46 -52.18
CA TYR G 78 60.61 -25.39 -52.43
C TYR G 78 60.06 -26.83 -52.54
N GLU G 79 60.97 -27.76 -52.82
CA GLU G 79 60.70 -29.18 -53.00
C GLU G 79 59.88 -29.48 -54.25
N ASN G 80 59.49 -28.48 -55.01
CA ASN G 80 58.79 -28.67 -56.28
C ASN G 80 59.61 -28.19 -57.46
N ASP G 81 60.13 -26.96 -57.40
CA ASP G 81 61.11 -26.43 -58.34
C ASP G 81 60.54 -26.48 -59.76
N ARG G 82 61.41 -26.63 -60.76
CA ARG G 82 60.99 -26.62 -62.16
C ARG G 82 60.82 -28.03 -62.70
N GLY H 1 37.19 -3.18 -74.36
CA GLY H 1 36.26 -3.87 -73.44
C GLY H 1 36.15 -3.12 -72.12
N ASP H 2 37.24 -2.50 -71.67
CA ASP H 2 37.22 -1.72 -70.40
C ASP H 2 37.79 -0.31 -70.64
N PRO H 3 39.04 -0.12 -71.12
CA PRO H 3 39.60 1.23 -71.25
C PRO H 3 39.58 1.79 -72.67
N LYS H 4 38.93 1.05 -73.57
CA LYS H 4 38.85 1.50 -74.98
C LYS H 4 37.73 2.50 -75.17
N GLU H 5 37.88 3.37 -76.17
CA GLU H 5 36.82 4.28 -76.55
C GLU H 5 36.24 3.84 -77.90
N GLU H 6 35.24 4.58 -78.37
CA GLU H 6 34.76 4.41 -79.73
C GLU H 6 35.74 4.98 -80.76
N GLU H 7 36.61 5.89 -80.32
CA GLU H 7 37.71 6.43 -81.14
C GLU H 7 37.20 7.16 -82.37
N GLU H 8 38.14 7.62 -83.21
CA GLU H 8 37.86 8.24 -84.51
C GLU H 8 37.25 9.62 -84.33
N GLU H 9 36.98 10.02 -83.09
CA GLU H 9 36.37 11.30 -82.79
C GLU H 9 37.42 12.19 -82.12
N GLU H 10 37.73 13.32 -82.77
CA GLU H 10 38.68 14.30 -82.25
C GLU H 10 40.01 13.64 -81.89
N GLU H 11 40.31 13.55 -80.59
CA GLU H 11 41.52 12.90 -80.11
C GLU H 11 41.24 11.52 -79.51
N GLU H 12 40.13 10.90 -79.90
CA GLU H 12 39.68 9.58 -79.45
C GLU H 12 39.30 9.56 -77.97
N LEU H 13 39.35 10.69 -77.28
CA LEU H 13 38.97 10.83 -75.87
C LEU H 13 39.92 10.08 -74.95
N VAL H 14 40.10 10.58 -73.73
CA VAL H 14 40.95 9.96 -72.72
C VAL H 14 40.21 9.97 -71.40
N ASP H 15 40.65 9.10 -70.50
CA ASP H 15 40.02 8.97 -69.20
C ASP H 15 40.90 9.58 -68.12
N PRO H 16 40.32 10.30 -67.16
CA PRO H 16 41.11 10.76 -66.01
C PRO H 16 41.73 9.63 -65.21
N LEU H 17 41.05 8.49 -65.11
CA LEU H 17 41.51 7.41 -64.24
C LEU H 17 42.83 6.83 -64.73
N THR H 18 42.95 6.56 -66.03
CA THR H 18 44.17 5.94 -66.53
C THR H 18 45.37 6.86 -66.37
N THR H 19 45.16 8.17 -66.45
CA THR H 19 46.25 9.11 -66.19
C THR H 19 46.70 9.02 -64.73
N VAL H 20 45.72 9.00 -63.81
CA VAL H 20 46.02 8.96 -62.35
C VAL H 20 46.66 7.62 -62.01
N ARG H 21 46.40 6.59 -62.80
CA ARG H 21 47.13 5.31 -62.55
C ARG H 21 48.62 5.61 -62.57
N GLU H 22 49.04 6.58 -63.39
CA GLU H 22 50.48 6.97 -63.49
C GLU H 22 50.88 7.78 -62.25
N GLN H 23 49.93 8.39 -61.53
CA GLN H 23 50.30 9.10 -60.29
C GLN H 23 51.00 8.12 -59.35
N CYS H 24 50.28 7.15 -58.79
CA CYS H 24 51.03 6.13 -58.00
C CYS H 24 51.63 5.14 -58.98
N GLU H 25 52.34 5.64 -59.97
CA GLU H 25 53.10 4.70 -60.82
C GLU H 25 54.54 5.12 -60.54
N GLN H 26 54.71 6.29 -59.90
CA GLN H 26 56.06 6.64 -59.50
C GLN H 26 56.23 6.72 -57.99
N LEU H 27 55.15 6.62 -57.22
CA LEU H 27 55.26 6.69 -55.77
C LEU H 27 56.09 5.51 -55.25
N GLU H 28 56.79 5.76 -54.14
CA GLU H 28 57.73 4.77 -53.63
C GLU H 28 57.03 3.48 -53.24
N LYS H 29 55.82 3.59 -52.69
CA LYS H 29 55.10 2.39 -52.23
C LYS H 29 54.79 1.45 -53.40
N CYS H 30 54.38 2.00 -54.54
CA CYS H 30 53.90 1.18 -55.65
C CYS H 30 54.98 0.85 -56.67
N VAL H 31 56.23 1.26 -56.43
CA VAL H 31 57.32 0.84 -57.31
C VAL H 31 58.02 -0.34 -56.64
N LYS H 32 58.11 -0.31 -55.30
CA LYS H 32 58.69 -1.43 -54.58
C LYS H 32 57.81 -2.67 -54.68
N ALA H 33 56.49 -2.49 -54.58
CA ALA H 33 55.58 -3.63 -54.71
C ALA H 33 55.63 -4.21 -56.11
N ARG H 34 55.73 -3.35 -57.13
CA ARG H 34 55.88 -3.84 -58.50
C ARG H 34 57.14 -4.67 -58.64
N GLU H 35 58.20 -4.31 -57.93
CA GLU H 35 59.42 -5.10 -57.94
C GLU H 35 59.17 -6.50 -57.39
N ARG H 36 58.34 -6.60 -56.35
CA ARG H 36 57.97 -7.92 -55.83
C ARG H 36 57.09 -8.67 -56.81
N LEU H 37 56.25 -7.96 -57.56
CA LEU H 37 55.38 -8.62 -58.53
C LEU H 37 56.19 -9.31 -59.62
N GLU H 38 57.26 -8.66 -60.08
CA GLU H 38 58.11 -9.27 -61.10
C GLU H 38 58.78 -10.53 -60.58
N LEU H 39 59.24 -10.52 -59.33
CA LEU H 39 59.92 -11.68 -58.78
C LEU H 39 59.00 -12.88 -58.71
N CYS H 40 57.75 -12.68 -58.27
CA CYS H 40 56.79 -13.78 -58.26
C CYS H 40 56.50 -14.25 -59.67
N ASP H 41 56.33 -13.33 -60.62
CA ASP H 41 56.07 -13.71 -62.00
C ASP H 41 57.22 -14.50 -62.60
N GLU H 42 58.45 -14.03 -62.35
CA GLU H 42 59.62 -14.76 -62.85
C GLU H 42 59.75 -16.13 -62.21
N ARG H 43 59.51 -16.21 -60.90
CA ARG H 43 59.62 -17.49 -60.21
C ARG H 43 58.53 -18.46 -60.67
N VAL H 44 57.27 -18.01 -60.65
CA VAL H 44 56.16 -18.91 -60.96
C VAL H 44 56.24 -19.38 -62.41
N SER H 45 56.50 -18.47 -63.35
CA SER H 45 56.52 -18.84 -64.76
C SER H 45 57.66 -19.80 -65.08
N SER H 46 58.78 -19.67 -64.39
CA SER H 46 59.93 -20.54 -64.66
C SER H 46 59.62 -21.99 -64.36
N ARG H 47 58.92 -22.25 -63.25
CA ARG H 47 58.61 -23.62 -62.87
C ARG H 47 57.60 -24.23 -63.84
N SER H 48 57.84 -25.49 -64.20
CA SER H 48 56.95 -26.17 -65.14
C SER H 48 55.57 -26.40 -64.51
N GLN H 49 55.53 -26.81 -63.24
CA GLN H 49 54.26 -26.91 -62.54
C GLN H 49 54.46 -26.36 -61.13
N THR H 50 53.48 -25.61 -60.64
CA THR H 50 53.52 -25.08 -59.29
C THR H 50 52.12 -24.60 -58.94
N GLU H 51 51.62 -25.05 -57.78
CA GLU H 51 50.29 -24.66 -57.33
C GLU H 51 50.36 -23.35 -56.57
N GLU H 52 50.96 -22.33 -57.17
CA GLU H 52 51.06 -21.02 -56.55
C GLU H 52 50.88 -19.95 -57.62
N ASP H 53 50.53 -18.75 -57.17
CA ASP H 53 50.19 -17.66 -58.07
C ASP H 53 50.82 -16.38 -57.55
N CYS H 54 50.43 -15.25 -58.14
CA CYS H 54 50.91 -13.93 -57.73
C CYS H 54 49.76 -13.03 -57.31
N THR H 55 48.66 -13.62 -56.82
CA THR H 55 47.53 -12.81 -56.39
C THR H 55 47.90 -11.93 -55.21
N GLU H 56 48.63 -12.48 -54.23
CA GLU H 56 49.00 -11.70 -53.05
C GLU H 56 49.90 -10.53 -53.43
N GLU H 57 50.91 -10.78 -54.27
CA GLU H 57 51.81 -9.70 -54.69
C GLU H 57 51.08 -8.67 -55.53
N LEU H 58 50.20 -9.12 -56.43
CA LEU H 58 49.40 -8.18 -57.21
C LEU H 58 48.48 -7.36 -56.31
N LEU H 59 47.86 -8.00 -55.33
CA LEU H 59 46.96 -7.28 -54.44
C LEU H 59 47.69 -6.23 -53.63
N ASP H 60 48.91 -6.55 -53.17
CA ASP H 60 49.70 -5.57 -52.45
C ASP H 60 50.04 -4.37 -53.34
N PHE H 61 50.40 -4.63 -54.59
CA PHE H 61 50.67 -3.55 -55.52
C PHE H 61 49.42 -2.74 -55.79
N LEU H 62 48.27 -3.41 -55.98
CA LEU H 62 47.03 -2.70 -56.21
C LEU H 62 46.60 -1.90 -54.99
N HIS H 63 46.77 -2.47 -53.79
CA HIS H 63 46.33 -1.78 -52.58
C HIS H 63 47.05 -0.45 -52.41
N ALA H 64 48.35 -0.42 -52.66
CA ALA H 64 49.10 0.82 -52.51
C ALA H 64 48.70 1.83 -53.59
N ARG H 65 48.59 1.38 -54.84
CA ARG H 65 48.30 2.30 -55.92
C ARG H 65 46.88 2.84 -55.83
N ASP H 66 45.90 1.96 -55.58
CA ASP H 66 44.51 2.38 -55.59
C ASP H 66 44.23 3.41 -54.49
N HIS H 67 44.79 3.20 -53.30
CA HIS H 67 44.60 4.17 -52.23
C HIS H 67 45.16 5.54 -52.61
N CYS H 68 46.35 5.56 -53.23
CA CYS H 68 46.89 6.82 -53.73
C CYS H 68 46.08 7.33 -54.92
N VAL H 69 45.46 6.43 -55.69
CA VAL H 69 44.63 6.85 -56.80
C VAL H 69 43.37 7.54 -56.30
N ALA H 70 42.77 7.02 -55.22
CA ALA H 70 41.52 7.58 -54.70
C ALA H 70 41.74 8.99 -54.16
N HIS H 71 42.97 9.33 -53.76
CA HIS H 71 43.22 10.65 -53.19
C HIS H 71 43.01 11.76 -54.21
N LYS H 72 43.42 11.54 -55.46
CA LYS H 72 43.44 12.57 -56.48
C LYS H 72 42.74 12.10 -57.75
N LEU H 73 41.55 11.52 -57.59
CA LEU H 73 40.78 11.03 -58.73
C LEU H 73 39.51 11.83 -58.96
N PHE H 74 38.76 12.12 -57.91
CA PHE H 74 37.46 12.76 -58.07
C PHE H 74 37.57 14.22 -58.51
N ASN H 75 38.74 14.85 -58.33
CA ASN H 75 38.90 16.23 -58.75
C ASN H 75 38.90 16.37 -60.27
N SER H 76 39.20 15.30 -60.99
CA SER H 76 39.19 15.31 -62.45
C SER H 76 37.87 14.83 -63.04
N LEU H 77 36.89 14.49 -62.21
CA LEU H 77 35.60 14.02 -62.68
C LEU H 77 34.59 15.15 -62.61
N LYS H 78 33.32 14.82 -62.87
CA LYS H 78 32.22 15.79 -62.87
C LYS H 78 32.45 16.91 -63.87
N MET I 1 8.38 -17.22 64.03
CA MET I 1 7.37 -16.35 63.44
C MET I 1 7.98 -15.06 62.90
N LEU I 2 9.24 -15.13 62.49
CA LEU I 2 9.95 -13.97 61.97
C LEU I 2 9.95 -14.06 60.45
N SER I 3 8.84 -13.64 59.86
CA SER I 3 8.67 -13.68 58.41
C SER I 3 7.55 -12.72 58.03
N VAL I 4 7.12 -12.80 56.78
CA VAL I 4 6.03 -11.97 56.29
C VAL I 4 4.77 -12.78 55.98
N ALA I 5 4.88 -14.09 55.83
CA ALA I 5 3.72 -14.93 55.58
C ALA I 5 3.07 -15.42 56.87
N ALA I 6 3.88 -15.85 57.84
CA ALA I 6 3.32 -16.28 59.13
C ALA I 6 2.66 -15.12 59.85
N ARG I 7 3.27 -13.93 59.81
CA ARG I 7 2.67 -12.77 60.45
C ARG I 7 1.49 -12.24 59.66
N SER I 8 1.45 -12.49 58.35
CA SER I 8 0.35 -12.08 57.49
C SER I 8 0.15 -10.57 57.53
N GLY I 9 1.20 -9.85 57.12
CA GLY I 9 1.20 -8.41 57.17
C GLY I 9 1.30 -7.75 55.81
N PRO I 10 2.43 -7.12 55.55
CA PRO I 10 2.59 -6.36 54.30
C PRO I 10 2.67 -7.25 53.08
N PHE I 11 2.91 -6.65 51.92
CA PHE I 11 2.89 -7.38 50.67
C PHE I 11 4.29 -7.87 50.31
N ALA I 12 4.33 -8.86 49.43
CA ALA I 12 5.58 -9.49 49.00
C ALA I 12 5.47 -9.90 47.55
N PRO I 13 5.67 -8.96 46.63
CA PRO I 13 5.59 -9.29 45.21
C PRO I 13 6.69 -10.24 44.78
N VAL I 14 6.35 -11.08 43.80
CA VAL I 14 7.26 -12.11 43.29
C VAL I 14 7.39 -11.93 41.79
N LEU I 15 8.61 -11.91 41.29
CA LEU I 15 8.90 -11.88 39.87
C LEU I 15 9.71 -13.11 39.50
N SER I 16 9.31 -13.80 38.44
CA SER I 16 9.93 -15.05 38.04
C SER I 16 10.18 -15.05 36.54
N ALA I 17 11.27 -15.71 36.14
CA ALA I 17 11.60 -15.79 34.72
C ALA I 17 10.65 -16.72 33.98
N THR I 18 10.41 -17.92 34.53
CA THR I 18 9.58 -18.90 33.84
C THR I 18 8.10 -18.74 34.18
N SER I 19 7.79 -18.41 35.43
CA SER I 19 6.42 -18.20 35.84
C SER I 19 6.07 -16.71 35.77
N ARG I 20 4.90 -16.35 36.26
CA ARG I 20 4.36 -15.01 36.17
C ARG I 20 4.56 -14.28 37.49
N GLY I 21 4.28 -12.97 37.46
CA GLY I 21 4.51 -12.13 38.62
C GLY I 21 3.36 -12.15 39.60
N VAL I 22 3.53 -12.90 40.68
CA VAL I 22 2.52 -12.98 41.73
C VAL I 22 2.85 -11.95 42.79
N ALA I 23 1.81 -11.47 43.47
CA ALA I 23 1.96 -10.49 44.53
C ALA I 23 0.78 -10.58 45.47
N GLY I 24 1.03 -10.39 46.76
CA GLY I 24 -0.04 -10.38 47.73
C GLY I 24 0.13 -11.35 48.87
N ALA I 25 -0.07 -10.86 50.10
CA ALA I 25 -0.14 -11.66 51.30
C ALA I 25 -1.59 -11.68 51.78
N LEU I 26 -1.82 -12.31 52.93
CA LEU I 26 -3.19 -12.41 53.43
C LEU I 26 -3.68 -11.07 53.95
N ARG I 27 -4.87 -10.69 53.51
CA ARG I 27 -5.55 -9.46 53.91
C ARG I 27 -6.97 -9.52 53.36
N PRO I 28 -7.91 -8.70 53.88
CA PRO I 28 -9.32 -9.00 53.63
C PRO I 28 -9.78 -8.80 52.20
N LEU I 29 -9.95 -9.91 51.49
CA LEU I 29 -10.72 -9.96 50.26
C LEU I 29 -11.58 -11.21 50.11
N VAL I 30 -11.31 -12.26 50.89
CA VAL I 30 -12.06 -13.51 50.74
C VAL I 30 -13.50 -13.32 51.22
N GLN I 31 -13.67 -12.66 52.36
CA GLN I 31 -14.99 -12.47 52.93
C GLN I 31 -15.79 -11.39 52.23
N ALA I 32 -15.17 -10.60 51.35
CA ALA I 32 -15.90 -9.56 50.63
C ALA I 32 -16.71 -10.13 49.48
N ALA I 33 -16.26 -11.24 48.88
CA ALA I 33 -16.96 -11.82 47.75
C ALA I 33 -18.21 -12.59 48.17
N VAL I 34 -18.31 -12.99 49.43
CA VAL I 34 -19.51 -13.70 49.89
C VAL I 34 -20.76 -12.83 49.78
N PRO I 35 -20.77 -11.58 50.29
CA PRO I 35 -21.82 -10.65 49.86
C PRO I 35 -21.43 -10.03 48.54
N ALA I 36 -21.74 -10.71 47.45
CA ALA I 36 -21.06 -10.50 46.18
C ALA I 36 -21.24 -9.09 45.62
N THR I 37 -20.19 -8.29 45.71
CA THR I 37 -20.16 -6.96 45.09
C THR I 37 -18.86 -6.66 44.35
N SER I 38 -17.74 -7.29 44.71
CA SER I 38 -16.46 -7.05 44.03
C SER I 38 -16.48 -7.79 42.71
N GLU I 39 -16.57 -7.06 41.60
CA GLU I 39 -16.89 -7.62 40.30
C GLU I 39 -15.70 -8.25 39.60
N SER I 40 -14.63 -8.60 40.32
CA SER I 40 -13.45 -9.24 39.72
C SER I 40 -12.94 -8.39 38.56
N PRO I 41 -12.25 -7.26 38.84
CA PRO I 41 -11.90 -6.29 37.80
C PRO I 41 -11.41 -6.87 36.48
N VAL I 42 -11.79 -6.21 35.39
CA VAL I 42 -11.48 -6.71 34.05
C VAL I 42 -9.98 -6.88 33.87
N LEU I 43 -9.61 -7.74 32.92
CA LEU I 43 -8.23 -8.10 32.66
C LEU I 43 -7.54 -7.13 31.70
N ASP I 44 -8.03 -5.90 31.60
CA ASP I 44 -7.44 -4.91 30.70
C ASP I 44 -5.98 -4.66 31.04
N LEU I 45 -5.08 -5.05 30.15
CA LEU I 45 -3.64 -4.95 30.36
C LEU I 45 -3.24 -5.66 31.65
N LYS I 46 -3.55 -6.96 31.71
CA LYS I 46 -3.39 -7.75 32.92
C LYS I 46 -2.75 -9.10 32.61
N ARG I 47 -2.05 -9.64 33.60
CA ARG I 47 -1.43 -10.95 33.57
C ARG I 47 -2.44 -12.06 33.89
N SER I 48 -2.08 -13.29 33.54
CA SER I 48 -2.91 -14.44 33.86
C SER I 48 -2.82 -14.77 35.34
N VAL I 49 -3.95 -15.14 35.93
CA VAL I 49 -4.05 -15.37 37.37
C VAL I 49 -4.18 -16.86 37.63
N LEU I 50 -4.11 -17.23 38.91
CA LEU I 50 -4.29 -18.55 39.49
C LEU I 50 -3.06 -19.44 39.26
N CYS I 51 -2.07 -18.99 38.48
CA CYS I 51 -0.81 -19.69 38.25
C CYS I 51 -0.99 -20.97 37.44
N ARG I 52 0.02 -21.32 36.64
CA ARG I 52 0.02 -22.58 35.89
C ARG I 52 1.43 -23.16 35.93
N GLU I 53 1.74 -23.90 37.00
CA GLU I 53 2.91 -24.76 37.04
C GLU I 53 2.63 -26.05 37.79
N SER I 54 1.39 -26.29 38.20
CA SER I 54 1.06 -27.45 39.01
C SER I 54 0.19 -28.44 38.25
N MET J 1 21.25 41.06 -14.83
CA MET J 1 20.03 40.80 -14.08
C MET J 1 19.94 41.69 -12.85
N VAL J 2 20.08 43.00 -13.05
CA VAL J 2 20.23 43.95 -11.95
C VAL J 2 19.17 45.04 -12.11
N ALA J 3 19.22 46.05 -11.23
CA ALA J 3 18.36 47.23 -11.26
C ALA J 3 18.24 47.77 -12.69
N PRO J 4 17.06 48.31 -13.07
CA PRO J 4 16.70 48.45 -14.49
C PRO J 4 17.48 47.59 -15.49
N THR J 5 17.03 46.35 -15.65
CA THR J 5 17.55 45.44 -16.67
C THR J 5 16.40 44.85 -17.45
N LEU J 6 16.74 44.22 -18.58
CA LEU J 6 15.71 43.63 -19.44
C LEU J 6 14.95 42.53 -18.73
N THR J 7 15.66 41.67 -17.99
CA THR J 7 15.01 40.51 -17.38
C THR J 7 14.02 40.91 -16.29
N ALA J 8 14.25 42.05 -15.62
CA ALA J 8 13.32 42.49 -14.60
C ALA J 8 11.95 42.79 -15.19
N ARG J 9 11.91 43.48 -16.32
CA ARG J 9 10.65 43.70 -17.01
C ARG J 9 10.13 42.41 -17.63
N LEU J 10 11.04 41.53 -18.03
CA LEU J 10 10.63 40.25 -18.64
C LEU J 10 9.91 39.38 -17.62
N TYR J 11 10.41 39.34 -16.38
CA TYR J 11 9.76 38.52 -15.36
C TYR J 11 8.42 39.11 -14.94
N SER J 12 8.39 40.42 -14.65
CA SER J 12 7.18 41.03 -14.12
C SER J 12 6.06 41.03 -15.17
N LEU J 13 6.39 41.34 -16.42
CA LEU J 13 5.37 41.42 -17.45
C LEU J 13 4.76 40.05 -17.73
N LEU J 14 5.59 39.02 -17.82
CA LEU J 14 5.15 37.70 -18.26
C LEU J 14 5.24 36.64 -17.17
N PHE J 15 6.42 36.45 -16.59
CA PHE J 15 6.65 35.29 -15.74
C PHE J 15 6.11 35.45 -14.33
N ARG J 16 5.62 36.64 -13.97
CA ARG J 16 5.07 36.82 -12.63
C ARG J 16 3.88 35.92 -12.39
N ARG J 17 2.97 35.84 -13.37
CA ARG J 17 1.80 34.98 -13.29
C ARG J 17 2.01 33.77 -14.18
N THR J 18 1.80 32.59 -13.61
CA THR J 18 2.02 31.35 -14.35
C THR J 18 1.11 31.21 -15.56
N SER J 19 -0.05 31.89 -15.57
CA SER J 19 -0.90 31.86 -16.74
C SER J 19 -0.21 32.47 -17.95
N THR J 20 0.43 33.63 -17.76
CA THR J 20 1.17 34.26 -18.84
C THR J 20 2.51 33.59 -19.08
N PHE J 21 3.01 32.82 -18.13
CA PHE J 21 4.22 32.03 -18.36
C PHE J 21 3.99 31.00 -19.46
N ALA J 22 2.83 30.35 -19.45
CA ALA J 22 2.52 29.38 -20.49
C ALA J 22 2.27 30.04 -21.84
N LEU J 23 1.78 31.28 -21.83
CA LEU J 23 1.53 31.97 -23.09
C LEU J 23 2.82 32.20 -23.86
N THR J 24 3.86 32.66 -23.18
CA THR J 24 5.13 32.87 -23.85
C THR J 24 5.76 31.56 -24.29
N ILE J 25 5.43 30.46 -23.62
CA ILE J 25 5.93 29.15 -24.04
C ILE J 25 5.27 28.72 -25.33
N VAL J 26 3.96 28.94 -25.45
CA VAL J 26 3.26 28.51 -26.66
C VAL J 26 3.42 29.53 -27.78
N VAL J 27 3.34 30.82 -27.46
CA VAL J 27 3.57 31.85 -28.48
C VAL J 27 5.02 31.88 -28.89
N GLY J 28 5.94 31.71 -27.93
CA GLY J 28 7.34 31.63 -28.26
C GLY J 28 7.66 30.43 -29.14
N ALA J 29 6.94 29.32 -28.94
CA ALA J 29 7.13 28.15 -29.78
C ALA J 29 6.71 28.44 -31.22
N LEU J 30 5.66 29.24 -31.40
CA LEU J 30 5.24 29.62 -32.75
C LEU J 30 6.34 30.37 -33.48
N PHE J 31 6.88 31.42 -32.87
CA PHE J 31 7.86 32.25 -33.55
C PHE J 31 9.22 31.58 -33.62
N PHE J 32 9.58 30.78 -32.61
CA PHE J 32 10.85 30.08 -32.65
C PHE J 32 10.86 29.02 -33.76
N GLU J 33 9.78 28.25 -33.87
CA GLU J 33 9.76 27.17 -34.85
C GLU J 33 9.78 27.71 -36.27
N ARG J 34 9.11 28.83 -36.52
CA ARG J 34 9.13 29.41 -37.87
C ARG J 34 10.52 29.91 -38.22
N ALA J 35 11.19 30.59 -37.29
CA ALA J 35 12.52 31.12 -37.57
C ALA J 35 13.56 30.01 -37.60
N PHE J 36 13.42 29.01 -36.73
CA PHE J 36 14.42 27.95 -36.66
C PHE J 36 14.47 27.12 -37.94
N ASP J 37 13.31 26.78 -38.49
CA ASP J 37 13.30 26.02 -39.75
C ASP J 37 13.98 26.80 -40.87
N GLN J 38 13.58 28.06 -41.06
CA GLN J 38 14.22 28.88 -42.09
C GLN J 38 15.69 29.11 -41.76
N GLY J 39 16.01 29.32 -40.48
CA GLY J 39 17.40 29.50 -40.10
C GLY J 39 18.23 28.25 -40.31
N ALA J 40 17.71 27.09 -39.91
CA ALA J 40 18.47 25.85 -40.06
C ALA J 40 18.47 25.34 -41.50
N ASP J 41 17.39 25.56 -42.25
CA ASP J 41 17.36 25.11 -43.63
C ASP J 41 18.31 25.92 -44.50
N ALA J 42 18.33 27.24 -44.32
CA ALA J 42 19.19 28.09 -45.13
C ALA J 42 20.65 27.69 -45.02
N ILE J 43 21.07 27.13 -43.88
CA ILE J 43 22.43 26.60 -43.76
C ILE J 43 22.59 25.38 -44.64
N TYR J 44 21.57 24.52 -44.72
CA TYR J 44 21.65 23.30 -45.50
C TYR J 44 21.86 23.60 -46.98
N GLU J 45 21.15 24.59 -47.51
CA GLU J 45 21.33 24.98 -48.90
C GLU J 45 22.74 25.52 -49.14
N HIS J 46 23.27 26.30 -48.20
CA HIS J 46 24.62 26.83 -48.37
C HIS J 46 25.65 25.72 -48.40
N ILE J 47 25.49 24.71 -47.53
CA ILE J 47 26.41 23.58 -47.55
C ILE J 47 26.29 22.80 -48.85
N ASN J 48 25.09 22.72 -49.41
CA ASN J 48 24.84 21.90 -50.58
C ASN J 48 24.37 22.74 -51.77
N GLU J 49 25.07 23.85 -52.03
CA GLU J 49 24.70 24.72 -53.13
C GLU J 49 24.95 24.03 -54.46
N GLY J 50 23.95 24.07 -55.35
CA GLY J 50 24.05 23.39 -56.62
C GLY J 50 23.99 21.89 -56.54
N LYS J 51 23.40 21.34 -55.48
CA LYS J 51 23.37 19.90 -55.25
C LYS J 51 21.97 19.32 -55.28
N LEU J 52 21.04 19.88 -54.48
CA LEU J 52 19.73 19.29 -54.35
C LEU J 52 18.89 19.52 -55.61
N TRP J 53 17.67 19.00 -55.59
CA TRP J 53 16.79 19.13 -56.75
C TRP J 53 16.41 20.58 -57.01
N LYS J 54 16.09 21.33 -55.96
CA LYS J 54 15.65 22.71 -56.15
C LYS J 54 16.74 23.59 -56.74
N HIS J 55 18.00 23.22 -56.58
CA HIS J 55 19.10 23.98 -57.17
C HIS J 55 19.32 23.66 -58.64
N ILE J 56 18.77 22.55 -59.12
CA ILE J 56 18.85 22.18 -60.53
C ILE J 56 17.47 22.01 -61.16
N LYS J 57 16.40 22.27 -60.41
CA LYS J 57 15.05 22.15 -60.97
C LYS J 57 14.82 23.18 -62.06
N HIS J 58 15.42 24.36 -61.94
CA HIS J 58 15.21 25.42 -62.92
C HIS J 58 15.69 25.03 -64.32
N LYS J 59 16.56 24.02 -64.42
CA LYS J 59 17.05 23.56 -65.71
C LYS J 59 15.96 22.88 -66.54
N TYR J 60 14.81 22.56 -65.96
CA TYR J 60 13.73 21.91 -66.69
C TYR J 60 12.40 22.62 -66.44
N GLU J 61 11.31 22.01 -66.91
CA GLU J 61 9.97 22.58 -66.79
C GLU J 61 9.87 23.93 -67.49
N ASN J 62 10.33 23.98 -68.75
CA ASN J 62 10.23 25.12 -69.65
C ASN J 62 11.02 26.34 -69.18
N LYS J 63 11.72 26.26 -68.05
CA LYS J 63 12.52 27.37 -67.55
C LYS J 63 13.91 27.40 -68.16
N GLU J 64 14.27 26.41 -68.97
CA GLU J 64 15.58 26.38 -69.62
C GLU J 64 15.52 25.58 -70.91
N MET K 1 18.77 -31.62 2.76
CA MET K 1 18.12 -30.31 2.82
C MET K 1 16.94 -30.27 3.81
N LEU K 2 16.11 -29.24 3.67
CA LEU K 2 15.03 -28.88 4.60
C LEU K 2 15.55 -28.49 5.98
N THR K 3 16.85 -28.22 6.11
CA THR K 3 17.47 -27.87 7.38
C THR K 3 18.23 -26.55 7.23
N ARG K 4 18.89 -26.13 8.33
CA ARG K 4 19.68 -24.92 8.35
C ARG K 4 21.15 -25.19 8.64
N PHE K 5 21.46 -26.00 9.64
CA PHE K 5 22.84 -26.35 9.97
C PHE K 5 23.01 -27.86 10.04
N LEU K 6 24.18 -28.31 10.48
CA LEU K 6 24.49 -29.73 10.61
C LEU K 6 24.53 -30.07 12.10
N GLY K 7 23.38 -30.42 12.66
CA GLY K 7 23.28 -30.77 14.05
C GLY K 7 22.26 -31.85 14.31
N PRO K 8 22.34 -32.49 15.48
CA PRO K 8 21.34 -33.52 15.82
C PRO K 8 19.90 -33.04 15.76
N ARG K 9 19.65 -31.78 16.16
CA ARG K 9 18.28 -31.26 16.07
C ARG K 9 17.83 -31.17 14.62
N TYR K 10 18.71 -30.71 13.74
CA TYR K 10 18.36 -30.63 12.33
C TYR K 10 18.38 -31.99 11.65
N ARG K 11 19.25 -32.89 12.12
CA ARG K 11 19.23 -34.26 11.59
C ARG K 11 17.92 -34.94 11.90
N GLN K 12 17.39 -34.76 13.11
CA GLN K 12 16.06 -35.27 13.43
C GLN K 12 15.00 -34.57 12.60
N LEU K 13 15.18 -33.26 12.35
CA LEU K 13 14.23 -32.53 11.53
C LEU K 13 14.21 -33.07 10.10
N ALA K 14 15.40 -33.35 9.54
CA ALA K 14 15.47 -33.87 8.18
C ALA K 14 14.83 -35.26 8.09
N ARG K 15 15.14 -36.13 9.05
CA ARG K 15 14.57 -37.48 9.03
C ARG K 15 13.06 -37.47 9.20
N ASN K 16 12.55 -36.57 10.04
CA ASN K 16 11.11 -36.51 10.28
C ASN K 16 10.33 -36.08 9.06
N TRP K 17 10.95 -35.33 8.14
CA TRP K 17 10.28 -34.85 6.94
C TRP K 17 10.79 -35.54 5.67
N VAL K 18 11.39 -36.72 5.81
CA VAL K 18 11.82 -37.51 4.66
C VAL K 18 10.63 -38.23 4.03
N PRO K 19 9.78 -38.94 4.80
CA PRO K 19 8.66 -39.64 4.15
C PRO K 19 7.75 -38.72 3.34
N THR K 20 7.48 -37.51 3.82
CA THR K 20 6.69 -36.58 3.02
C THR K 20 7.47 -36.11 1.80
N ALA K 21 8.77 -35.86 1.95
CA ALA K 21 9.58 -35.46 0.81
C ALA K 21 9.76 -36.73 -0.01
N SER K 22 9.78 -37.90 0.62
CA SER K 22 9.89 -39.16 -0.16
C SER K 22 8.72 -39.26 -1.16
N LEU K 23 7.49 -39.06 -0.69
CA LEU K 23 6.31 -39.24 -1.59
C LEU K 23 6.03 -37.94 -2.35
N TRP K 24 6.64 -36.81 -1.98
CA TRP K 24 6.37 -35.61 -2.75
C TRP K 24 7.01 -35.68 -4.13
N GLY K 25 8.17 -36.32 -4.23
CA GLY K 25 8.81 -36.51 -5.53
C GLY K 25 8.03 -37.41 -6.47
N ALA K 26 7.11 -38.22 -5.93
CA ALA K 26 6.26 -39.03 -6.79
C ALA K 26 5.36 -38.16 -7.65
N VAL K 27 4.82 -37.09 -7.07
CA VAL K 27 4.01 -36.14 -7.83
C VAL K 27 4.84 -35.51 -8.94
N GLY K 28 6.08 -35.12 -8.62
CA GLY K 28 6.98 -34.61 -9.65
C GLY K 28 7.33 -35.65 -10.70
N ALA K 29 7.41 -36.92 -10.31
CA ALA K 29 7.73 -37.98 -11.24
C ALA K 29 6.49 -38.44 -12.02
N VAL K 30 5.48 -38.92 -11.30
CA VAL K 30 4.27 -39.42 -11.96
C VAL K 30 3.55 -38.30 -12.69
N GLY K 31 3.42 -37.13 -12.04
CA GLY K 31 2.72 -36.02 -12.67
C GLY K 31 3.36 -35.57 -13.96
N LEU K 32 4.70 -35.48 -13.99
CA LEU K 32 5.39 -35.19 -15.24
C LEU K 32 5.21 -36.33 -16.23
N VAL K 33 5.28 -37.57 -15.76
CA VAL K 33 5.06 -38.71 -16.65
C VAL K 33 3.62 -38.71 -17.15
N TRP K 34 2.67 -38.39 -16.28
CA TRP K 34 1.27 -38.32 -16.70
C TRP K 34 1.06 -37.21 -17.72
N ALA K 35 1.76 -36.09 -17.56
CA ALA K 35 1.54 -34.94 -18.43
C ALA K 35 1.92 -35.26 -19.88
N THR K 36 3.03 -35.95 -20.10
CA THR K 36 3.54 -36.21 -21.44
C THR K 36 3.61 -37.70 -21.76
N ASP K 37 2.78 -38.49 -21.06
CA ASP K 37 2.71 -39.95 -21.32
C ASP K 37 4.14 -40.51 -21.50
N TRP K 38 5.03 -40.27 -20.54
CA TRP K 38 6.39 -40.88 -20.62
C TRP K 38 6.25 -42.36 -20.96
N ARG K 39 6.52 -42.74 -22.21
CA ARG K 39 6.34 -44.14 -22.67
C ARG K 39 7.14 -45.12 -21.79
N LEU K 40 8.46 -44.95 -21.73
CA LEU K 40 9.32 -45.88 -20.95
C LEU K 40 8.66 -46.13 -19.59
N ILE K 41 7.94 -45.14 -19.06
CA ILE K 41 7.26 -45.30 -17.78
C ILE K 41 5.86 -45.86 -17.96
N LEU K 42 5.15 -45.42 -19.00
CA LEU K 42 3.81 -45.94 -19.27
C LEU K 42 3.82 -47.36 -19.81
N ASP K 43 4.98 -47.90 -20.16
CA ASP K 43 5.07 -49.27 -20.65
C ASP K 43 5.12 -50.31 -19.54
N TRP K 44 5.21 -49.89 -18.28
CA TRP K 44 5.30 -50.83 -17.17
C TRP K 44 3.99 -50.98 -16.40
N VAL K 45 3.15 -49.95 -16.41
CA VAL K 45 1.84 -50.06 -15.74
C VAL K 45 0.97 -51.07 -16.49
N PRO K 46 0.32 -52.01 -15.78
CA PRO K 46 -0.40 -53.06 -16.51
C PRO K 46 -1.71 -52.57 -17.14
N TYR K 47 -2.48 -51.74 -16.44
CA TYR K 47 -3.77 -51.34 -16.95
C TYR K 47 -3.64 -50.31 -18.07
N ILE K 48 -2.58 -49.52 -18.06
CA ILE K 48 -2.38 -48.49 -19.08
C ILE K 48 -1.48 -49.00 -20.22
N ASN K 49 -1.29 -50.31 -20.30
CA ASN K 49 -0.48 -50.88 -21.37
C ASN K 49 -1.34 -51.18 -22.60
N THR L 1 23.79 -37.70 47.72
CA THR L 1 23.83 -38.89 46.89
C THR L 1 22.46 -39.54 46.67
N ALA L 2 21.38 -38.87 47.10
CA ALA L 2 20.03 -39.39 46.89
C ALA L 2 19.53 -38.88 45.55
N THR L 3 19.56 -39.74 44.54
CA THR L 3 19.17 -39.34 43.20
C THR L 3 17.68 -39.06 43.12
N TYR L 4 17.28 -38.37 42.06
CA TYR L 4 15.86 -38.06 41.85
C TYR L 4 15.05 -39.34 41.69
N ALA L 5 15.60 -40.34 41.01
CA ALA L 5 14.92 -41.62 40.87
C ALA L 5 14.74 -42.30 42.22
N GLN L 6 15.76 -42.24 43.07
CA GLN L 6 15.69 -42.89 44.37
C GLN L 6 14.76 -42.17 45.32
N ALA L 7 14.62 -40.84 45.18
CA ALA L 7 13.78 -40.09 46.09
C ALA L 7 12.29 -40.30 45.82
N LEU L 8 11.93 -40.60 44.57
CA LEU L 8 10.54 -40.83 44.25
C LEU L 8 10.00 -42.07 44.97
N GLN L 9 10.82 -43.11 45.09
CA GLN L 9 10.39 -44.31 45.78
C GLN L 9 10.17 -44.07 47.27
N SER L 10 10.91 -43.13 47.86
CA SER L 10 10.78 -42.87 49.29
C SER L 10 9.45 -42.22 49.66
N VAL L 11 8.67 -41.78 48.68
CA VAL L 11 7.37 -41.17 48.99
C VAL L 11 6.47 -42.23 49.61
N PRO L 12 5.81 -41.94 50.74
CA PRO L 12 4.95 -42.96 51.36
C PRO L 12 3.82 -43.39 50.45
N GLU L 13 3.50 -44.68 50.51
CA GLU L 13 2.48 -45.25 49.64
C GLU L 13 1.09 -44.97 50.21
N THR L 14 0.17 -44.56 49.34
CA THR L 14 -1.21 -44.33 49.75
C THR L 14 -1.86 -45.64 50.17
N GLN L 15 -2.60 -45.59 51.28
CA GLN L 15 -3.32 -46.74 51.79
C GLN L 15 -4.81 -46.52 51.58
N VAL L 16 -5.46 -47.47 50.90
CA VAL L 16 -6.87 -47.36 50.56
C VAL L 16 -7.60 -48.55 51.18
N SER L 17 -8.66 -48.27 51.93
CA SER L 17 -9.49 -49.30 52.52
C SER L 17 -10.96 -49.00 52.26
N GLN L 18 -11.74 -50.05 52.09
CA GLN L 18 -13.15 -49.94 51.74
C GLN L 18 -14.00 -50.30 52.95
N LEU L 19 -15.07 -49.54 53.16
CA LEU L 19 -15.99 -49.77 54.26
C LEU L 19 -17.05 -50.79 53.83
N ASP L 20 -18.05 -51.01 54.69
CA ASP L 20 -19.07 -52.01 54.40
C ASP L 20 -20.03 -51.54 53.31
N ASN L 21 -20.35 -50.24 53.31
CA ASN L 21 -21.32 -49.70 52.36
C ASN L 21 -20.67 -49.24 51.05
N GLY L 22 -19.36 -49.45 50.90
CA GLY L 22 -18.66 -49.05 49.69
C GLY L 22 -17.88 -47.77 49.80
N LEU L 23 -17.80 -47.16 50.98
CA LEU L 23 -17.01 -45.96 51.16
C LEU L 23 -15.52 -46.31 51.10
N ARG L 24 -14.79 -45.56 50.28
CA ARG L 24 -13.36 -45.77 50.11
C ARG L 24 -12.63 -44.83 51.05
N VAL L 25 -11.96 -45.38 52.06
CA VAL L 25 -11.19 -44.61 53.02
C VAL L 25 -9.74 -44.67 52.61
N ALA L 26 -9.16 -43.51 52.30
CA ALA L 26 -7.79 -43.42 51.82
C ALA L 26 -7.01 -42.41 52.65
N SER L 27 -5.71 -42.62 52.75
CA SER L 27 -4.85 -41.71 53.48
C SER L 27 -3.42 -41.89 53.03
N GLU L 28 -2.60 -40.88 53.31
CA GLU L 28 -1.15 -40.95 53.14
C GLU L 28 -0.50 -40.44 54.41
N GLN L 29 0.25 -41.32 55.07
CA GLN L 29 0.91 -40.94 56.32
C GLN L 29 2.08 -40.01 56.05
N SER L 30 2.33 -39.11 57.00
CA SER L 30 3.43 -38.16 56.89
C SER L 30 3.87 -37.78 58.30
N SER L 31 4.72 -36.75 58.39
CA SER L 31 5.27 -36.30 59.66
C SER L 31 4.82 -34.90 60.04
N GLN L 32 4.07 -34.21 59.19
CA GLN L 32 3.68 -32.85 59.48
C GLN L 32 2.71 -32.82 60.66
N PRO L 33 2.83 -31.82 61.55
CA PRO L 33 1.85 -31.70 62.63
C PRO L 33 0.46 -31.34 62.15
N THR L 34 0.30 -30.87 60.93
CA THR L 34 -0.99 -30.50 60.37
C THR L 34 -1.46 -31.55 59.38
N CYS L 35 -2.76 -31.51 59.08
CA CYS L 35 -3.36 -32.48 58.17
C CYS L 35 -4.66 -31.91 57.63
N THR L 36 -5.10 -32.49 56.52
CA THR L 36 -6.40 -32.17 55.94
C THR L 36 -7.13 -33.46 55.60
N VAL L 37 -8.44 -33.46 55.83
CA VAL L 37 -9.30 -34.61 55.54
C VAL L 37 -10.52 -34.11 54.78
N GLY L 38 -10.87 -34.80 53.69
CA GLY L 38 -11.98 -34.36 52.87
C GLY L 38 -12.72 -35.53 52.27
N VAL L 39 -13.91 -35.23 51.73
CA VAL L 39 -14.77 -36.22 51.09
C VAL L 39 -15.01 -35.79 49.65
N TRP L 40 -14.67 -36.68 48.72
CA TRP L 40 -14.87 -36.44 47.30
C TRP L 40 -16.02 -37.32 46.82
N ILE L 41 -16.97 -36.71 46.12
CA ILE L 41 -18.17 -37.42 45.69
C ILE L 41 -18.31 -37.26 44.18
N ASP L 42 -19.01 -38.21 43.56
CA ASP L 42 -19.29 -38.18 42.13
C ASP L 42 -20.58 -37.40 41.93
N ALA L 43 -20.44 -36.09 41.75
CA ALA L 43 -21.59 -35.23 41.55
C ALA L 43 -21.14 -33.97 40.83
N GLY L 44 -22.05 -33.39 40.06
CA GLY L 44 -21.72 -32.19 39.31
C GLY L 44 -22.80 -31.90 38.29
N SER L 45 -22.50 -30.94 37.42
CA SER L 45 -23.47 -30.54 36.40
C SER L 45 -23.76 -31.69 35.44
N ARG L 46 -22.74 -32.49 35.11
CA ARG L 46 -22.93 -33.58 34.16
C ARG L 46 -23.93 -34.62 34.66
N TYR L 47 -24.15 -34.69 35.97
CA TYR L 47 -25.09 -35.66 36.53
C TYR L 47 -26.49 -35.09 36.71
N GLU L 48 -26.71 -33.84 36.32
CA GLU L 48 -28.00 -33.18 36.49
C GLU L 48 -28.63 -32.90 35.13
N SER L 49 -29.91 -33.23 35.00
CA SER L 49 -30.64 -32.88 33.79
C SER L 49 -30.90 -31.38 33.78
N GLU L 50 -31.64 -30.93 32.75
CA GLU L 50 -31.93 -29.50 32.65
C GLU L 50 -32.84 -29.03 33.78
N LYS L 51 -33.64 -29.93 34.34
CA LYS L 51 -34.61 -29.52 35.36
C LYS L 51 -33.91 -29.19 36.67
N ASN L 52 -32.89 -29.97 37.06
CA ASN L 52 -32.18 -29.76 38.31
C ASN L 52 -30.75 -29.31 38.08
N ASN L 53 -30.48 -28.66 36.95
CA ASN L 53 -29.14 -28.16 36.67
C ASN L 53 -28.78 -27.08 37.68
N GLY L 54 -27.53 -27.11 38.14
CA GLY L 54 -27.09 -26.17 39.15
C GLY L 54 -27.53 -26.49 40.55
N ALA L 55 -28.05 -27.70 40.80
CA ALA L 55 -28.40 -28.08 42.17
C ALA L 55 -27.16 -28.24 43.04
N GLY L 56 -26.07 -28.74 42.46
CA GLY L 56 -24.86 -28.94 43.25
C GLY L 56 -24.31 -27.64 43.80
N TYR L 57 -24.30 -26.58 42.98
CA TYR L 57 -23.89 -25.28 43.47
C TYR L 57 -24.84 -24.78 44.56
N PHE L 58 -26.15 -25.00 44.36
CA PHE L 58 -27.11 -24.65 45.40
C PHE L 58 -26.92 -25.52 46.64
N VAL L 59 -26.66 -26.81 46.45
CA VAL L 59 -26.45 -27.71 47.59
C VAL L 59 -25.17 -27.35 48.33
N GLU L 60 -24.10 -27.04 47.59
CA GLU L 60 -22.83 -26.71 48.21
C GLU L 60 -22.94 -25.46 49.07
N HIS L 61 -23.73 -24.48 48.61
CA HIS L 61 -23.88 -23.24 49.38
C HIS L 61 -24.51 -23.51 50.74
N LEU L 62 -25.52 -24.37 50.78
CA LEU L 62 -26.21 -24.69 52.02
C LEU L 62 -25.53 -25.78 52.83
N ALA L 63 -24.42 -26.34 52.33
CA ALA L 63 -23.76 -27.43 53.04
C ALA L 63 -23.24 -26.99 54.40
N PHE L 64 -22.62 -25.81 54.47
CA PHE L 64 -22.05 -25.29 55.70
C PHE L 64 -22.99 -24.36 56.46
N LYS L 65 -24.21 -24.15 55.95
CA LYS L 65 -25.12 -23.19 56.57
C LYS L 65 -25.89 -23.78 57.74
N GLY L 66 -25.79 -25.08 57.98
CA GLY L 66 -26.49 -25.70 59.09
C GLY L 66 -26.77 -27.17 58.88
N THR L 67 -26.68 -27.94 59.96
CA THR L 67 -26.92 -29.37 59.92
C THR L 67 -27.98 -29.74 60.94
N LYS L 68 -28.41 -31.00 60.91
CA LYS L 68 -29.39 -31.48 61.87
C LYS L 68 -28.84 -31.44 63.30
N ASN L 69 -27.57 -31.81 63.47
CA ASN L 69 -26.98 -31.81 64.80
C ASN L 69 -26.63 -30.41 65.27
N ARG L 70 -26.15 -29.55 64.37
CA ARG L 70 -25.67 -28.22 64.70
C ARG L 70 -26.40 -27.19 63.86
N PRO L 71 -27.64 -26.86 64.23
CA PRO L 71 -28.39 -25.87 63.46
C PRO L 71 -27.74 -24.50 63.53
N GLY L 72 -27.90 -23.74 62.45
CA GLY L 72 -27.38 -22.40 62.40
C GLY L 72 -25.88 -22.34 62.16
N ASN L 73 -25.20 -21.46 62.88
CA ASN L 73 -23.77 -21.24 62.72
C ASN L 73 -22.94 -22.06 63.70
N ALA L 74 -23.57 -22.96 64.45
CA ALA L 74 -22.83 -23.76 65.42
C ALA L 74 -21.80 -24.65 64.74
N LEU L 75 -22.15 -25.18 63.56
CA LEU L 75 -21.19 -25.98 62.80
C LEU L 75 -19.98 -25.15 62.41
N GLU L 76 -20.21 -23.90 61.96
CA GLU L 76 -19.10 -23.02 61.62
C GLU L 76 -18.32 -22.61 62.85
N LYS L 77 -19.02 -22.36 63.97
CA LYS L 77 -18.35 -21.92 65.19
C LYS L 77 -17.41 -23.00 65.70
N GLU L 78 -17.78 -24.27 65.55
CA GLU L 78 -16.92 -25.35 65.98
C GLU L 78 -15.61 -25.35 65.21
N VAL L 79 -15.66 -25.10 63.90
CA VAL L 79 -14.45 -25.15 63.08
C VAL L 79 -13.54 -23.97 63.40
N GLU L 80 -14.11 -22.77 63.51
CA GLU L 80 -13.30 -21.57 63.66
C GLU L 80 -12.57 -21.56 65.00
N SER L 81 -13.28 -21.83 66.09
CA SER L 81 -12.63 -21.94 67.40
C SER L 81 -11.65 -23.10 67.44
N MET L 82 -11.84 -24.11 66.60
CA MET L 82 -10.92 -25.23 66.53
C MET L 82 -9.61 -24.84 65.86
N GLY L 83 -9.63 -23.83 65.00
CA GLY L 83 -8.46 -23.38 64.29
C GLY L 83 -8.32 -23.90 62.88
N ALA L 84 -9.35 -24.56 62.35
CA ALA L 84 -9.26 -25.23 61.05
C ALA L 84 -9.83 -24.37 59.94
N HIS L 85 -9.42 -24.68 58.71
CA HIS L 85 -9.90 -24.02 57.51
C HIS L 85 -10.84 -24.97 56.77
N LEU L 86 -12.03 -24.48 56.43
CA LEU L 86 -13.05 -25.28 55.76
C LEU L 86 -13.23 -24.77 54.34
N ASN L 87 -13.16 -25.68 53.38
CA ASN L 87 -13.25 -25.32 51.96
C ASN L 87 -14.07 -26.37 51.24
N ALA L 88 -14.59 -25.98 50.07
CA ALA L 88 -15.41 -26.88 49.26
C ALA L 88 -15.44 -26.36 47.83
N TYR L 89 -15.28 -27.27 46.88
CA TYR L 89 -15.32 -26.93 45.47
C TYR L 89 -16.13 -27.96 44.72
N SER L 90 -16.77 -27.51 43.63
CA SER L 90 -17.59 -28.39 42.80
C SER L 90 -17.35 -28.08 41.34
N THR L 91 -17.20 -29.13 40.53
CA THR L 91 -16.98 -29.02 39.10
C THR L 91 -18.05 -29.83 38.37
N ARG L 92 -17.86 -29.99 37.06
CA ARG L 92 -18.81 -30.72 36.25
C ARG L 92 -18.85 -32.21 36.57
N GLU L 93 -17.88 -32.73 37.32
CA GLU L 93 -17.82 -34.15 37.61
C GLU L 93 -17.54 -34.49 39.06
N HIS L 94 -17.12 -33.54 39.89
CA HIS L 94 -16.72 -33.84 41.25
C HIS L 94 -17.17 -32.74 42.20
N THR L 95 -17.25 -33.10 43.48
CA THR L 95 -17.49 -32.17 44.57
C THR L 95 -16.62 -32.60 45.74
N ALA L 96 -16.23 -31.64 46.57
CA ALA L 96 -15.35 -31.95 47.68
C ALA L 96 -15.63 -31.03 48.86
N TYR L 97 -15.34 -31.53 50.05
CA TYR L 97 -15.39 -30.74 51.28
C TYR L 97 -14.22 -31.18 52.15
N TYR L 98 -13.14 -30.41 52.16
CA TYR L 98 -11.95 -30.78 52.89
C TYR L 98 -11.64 -29.73 53.96
N ILE L 99 -11.24 -30.21 55.14
CA ILE L 99 -10.95 -29.38 56.29
C ILE L 99 -9.52 -29.63 56.73
N LYS L 100 -8.73 -28.56 56.83
CA LYS L 100 -7.33 -28.65 57.24
C LYS L 100 -7.19 -28.20 58.67
N ALA L 101 -6.54 -29.02 59.49
CA ALA L 101 -6.36 -28.73 60.91
C ALA L 101 -5.11 -29.43 61.40
N LEU L 102 -4.87 -29.34 62.70
CA LEU L 102 -3.77 -30.06 63.30
C LEU L 102 -4.03 -31.56 63.29
N SER L 103 -2.95 -32.33 63.15
CA SER L 103 -3.07 -33.78 63.11
C SER L 103 -3.72 -34.33 64.37
N LYS L 104 -3.49 -33.69 65.51
CA LYS L 104 -4.15 -34.08 66.75
C LYS L 104 -5.64 -33.82 66.73
N ASP L 105 -6.13 -33.01 65.78
CA ASP L 105 -7.53 -32.64 65.71
C ASP L 105 -8.28 -33.43 64.65
N LEU L 106 -7.69 -34.51 64.14
CA LEU L 106 -8.37 -35.33 63.13
C LEU L 106 -9.70 -35.89 63.60
N PRO L 107 -9.82 -36.47 64.82
CA PRO L 107 -11.11 -37.08 65.18
C PRO L 107 -12.30 -36.15 65.10
N LYS L 108 -12.12 -34.87 65.46
CA LYS L 108 -13.24 -33.93 65.39
C LYS L 108 -13.53 -33.53 63.95
N ALA L 109 -12.50 -33.45 63.11
CA ALA L 109 -12.71 -33.05 61.71
C ALA L 109 -13.55 -34.09 60.97
N VAL L 110 -13.29 -35.38 61.21
CA VAL L 110 -14.05 -36.43 60.55
C VAL L 110 -15.51 -36.42 61.02
N GLU L 111 -15.72 -36.18 62.32
CA GLU L 111 -17.08 -36.15 62.84
C GLU L 111 -17.89 -35.03 62.20
N LEU L 112 -17.29 -33.86 62.03
CA LEU L 112 -17.98 -32.76 61.37
C LEU L 112 -18.28 -33.10 59.91
N LEU L 113 -17.32 -33.72 59.21
CA LEU L 113 -17.49 -34.01 57.79
C LEU L 113 -18.66 -34.95 57.55
N ALA L 114 -18.85 -35.93 58.43
CA ALA L 114 -20.00 -36.82 58.31
C ALA L 114 -21.30 -36.04 58.46
N ASP L 115 -21.33 -35.07 59.38
CA ASP L 115 -22.54 -34.29 59.60
C ASP L 115 -22.92 -33.47 58.37
N ILE L 116 -21.92 -32.86 57.72
CA ILE L 116 -22.20 -32.05 56.54
C ILE L 116 -22.81 -32.91 55.44
N VAL L 117 -22.32 -34.14 55.30
CA VAL L 117 -22.74 -35.00 54.20
C VAL L 117 -24.12 -35.60 54.48
N GLN L 118 -24.24 -36.34 55.58
CA GLN L 118 -25.47 -37.08 55.85
C GLN L 118 -26.58 -36.20 56.38
N ASN L 119 -26.27 -35.15 57.12
CA ASN L 119 -27.28 -34.43 57.88
C ASN L 119 -27.42 -32.98 57.47
N CYS L 120 -27.49 -32.71 56.16
CA CYS L 120 -27.75 -31.36 55.71
C CYS L 120 -29.14 -30.91 56.15
N SER L 121 -29.25 -29.65 56.57
CA SER L 121 -30.50 -29.15 57.14
C SER L 121 -31.44 -28.64 56.06
N LEU L 122 -30.95 -27.73 55.20
CA LEU L 122 -31.74 -27.19 54.10
C LEU L 122 -33.00 -26.49 54.59
N GLU L 123 -32.82 -25.60 55.57
CA GLU L 123 -33.95 -24.86 56.10
C GLU L 123 -34.57 -23.97 55.04
N ASP L 124 -35.90 -23.89 55.04
CA ASP L 124 -36.61 -23.17 53.98
C ASP L 124 -36.18 -21.72 53.90
N SER L 125 -35.89 -21.10 55.05
CA SER L 125 -35.39 -19.73 55.02
C SER L 125 -33.99 -19.65 54.41
N GLN L 126 -33.18 -20.71 54.58
CA GLN L 126 -31.83 -20.68 54.05
C GLN L 126 -31.81 -20.77 52.53
N ILE L 127 -32.71 -21.57 51.95
CA ILE L 127 -32.78 -21.66 50.50
C ILE L 127 -33.14 -20.31 49.89
N GLU L 128 -34.13 -19.62 50.46
CA GLU L 128 -34.48 -18.30 49.95
C GLU L 128 -33.33 -17.32 50.12
N LYS L 129 -32.63 -17.38 51.25
CA LYS L 129 -31.48 -16.51 51.45
C LYS L 129 -30.34 -16.87 50.51
N GLU L 130 -30.07 -18.16 50.33
CA GLU L 130 -28.99 -18.57 49.44
C GLU L 130 -29.37 -18.42 47.97
N ARG L 131 -30.66 -18.34 47.67
CA ARG L 131 -31.07 -18.10 46.28
C ARG L 131 -30.56 -16.76 45.79
N ASP L 132 -30.63 -15.73 46.63
CA ASP L 132 -30.11 -14.42 46.25
C ASP L 132 -28.60 -14.41 46.14
N VAL L 133 -27.92 -15.31 46.87
CA VAL L 133 -26.47 -15.37 46.79
C VAL L 133 -26.05 -15.94 45.44
N ILE L 134 -26.72 -17.00 44.97
CA ILE L 134 -26.42 -17.55 43.66
C ILE L 134 -26.70 -16.53 42.57
N LEU L 135 -27.85 -15.85 42.66
CA LEU L 135 -28.20 -14.85 41.65
C LEU L 135 -27.19 -13.72 41.64
N GLN L 136 -26.76 -13.27 42.82
CA GLN L 136 -25.71 -12.27 42.89
C GLN L 136 -24.39 -12.81 42.34
N GLU L 137 -24.06 -14.06 42.66
CA GLU L 137 -22.83 -14.65 42.15
C GLU L 137 -22.90 -14.86 40.64
N LEU L 138 -24.09 -15.12 40.10
CA LEU L 138 -24.22 -15.26 38.65
C LEU L 138 -23.91 -13.95 37.95
N GLN L 139 -24.40 -12.83 38.49
CA GLN L 139 -24.02 -11.53 37.93
C GLN L 139 -22.54 -11.26 38.12
N GLU L 140 -21.94 -11.86 39.16
CA GLU L 140 -20.51 -11.66 39.39
C GLU L 140 -19.67 -12.32 38.31
N ASN L 141 -19.99 -13.57 37.97
CA ASN L 141 -19.19 -14.33 37.03
C ASN L 141 -19.32 -13.83 35.60
N ASP L 142 -20.29 -12.96 35.32
CA ASP L 142 -20.42 -12.40 33.98
C ASP L 142 -19.24 -11.52 33.61
N THR L 143 -18.50 -11.00 34.59
CA THR L 143 -17.37 -10.14 34.33
C THR L 143 -16.05 -10.89 34.20
N SER L 144 -16.03 -12.19 34.47
CA SER L 144 -14.81 -12.99 34.37
C SER L 144 -14.70 -13.52 32.95
N MET L 145 -13.76 -12.96 32.19
CA MET L 145 -13.56 -13.40 30.81
C MET L 145 -13.12 -14.85 30.76
N ARG L 146 -12.22 -15.26 31.65
CA ARG L 146 -11.70 -16.63 31.62
C ARG L 146 -12.81 -17.65 31.83
N ASP L 147 -13.66 -17.41 32.82
CA ASP L 147 -14.71 -18.37 33.15
C ASP L 147 -15.84 -18.35 32.12
N VAL L 148 -16.17 -17.16 31.61
CA VAL L 148 -17.24 -17.05 30.61
C VAL L 148 -16.83 -17.77 29.33
N VAL L 149 -15.59 -17.58 28.90
CA VAL L 149 -15.14 -18.20 27.65
C VAL L 149 -15.12 -19.72 27.77
N PHE L 150 -14.64 -20.23 28.90
CA PHE L 150 -14.59 -21.68 29.09
C PHE L 150 -15.97 -22.29 29.17
N ASN L 151 -16.95 -21.55 29.71
CA ASN L 151 -18.33 -22.02 29.65
C ASN L 151 -18.89 -21.91 28.25
N TYR L 152 -18.47 -20.90 27.49
CA TYR L 152 -18.83 -20.84 26.07
C TYR L 152 -18.24 -22.02 25.32
N LEU L 153 -16.98 -22.34 25.57
CA LEU L 153 -16.34 -23.49 24.92
C LEU L 153 -17.03 -24.78 25.30
N HIS L 154 -17.37 -24.95 26.58
CA HIS L 154 -18.09 -26.15 27.00
C HIS L 154 -19.49 -26.20 26.41
N ALA L 155 -20.11 -25.05 26.15
CA ALA L 155 -21.47 -25.03 25.63
C ALA L 155 -21.54 -25.61 24.23
N THR L 156 -20.54 -25.32 23.39
CA THR L 156 -20.57 -25.73 21.99
C THR L 156 -19.75 -26.98 21.72
N ALA L 157 -18.65 -27.20 22.45
CA ALA L 157 -17.86 -28.41 22.23
C ALA L 157 -18.69 -29.65 22.54
N PHE L 158 -19.42 -29.60 23.66
CA PHE L 158 -20.28 -30.75 24.05
C PHE L 158 -21.74 -30.29 24.01
N GLN L 159 -22.16 -29.66 22.92
CA GLN L 159 -23.53 -29.16 22.84
C GLN L 159 -24.53 -30.32 22.76
N GLY L 160 -25.69 -30.10 23.37
CA GLY L 160 -26.71 -31.13 23.40
C GLY L 160 -26.40 -32.31 24.30
N THR L 161 -25.42 -32.13 25.19
CA THR L 161 -24.99 -33.22 26.10
C THR L 161 -24.94 -32.69 27.54
N PRO L 162 -25.07 -33.52 28.59
CA PRO L 162 -24.96 -33.04 29.97
C PRO L 162 -23.69 -32.26 30.25
N LEU L 163 -22.60 -32.56 29.55
CA LEU L 163 -21.34 -31.86 29.78
C LEU L 163 -21.40 -30.40 29.37
N ALA L 164 -22.42 -30.00 28.61
CA ALA L 164 -22.54 -28.61 28.20
C ALA L 164 -23.11 -27.71 29.28
N GLN L 165 -23.73 -28.29 30.31
CA GLN L 165 -24.29 -27.49 31.39
C GLN L 165 -23.18 -26.88 32.23
N SER L 166 -23.42 -25.67 32.72
CA SER L 166 -22.49 -25.05 33.65
C SER L 166 -22.78 -25.54 35.07
N VAL L 167 -21.74 -25.47 35.91
CA VAL L 167 -21.88 -25.92 37.29
C VAL L 167 -22.91 -25.08 38.03
N GLU L 168 -22.82 -23.76 37.89
CA GLU L 168 -23.76 -22.88 38.58
C GLU L 168 -25.18 -23.02 38.03
N GLY L 169 -25.30 -23.13 36.71
CA GLY L 169 -26.60 -23.31 36.10
C GLY L 169 -27.25 -22.00 35.69
N PRO L 170 -28.33 -22.08 34.91
CA PRO L 170 -29.01 -20.87 34.46
C PRO L 170 -29.66 -20.14 35.62
N SER L 171 -29.79 -18.82 35.45
CA SER L 171 -30.45 -18.01 36.49
C SER L 171 -31.90 -18.43 36.66
N GLU L 172 -32.58 -18.75 35.57
CA GLU L 172 -33.97 -19.19 35.66
C GLU L 172 -34.11 -20.46 36.48
N ASN L 173 -33.17 -21.39 36.31
CA ASN L 173 -33.17 -22.60 37.13
C ASN L 173 -32.93 -22.27 38.61
N VAL L 174 -32.07 -21.30 38.88
CA VAL L 174 -31.78 -20.92 40.26
C VAL L 174 -33.03 -20.39 40.95
N ARG L 175 -33.78 -19.52 40.26
CA ARG L 175 -34.98 -18.95 40.87
C ARG L 175 -36.04 -20.01 41.14
N LYS L 176 -36.21 -20.95 40.20
CA LYS L 176 -37.28 -21.93 40.31
C LYS L 176 -36.88 -23.17 41.10
N LEU L 177 -35.62 -23.30 41.50
CA LEU L 177 -35.21 -24.44 42.32
C LEU L 177 -35.87 -24.36 43.70
N SER L 178 -36.39 -25.50 44.14
CA SER L 178 -37.08 -25.60 45.42
C SER L 178 -36.36 -26.59 46.32
N ARG L 179 -36.84 -26.71 47.55
CA ARG L 179 -36.23 -27.63 48.49
C ARG L 179 -36.39 -29.08 48.06
N ALA L 180 -37.51 -29.42 47.42
CA ALA L 180 -37.75 -30.81 47.03
C ALA L 180 -36.70 -31.29 46.04
N ASP L 181 -36.33 -30.45 45.08
CA ASP L 181 -35.30 -30.85 44.11
C ASP L 181 -33.95 -31.04 44.80
N LEU L 182 -33.63 -30.18 45.77
CA LEU L 182 -32.33 -30.27 46.42
C LEU L 182 -32.18 -31.55 47.23
N THR L 183 -33.17 -31.86 48.07
CA THR L 183 -33.08 -33.08 48.87
C THR L 183 -33.16 -34.32 48.01
N GLU L 184 -33.91 -34.27 46.91
CA GLU L 184 -33.92 -35.37 45.96
C GLU L 184 -32.55 -35.55 45.32
N TYR L 185 -31.89 -34.45 44.98
CA TYR L 185 -30.56 -34.53 44.39
C TYR L 185 -29.56 -35.14 45.36
N LEU L 186 -29.61 -34.73 46.63
CA LEU L 186 -28.71 -35.29 47.63
C LEU L 186 -28.98 -36.77 47.85
N SER L 187 -30.26 -37.15 47.93
CA SER L 187 -30.62 -38.55 48.16
C SER L 187 -30.30 -39.45 46.97
N ARG L 188 -29.98 -38.87 45.81
CA ARG L 188 -29.69 -39.64 44.61
C ARG L 188 -28.20 -39.74 44.31
N HIS L 189 -27.44 -38.67 44.56
CA HIS L 189 -26.03 -38.63 44.19
C HIS L 189 -25.08 -38.72 45.38
N TYR L 190 -25.56 -38.55 46.61
CA TYR L 190 -24.69 -38.60 47.78
C TYR L 190 -24.86 -39.96 48.44
N LYS L 191 -24.12 -40.94 47.93
CA LYS L 191 -24.19 -42.30 48.41
C LYS L 191 -22.78 -42.83 48.64
N ALA L 192 -22.69 -43.82 49.53
CA ALA L 192 -21.39 -44.38 49.90
C ALA L 192 -20.59 -44.95 48.74
N PRO L 193 -21.17 -45.75 47.83
CA PRO L 193 -20.33 -46.34 46.77
C PRO L 193 -19.65 -45.31 45.90
N ARG L 194 -20.26 -44.14 45.70
CA ARG L 194 -19.69 -43.08 44.88
C ARG L 194 -19.00 -42.02 45.72
N MET L 195 -18.35 -42.44 46.81
CA MET L 195 -17.75 -41.52 47.76
C MET L 195 -16.32 -41.96 48.06
N VAL L 196 -15.50 -40.99 48.44
CA VAL L 196 -14.16 -41.30 48.92
C VAL L 196 -13.76 -40.28 49.98
N LEU L 197 -13.33 -40.79 51.14
CA LEU L 197 -12.82 -39.96 52.23
C LEU L 197 -11.31 -40.08 52.25
N ALA L 198 -10.63 -39.03 51.83
CA ALA L 198 -9.18 -39.00 51.75
C ALA L 198 -8.60 -38.08 52.82
N ALA L 199 -7.33 -38.31 53.14
CA ALA L 199 -6.64 -37.48 54.10
C ALA L 199 -5.13 -37.62 53.89
N ALA L 200 -4.38 -36.65 54.40
CA ALA L 200 -2.93 -36.70 54.34
C ALA L 200 -2.37 -35.78 55.42
N GLY L 201 -1.26 -36.20 56.02
CA GLY L 201 -0.66 -35.44 57.09
C GLY L 201 -0.08 -36.35 58.16
N GLY L 202 -0.07 -35.87 59.41
CA GLY L 202 0.45 -36.67 60.50
C GLY L 202 -0.59 -37.55 61.14
N LEU L 203 -1.33 -38.29 60.32
CA LEU L 203 -2.41 -39.16 60.79
C LEU L 203 -2.13 -40.60 60.40
N GLU L 204 -2.38 -41.52 61.32
CA GLU L 204 -2.26 -42.94 61.03
C GLU L 204 -3.48 -43.42 60.28
N HIS L 205 -3.26 -44.30 59.30
CA HIS L 205 -4.38 -44.79 58.49
C HIS L 205 -5.38 -45.55 59.34
N ARG L 206 -4.92 -46.24 60.38
CA ARG L 206 -5.84 -46.98 61.24
C ARG L 206 -6.82 -46.04 61.94
N GLN L 207 -6.34 -44.88 62.40
CA GLN L 207 -7.22 -43.94 63.08
C GLN L 207 -8.28 -43.40 62.13
N LEU L 208 -7.88 -43.07 60.89
CA LEU L 208 -8.85 -42.53 59.93
C LEU L 208 -9.91 -43.56 59.57
N LEU L 209 -9.51 -44.82 59.38
CA LEU L 209 -10.48 -45.86 59.04
C LEU L 209 -11.46 -46.08 60.19
N ASP L 210 -10.96 -46.12 61.43
CA ASP L 210 -11.85 -46.30 62.57
C ASP L 210 -12.79 -45.12 62.73
N LEU L 211 -12.28 -43.90 62.53
CA LEU L 211 -13.14 -42.72 62.61
C LEU L 211 -14.21 -42.76 61.54
N ALA L 212 -13.85 -43.16 60.31
CA ALA L 212 -14.84 -43.30 59.25
C ALA L 212 -15.84 -44.40 59.57
N GLN L 213 -15.35 -45.50 60.16
CA GLN L 213 -16.24 -46.58 60.56
C GLN L 213 -17.26 -46.13 61.60
N LYS L 214 -16.85 -45.22 62.48
CA LYS L 214 -17.75 -44.77 63.54
C LYS L 214 -18.83 -43.84 63.01
N HIS L 215 -18.48 -42.94 62.10
CA HIS L 215 -19.39 -41.88 61.65
C HIS L 215 -20.04 -42.17 60.31
N PHE L 216 -19.30 -42.73 59.36
CA PHE L 216 -19.84 -42.97 58.02
C PHE L 216 -20.53 -44.32 57.88
N SER L 217 -20.63 -45.11 58.95
CA SER L 217 -21.34 -46.38 58.87
C SER L 217 -22.83 -46.18 58.64
N GLY L 218 -23.37 -45.04 59.07
CA GLY L 218 -24.78 -44.75 58.86
C GLY L 218 -25.13 -44.42 57.43
N LEU L 219 -24.13 -44.17 56.58
CA LEU L 219 -24.38 -43.93 55.17
C LEU L 219 -24.95 -45.17 54.51
N SER L 220 -25.75 -44.95 53.47
CA SER L 220 -26.43 -46.03 52.77
C SER L 220 -25.86 -46.19 51.37
N GLY L 221 -25.77 -47.44 50.92
CA GLY L 221 -25.27 -47.74 49.59
C GLY L 221 -26.12 -48.79 48.89
N THR L 222 -27.42 -48.77 49.16
CA THR L 222 -28.33 -49.79 48.65
C THR L 222 -28.69 -49.48 47.20
N TYR L 223 -29.71 -50.20 46.69
CA TYR L 223 -30.11 -50.05 45.29
C TYR L 223 -30.69 -48.67 44.99
N ASP L 224 -31.15 -47.95 46.01
CA ASP L 224 -31.89 -46.68 45.91
C ASP L 224 -32.50 -46.44 44.53
N GLU L 225 -31.72 -45.90 43.59
CA GLU L 225 -32.17 -45.71 42.23
C GLU L 225 -31.13 -46.29 41.29
N ASP L 226 -31.55 -47.23 40.43
CA ASP L 226 -30.71 -47.82 39.39
C ASP L 226 -29.41 -48.41 39.92
N ALA L 227 -29.31 -48.58 41.25
CA ALA L 227 -28.14 -49.16 41.90
C ALA L 227 -26.87 -48.40 41.51
N VAL L 228 -26.82 -47.14 41.94
CA VAL L 228 -25.70 -46.24 41.66
C VAL L 228 -25.57 -46.10 40.14
N PRO L 229 -26.48 -45.37 39.49
CA PRO L 229 -26.50 -45.36 38.02
C PRO L 229 -25.22 -44.79 37.42
N THR L 230 -24.87 -45.31 36.24
CA THR L 230 -23.64 -44.92 35.55
C THR L 230 -23.91 -43.68 34.70
N LEU L 231 -22.93 -43.30 33.87
CA LEU L 231 -23.00 -42.13 33.05
C LEU L 231 -23.35 -42.51 31.61
N SER L 232 -23.47 -41.49 30.76
CA SER L 232 -23.69 -41.68 29.33
C SER L 232 -22.68 -40.87 28.55
N PRO L 233 -22.17 -41.38 27.45
CA PRO L 233 -21.15 -40.66 26.68
C PRO L 233 -21.69 -39.37 26.10
N CYS L 234 -20.83 -38.36 26.04
CA CYS L 234 -21.15 -37.07 25.46
C CYS L 234 -20.34 -36.87 24.19
N ARG L 235 -20.99 -36.39 23.14
CA ARG L 235 -20.35 -36.28 21.84
C ARG L 235 -19.76 -34.89 21.65
N PHE L 236 -18.46 -34.85 21.33
CA PHE L 236 -17.82 -33.61 20.95
C PHE L 236 -18.40 -33.11 19.62
N THR L 237 -18.52 -31.80 19.50
CA THR L 237 -19.12 -31.18 18.32
C THR L 237 -18.27 -30.00 17.89
N GLY L 238 -17.57 -30.15 16.77
CA GLY L 238 -16.83 -29.04 16.21
C GLY L 238 -17.75 -27.89 15.87
N SER L 239 -17.51 -26.73 16.48
CA SER L 239 -18.42 -25.60 16.35
C SER L 239 -17.64 -24.33 16.68
N GLN L 240 -18.36 -23.23 16.82
CA GLN L 240 -17.73 -21.93 17.06
C GLN L 240 -18.77 -20.98 17.62
N ILE L 241 -18.48 -20.39 18.78
CA ILE L 241 -19.35 -19.40 19.41
C ILE L 241 -18.57 -18.09 19.52
N CYS L 242 -19.20 -17.00 19.11
CA CYS L 242 -18.54 -15.69 19.07
C CYS L 242 -19.46 -14.64 19.67
N HIS L 243 -19.24 -14.33 20.96
CA HIS L 243 -19.93 -13.21 21.60
C HIS L 243 -19.11 -11.97 21.32
N ARG L 244 -19.43 -11.29 20.23
CA ARG L 244 -18.71 -10.08 19.84
C ARG L 244 -19.25 -8.91 20.65
N GLU L 245 -18.40 -8.33 21.50
CA GLU L 245 -18.76 -7.18 22.31
C GLU L 245 -17.55 -6.26 22.34
N ASP L 246 -17.68 -5.09 21.72
CA ASP L 246 -16.54 -4.20 21.54
C ASP L 246 -16.24 -3.36 22.77
N GLY L 247 -17.15 -3.30 23.76
CA GLY L 247 -16.88 -2.53 24.95
C GLY L 247 -15.70 -3.08 25.74
N LEU L 248 -15.64 -4.40 25.89
CA LEU L 248 -14.53 -5.01 26.61
C LEU L 248 -13.24 -4.84 25.83
N PRO L 249 -12.13 -4.53 26.50
CA PRO L 249 -10.92 -4.15 25.76
C PRO L 249 -10.22 -5.32 25.08
N LEU L 250 -10.09 -6.44 25.76
CA LEU L 250 -9.29 -7.56 25.27
C LEU L 250 -10.21 -8.68 24.77
N ALA L 251 -9.60 -9.59 24.01
CA ALA L 251 -10.31 -10.73 23.45
C ALA L 251 -9.80 -12.00 24.08
N HIS L 252 -10.72 -12.76 24.68
CA HIS L 252 -10.42 -14.07 25.25
C HIS L 252 -10.90 -15.13 24.26
N VAL L 253 -9.99 -15.98 23.80
CA VAL L 253 -10.31 -17.01 22.82
C VAL L 253 -9.75 -18.33 23.31
N ALA L 254 -10.60 -19.36 23.32
CA ALA L 254 -10.19 -20.72 23.68
C ALA L 254 -10.59 -21.65 22.55
N ILE L 255 -9.61 -22.39 22.03
CA ILE L 255 -9.82 -23.36 20.96
C ILE L 255 -9.33 -24.71 21.45
N ALA L 256 -10.17 -25.73 21.33
CA ALA L 256 -9.84 -27.04 21.87
C ALA L 256 -10.46 -28.12 21.00
N VAL L 257 -9.92 -29.33 21.13
CA VAL L 257 -10.42 -30.50 20.43
C VAL L 257 -10.73 -31.57 21.46
N GLU L 258 -11.33 -32.66 21.00
CA GLU L 258 -11.70 -33.74 21.91
C GLU L 258 -10.45 -34.40 22.48
N GLY L 259 -10.49 -34.66 23.79
CA GLY L 259 -9.37 -35.26 24.48
C GLY L 259 -9.55 -36.75 24.68
N PRO L 260 -8.53 -37.40 25.21
CA PRO L 260 -8.59 -38.85 25.42
C PRO L 260 -9.54 -39.25 26.54
N GLY L 261 -9.38 -38.66 27.72
CA GLY L 261 -10.17 -38.98 28.88
C GLY L 261 -9.31 -39.15 30.11
N TRP L 262 -9.97 -39.53 31.22
CA TRP L 262 -9.26 -39.68 32.48
C TRP L 262 -8.32 -40.88 32.45
N ALA L 263 -8.81 -42.03 32.01
CA ALA L 263 -8.07 -43.28 32.12
C ALA L 263 -7.21 -43.58 30.91
N HIS L 264 -7.28 -42.78 29.86
CA HIS L 264 -6.51 -43.07 28.65
C HIS L 264 -5.03 -42.76 28.89
N PRO L 265 -4.13 -43.70 28.60
CA PRO L 265 -2.70 -43.45 28.85
C PRO L 265 -2.08 -42.40 27.96
N ASP L 266 -2.82 -41.91 26.95
CA ASP L 266 -2.29 -40.87 26.06
C ASP L 266 -2.24 -39.51 26.72
N ASN L 267 -2.78 -39.37 27.94
CA ASN L 267 -2.71 -38.09 28.62
C ASN L 267 -1.27 -37.70 28.95
N VAL L 268 -0.42 -38.69 29.26
CA VAL L 268 0.97 -38.38 29.60
C VAL L 268 1.68 -37.77 28.39
N ALA L 269 1.51 -38.38 27.22
CA ALA L 269 2.13 -37.83 26.01
C ALA L 269 1.55 -36.47 25.66
N LEU L 270 0.24 -36.29 25.84
CA LEU L 270 -0.37 -35.00 25.56
C LEU L 270 0.10 -33.94 26.55
N GLN L 271 0.29 -34.33 27.81
CA GLN L 271 0.77 -33.38 28.80
C GLN L 271 2.20 -32.94 28.52
N VAL L 272 2.99 -33.81 27.88
CA VAL L 272 4.31 -33.40 27.41
C VAL L 272 4.19 -32.41 26.26
N ALA L 273 3.20 -32.62 25.38
CA ALA L 273 3.01 -31.72 24.25
C ALA L 273 2.61 -30.33 24.72
N ASN L 274 1.75 -30.24 25.72
CA ASN L 274 1.36 -28.94 26.26
C ASN L 274 2.55 -28.23 26.90
N ALA L 275 3.40 -28.97 27.61
CA ALA L 275 4.56 -28.37 28.25
C ALA L 275 5.51 -27.77 27.23
N ILE L 276 5.62 -28.39 26.05
CA ILE L 276 6.50 -27.86 25.01
C ILE L 276 6.01 -26.49 24.56
N ILE L 277 4.70 -26.34 24.35
CA ILE L 277 4.15 -25.06 23.94
C ILE L 277 4.23 -24.05 25.08
N GLY L 278 3.96 -24.50 26.31
CA GLY L 278 4.15 -23.65 27.47
C GLY L 278 3.07 -22.59 27.63
N HIS L 279 3.44 -21.53 28.36
CA HIS L 279 2.52 -20.45 28.67
C HIS L 279 3.31 -19.15 28.76
N TYR L 280 2.58 -18.03 28.67
CA TYR L 280 3.17 -16.70 28.74
C TYR L 280 2.10 -15.65 28.99
N ASP L 281 2.31 -14.73 29.93
CA ASP L 281 1.27 -13.77 30.28
C ASP L 281 1.84 -12.37 30.52
N CYS L 282 2.83 -11.97 29.72
CA CYS L 282 3.36 -10.61 29.64
C CYS L 282 4.09 -10.14 30.89
N THR L 283 4.15 -10.95 31.95
CA THR L 283 4.93 -10.61 33.14
C THR L 283 6.13 -11.52 33.32
N TYR L 284 6.49 -12.29 32.31
CA TYR L 284 7.63 -13.19 32.40
C TYR L 284 8.92 -12.42 32.23
N GLY L 285 9.94 -12.78 33.03
CA GLY L 285 11.23 -12.16 32.88
C GLY L 285 12.04 -12.67 31.70
N GLY L 286 11.66 -13.83 31.14
CA GLY L 286 12.41 -14.39 30.03
C GLY L 286 12.31 -13.54 28.78
N GLY L 287 11.11 -13.09 28.43
CA GLY L 287 10.94 -12.30 27.23
C GLY L 287 11.20 -13.13 25.99
N ALA L 288 12.08 -12.62 25.12
CA ALA L 288 12.37 -13.24 23.84
C ALA L 288 13.21 -14.51 23.95
N HIS L 289 13.73 -14.81 25.13
CA HIS L 289 14.62 -15.96 25.30
C HIS L 289 13.91 -17.21 25.77
N LEU L 290 12.59 -17.17 25.90
CA LEU L 290 11.85 -18.34 26.38
C LEU L 290 12.00 -19.50 25.40
N SER L 291 12.24 -20.70 25.94
CA SER L 291 12.53 -21.84 25.10
C SER L 291 11.35 -22.25 24.24
N SER L 292 10.13 -22.07 24.73
CA SER L 292 8.96 -22.43 23.95
C SER L 292 8.87 -21.54 22.72
N PRO L 293 8.76 -22.12 21.52
CA PRO L 293 8.74 -21.28 20.30
C PRO L 293 7.58 -20.29 20.29
N LEU L 294 6.41 -20.69 20.80
CA LEU L 294 5.27 -19.78 20.81
C LEU L 294 5.38 -18.73 21.91
N ALA L 295 5.86 -19.13 23.08
CA ALA L 295 5.98 -18.17 24.19
C ALA L 295 7.00 -17.10 23.87
N SER L 296 8.12 -17.46 23.24
CA SER L 296 9.17 -16.49 22.94
C SER L 296 8.68 -15.45 21.94
N ILE L 297 8.05 -15.89 20.86
CA ILE L 297 7.64 -14.97 19.81
C ILE L 297 6.52 -14.04 20.28
N ALA L 298 5.59 -14.56 21.08
CA ALA L 298 4.54 -13.70 21.63
C ALA L 298 5.14 -12.60 22.49
N ALA L 299 6.27 -12.86 23.14
CA ALA L 299 6.96 -11.83 23.90
C ALA L 299 7.74 -10.88 23.01
N THR L 300 8.25 -11.35 21.88
CA THR L 300 9.00 -10.48 20.97
C THR L 300 8.06 -9.57 20.20
N ASN L 301 7.13 -10.15 19.45
CA ASN L 301 6.22 -9.37 18.62
C ASN L 301 5.06 -8.77 19.41
N LYS L 302 4.94 -9.09 20.70
CA LYS L 302 3.86 -8.57 21.55
C LYS L 302 2.49 -8.92 20.97
N LEU L 303 2.21 -10.22 20.90
CA LEU L 303 0.95 -10.68 20.34
C LEU L 303 -0.14 -10.70 21.41
N CYS L 304 0.11 -11.39 22.52
CA CYS L 304 -0.89 -11.59 23.55
C CYS L 304 -0.38 -11.10 24.90
N GLN L 305 -1.33 -10.88 25.81
CA GLN L 305 -1.02 -10.59 27.20
C GLN L 305 -1.18 -11.79 28.10
N SER L 306 -1.63 -12.92 27.56
CA SER L 306 -1.77 -14.16 28.31
C SER L 306 -2.10 -15.28 27.33
N PHE L 307 -1.57 -16.47 27.59
CA PHE L 307 -1.96 -17.65 26.82
C PHE L 307 -1.54 -18.89 27.59
N GLN L 308 -2.41 -19.90 27.60
CA GLN L 308 -2.17 -21.11 28.38
C GLN L 308 -2.56 -22.33 27.56
N THR L 309 -1.88 -23.44 27.84
CA THR L 309 -2.19 -24.73 27.24
C THR L 309 -2.83 -25.61 28.31
N PHE L 310 -4.01 -26.15 28.02
CA PHE L 310 -4.76 -26.91 28.99
C PHE L 310 -5.16 -28.26 28.41
N ASN L 311 -5.38 -29.22 29.30
CA ASN L 311 -5.91 -30.54 28.93
C ASN L 311 -6.93 -30.92 30.00
N ILE L 312 -8.19 -30.56 29.76
CA ILE L 312 -9.28 -30.90 30.66
C ILE L 312 -9.71 -32.33 30.37
N CYS L 313 -9.65 -33.19 31.39
CA CYS L 313 -9.97 -34.60 31.24
C CYS L 313 -11.30 -34.91 31.92
N TYR L 314 -12.17 -35.59 31.21
CA TYR L 314 -13.47 -36.02 31.72
C TYR L 314 -13.54 -37.54 31.69
N ALA L 315 -14.74 -38.07 31.95
CA ALA L 315 -14.91 -39.53 32.04
C ALA L 315 -14.45 -40.22 30.78
N ASP L 316 -15.11 -39.93 29.65
CA ASP L 316 -14.75 -40.52 28.38
C ASP L 316 -14.31 -39.51 27.33
N THR L 317 -14.46 -38.21 27.61
CA THR L 317 -14.05 -37.18 26.67
C THR L 317 -13.15 -36.16 27.35
N GLY L 318 -12.87 -35.06 26.67
CA GLY L 318 -12.09 -34.00 27.28
C GLY L 318 -11.90 -32.86 26.29
N LEU L 319 -11.36 -31.76 26.82
CA LEU L 319 -11.00 -30.61 26.01
C LEU L 319 -9.48 -30.45 26.02
N LEU L 320 -8.89 -30.39 24.84
CA LEU L 320 -7.45 -30.27 24.69
C LEU L 320 -7.17 -29.17 23.67
N GLY L 321 -6.52 -28.09 24.11
CA GLY L 321 -6.26 -26.98 23.23
C GLY L 321 -5.49 -25.87 23.91
N ALA L 322 -5.92 -24.62 23.71
CA ALA L 322 -5.24 -23.48 24.31
C ALA L 322 -6.22 -22.33 24.44
N HIS L 323 -5.84 -21.36 25.27
CA HIS L 323 -6.65 -20.18 25.51
C HIS L 323 -5.72 -18.98 25.62
N PHE L 324 -5.96 -17.95 24.81
CA PHE L 324 -5.08 -16.79 24.78
C PHE L 324 -5.87 -15.50 24.96
N VAL L 325 -5.19 -14.51 25.53
CA VAL L 325 -5.73 -13.18 25.77
C VAL L 325 -4.85 -12.19 25.05
N CYS L 326 -5.40 -11.48 24.07
CA CYS L 326 -4.61 -10.61 23.21
C CYS L 326 -5.41 -9.37 22.85
N ASP L 327 -4.77 -8.48 22.11
CA ASP L 327 -5.42 -7.29 21.61
C ASP L 327 -6.51 -7.64 20.60
N HIS L 328 -7.29 -6.64 20.21
CA HIS L 328 -8.28 -6.84 19.17
C HIS L 328 -7.68 -6.85 17.77
N MET L 329 -6.42 -6.45 17.64
CA MET L 329 -5.67 -6.55 16.38
C MET L 329 -4.51 -7.52 16.52
N SER L 330 -4.69 -8.57 17.29
CA SER L 330 -3.72 -9.65 17.35
C SER L 330 -4.37 -11.03 17.43
N ILE L 331 -5.70 -11.13 17.32
CA ILE L 331 -6.35 -12.43 17.42
C ILE L 331 -5.91 -13.34 16.29
N ASP L 332 -5.97 -12.84 15.05
CA ASP L 332 -5.50 -13.62 13.93
C ASP L 332 -4.00 -13.85 13.99
N ASP L 333 -3.26 -12.82 14.41
CA ASP L 333 -1.80 -12.88 14.37
C ASP L 333 -1.23 -13.90 15.35
N MET L 334 -2.03 -14.43 16.26
CA MET L 334 -1.54 -15.49 17.12
C MET L 334 -2.33 -16.79 17.02
N MET L 335 -3.63 -16.74 16.74
CA MET L 335 -4.38 -17.98 16.60
C MET L 335 -3.74 -18.90 15.57
N PHE L 336 -3.36 -18.34 14.42
CA PHE L 336 -2.78 -19.16 13.36
C PHE L 336 -1.32 -19.53 13.62
N VAL L 337 -0.62 -18.78 14.47
CA VAL L 337 0.72 -19.23 14.86
C VAL L 337 0.61 -20.22 16.03
N LEU L 338 -0.50 -20.17 16.78
CA LEU L 338 -0.77 -21.23 17.74
C LEU L 338 -1.04 -22.55 17.04
N GLN L 339 -1.88 -22.53 16.00
CA GLN L 339 -2.17 -23.75 15.25
C GLN L 339 -0.91 -24.25 14.56
N GLY L 340 -0.09 -23.35 14.03
CA GLY L 340 1.15 -23.75 13.41
C GLY L 340 2.08 -24.49 14.36
N GLN L 341 2.07 -24.08 15.63
CA GLN L 341 2.85 -24.79 16.64
C GLN L 341 2.34 -26.20 16.85
N TRP L 342 1.01 -26.38 16.86
CA TRP L 342 0.45 -27.71 17.00
C TRP L 342 0.86 -28.61 15.84
N MET L 343 0.84 -28.07 14.62
CA MET L 343 1.25 -28.85 13.46
C MET L 343 2.73 -29.23 13.50
N ARG L 344 3.54 -28.50 14.25
CA ARG L 344 4.95 -28.85 14.34
C ARG L 344 5.15 -30.15 15.13
N LEU L 345 4.49 -30.26 16.29
CA LEU L 345 4.57 -31.49 17.06
C LEU L 345 3.95 -32.66 16.31
N CYS L 346 2.83 -32.41 15.61
CA CYS L 346 2.16 -33.48 14.88
C CYS L 346 3.04 -34.02 13.77
N THR L 347 3.76 -33.14 13.07
CA THR L 347 4.51 -33.53 11.89
C THR L 347 5.97 -33.83 12.20
N SER L 348 6.70 -32.88 12.80
CA SER L 348 8.14 -33.04 13.02
C SER L 348 8.50 -32.40 14.36
N ALA L 349 8.64 -33.22 15.40
CA ALA L 349 9.03 -32.78 16.72
C ALA L 349 10.41 -33.32 17.04
N THR L 350 11.35 -32.43 17.37
CA THR L 350 12.70 -32.84 17.70
C THR L 350 12.73 -33.50 19.07
N GLU L 351 13.75 -34.35 19.27
CA GLU L 351 13.86 -35.07 20.53
C GLU L 351 14.22 -34.16 21.70
N SER L 352 14.95 -33.08 21.43
CA SER L 352 15.40 -32.22 22.52
C SER L 352 14.24 -31.48 23.19
N GLU L 353 13.30 -30.97 22.40
CA GLU L 353 12.18 -30.23 22.99
C GLU L 353 11.23 -31.15 23.74
N VAL L 354 11.12 -32.42 23.31
CA VAL L 354 10.35 -33.38 24.08
C VAL L 354 11.03 -33.65 25.42
N LEU L 355 12.36 -33.62 25.44
CA LEU L 355 13.08 -33.73 26.70
C LEU L 355 12.82 -32.52 27.59
N ARG L 356 12.74 -31.33 26.99
CA ARG L 356 12.37 -30.14 27.76
C ARG L 356 10.94 -30.27 28.30
N GLY L 357 10.02 -30.76 27.46
CA GLY L 357 8.66 -30.96 27.92
C GLY L 357 8.56 -32.02 28.99
N LYS L 358 9.36 -33.09 28.87
CA LYS L 358 9.35 -34.14 29.88
C LYS L 358 9.84 -33.63 31.22
N ASN L 359 10.92 -32.84 31.21
CA ASN L 359 11.41 -32.25 32.46
C ASN L 359 10.37 -31.31 33.07
N LEU L 360 9.72 -30.50 32.23
CA LEU L 360 8.69 -29.60 32.73
C LEU L 360 7.54 -30.37 33.33
N LEU L 361 7.14 -31.48 32.70
CA LEU L 361 6.08 -32.31 33.28
C LEU L 361 6.53 -32.96 34.58
N ARG L 362 7.81 -33.35 34.66
CA ARG L 362 8.32 -33.95 35.89
C ARG L 362 8.21 -32.97 37.05
N ASN L 363 8.57 -31.71 36.84
CA ASN L 363 8.48 -30.72 37.91
C ASN L 363 7.03 -30.37 38.23
N ALA L 364 6.15 -30.42 37.24
CA ALA L 364 4.75 -30.10 37.49
C ALA L 364 4.13 -31.08 38.48
N LEU L 365 4.45 -32.36 38.36
CA LEU L 365 3.89 -33.36 39.27
C LEU L 365 4.47 -33.22 40.66
N VAL L 366 5.79 -33.09 40.77
CA VAL L 366 6.43 -33.05 42.08
C VAL L 366 6.11 -31.75 42.81
N SER L 367 6.19 -30.62 42.12
CA SER L 367 5.99 -29.34 42.78
C SER L 367 4.53 -29.10 43.12
N HIS L 368 3.60 -29.69 42.37
CA HIS L 368 2.19 -29.53 42.70
C HIS L 368 1.86 -30.20 44.03
N LEU L 369 2.47 -31.34 44.32
CA LEU L 369 2.20 -32.10 45.53
C LEU L 369 3.08 -31.59 46.67
N ASP L 370 2.78 -30.38 47.11
CA ASP L 370 3.41 -29.80 48.28
C ASP L 370 2.40 -29.63 49.39
N GLY L 371 2.86 -29.73 50.63
CA GLY L 371 1.91 -29.70 51.73
C GLY L 371 1.06 -30.96 51.75
N THR L 372 -0.17 -30.80 52.25
CA THR L 372 -1.12 -31.89 52.30
C THR L 372 -2.44 -31.59 51.60
N THR L 373 -2.79 -30.31 51.43
CA THR L 373 -4.03 -29.98 50.74
C THR L 373 -4.07 -30.48 49.30
N PRO L 374 -3.04 -30.26 48.47
CA PRO L 374 -3.06 -30.86 47.12
C PRO L 374 -2.96 -32.37 47.16
N VAL L 375 -2.33 -32.94 48.19
CA VAL L 375 -2.15 -34.40 48.24
C VAL L 375 -3.51 -35.09 48.39
N CYS L 376 -4.34 -34.62 49.32
CA CYS L 376 -5.67 -35.21 49.49
C CYS L 376 -6.51 -35.05 48.24
N GLU L 377 -6.43 -33.89 47.60
CA GLU L 377 -7.13 -33.69 46.33
C GLU L 377 -6.65 -34.70 45.29
N ASP L 378 -5.34 -34.89 45.20
CA ASP L 378 -4.80 -35.88 44.28
C ASP L 378 -5.21 -37.29 44.68
N ILE L 379 -5.22 -37.57 45.98
CA ILE L 379 -5.64 -38.89 46.45
C ILE L 379 -7.14 -39.08 46.22
N GLY L 380 -7.95 -38.09 46.61
CA GLY L 380 -9.39 -38.23 46.46
C GLY L 380 -9.85 -38.27 45.02
N ARG L 381 -9.31 -37.37 44.18
CA ARG L 381 -9.78 -37.29 42.81
C ARG L 381 -9.36 -38.51 42.01
N SER L 382 -8.15 -39.03 42.24
CA SER L 382 -7.68 -40.18 41.49
C SER L 382 -8.56 -41.40 41.74
N LEU L 383 -8.96 -41.62 42.99
CA LEU L 383 -9.78 -42.77 43.31
C LEU L 383 -11.17 -42.68 42.71
N LEU L 384 -11.57 -41.52 42.20
CA LEU L 384 -12.85 -41.38 41.52
C LEU L 384 -12.72 -41.44 40.01
N THR L 385 -11.52 -41.23 39.46
CA THR L 385 -11.28 -41.23 38.04
C THR L 385 -10.37 -42.36 37.59
N TYR L 386 -9.17 -42.47 38.16
CA TYR L 386 -8.24 -43.53 37.79
C TYR L 386 -8.52 -44.85 38.50
N GLY L 387 -9.40 -44.87 39.50
CA GLY L 387 -9.58 -46.08 40.26
C GLY L 387 -8.60 -46.13 41.42
N ARG L 388 -7.47 -46.79 41.19
CA ARG L 388 -6.36 -46.71 42.14
C ARG L 388 -5.69 -45.34 42.04
N ARG L 389 -4.82 -45.06 43.00
CA ARG L 389 -4.04 -43.83 43.02
C ARG L 389 -2.66 -44.10 42.43
N ILE L 390 -2.32 -43.37 41.38
CA ILE L 390 -1.07 -43.59 40.66
C ILE L 390 0.09 -43.03 41.46
N PRO L 391 1.08 -43.85 41.82
CA PRO L 391 2.25 -43.31 42.53
C PRO L 391 3.06 -42.40 41.63
N LEU L 392 3.82 -41.51 42.29
CA LEU L 392 4.66 -40.59 41.53
C LEU L 392 5.72 -41.34 40.73
N ALA L 393 6.26 -42.42 41.30
CA ALA L 393 7.25 -43.21 40.58
C ALA L 393 6.65 -43.84 39.33
N GLU L 394 5.41 -44.31 39.42
CA GLU L 394 4.73 -44.85 38.23
C GLU L 394 4.53 -43.76 37.19
N TRP L 395 4.17 -42.55 37.63
CA TRP L 395 4.04 -41.43 36.69
C TRP L 395 5.35 -41.19 35.95
N GLU L 396 6.48 -41.28 36.67
CA GLU L 396 7.77 -41.09 36.03
C GLU L 396 8.04 -42.17 35.00
N SER L 397 7.65 -43.42 35.30
CA SER L 397 7.87 -44.51 34.36
C SER L 397 7.14 -44.25 33.04
N ARG L 398 5.91 -43.77 33.11
CA ARG L 398 5.20 -43.41 31.89
C ARG L 398 5.80 -42.18 31.22
N ILE L 399 6.29 -41.22 32.02
CA ILE L 399 6.94 -40.04 31.45
C ILE L 399 8.23 -40.42 30.75
N ALA L 400 9.03 -41.30 31.37
CA ALA L 400 10.29 -41.70 30.78
C ALA L 400 10.13 -42.52 29.50
N GLU L 401 8.93 -42.99 29.20
CA GLU L 401 8.69 -43.76 27.99
C GLU L 401 8.21 -42.90 26.83
N VAL L 402 8.11 -41.59 27.01
CA VAL L 402 7.69 -40.68 25.96
C VAL L 402 8.90 -40.16 25.23
N ASP L 403 8.87 -40.18 23.90
CA ASP L 403 9.96 -39.68 23.07
C ASP L 403 9.35 -38.83 21.97
N ALA L 404 10.18 -38.47 20.99
CA ALA L 404 9.67 -37.67 19.86
C ALA L 404 8.66 -38.44 19.05
N ARG L 405 8.92 -39.73 18.79
CA ARG L 405 8.01 -40.53 17.98
C ARG L 405 6.64 -40.65 18.62
N VAL L 406 6.60 -40.83 19.95
CA VAL L 406 5.31 -40.90 20.64
C VAL L 406 4.58 -39.58 20.54
N VAL L 407 5.28 -38.48 20.77
CA VAL L 407 4.65 -37.16 20.73
C VAL L 407 4.12 -36.87 19.33
N ARG L 408 4.90 -37.20 18.30
CA ARG L 408 4.45 -36.98 16.93
C ARG L 408 3.21 -37.81 16.62
N GLU L 409 3.19 -39.06 17.10
CA GLU L 409 2.04 -39.92 16.83
C GLU L 409 0.83 -39.50 17.66
N VAL L 410 1.04 -39.19 18.94
CA VAL L 410 -0.09 -38.86 19.81
C VAL L 410 -0.70 -37.53 19.42
N CYS L 411 0.12 -36.52 19.14
CA CYS L 411 -0.40 -35.21 18.76
C CYS L 411 -1.16 -35.28 17.44
N SER L 412 -0.62 -36.00 16.46
CA SER L 412 -1.30 -36.12 15.18
C SER L 412 -2.62 -36.86 15.28
N LYS L 413 -2.80 -37.69 16.31
CA LYS L 413 -4.04 -38.43 16.48
C LYS L 413 -5.16 -37.56 17.02
N TYR L 414 -4.85 -36.55 17.83
CA TYR L 414 -5.87 -35.70 18.44
C TYR L 414 -5.91 -34.29 17.87
N PHE L 415 -4.83 -33.81 17.29
CA PHE L 415 -4.77 -32.44 16.79
C PHE L 415 -4.92 -32.35 15.27
N TYR L 416 -4.21 -33.21 14.54
CA TYR L 416 -4.14 -33.08 13.10
C TYR L 416 -5.48 -33.42 12.46
N ASP L 417 -5.96 -32.53 11.60
CA ASP L 417 -7.16 -32.68 10.77
C ASP L 417 -8.46 -32.76 11.57
N GLN L 418 -8.42 -32.67 12.89
CA GLN L 418 -9.63 -32.77 13.68
C GLN L 418 -10.34 -31.43 13.74
N CYS L 419 -11.67 -31.49 13.82
CA CYS L 419 -12.48 -30.28 13.90
C CYS L 419 -12.38 -29.69 15.30
N PRO L 420 -11.91 -28.45 15.45
CA PRO L 420 -11.81 -27.85 16.79
C PRO L 420 -13.06 -27.08 17.17
N ALA L 421 -13.16 -26.82 18.47
CA ALA L 421 -14.23 -26.01 19.04
C ALA L 421 -13.66 -24.67 19.49
N VAL L 422 -14.27 -23.59 19.02
CA VAL L 422 -13.75 -22.24 19.23
C VAL L 422 -14.77 -21.45 20.03
N ALA L 423 -14.29 -20.78 21.09
CA ALA L 423 -15.11 -19.87 21.88
C ALA L 423 -14.43 -18.51 21.93
N GLY L 424 -15.19 -17.46 21.67
CA GLY L 424 -14.65 -16.11 21.65
C GLY L 424 -15.46 -15.20 22.55
N PHE L 425 -14.84 -14.08 22.92
CA PHE L 425 -15.49 -13.08 23.75
C PHE L 425 -14.73 -11.78 23.61
N GLY L 426 -15.47 -10.68 23.43
CA GLY L 426 -14.86 -9.38 23.33
C GLY L 426 -14.84 -8.86 21.90
N PRO L 427 -13.84 -8.05 21.57
CA PRO L 427 -13.69 -7.55 20.18
C PRO L 427 -13.03 -8.59 19.28
N ILE L 428 -13.85 -9.53 18.81
CA ILE L 428 -13.34 -10.68 18.07
C ILE L 428 -13.64 -10.53 16.59
N GLU L 429 -13.70 -9.28 16.11
CA GLU L 429 -13.92 -9.07 14.69
C GLU L 429 -12.79 -9.66 13.86
N GLN L 430 -11.55 -9.52 14.31
CA GLN L 430 -10.42 -10.05 13.57
C GLN L 430 -10.37 -11.58 13.60
N LEU L 431 -11.06 -12.20 14.55
CA LEU L 431 -10.99 -13.64 14.71
C LEU L 431 -11.34 -14.34 13.40
N PRO L 432 -10.48 -15.21 12.90
CA PRO L 432 -10.70 -15.77 11.56
C PRO L 432 -11.92 -16.68 11.50
N ASP L 433 -12.46 -16.81 10.29
CA ASP L 433 -13.60 -17.67 10.05
C ASP L 433 -13.25 -19.12 10.38
N TYR L 434 -14.29 -19.92 10.65
CA TYR L 434 -14.05 -21.30 11.07
C TYR L 434 -13.34 -22.09 9.99
N ASN L 435 -13.70 -21.87 8.73
CA ASN L 435 -13.03 -22.56 7.63
C ASN L 435 -11.56 -22.17 7.58
N ARG L 436 -11.25 -20.91 7.85
CA ARG L 436 -9.84 -20.52 8.00
C ARG L 436 -9.22 -21.19 9.21
N ILE L 437 -9.99 -21.33 10.30
CA ILE L 437 -9.48 -22.05 11.47
C ILE L 437 -9.38 -23.54 11.19
N ARG L 438 -10.39 -24.12 10.54
CA ARG L 438 -10.34 -25.54 10.23
C ARG L 438 -9.18 -25.88 9.30
N SER L 439 -8.97 -25.06 8.28
CA SER L 439 -7.89 -25.33 7.33
C SER L 439 -6.52 -25.16 7.96
N GLY L 440 -6.44 -24.58 9.16
CA GLY L 440 -5.19 -24.52 9.88
C GLY L 440 -4.83 -25.80 10.61
N MET L 441 -5.71 -26.80 10.57
CA MET L 441 -5.50 -28.07 11.23
C MET L 441 -4.70 -29.06 10.39
N PHE L 442 -4.29 -28.67 9.18
CA PHE L 442 -3.42 -29.51 8.36
C PHE L 442 -2.47 -28.61 7.59
N TRP L 443 -1.36 -29.21 7.15
CA TRP L 443 -0.30 -28.48 6.46
C TRP L 443 -0.29 -28.83 4.98
N LEU L 444 0.23 -27.90 4.18
CA LEU L 444 0.45 -28.04 2.75
C LEU L 444 -0.85 -28.22 1.96
N ARG L 445 -2.01 -28.04 2.61
CA ARG L 445 -3.30 -28.21 1.94
C ARG L 445 -4.28 -27.09 2.25
N PHE L 446 -4.00 -26.25 3.24
CA PHE L 446 -4.85 -25.11 3.60
C PHE L 446 -5.19 -24.22 2.41
N SER M 1 11.16 -45.77 38.61
CA SER M 1 10.57 -47.10 38.74
C SER M 1 11.10 -48.06 37.68
N LEU M 2 11.32 -49.31 38.09
CA LEU M 2 11.73 -50.39 37.18
C LEU M 2 13.03 -50.05 36.45
N LYS M 3 13.94 -49.38 37.15
CA LYS M 3 15.32 -49.20 36.69
C LYS M 3 16.14 -50.25 37.43
N VAL M 4 16.49 -51.33 36.72
CA VAL M 4 16.84 -52.64 37.28
C VAL M 4 15.66 -53.17 38.09
N ALA M 5 15.60 -54.48 38.28
CA ALA M 5 14.35 -55.08 38.76
C ALA M 5 14.03 -54.66 40.20
N PRO M 6 14.84 -55.03 41.22
CA PRO M 6 14.43 -54.69 42.60
C PRO M 6 14.54 -53.19 42.89
N LYS M 7 15.73 -52.65 42.67
CA LYS M 7 16.08 -51.24 42.92
C LYS M 7 15.37 -50.71 44.18
N VAL M 8 15.55 -51.42 45.29
CA VAL M 8 15.03 -50.82 46.56
C VAL M 8 15.59 -49.39 46.52
N LYS M 9 16.62 -49.17 45.70
CA LYS M 9 17.20 -47.81 45.52
C LYS M 9 17.28 -47.11 46.87
N ALA M 10 16.34 -46.19 47.17
CA ALA M 10 16.50 -45.40 48.42
C ALA M 10 15.47 -45.77 49.49
N THR M 11 15.65 -46.91 50.16
CA THR M 11 14.77 -47.23 51.32
C THR M 11 15.71 -47.08 52.53
N GLU M 12 16.13 -45.85 52.83
CA GLU M 12 17.17 -45.63 53.87
C GLU M 12 16.57 -45.51 55.27
N ALA M 13 17.44 -45.33 56.27
CA ALA M 13 17.00 -45.24 57.69
C ALA M 13 16.05 -44.04 57.91
N PRO M 14 16.41 -42.77 57.61
CA PRO M 14 15.50 -41.65 57.94
C PRO M 14 14.36 -41.42 56.96
N ALA M 15 14.70 -41.17 55.70
CA ALA M 15 13.81 -40.85 54.60
C ALA M 15 12.58 -40.01 54.98
N GLY M 16 12.77 -38.96 55.76
CA GLY M 16 11.64 -38.11 56.06
C GLY M 16 10.57 -38.75 56.93
N VAL M 17 9.47 -39.15 56.30
CA VAL M 17 8.32 -39.65 57.05
C VAL M 17 8.67 -40.82 57.96
N PRO M 18 9.43 -41.83 57.54
CA PRO M 18 9.89 -42.87 58.49
C PRO M 18 10.57 -42.25 59.70
N PRO M 19 10.67 -43.02 60.83
CA PRO M 19 10.92 -42.41 62.15
C PRO M 19 11.82 -41.19 62.21
N HIS M 20 12.98 -41.23 61.58
CA HIS M 20 13.88 -40.08 61.61
C HIS M 20 13.54 -39.10 60.49
N PRO M 21 13.13 -37.88 60.79
CA PRO M 21 12.83 -36.90 59.74
C PRO M 21 13.99 -36.00 59.36
N GLN M 22 15.13 -36.12 60.05
CA GLN M 22 16.32 -35.30 59.82
C GLN M 22 16.10 -33.88 60.30
N ASP M 23 17.11 -33.29 60.95
CA ASP M 23 16.98 -31.95 61.49
C ASP M 23 17.49 -30.92 60.49
N LEU M 24 17.48 -29.65 60.89
CA LEU M 24 17.94 -28.55 60.06
C LEU M 24 19.32 -28.12 60.54
N GLU M 25 20.32 -28.33 59.69
CA GLU M 25 21.68 -27.93 60.02
C GLU M 25 21.82 -26.41 59.93
N PHE M 26 22.43 -25.81 60.94
CA PHE M 26 22.62 -24.37 61.00
C PHE M 26 24.08 -24.07 61.22
N THR M 27 24.65 -23.22 60.36
CA THR M 27 26.06 -22.84 60.45
C THR M 27 26.24 -21.40 60.03
N ARG M 28 27.11 -20.69 60.73
CA ARG M 28 27.45 -19.32 60.42
C ARG M 28 28.94 -19.25 60.10
N LEU M 29 29.25 -18.77 58.90
CA LEU M 29 30.64 -18.66 58.48
C LEU M 29 31.33 -17.53 59.23
N PRO M 30 32.66 -17.58 59.36
CA PRO M 30 33.38 -16.44 59.95
C PRO M 30 33.18 -15.15 59.19
N ASN M 31 32.93 -15.22 57.88
CA ASN M 31 32.60 -14.05 57.09
C ASN M 31 31.32 -13.39 57.60
N GLY M 32 30.37 -14.16 58.13
CA GLY M 32 29.10 -13.64 58.57
C GLY M 32 27.91 -14.19 57.83
N LEU M 33 28.13 -15.02 56.81
CA LEU M 33 27.02 -15.63 56.08
C LEU M 33 26.38 -16.72 56.93
N VAL M 34 25.11 -17.00 56.62
CA VAL M 34 24.34 -18.02 57.32
C VAL M 34 23.94 -19.10 56.31
N ILE M 35 24.19 -20.35 56.66
CA ILE M 35 23.86 -21.49 55.82
C ILE M 35 22.93 -22.41 56.60
N ALA M 36 21.79 -22.75 56.00
CA ALA M 36 20.83 -23.66 56.62
C ALA M 36 20.30 -24.60 55.56
N SER M 37 20.50 -25.90 55.76
CA SER M 37 20.09 -26.92 54.81
C SER M 37 19.36 -28.04 55.53
N LEU M 38 18.14 -28.34 55.09
CA LEU M 38 17.35 -29.43 55.61
C LEU M 38 17.27 -30.51 54.54
N GLU M 39 17.71 -31.72 54.88
CA GLU M 39 17.76 -32.83 53.94
C GLU M 39 16.54 -33.71 54.17
N ASN M 40 15.46 -33.44 53.44
CA ASN M 40 14.24 -34.22 53.52
C ASN M 40 14.17 -35.35 52.51
N TYR M 41 15.19 -35.49 51.67
CA TYR M 41 15.27 -36.53 50.64
C TYR M 41 14.09 -36.48 49.67
N ALA M 42 13.46 -35.33 49.52
CA ALA M 42 12.35 -35.19 48.60
C ALA M 42 12.87 -35.10 47.17
N PRO M 43 12.07 -35.56 46.19
CA PRO M 43 12.49 -35.41 44.79
C PRO M 43 12.71 -33.96 44.37
N ALA M 44 11.94 -33.02 44.92
CA ALA M 44 12.08 -31.62 44.59
C ALA M 44 13.11 -30.96 45.48
N SER M 45 13.98 -30.15 44.87
CA SER M 45 15.01 -29.41 45.58
C SER M 45 14.73 -27.92 45.44
N ARG M 46 14.73 -27.21 46.58
CA ARG M 46 14.47 -25.78 46.60
C ARG M 46 15.60 -25.10 47.35
N ILE M 47 16.28 -24.16 46.67
CA ILE M 47 17.38 -23.41 47.25
C ILE M 47 17.02 -21.93 47.16
N GLY M 48 17.16 -21.22 48.28
CA GLY M 48 16.82 -19.82 48.33
C GLY M 48 17.94 -19.00 48.95
N LEU M 49 18.21 -17.85 48.34
CA LEU M 49 19.20 -16.90 48.84
C LEU M 49 18.46 -15.68 49.35
N PHE M 50 18.49 -15.47 50.66
CA PHE M 50 17.76 -14.39 51.30
C PHE M 50 18.71 -13.25 51.60
N ILE M 51 18.40 -12.06 51.08
CA ILE M 51 19.26 -10.90 51.20
C ILE M 51 18.48 -9.76 51.84
N LYS M 52 19.13 -9.03 52.74
CA LYS M 52 18.53 -7.89 53.42
C LYS M 52 18.67 -6.64 52.54
N ALA M 53 17.95 -6.66 51.42
CA ALA M 53 18.01 -5.61 50.41
C ALA M 53 16.60 -5.23 49.97
N GLY M 54 15.73 -4.98 50.94
CA GLY M 54 14.35 -4.65 50.65
C GLY M 54 14.20 -3.31 49.98
N SER M 55 12.95 -3.01 49.62
CA SER M 55 12.64 -1.73 48.99
C SER M 55 12.83 -0.55 49.93
N ARG M 56 12.93 -0.80 51.24
CA ARG M 56 13.11 0.29 52.18
C ARG M 56 14.52 0.88 52.13
N TYR M 57 15.51 0.08 51.71
CA TYR M 57 16.89 0.54 51.73
C TYR M 57 17.20 1.58 50.66
N GLU M 58 16.29 1.81 49.73
CA GLU M 58 16.48 2.87 48.75
C GLU M 58 16.29 4.24 49.40
N ASN M 59 17.12 5.19 48.98
CA ASN M 59 16.97 6.57 49.44
C ASN M 59 16.01 7.30 48.51
N SER M 60 15.95 8.62 48.62
CA SER M 60 15.07 9.39 47.75
C SER M 60 15.60 9.45 46.33
N ASN M 61 16.92 9.37 46.15
CA ASN M 61 17.49 9.53 44.82
C ASN M 61 17.27 8.30 43.94
N ASN M 62 17.42 7.11 44.51
CA ASN M 62 17.38 5.87 43.73
C ASN M 62 16.14 5.05 44.02
N LEU M 63 14.99 5.72 44.14
CA LEU M 63 13.74 5.02 44.37
C LEU M 63 13.41 4.10 43.20
N GLY M 64 12.86 2.94 43.51
CA GLY M 64 12.49 1.97 42.49
C GLY M 64 13.62 1.07 42.04
N THR M 65 14.81 1.20 42.61
CA THR M 65 15.93 0.33 42.23
C THR M 65 15.65 -1.11 42.60
N SER M 66 15.03 -1.34 43.76
CA SER M 66 14.69 -2.71 44.15
C SER M 66 13.70 -3.34 43.18
N HIS M 67 12.72 -2.56 42.72
CA HIS M 67 11.77 -3.10 41.74
C HIS M 67 12.47 -3.51 40.47
N LEU M 68 13.37 -2.67 39.96
CA LEU M 68 14.13 -3.05 38.78
C LEU M 68 15.10 -4.17 39.09
N LEU M 69 15.70 -4.17 40.28
CA LEU M 69 16.59 -5.26 40.66
C LEU M 69 15.83 -6.57 40.78
N ARG M 70 14.59 -6.53 41.27
CA ARG M 70 13.75 -7.71 41.27
C ARG M 70 13.45 -8.16 39.84
N LEU M 71 13.19 -7.22 38.95
CA LEU M 71 12.99 -7.54 37.54
C LEU M 71 14.30 -7.87 36.83
N ALA M 72 15.44 -7.53 37.43
CA ALA M 72 16.73 -7.65 36.76
C ALA M 72 17.17 -9.10 36.60
N SER M 73 16.49 -10.05 37.21
CA SER M 73 16.86 -11.44 37.04
C SER M 73 16.72 -11.86 35.58
N SER M 74 17.36 -12.98 35.24
CA SER M 74 17.37 -13.52 33.88
C SER M 74 18.02 -12.55 32.90
N LEU M 75 19.04 -11.83 33.37
CA LEU M 75 19.83 -10.94 32.53
C LEU M 75 21.26 -11.45 32.47
N THR M 76 22.03 -10.91 31.54
CA THR M 76 23.39 -11.38 31.32
C THR M 76 24.24 -11.13 32.55
N THR M 77 25.02 -12.14 32.93
CA THR M 77 25.93 -12.08 34.05
C THR M 77 27.35 -12.30 33.55
N LYS M 78 28.30 -12.41 34.48
CA LYS M 78 29.67 -12.67 34.09
C LYS M 78 29.86 -14.10 33.62
N GLY M 79 29.26 -15.06 34.31
CA GLY M 79 29.44 -16.46 33.97
C GLY M 79 28.41 -17.01 33.00
N ALA M 80 27.22 -16.42 33.00
CA ALA M 80 26.14 -16.91 32.15
C ALA M 80 25.41 -15.72 31.54
N SER M 81 25.01 -15.86 30.28
CA SER M 81 24.29 -14.81 29.60
C SER M 81 22.80 -14.91 29.91
N SER M 82 22.05 -13.90 29.46
CA SER M 82 20.60 -13.94 29.62
C SER M 82 20.00 -15.11 28.85
N PHE M 83 20.48 -15.36 27.64
CA PHE M 83 20.01 -16.50 26.86
C PHE M 83 20.34 -17.82 27.55
N LYS M 84 21.58 -17.95 28.02
CA LYS M 84 21.98 -19.20 28.68
C LYS M 84 21.19 -19.43 29.96
N ILE M 85 20.92 -18.37 30.71
CA ILE M 85 20.17 -18.51 31.96
C ILE M 85 18.74 -18.95 31.68
N THR M 86 18.06 -18.27 30.76
CA THR M 86 16.68 -18.63 30.45
C THR M 86 16.59 -20.01 29.81
N ARG M 87 17.49 -20.31 28.87
CA ARG M 87 17.45 -21.60 28.21
C ARG M 87 17.95 -22.71 29.11
N GLY M 88 19.03 -22.45 29.86
CA GLY M 88 19.59 -23.49 30.71
C GLY M 88 18.68 -23.88 31.85
N ILE M 89 18.00 -22.90 32.45
CA ILE M 89 17.10 -23.19 33.56
C ILE M 89 15.87 -23.93 33.07
N GLU M 90 15.28 -23.48 31.96
CA GLU M 90 14.03 -24.06 31.48
C GLU M 90 14.23 -25.43 30.84
N ALA M 91 15.41 -25.74 30.32
CA ALA M 91 15.65 -27.05 29.74
C ALA M 91 15.51 -28.14 30.80
N VAL M 92 16.05 -27.90 32.00
CA VAL M 92 15.90 -28.86 33.09
C VAL M 92 14.59 -28.67 33.85
N GLY M 93 13.72 -27.76 33.40
CA GLY M 93 12.44 -27.54 34.02
C GLY M 93 12.47 -26.70 35.27
N GLY M 94 13.63 -26.19 35.67
CA GLY M 94 13.73 -25.44 36.89
C GLY M 94 12.97 -24.12 36.84
N LYS M 95 12.63 -23.62 38.01
CA LYS M 95 11.88 -22.38 38.17
C LYS M 95 12.71 -21.41 38.99
N LEU M 96 12.81 -20.16 38.53
CA LEU M 96 13.56 -19.12 39.21
C LEU M 96 12.63 -17.94 39.48
N SER M 97 12.47 -17.60 40.75
CA SER M 97 11.61 -16.49 41.15
C SER M 97 12.32 -15.66 42.21
N VAL M 98 11.95 -14.40 42.31
CA VAL M 98 12.58 -13.45 43.23
C VAL M 98 11.48 -12.85 44.10
N THR M 99 11.37 -13.34 45.33
CA THR M 99 10.51 -12.70 46.31
C THR M 99 11.15 -11.40 46.80
N SER M 100 10.31 -10.46 47.23
CA SER M 100 10.82 -9.16 47.67
C SER M 100 9.81 -8.51 48.59
N THR M 101 10.19 -8.27 49.83
CA THR M 101 9.43 -7.49 50.78
C THR M 101 10.12 -6.15 50.99
N ARG M 102 9.56 -5.35 51.90
CA ARG M 102 10.18 -4.06 52.21
C ARG M 102 11.52 -4.20 52.89
N GLU M 103 11.81 -5.37 53.47
CA GLU M 103 13.06 -5.59 54.20
C GLU M 103 13.98 -6.59 53.51
N ASN M 104 13.45 -7.69 52.99
CA ASN M 104 14.27 -8.74 52.40
C ASN M 104 14.00 -8.83 50.91
N MET M 105 14.87 -9.57 50.23
CA MET M 105 14.72 -9.86 48.80
C MET M 105 15.29 -11.25 48.57
N ALA M 106 14.43 -12.26 48.52
CA ALA M 106 14.85 -13.65 48.44
C ALA M 106 14.99 -14.08 46.99
N TYR M 107 16.10 -14.75 46.68
CA TYR M 107 16.34 -15.34 45.37
C TYR M 107 16.18 -16.85 45.51
N THR M 108 15.15 -17.41 44.88
CA THR M 108 14.80 -18.80 45.05
C THR M 108 14.84 -19.52 43.71
N VAL M 109 15.32 -20.77 43.74
CA VAL M 109 15.32 -21.65 42.58
C VAL M 109 14.71 -22.98 43.00
N GLU M 110 13.79 -23.49 42.18
CA GLU M 110 13.15 -24.77 42.44
C GLU M 110 13.38 -25.68 41.24
N CYS M 111 13.84 -26.89 41.50
CA CYS M 111 14.11 -27.87 40.44
C CYS M 111 14.20 -29.24 41.07
N LEU M 112 14.45 -30.25 40.24
CA LEU M 112 14.65 -31.60 40.73
C LEU M 112 16.05 -31.75 41.31
N ARG M 113 16.20 -32.67 42.26
CA ARG M 113 17.46 -32.81 42.97
C ARG M 113 18.59 -33.30 42.09
N ASP M 114 18.27 -33.91 40.94
CA ASP M 114 19.32 -34.43 40.07
C ASP M 114 20.17 -33.31 39.48
N ASP M 115 19.54 -32.18 39.15
CA ASP M 115 20.21 -31.06 38.50
C ASP M 115 20.21 -29.83 39.41
N VAL M 116 20.53 -30.02 40.68
CA VAL M 116 20.60 -28.88 41.59
C VAL M 116 21.92 -28.12 41.48
N ASP M 117 22.98 -28.78 41.00
CA ASP M 117 24.25 -28.09 40.85
C ASP M 117 24.18 -27.04 39.74
N ILE M 118 23.46 -27.34 38.67
CA ILE M 118 23.30 -26.39 37.57
C ILE M 118 22.53 -25.17 38.06
N LEU M 119 21.45 -25.38 38.81
CA LEU M 119 20.65 -24.27 39.30
C LEU M 119 21.42 -23.40 40.28
N MET M 120 22.27 -24.03 41.12
CA MET M 120 23.06 -23.27 42.07
C MET M 120 24.02 -22.31 41.36
N GLU M 121 24.67 -22.78 40.29
CA GLU M 121 25.61 -21.94 39.57
C GLU M 121 24.90 -20.75 38.94
N PHE M 122 23.70 -20.96 38.37
CA PHE M 122 22.95 -19.86 37.80
C PHE M 122 22.53 -18.87 38.88
N LEU M 123 22.14 -19.37 40.06
CA LEU M 123 21.72 -18.49 41.14
C LEU M 123 22.87 -17.62 41.63
N LEU M 124 24.05 -18.21 41.79
CA LEU M 124 25.20 -17.44 42.26
C LEU M 124 25.60 -16.36 41.25
N ASN M 125 25.59 -16.69 39.97
CA ASN M 125 25.96 -15.71 38.94
C ASN M 125 24.95 -14.58 38.89
N VAL M 126 23.66 -14.90 39.02
CA VAL M 126 22.63 -13.88 38.98
C VAL M 126 22.73 -12.96 40.20
N THR M 127 22.92 -13.55 41.38
CA THR M 127 22.90 -12.77 42.62
C THR M 127 24.17 -11.95 42.82
N THR M 128 25.34 -12.53 42.53
CA THR M 128 26.60 -11.91 42.92
C THR M 128 27.28 -11.13 41.82
N ALA M 129 27.28 -11.64 40.58
CA ALA M 129 28.08 -11.06 39.50
C ALA M 129 27.22 -10.77 38.29
N PRO M 130 26.42 -9.70 38.33
CA PRO M 130 25.66 -9.28 37.15
C PRO M 130 26.41 -8.23 36.34
N GLU M 131 26.32 -8.36 35.01
CA GLU M 131 26.98 -7.40 34.13
C GLU M 131 26.23 -6.09 34.08
N PHE M 132 24.89 -6.14 34.06
CA PHE M 132 24.04 -4.96 34.00
C PHE M 132 24.39 -4.07 32.81
N ARG M 133 24.36 -4.69 31.62
CA ARG M 133 24.66 -3.96 30.40
C ARG M 133 23.61 -2.89 30.15
N ARG M 134 24.06 -1.74 29.65
CA ARG M 134 23.20 -0.57 29.55
C ARG M 134 22.00 -0.83 28.64
N TRP M 135 22.22 -1.49 27.49
CA TRP M 135 21.13 -1.76 26.58
C TRP M 135 20.10 -2.69 27.20
N GLU M 136 20.56 -3.72 27.93
CA GLU M 136 19.63 -4.66 28.54
C GLU M 136 18.80 -4.00 29.63
N VAL M 137 19.43 -3.18 30.47
CA VAL M 137 18.67 -2.48 31.51
C VAL M 137 17.70 -1.49 30.90
N ALA M 138 18.10 -0.84 29.80
CA ALA M 138 17.21 0.10 29.13
C ALA M 138 15.97 -0.59 28.60
N ALA M 139 16.13 -1.79 28.03
CA ALA M 139 14.99 -2.52 27.47
C ALA M 139 14.04 -3.01 28.55
N LEU M 140 14.50 -3.14 29.79
CA LEU M 140 13.66 -3.62 30.88
C LEU M 140 12.84 -2.51 31.53
N GLN M 141 13.07 -1.24 31.17
CA GLN M 141 12.34 -0.15 31.78
C GLN M 141 10.83 -0.23 31.55
N PRO M 142 10.32 -0.48 30.34
CA PRO M 142 8.86 -0.55 30.18
C PRO M 142 8.22 -1.69 30.96
N GLN M 143 8.99 -2.72 31.33
CA GLN M 143 8.44 -3.79 32.16
C GLN M 143 8.05 -3.26 33.54
N LEU M 144 8.70 -2.20 34.01
CA LEU M 144 8.33 -1.61 35.29
C LEU M 144 6.89 -1.11 35.27
N ARG M 145 6.51 -0.43 34.19
CA ARG M 145 5.13 0.03 34.08
C ARG M 145 4.16 -1.13 33.96
N ILE M 146 4.53 -2.16 33.20
CA ILE M 146 3.64 -3.31 33.02
C ILE M 146 3.47 -4.05 34.35
N ASP M 147 4.57 -4.26 35.06
CA ASP M 147 4.48 -4.98 36.35
C ASP M 147 3.69 -4.18 37.37
N LYS M 148 3.92 -2.87 37.45
CA LYS M 148 3.23 -2.05 38.44
C LYS M 148 1.74 -1.92 38.13
N ALA M 149 1.39 -1.79 36.84
CA ALA M 149 -0.02 -1.64 36.48
C ALA M 149 -0.83 -2.87 36.85
N VAL M 150 -0.27 -4.06 36.57
CA VAL M 150 -0.98 -5.29 36.89
C VAL M 150 -1.01 -5.50 38.39
N ALA M 151 0.10 -5.25 39.08
CA ALA M 151 0.16 -5.42 40.52
C ALA M 151 -0.71 -4.41 41.25
N LEU M 152 -1.03 -3.29 40.62
CA LEU M 152 -1.93 -2.30 41.21
C LEU M 152 -3.38 -2.46 40.77
N GLN M 153 -3.68 -3.48 39.96
CA GLN M 153 -5.06 -3.74 39.60
C GLN M 153 -5.89 -4.07 40.83
N ASN M 154 -5.30 -4.74 41.81
CA ASN M 154 -5.97 -5.03 43.06
C ASN M 154 -5.99 -3.77 43.91
N PRO M 155 -7.16 -3.23 44.26
CA PRO M 155 -7.20 -1.95 44.99
C PRO M 155 -6.55 -2.01 46.36
N GLN M 156 -6.43 -3.19 46.95
CA GLN M 156 -5.81 -3.32 48.26
C GLN M 156 -4.31 -3.11 48.22
N ALA M 157 -3.67 -3.35 47.07
CA ALA M 157 -2.24 -3.08 46.95
C ALA M 157 -1.94 -1.60 47.07
N HIS M 158 -2.77 -0.76 46.44
CA HIS M 158 -2.52 0.69 46.50
C HIS M 158 -2.64 1.22 47.92
N VAL M 159 -3.63 0.76 48.67
CA VAL M 159 -3.82 1.26 50.03
C VAL M 159 -2.65 0.88 50.92
N ILE M 160 -2.16 -0.35 50.80
CA ILE M 160 -1.04 -0.80 51.61
C ILE M 160 0.21 0.00 51.29
N GLU M 161 0.45 0.27 50.00
CA GLU M 161 1.57 1.12 49.63
C GLU M 161 1.41 2.53 50.21
N ASN M 162 0.19 3.06 50.18
CA ASN M 162 -0.06 4.39 50.75
C ASN M 162 -0.04 4.35 52.28
N LEU M 163 -0.41 3.23 52.88
CA LEU M 163 -0.44 3.14 54.34
C LEU M 163 0.95 3.32 54.92
N HIS M 164 1.95 2.66 54.34
CA HIS M 164 3.32 2.83 54.81
C HIS M 164 3.84 4.23 54.48
N ALA M 165 3.41 4.79 53.35
CA ALA M 165 3.80 6.15 53.00
C ALA M 165 3.24 7.15 54.01
N ALA M 166 1.98 6.98 54.40
CA ALA M 166 1.37 7.89 55.37
C ALA M 166 1.97 7.71 56.76
N ALA M 167 2.21 6.46 57.17
CA ALA M 167 2.66 6.21 58.53
C ALA M 167 4.12 6.62 58.73
N TYR M 168 4.99 6.27 57.80
CA TYR M 168 6.41 6.46 57.96
C TYR M 168 6.93 7.58 57.08
N ARG M 169 8.05 8.16 57.48
CA ARG M 169 8.82 9.08 56.65
C ARG M 169 10.09 8.45 56.09
N ASN M 170 10.64 7.50 56.82
CA ASN M 170 11.94 6.91 56.55
C ASN M 170 11.79 5.66 55.69
N ALA M 171 12.81 4.80 55.71
CA ALA M 171 12.92 3.62 54.85
C ALA M 171 11.61 2.87 54.63
N LEU M 172 10.92 2.53 55.71
CA LEU M 172 9.76 1.64 55.59
C LEU M 172 8.62 2.24 54.78
N ALA M 173 8.64 3.55 54.55
CA ALA M 173 7.58 4.20 53.77
C ALA M 173 7.75 4.01 52.28
N ASN M 174 8.89 3.51 51.82
CA ASN M 174 9.11 3.33 50.39
C ASN M 174 8.18 2.27 49.84
N SER M 175 7.57 2.56 48.69
CA SER M 175 6.70 1.59 48.04
C SER M 175 7.54 0.45 47.44
N LEU M 176 6.88 -0.68 47.21
CA LEU M 176 7.55 -1.84 46.65
C LEU M 176 7.71 -1.75 45.14
N TYR M 177 7.14 -0.73 44.50
CA TYR M 177 7.17 -0.58 43.06
C TYR M 177 7.81 0.75 42.69
N CYS M 178 8.44 0.77 41.52
CA CYS M 178 9.15 1.95 41.07
C CYS M 178 8.16 3.11 40.89
N PRO M 179 8.49 4.31 41.37
CA PRO M 179 7.56 5.43 41.27
C PRO M 179 7.29 5.81 39.83
N ASP M 180 6.14 6.45 39.62
CA ASP M 180 5.69 6.77 38.27
C ASP M 180 6.69 7.64 37.53
N TYR M 181 7.45 8.47 38.25
CA TYR M 181 8.44 9.32 37.61
C TYR M 181 9.77 8.61 37.38
N ARG M 182 10.00 7.49 38.05
CA ARG M 182 11.30 6.81 37.95
C ARG M 182 11.33 5.74 36.86
N ILE M 183 10.20 5.45 36.22
CA ILE M 183 10.17 4.44 35.15
C ILE M 183 10.96 5.01 33.97
N GLY M 184 12.12 4.41 33.69
CA GLY M 184 13.01 4.89 32.66
C GLY M 184 14.12 5.78 33.16
N LYS M 185 14.06 6.25 34.40
CA LYS M 185 15.08 7.10 34.97
C LYS M 185 16.11 6.32 35.77
N VAL M 186 15.98 5.00 35.85
CA VAL M 186 16.96 4.18 36.58
C VAL M 186 18.12 3.87 35.64
N THR M 187 19.33 3.84 36.20
CA THR M 187 20.54 3.71 35.40
C THR M 187 21.38 2.53 35.90
N PRO M 188 22.17 1.90 35.02
CA PRO M 188 22.96 0.74 35.45
C PRO M 188 23.92 1.05 36.60
N VAL M 189 24.41 2.27 36.71
CA VAL M 189 25.30 2.60 37.82
C VAL M 189 24.56 2.53 39.15
N GLU M 190 23.29 2.94 39.16
CA GLU M 190 22.50 2.83 40.39
C GLU M 190 22.31 1.39 40.80
N LEU M 191 22.07 0.50 39.83
CA LEU M 191 21.90 -0.91 40.15
C LEU M 191 23.19 -1.52 40.69
N HIS M 192 24.33 -1.12 40.13
CA HIS M 192 25.60 -1.62 40.63
C HIS M 192 25.87 -1.12 42.05
N ASP M 193 25.52 0.13 42.34
CA ASP M 193 25.68 0.65 43.69
C ASP M 193 24.77 -0.08 44.68
N TYR M 194 23.53 -0.33 44.28
CA TYR M 194 22.60 -1.05 45.16
C TYR M 194 23.09 -2.46 45.45
N VAL M 195 23.61 -3.15 44.43
CA VAL M 195 24.12 -4.50 44.63
C VAL M 195 25.38 -4.49 45.49
N GLN M 196 26.30 -3.57 45.18
CA GLN M 196 27.57 -3.52 45.91
C GLN M 196 27.39 -3.12 47.36
N ASN M 197 26.26 -2.52 47.72
CA ASN M 197 26.02 -2.08 49.09
C ASN M 197 25.18 -3.03 49.90
N HIS M 198 24.22 -3.72 49.26
CA HIS M 198 23.27 -4.55 49.99
C HIS M 198 23.42 -6.04 49.73
N PHE M 199 23.98 -6.44 48.59
CA PHE M 199 24.22 -7.85 48.29
C PHE M 199 25.59 -8.28 48.79
N THR M 200 25.80 -8.17 50.09
CA THR M 200 27.14 -8.36 50.67
C THR M 200 27.06 -9.22 51.94
N SER M 201 27.16 -10.53 51.74
CA SER M 201 27.23 -11.56 52.82
C SER M 201 26.52 -11.27 54.14
N ALA M 202 27.04 -10.38 54.97
CA ALA M 202 26.48 -10.27 56.31
C ALA M 202 24.99 -9.95 56.29
N ARG M 203 24.48 -9.44 55.18
CA ARG M 203 23.05 -9.23 54.99
C ARG M 203 22.41 -10.36 54.18
N MET M 204 23.15 -11.42 53.89
CA MET M 204 22.62 -12.56 53.16
C MET M 204 22.41 -13.75 54.09
N ALA M 205 21.72 -14.75 53.56
CA ALA M 205 21.53 -16.03 54.25
C ALA M 205 21.12 -17.05 53.21
N LEU M 206 21.86 -18.16 53.14
CA LEU M 206 21.63 -19.20 52.15
C LEU M 206 20.81 -20.33 52.77
N ILE M 207 19.65 -20.61 52.20
CA ILE M 207 18.75 -21.66 52.68
C ILE M 207 18.45 -22.61 51.53
N GLY M 208 18.56 -23.90 51.80
CA GLY M 208 18.26 -24.91 50.80
C GLY M 208 17.51 -26.07 51.41
N LEU M 209 16.67 -26.69 50.60
CA LEU M 209 15.89 -27.85 50.98
C LEU M 209 16.29 -29.03 50.11
N GLY M 210 16.54 -30.18 50.74
CA GLY M 210 16.96 -31.36 50.01
C GLY M 210 18.32 -31.23 49.38
N VAL M 211 19.27 -30.61 50.08
CA VAL M 211 20.65 -30.51 49.62
C VAL M 211 21.57 -30.71 50.82
N SER M 212 22.62 -31.49 50.63
CA SER M 212 23.56 -31.77 51.71
C SER M 212 24.31 -30.51 52.12
N HIS M 213 24.69 -30.46 53.39
CA HIS M 213 25.38 -29.28 53.92
C HIS M 213 26.70 -28.99 53.22
N PRO M 214 27.59 -29.96 52.97
CA PRO M 214 28.83 -29.61 52.26
C PRO M 214 28.59 -29.01 50.88
N VAL M 215 27.56 -29.43 50.17
CA VAL M 215 27.24 -28.82 48.89
C VAL M 215 26.87 -27.36 49.08
N LEU M 216 26.04 -27.08 50.09
CA LEU M 216 25.71 -25.70 50.41
C LEU M 216 26.93 -24.95 50.93
N LYS M 217 27.72 -25.60 51.79
CA LYS M 217 28.85 -24.93 52.41
C LYS M 217 29.91 -24.55 51.37
N GLN M 218 30.23 -25.46 50.46
CA GLN M 218 31.28 -25.19 49.48
C GLN M 218 30.86 -24.09 48.50
N VAL M 219 29.61 -24.11 48.06
CA VAL M 219 29.16 -23.15 47.07
C VAL M 219 29.02 -21.75 47.65
N ALA M 220 28.99 -21.61 48.96
CA ALA M 220 28.73 -20.32 49.60
C ALA M 220 30.00 -19.61 50.06
N GLU M 221 31.17 -20.19 49.84
CA GLU M 221 32.42 -19.58 50.30
C GLU M 221 33.06 -18.72 49.21
N GLN M 222 32.30 -17.77 48.65
CA GLN M 222 32.83 -16.87 47.64
C GLN M 222 32.24 -15.47 47.76
N PHE M 223 31.93 -15.02 48.97
CA PHE M 223 31.10 -13.82 49.14
C PHE M 223 31.92 -12.62 49.59
N LEU M 224 31.22 -11.50 49.81
CA LEU M 224 31.81 -10.18 49.99
C LEU M 224 32.00 -9.87 51.49
N ASN M 225 32.46 -8.65 51.78
CA ASN M 225 32.68 -8.22 53.15
C ASN M 225 32.25 -6.76 53.36
N ILE M 226 31.13 -6.35 52.78
CA ILE M 226 30.68 -4.97 52.83
C ILE M 226 29.32 -4.92 53.54
N ARG M 227 28.94 -3.73 54.00
CA ARG M 227 27.65 -3.49 54.65
C ARG M 227 26.90 -2.41 53.87
N GLY M 228 25.70 -2.08 54.35
CA GLY M 228 24.87 -1.11 53.68
C GLY M 228 25.38 0.31 53.84
N GLY M 229 24.81 1.20 53.04
CA GLY M 229 25.19 2.60 53.02
C GLY M 229 24.22 3.47 53.78
N LEU M 230 24.06 4.71 53.31
CA LEU M 230 23.17 5.69 53.91
C LEU M 230 22.03 5.99 52.96
N GLY M 231 21.11 6.85 53.41
CA GLY M 231 19.97 7.21 52.58
C GLY M 231 19.18 8.41 53.06
N LEU M 232 18.81 9.28 52.12
CA LEU M 232 17.97 10.43 52.46
C LEU M 232 16.58 9.99 52.91
N SER M 233 15.98 9.03 52.21
CA SER M 233 14.66 8.53 52.55
C SER M 233 14.67 7.06 52.97
N GLY M 234 15.84 6.43 53.05
CA GLY M 234 15.90 5.05 53.52
C GLY M 234 17.19 4.69 54.21
N ALA M 235 17.08 4.22 55.46
CA ALA M 235 18.22 3.86 56.29
C ALA M 235 17.72 3.24 57.60
N LYS M 236 17.43 4.09 58.57
CA LYS M 236 16.82 3.67 59.82
C LYS M 236 15.41 4.24 59.89
N ALA M 237 14.43 3.37 60.16
CA ALA M 237 13.02 3.74 60.10
C ALA M 237 12.55 4.36 61.41
N LYS M 238 11.69 5.37 61.28
CA LYS M 238 11.09 6.04 62.42
C LYS M 238 9.64 6.36 62.13
N TYR M 239 8.75 5.92 63.02
CA TYR M 239 7.32 6.06 62.80
C TYR M 239 6.89 7.51 62.93
N HIS M 240 6.04 7.95 62.00
CA HIS M 240 5.54 9.32 61.97
C HIS M 240 4.04 9.41 62.21
N GLY M 241 3.24 8.71 61.40
CA GLY M 241 1.81 8.76 61.56
C GLY M 241 1.19 9.89 60.76
N GLY M 242 0.35 9.54 59.79
CA GLY M 242 -0.26 10.53 58.93
C GLY M 242 -1.60 10.08 58.39
N GLU M 243 -2.00 10.63 57.24
CA GLU M 243 -3.28 10.25 56.65
C GLU M 243 -3.25 10.57 55.16
N ILE M 244 -3.47 9.56 54.33
CA ILE M 244 -3.47 9.71 52.89
C ILE M 244 -4.83 9.27 52.36
N ARG M 245 -5.48 10.14 51.60
CA ARG M 245 -6.79 9.87 51.05
C ARG M 245 -6.76 10.02 49.54
N GLU M 246 -7.17 8.96 48.84
CA GLU M 246 -7.17 8.93 47.39
C GLU M 246 -8.59 8.65 46.90
N GLN M 247 -9.05 9.42 45.93
CA GLN M 247 -10.36 9.25 45.34
C GLN M 247 -10.22 8.80 43.89
N ASN M 248 -10.92 7.73 43.54
CA ASN M 248 -10.90 7.25 42.16
C ASN M 248 -12.27 6.81 41.67
N GLY M 249 -13.35 7.18 42.36
CA GLY M 249 -14.68 6.88 41.87
C GLY M 249 -15.04 5.42 41.87
N ASP M 250 -14.28 4.59 42.56
CA ASP M 250 -14.58 3.16 42.63
C ASP M 250 -15.85 2.92 43.44
N SER M 251 -16.53 1.82 43.12
CA SER M 251 -17.76 1.48 43.83
C SER M 251 -17.47 1.10 45.27
N LEU M 252 -16.40 0.35 45.52
CA LEU M 252 -16.06 -0.12 46.86
C LEU M 252 -14.94 0.71 47.46
N VAL M 253 -15.06 0.98 48.76
CA VAL M 253 -14.13 1.85 49.47
C VAL M 253 -13.26 0.99 50.36
N HIS M 254 -11.94 1.13 50.20
CA HIS M 254 -10.96 0.42 51.01
C HIS M 254 -10.36 1.40 52.01
N ALA M 255 -10.35 1.02 53.28
CA ALA M 255 -9.81 1.85 54.34
C ALA M 255 -8.89 1.02 55.22
N ALA M 256 -7.79 1.63 55.65
CA ALA M 256 -6.80 0.96 56.50
C ALA M 256 -6.41 1.93 57.61
N LEU M 257 -6.91 1.68 58.82
CA LEU M 257 -6.59 2.49 59.99
C LEU M 257 -5.70 1.66 60.90
N VAL M 258 -4.45 2.11 61.07
CA VAL M 258 -3.45 1.35 61.82
C VAL M 258 -2.75 2.27 62.81
N ALA M 259 -2.12 1.65 63.80
CA ALA M 259 -1.27 2.36 64.75
C ALA M 259 0.11 1.71 64.75
N GLU M 260 0.96 2.08 65.71
CA GLU M 260 2.32 1.55 65.76
C GLU M 260 2.34 0.35 66.70
N SER M 261 2.60 -0.83 66.14
CA SER M 261 2.78 -2.04 66.91
C SER M 261 4.26 -2.24 67.20
N ALA M 262 4.63 -3.43 67.70
CA ALA M 262 6.01 -3.74 68.05
C ALA M 262 6.67 -4.58 66.97
N ALA M 263 8.00 -4.56 66.98
CA ALA M 263 8.80 -5.26 65.98
C ALA M 263 8.82 -6.75 66.27
N ILE M 264 9.26 -7.53 65.27
CA ILE M 264 9.34 -8.99 65.42
C ILE M 264 10.35 -9.36 66.49
N GLY M 265 10.25 -10.59 66.99
CA GLY M 265 11.11 -11.05 68.06
C GLY M 265 10.67 -10.58 69.43
N SER M 266 10.22 -9.33 69.50
CA SER M 266 9.73 -8.78 70.76
C SER M 266 8.48 -9.51 71.22
N ALA M 267 8.37 -9.70 72.54
CA ALA M 267 7.22 -10.38 73.10
C ALA M 267 5.93 -9.60 72.90
N GLU M 268 6.03 -8.28 72.64
CA GLU M 268 4.82 -7.50 72.39
C GLU M 268 4.24 -7.79 71.00
N ALA M 269 5.09 -8.17 70.05
CA ALA M 269 4.58 -8.52 68.72
C ALA M 269 3.68 -9.75 68.80
N ASN M 270 4.03 -10.72 69.63
CA ASN M 270 3.17 -11.88 69.82
C ASN M 270 1.83 -11.47 70.42
N ALA M 271 1.83 -10.46 71.28
CA ALA M 271 0.57 -9.99 71.85
C ALA M 271 -0.36 -9.43 70.78
N PHE M 272 0.20 -8.70 69.81
CA PHE M 272 -0.61 -8.20 68.71
C PHE M 272 -1.06 -9.33 67.79
N SER M 273 -0.19 -10.31 67.57
CA SER M 273 -0.54 -11.41 66.66
C SER M 273 -1.71 -12.22 67.19
N VAL M 274 -1.72 -12.51 68.49
CA VAL M 274 -2.88 -13.20 69.07
C VAL M 274 -4.06 -12.24 69.15
N LEU M 275 -3.81 -10.95 69.37
CA LEU M 275 -4.89 -9.98 69.30
C LEU M 275 -5.44 -9.87 67.88
N GLN M 276 -4.61 -10.14 66.88
CA GLN M 276 -5.07 -10.06 65.50
C GLN M 276 -6.16 -11.09 65.21
N HIS M 277 -6.02 -12.29 65.77
CA HIS M 277 -7.03 -13.32 65.55
C HIS M 277 -8.21 -13.19 66.51
N VAL M 278 -8.06 -12.43 67.60
CA VAL M 278 -9.22 -12.11 68.43
C VAL M 278 -10.23 -11.30 67.63
N LEU M 279 -9.74 -10.32 66.87
CA LEU M 279 -10.60 -9.49 66.02
C LEU M 279 -10.93 -10.15 64.69
N GLY M 280 -10.26 -11.23 64.33
CA GLY M 280 -10.55 -11.92 63.10
C GLY M 280 -9.77 -11.36 61.93
N ALA M 281 -8.93 -12.19 61.30
CA ALA M 281 -8.04 -11.76 60.24
C ALA M 281 -8.07 -12.73 59.08
N GLY M 282 -9.27 -13.11 58.65
CA GLY M 282 -9.42 -14.03 57.55
C GLY M 282 -10.41 -15.13 57.84
N PRO M 283 -11.19 -15.51 56.84
CA PRO M 283 -12.20 -16.55 57.04
C PRO M 283 -11.58 -17.92 57.22
N HIS M 284 -12.31 -18.78 57.95
CA HIS M 284 -11.96 -20.18 58.09
C HIS M 284 -12.96 -21.12 57.43
N VAL M 285 -14.21 -20.67 57.25
CA VAL M 285 -15.25 -21.44 56.60
C VAL M 285 -15.63 -20.73 55.31
N LYS M 286 -15.60 -21.46 54.20
CA LYS M 286 -15.94 -20.88 52.91
C LYS M 286 -17.36 -20.35 52.92
N ARG M 287 -17.53 -19.09 52.48
CA ARG M 287 -18.83 -18.43 52.44
C ARG M 287 -19.49 -18.39 53.82
N GLY M 288 -18.69 -18.29 54.88
CA GLY M 288 -19.23 -18.27 56.22
C GLY M 288 -19.72 -16.90 56.66
N SER M 289 -20.41 -16.90 57.78
CA SER M 289 -20.92 -15.66 58.37
C SER M 289 -19.97 -15.07 59.40
N ASN M 290 -18.85 -15.74 59.68
CA ASN M 290 -17.80 -15.24 60.58
C ASN M 290 -18.37 -14.95 61.97
N ALA M 291 -18.88 -16.01 62.60
CA ALA M 291 -19.48 -15.86 63.92
C ALA M 291 -18.43 -15.52 64.98
N THR M 292 -17.26 -16.16 64.92
CA THR M 292 -16.22 -15.92 65.92
C THR M 292 -15.42 -14.66 65.64
N SER M 293 -15.53 -14.08 64.45
CA SER M 293 -14.79 -12.87 64.11
C SER M 293 -15.42 -11.69 64.84
N SER M 294 -14.71 -11.14 65.82
CA SER M 294 -15.25 -10.05 66.63
C SER M 294 -15.51 -8.81 65.78
N LEU M 295 -14.59 -8.48 64.87
CA LEU M 295 -14.77 -7.30 64.04
C LEU M 295 -15.97 -7.43 63.12
N TYR M 296 -16.07 -8.54 62.38
CA TYR M 296 -17.16 -8.72 61.44
C TYR M 296 -18.51 -8.78 62.16
N GLN M 297 -18.56 -9.48 63.29
CA GLN M 297 -19.80 -9.57 64.05
C GLN M 297 -20.22 -8.20 64.58
N ALA M 298 -19.26 -7.39 65.02
CA ALA M 298 -19.58 -6.06 65.56
C ALA M 298 -20.23 -5.18 64.50
N VAL M 299 -19.69 -5.19 63.27
CA VAL M 299 -20.27 -4.39 62.19
C VAL M 299 -21.48 -5.05 61.56
N ALA M 300 -21.75 -6.32 61.86
CA ALA M 300 -22.88 -7.00 61.25
C ALA M 300 -24.19 -6.34 61.65
N LYS M 301 -24.34 -5.96 62.92
CA LYS M 301 -25.53 -5.24 63.34
C LYS M 301 -25.47 -3.81 62.84
N GLY M 302 -26.61 -3.33 62.34
CA GLY M 302 -26.68 -1.99 61.79
C GLY M 302 -26.43 -1.95 60.30
N VAL M 303 -25.26 -2.44 59.88
CA VAL M 303 -24.91 -2.48 58.46
C VAL M 303 -25.47 -3.77 57.89
N HIS M 304 -26.48 -3.64 57.02
CA HIS M 304 -27.11 -4.78 56.37
C HIS M 304 -26.82 -4.80 54.88
N GLU M 305 -25.59 -4.46 54.52
CA GLU M 305 -25.13 -4.40 53.14
C GLU M 305 -23.76 -5.06 53.06
N PRO M 306 -23.31 -5.41 51.85
CA PRO M 306 -22.00 -6.06 51.72
C PRO M 306 -20.87 -5.23 52.32
N PHE M 307 -19.96 -5.91 53.00
CA PHE M 307 -18.81 -5.28 53.64
C PHE M 307 -17.84 -6.37 54.03
N ASP M 308 -16.66 -5.94 54.50
CA ASP M 308 -15.62 -6.88 54.90
C ASP M 308 -14.62 -6.17 55.80
N VAL M 309 -14.37 -6.73 56.98
CA VAL M 309 -13.43 -6.17 57.95
C VAL M 309 -12.51 -7.28 58.44
N SER M 310 -11.23 -6.97 58.54
CA SER M 310 -10.24 -7.89 59.10
C SER M 310 -9.29 -7.09 59.99
N ALA M 311 -8.26 -7.76 60.50
CA ALA M 311 -7.26 -7.13 61.35
C ALA M 311 -5.92 -7.12 60.61
N PHE M 312 -5.35 -5.93 60.44
CA PHE M 312 -4.09 -5.76 59.74
C PHE M 312 -2.95 -5.75 60.74
N ASN M 313 -1.97 -6.63 60.53
CA ASN M 313 -0.83 -6.76 61.42
C ASN M 313 0.44 -6.86 60.57
N ALA M 314 1.02 -5.70 60.25
CA ALA M 314 2.28 -5.64 59.54
C ALA M 314 3.38 -5.35 60.55
N SER M 315 4.31 -6.29 60.70
CA SER M 315 5.39 -6.17 61.68
C SER M 315 6.73 -6.27 60.96
N TYR M 316 7.71 -5.51 61.45
CA TYR M 316 9.01 -5.44 60.78
C TYR M 316 10.15 -5.65 61.77
N SER M 317 11.38 -5.44 61.30
CA SER M 317 12.55 -5.68 62.15
C SER M 317 12.66 -4.66 63.27
N ASP M 318 12.27 -3.41 63.02
CA ASP M 318 12.42 -2.34 64.01
C ASP M 318 11.12 -1.70 64.45
N SER M 319 10.03 -1.86 63.70
CA SER M 319 8.75 -1.27 64.06
C SER M 319 7.64 -2.18 63.57
N GLY M 320 6.43 -1.65 63.54
CA GLY M 320 5.30 -2.43 63.04
C GLY M 320 4.08 -1.55 62.89
N LEU M 321 3.06 -2.13 62.24
CA LEU M 321 1.77 -1.48 62.06
C LEU M 321 0.68 -2.46 62.43
N PHE M 322 -0.22 -2.05 63.31
CA PHE M 322 -1.36 -2.87 63.69
C PHE M 322 -2.63 -2.06 63.57
N GLY M 323 -3.69 -2.70 63.08
CA GLY M 323 -4.96 -2.02 62.89
C GLY M 323 -5.93 -2.93 62.16
N PHE M 324 -6.98 -2.32 61.64
CA PHE M 324 -8.00 -3.06 60.90
C PHE M 324 -8.12 -2.53 59.48
N TYR M 325 -8.45 -3.43 58.56
CA TYR M 325 -8.68 -3.11 57.17
C TYR M 325 -10.16 -3.34 56.86
N THR M 326 -10.80 -2.36 56.21
CA THR M 326 -12.22 -2.40 55.97
C THR M 326 -12.51 -2.20 54.48
N ILE M 327 -13.60 -2.82 54.03
CA ILE M 327 -14.12 -2.65 52.68
C ILE M 327 -15.63 -2.45 52.79
N SER M 328 -16.13 -1.35 52.24
CA SER M 328 -17.55 -1.06 52.37
C SER M 328 -17.99 -0.13 51.25
N GLN M 329 -19.30 -0.07 51.05
CA GLN M 329 -19.87 0.87 50.08
C GLN M 329 -19.66 2.30 50.55
N ALA M 330 -19.52 3.20 49.59
CA ALA M 330 -19.33 4.62 49.92
C ALA M 330 -20.54 5.18 50.64
N ALA M 331 -21.73 4.62 50.39
CA ALA M 331 -22.93 5.09 51.07
C ALA M 331 -22.85 4.85 52.58
N SER M 332 -22.20 3.78 53.00
CA SER M 332 -22.05 3.45 54.41
C SER M 332 -20.60 3.09 54.73
N ALA M 333 -19.66 3.88 54.21
CA ALA M 333 -18.25 3.64 54.52
C ALA M 333 -17.91 4.06 55.94
N GLY M 334 -18.46 5.19 56.39
CA GLY M 334 -18.14 5.67 57.72
C GLY M 334 -18.66 4.77 58.82
N ASP M 335 -19.86 4.21 58.64
CA ASP M 335 -20.44 3.36 59.66
C ASP M 335 -19.59 2.11 59.90
N VAL M 336 -19.07 1.52 58.83
CA VAL M 336 -18.30 0.29 58.97
C VAL M 336 -16.98 0.55 59.69
N ILE M 337 -16.29 1.64 59.34
CA ILE M 337 -15.05 1.97 60.01
C ILE M 337 -15.31 2.30 61.48
N LYS M 338 -16.33 3.11 61.74
CA LYS M 338 -16.61 3.53 63.11
C LYS M 338 -17.08 2.35 63.97
N ALA M 339 -17.96 1.50 63.43
CA ALA M 339 -18.42 0.35 64.20
C ALA M 339 -17.28 -0.62 64.49
N ALA M 340 -16.41 -0.87 63.51
CA ALA M 340 -15.27 -1.75 63.74
C ALA M 340 -14.28 -1.13 64.72
N TYR M 341 -14.09 0.19 64.65
CA TYR M 341 -13.18 0.86 65.56
C TYR M 341 -13.68 0.81 66.99
N ASN M 342 -14.99 0.99 67.19
CA ASN M 342 -15.55 0.97 68.54
C ASN M 342 -15.39 -0.40 69.18
N GLN M 343 -15.42 -1.47 68.37
CA GLN M 343 -15.24 -2.81 68.93
C GLN M 343 -13.85 -2.97 69.52
N VAL M 344 -12.84 -2.41 68.87
CA VAL M 344 -11.47 -2.50 69.40
C VAL M 344 -11.37 -1.75 70.72
N LYS M 345 -12.10 -0.65 70.85
CA LYS M 345 -12.08 0.10 72.11
C LYS M 345 -12.62 -0.73 73.26
N THR M 346 -13.64 -1.54 73.00
CA THR M 346 -14.17 -2.41 74.04
C THR M 346 -13.12 -3.42 74.50
N ILE M 347 -12.32 -3.92 73.58
CA ILE M 347 -11.23 -4.83 73.96
C ILE M 347 -10.24 -4.12 74.86
N ALA M 348 -9.89 -2.87 74.53
CA ALA M 348 -8.92 -2.14 75.33
C ALA M 348 -9.43 -1.89 76.74
N GLN M 349 -10.75 -1.82 76.92
CA GLN M 349 -11.34 -1.60 78.23
C GLN M 349 -11.43 -2.87 79.06
N GLY M 350 -10.76 -3.94 78.65
CA GLY M 350 -10.78 -5.17 79.40
C GLY M 350 -11.96 -6.07 79.17
N ASN M 351 -12.83 -5.75 78.21
CA ASN M 351 -14.01 -6.57 77.92
C ASN M 351 -13.61 -7.73 76.99
N LEU M 352 -12.78 -8.62 77.54
CA LEU M 352 -12.31 -9.79 76.83
C LEU M 352 -12.47 -11.03 77.71
N SER M 353 -12.76 -12.15 77.06
CA SER M 353 -12.98 -13.42 77.75
C SER M 353 -11.83 -14.38 77.46
N ASN M 354 -11.51 -15.20 78.45
CA ASN M 354 -10.46 -16.20 78.26
C ASN M 354 -10.74 -17.18 77.12
N PRO M 355 -11.96 -17.72 76.96
CA PRO M 355 -12.21 -18.57 75.78
C PRO M 355 -11.96 -17.86 74.46
N ASP M 356 -12.22 -16.55 74.38
CA ASP M 356 -11.89 -15.81 73.17
C ASP M 356 -10.38 -15.80 72.93
N VAL M 357 -9.60 -15.62 73.99
CA VAL M 357 -8.15 -15.68 73.85
C VAL M 357 -7.71 -17.10 73.50
N GLN M 358 -8.34 -18.11 74.10
CA GLN M 358 -7.96 -19.49 73.85
C GLN M 358 -8.21 -19.87 72.39
N ALA M 359 -9.34 -19.43 71.82
CA ALA M 359 -9.59 -19.70 70.42
C ALA M 359 -8.58 -18.98 69.52
N ALA M 360 -8.25 -17.74 69.86
CA ALA M 360 -7.30 -16.98 69.05
C ALA M 360 -5.91 -17.63 69.10
N LYS M 361 -5.51 -18.14 70.26
CA LYS M 361 -4.26 -18.88 70.34
C LYS M 361 -4.31 -20.13 69.47
N ASN M 362 -5.46 -20.81 69.44
CA ASN M 362 -5.60 -21.98 68.59
C ASN M 362 -5.52 -21.61 67.11
N LYS M 363 -6.15 -20.50 66.73
CA LYS M 363 -6.06 -20.04 65.35
C LYS M 363 -4.63 -19.65 64.99
N LEU M 364 -3.95 -18.98 65.92
CA LEU M 364 -2.56 -18.55 65.64
C LEU M 364 -1.64 -19.75 65.48
N LYS M 365 -1.76 -20.74 66.35
CA LYS M 365 -0.90 -21.92 66.25
C LYS M 365 -1.18 -22.68 64.97
N ALA M 366 -2.46 -22.90 64.66
CA ALA M 366 -2.80 -23.61 63.43
C ALA M 366 -2.40 -22.81 62.20
N GLY M 367 -2.65 -21.50 62.22
CA GLY M 367 -2.31 -20.68 61.06
C GLY M 367 -0.82 -20.67 60.78
N TYR M 368 0.01 -20.73 61.82
CA TYR M 368 1.45 -20.75 61.63
C TYR M 368 1.93 -22.10 61.12
N LEU M 369 1.35 -23.19 61.64
CA LEU M 369 1.81 -24.52 61.26
C LEU M 369 1.56 -24.80 59.79
N MET M 370 0.40 -24.40 59.26
CA MET M 370 0.14 -24.58 57.84
C MET M 370 0.99 -23.67 56.97
N SER M 371 1.46 -22.54 57.51
CA SER M 371 2.30 -21.64 56.73
C SER M 371 3.60 -22.32 56.34
N VAL M 372 4.23 -23.04 57.29
CA VAL M 372 5.46 -23.77 57.01
C VAL M 372 5.20 -25.18 56.51
N GLU M 373 3.93 -25.58 56.39
CA GLU M 373 3.62 -26.94 55.96
C GLU M 373 4.11 -27.20 54.53
N SER M 374 3.90 -26.24 53.64
CA SER M 374 4.32 -26.42 52.26
C SER M 374 5.84 -26.33 52.15
N SER M 375 6.36 -26.82 51.02
CA SER M 375 7.80 -26.75 50.78
C SER M 375 8.27 -25.32 50.67
N GLU M 376 7.50 -24.48 49.97
CA GLU M 376 7.91 -23.09 49.78
C GLU M 376 7.73 -22.27 51.04
N GLY M 377 6.65 -22.53 51.80
CA GLY M 377 6.41 -21.77 53.01
C GLY M 377 7.47 -22.01 54.07
N PHE M 378 7.92 -23.27 54.21
CA PHE M 378 8.94 -23.57 55.19
C PHE M 378 10.24 -22.85 54.88
N LEU M 379 10.63 -22.81 53.60
CA LEU M 379 11.86 -22.13 53.22
C LEU M 379 11.79 -20.63 53.52
N ASP M 380 10.65 -20.00 53.22
CA ASP M 380 10.51 -18.57 53.49
C ASP M 380 10.56 -18.27 54.98
N GLU M 381 9.94 -19.12 55.79
CA GLU M 381 9.93 -18.88 57.24
C GLU M 381 11.33 -18.95 57.82
N VAL M 382 12.06 -20.03 57.54
CA VAL M 382 13.42 -20.15 58.06
C VAL M 382 14.33 -19.13 57.40
N GLY M 383 14.11 -18.84 56.11
CA GLY M 383 14.97 -17.90 55.41
C GLY M 383 14.94 -16.52 56.04
N SER M 384 13.73 -16.02 56.34
CA SER M 384 13.63 -14.72 57.01
C SER M 384 14.10 -14.80 58.44
N GLN M 385 13.93 -15.96 59.09
CA GLN M 385 14.42 -16.13 60.45
C GLN M 385 15.93 -16.02 60.51
N ALA M 386 16.62 -16.62 59.54
CA ALA M 386 18.08 -16.55 59.51
C ALA M 386 18.58 -15.14 59.24
N LEU M 387 17.71 -14.24 58.78
CA LEU M 387 18.11 -12.87 58.51
C LEU M 387 17.78 -11.95 59.70
N ALA M 388 16.52 -11.94 60.13
CA ALA M 388 16.14 -11.13 61.28
C ALA M 388 16.85 -11.61 62.54
N ALA M 389 16.92 -12.91 62.73
CA ALA M 389 17.65 -13.52 63.83
C ALA M 389 18.87 -14.25 63.27
N GLY M 390 19.57 -14.97 64.13
CA GLY M 390 20.73 -15.73 63.70
C GLY M 390 20.60 -17.21 63.95
N SER M 391 19.38 -17.66 64.25
CA SER M 391 19.15 -19.05 64.59
C SER M 391 17.74 -19.44 64.17
N TYR M 392 17.53 -20.75 64.05
CA TYR M 392 16.23 -21.29 63.64
C TYR M 392 15.47 -21.76 64.88
N THR M 393 14.25 -21.25 65.03
CA THR M 393 13.39 -21.65 66.13
C THR M 393 12.41 -22.69 65.63
N PRO M 394 12.41 -23.90 66.19
CA PRO M 394 11.50 -24.94 65.68
C PRO M 394 10.05 -24.55 65.94
N PRO M 395 9.12 -25.08 65.15
CA PRO M 395 7.71 -24.73 65.36
C PRO M 395 7.20 -25.07 66.76
N SER M 396 7.73 -26.14 67.37
CA SER M 396 7.31 -26.49 68.73
C SER M 396 7.66 -25.39 69.72
N THR M 397 8.86 -24.82 69.60
CA THR M 397 9.25 -23.71 70.47
C THR M 397 8.36 -22.50 70.24
N VAL M 398 7.96 -22.27 68.98
CA VAL M 398 7.09 -21.14 68.67
C VAL M 398 5.73 -21.31 69.33
N LEU M 399 5.21 -22.53 69.33
CA LEU M 399 3.90 -22.77 69.93
C LEU M 399 3.93 -22.48 71.43
N GLN M 400 5.04 -22.79 72.09
CA GLN M 400 5.18 -22.45 73.51
C GLN M 400 5.17 -20.94 73.71
N GLN M 401 5.84 -20.20 72.83
CA GLN M 401 5.87 -18.75 72.95
C GLN M 401 4.47 -18.16 72.78
N ILE M 402 3.69 -18.68 71.83
CA ILE M 402 2.32 -18.24 71.67
C ILE M 402 1.49 -18.61 72.89
N ASP M 403 1.68 -19.82 73.41
CA ASP M 403 0.97 -20.25 74.60
C ASP M 403 1.39 -19.48 75.84
N ALA M 404 2.55 -18.83 75.82
CA ALA M 404 3.05 -18.04 76.94
C ALA M 404 2.63 -16.58 76.85
N VAL M 405 1.54 -16.29 76.14
CA VAL M 405 1.03 -14.92 76.00
C VAL M 405 -0.12 -14.76 76.98
N ALA M 406 0.06 -13.89 77.96
CA ALA M 406 -0.99 -13.66 78.95
C ALA M 406 -2.12 -12.85 78.35
N ASP M 407 -3.33 -13.04 78.90
CA ASP M 407 -4.49 -12.29 78.43
C ASP M 407 -4.34 -10.81 78.70
N ALA M 408 -3.58 -10.43 79.74
CA ALA M 408 -3.34 -9.02 80.01
C ALA M 408 -2.53 -8.39 78.89
N ASP M 409 -1.58 -9.13 78.32
CA ASP M 409 -0.76 -8.59 77.24
C ASP M 409 -1.61 -8.27 76.02
N VAL M 410 -2.65 -9.05 75.77
CA VAL M 410 -3.55 -8.77 74.66
C VAL M 410 -4.28 -7.45 74.90
N ILE M 411 -4.74 -7.22 76.13
CA ILE M 411 -5.42 -5.98 76.46
C ILE M 411 -4.48 -4.79 76.29
N ASN M 412 -3.24 -4.92 76.76
CA ASN M 412 -2.27 -3.85 76.62
C ASN M 412 -1.98 -3.55 75.14
N ALA M 413 -1.93 -4.59 74.32
CA ALA M 413 -1.74 -4.39 72.89
C ALA M 413 -2.90 -3.60 72.28
N ALA M 414 -4.12 -3.90 72.71
CA ALA M 414 -5.27 -3.13 72.24
C ALA M 414 -5.17 -1.67 72.69
N LYS M 415 -4.72 -1.44 73.92
CA LYS M 415 -4.58 -0.07 74.41
C LYS M 415 -3.54 0.69 73.60
N LYS M 416 -2.47 0.02 73.18
CA LYS M 416 -1.46 0.68 72.37
C LYS M 416 -2.03 1.16 71.04
N PHE M 417 -2.88 0.35 70.41
CA PHE M 417 -3.49 0.76 69.15
C PHE M 417 -4.47 1.92 69.36
N VAL M 418 -5.32 1.82 70.38
CA VAL M 418 -6.35 2.84 70.59
C VAL M 418 -5.71 4.17 70.97
N SER M 419 -4.75 4.15 71.89
CA SER M 419 -4.12 5.37 72.37
C SER M 419 -2.98 5.85 71.49
N GLY M 420 -2.61 5.10 70.46
CA GLY M 420 -1.48 5.44 69.63
C GLY M 420 -1.80 6.51 68.60
N ARG M 421 -0.79 6.88 67.84
CA ARG M 421 -0.92 7.85 66.75
C ARG M 421 -1.29 7.10 65.48
N LYS M 422 -2.47 7.35 64.97
CA LYS M 422 -3.03 6.54 63.90
C LYS M 422 -2.43 6.93 62.54
N SER M 423 -2.68 6.06 61.55
CA SER M 423 -2.23 6.27 60.18
C SER M 423 -3.29 5.70 59.26
N MET M 424 -4.06 6.56 58.60
CA MET M 424 -5.20 6.15 57.80
C MET M 424 -4.88 6.29 56.32
N ALA M 425 -5.13 5.22 55.56
CA ALA M 425 -5.03 5.23 54.12
C ALA M 425 -6.34 4.72 53.53
N ALA M 426 -6.95 5.52 52.66
CA ALA M 426 -8.25 5.18 52.10
C ALA M 426 -8.20 5.30 50.59
N SER M 427 -9.10 4.58 49.93
CA SER M 427 -9.22 4.61 48.48
C SER M 427 -10.67 4.41 48.11
N GLY M 428 -11.02 4.86 46.91
CA GLY M 428 -12.39 4.78 46.44
C GLY M 428 -13.13 6.09 46.57
N ASN M 429 -14.45 5.99 46.53
CA ASN M 429 -15.31 7.16 46.69
C ASN M 429 -15.30 7.57 48.16
N LEU M 430 -14.58 8.64 48.47
CA LEU M 430 -14.37 9.08 49.85
C LEU M 430 -15.34 10.18 50.26
N GLY M 431 -16.57 10.14 49.75
CA GLY M 431 -17.55 11.15 50.14
C GLY M 431 -17.95 11.07 51.59
N HIS M 432 -18.05 9.84 52.13
CA HIS M 432 -18.50 9.63 53.49
C HIS M 432 -17.45 8.98 54.38
N THR M 433 -16.27 8.69 53.86
CA THR M 433 -15.23 8.07 54.67
C THR M 433 -14.69 9.06 55.69
N PRO M 434 -14.69 8.73 56.98
CA PRO M 434 -14.29 9.71 57.99
C PRO M 434 -12.78 9.94 57.99
N PHE M 435 -12.40 11.08 58.55
CA PHE M 435 -10.99 11.43 58.71
C PHE M 435 -10.47 10.84 60.02
N ILE M 436 -9.20 11.13 60.32
CA ILE M 436 -8.60 10.60 61.53
C ILE M 436 -9.19 11.26 62.77
N ASP M 437 -9.37 12.58 62.72
CA ASP M 437 -9.80 13.31 63.92
C ASP M 437 -11.19 12.88 64.35
N GLU M 438 -12.11 12.65 63.40
CA GLU M 438 -13.43 12.12 63.75
C GLU M 438 -13.43 10.59 63.75
N LEU M 439 -12.43 10.03 64.42
CA LEU M 439 -12.26 8.58 64.52
C LEU M 439 -13.50 7.85 65.03
N MET N 1 8.07 -18.24 14.55
CA MET N 1 8.15 -17.23 13.50
C MET N 1 6.72 -17.08 12.95
N THR N 2 6.19 -15.86 13.01
CA THR N 2 4.75 -15.64 12.86
C THR N 2 4.23 -16.10 11.51
N ASN N 3 3.41 -17.15 11.50
CA ASN N 3 2.83 -17.62 10.25
C ASN N 3 1.93 -16.56 9.61
N ILE N 4 1.30 -15.73 10.43
CA ILE N 4 0.45 -14.68 9.88
C ILE N 4 1.30 -13.60 9.22
N ARG N 5 2.38 -13.19 9.87
CA ARG N 5 3.35 -12.29 9.24
C ARG N 5 4.11 -13.11 8.20
N LYS N 6 3.49 -13.28 7.04
CA LYS N 6 4.01 -14.12 5.96
C LYS N 6 5.11 -13.36 5.23
N SER N 7 5.44 -13.79 4.01
CA SER N 7 6.41 -13.07 3.21
C SER N 7 5.81 -11.74 2.74
N HIS N 8 5.54 -10.87 3.70
CA HIS N 8 4.86 -9.59 3.48
C HIS N 8 5.68 -8.62 2.64
N PRO N 9 7.00 -8.40 2.92
CA PRO N 9 7.74 -7.43 2.11
C PRO N 9 7.97 -7.91 0.69
N LEU N 10 6.88 -8.32 0.05
CA LEU N 10 6.86 -8.87 -1.30
C LEU N 10 5.52 -8.52 -1.93
N MET N 11 5.17 -9.24 -3.00
CA MET N 11 3.94 -8.98 -3.71
C MET N 11 2.72 -9.63 -3.07
N LYS N 12 2.89 -10.43 -2.02
CA LYS N 12 1.73 -11.06 -1.40
C LYS N 12 0.82 -10.04 -0.71
N ILE N 13 1.38 -8.96 -0.16
CA ILE N 13 0.56 -7.94 0.47
C ILE N 13 -0.52 -7.45 -0.50
N VAL N 14 -0.16 -7.30 -1.76
CA VAL N 14 -1.15 -6.99 -2.79
C VAL N 14 -2.15 -8.14 -2.91
N ASN N 15 -1.67 -9.39 -2.77
CA ASN N 15 -2.54 -10.56 -2.88
C ASN N 15 -3.43 -10.74 -1.68
N ASN N 16 -3.23 -9.99 -0.60
CA ASN N 16 -4.18 -10.02 0.50
C ASN N 16 -5.56 -9.55 0.08
N ALA N 17 -5.66 -8.81 -1.02
CA ALA N 17 -6.94 -8.43 -1.60
C ALA N 17 -7.69 -9.61 -2.21
N PHE N 18 -7.04 -10.77 -2.35
CA PHE N 18 -7.66 -11.95 -2.91
C PHE N 18 -7.96 -13.01 -1.87
N ILE N 19 -7.44 -12.87 -0.65
CA ILE N 19 -7.53 -13.91 0.36
C ILE N 19 -8.24 -13.39 1.60
N ASP N 20 -7.71 -12.32 2.18
CA ASP N 20 -8.22 -11.77 3.43
C ASP N 20 -9.11 -10.56 3.22
N LEU N 21 -9.53 -10.29 2.00
CA LEU N 21 -10.36 -9.12 1.74
C LEU N 21 -11.74 -9.31 2.35
N PRO N 22 -12.24 -8.36 3.13
CA PRO N 22 -13.62 -8.46 3.66
C PRO N 22 -14.62 -8.31 2.53
N ALA N 23 -15.57 -9.24 2.48
CA ALA N 23 -16.62 -9.21 1.47
C ALA N 23 -17.97 -9.46 2.13
N PRO N 24 -19.08 -8.84 1.63
CA PRO N 24 -20.41 -9.06 2.18
C PRO N 24 -20.78 -10.53 2.08
N SER N 25 -21.48 -11.05 3.07
CA SER N 25 -21.92 -12.45 3.07
C SER N 25 -23.07 -12.69 2.10
N ASN N 26 -23.95 -11.70 1.91
CA ASN N 26 -25.15 -11.87 1.11
C ASN N 26 -24.91 -11.61 -0.37
N ILE N 27 -23.67 -11.75 -0.83
CA ILE N 27 -23.36 -11.59 -2.25
C ILE N 27 -24.09 -12.65 -3.05
N SER N 28 -24.85 -12.21 -4.05
CA SER N 28 -25.60 -13.12 -4.90
C SER N 28 -24.72 -13.61 -6.05
N SER N 29 -25.33 -14.36 -6.97
CA SER N 29 -24.59 -14.89 -8.11
C SER N 29 -24.28 -13.81 -9.14
N TRP N 30 -25.04 -12.72 -9.15
CA TRP N 30 -24.82 -11.66 -10.12
C TRP N 30 -23.46 -10.98 -9.94
N TRP N 31 -22.84 -11.13 -8.77
CA TRP N 31 -21.50 -10.59 -8.57
C TRP N 31 -20.43 -11.46 -9.20
N ASN N 32 -20.73 -12.72 -9.51
CA ASN N 32 -19.71 -13.61 -10.07
C ASN N 32 -19.17 -13.11 -11.40
N PHE N 33 -19.93 -12.26 -12.10
CA PHE N 33 -19.50 -11.78 -13.41
C PHE N 33 -18.27 -10.88 -13.34
N GLY N 34 -17.94 -10.37 -12.16
CA GLY N 34 -16.68 -9.65 -12.03
C GLY N 34 -15.49 -10.55 -12.24
N SER N 35 -15.49 -11.71 -11.59
CA SER N 35 -14.41 -12.68 -11.78
C SER N 35 -14.48 -13.33 -13.15
N LEU N 36 -15.70 -13.53 -13.67
CA LEU N 36 -15.85 -14.08 -15.01
C LEU N 36 -15.25 -13.16 -16.06
N LEU N 37 -15.42 -11.84 -15.88
CA LEU N 37 -14.85 -10.88 -16.82
C LEU N 37 -13.33 -11.00 -16.87
N GLY N 38 -12.69 -11.18 -15.72
CA GLY N 38 -11.26 -11.37 -15.70
C GLY N 38 -10.83 -12.65 -16.40
N ILE N 39 -11.62 -13.72 -16.22
CA ILE N 39 -11.34 -14.96 -16.92
C ILE N 39 -11.53 -14.80 -18.42
N CYS N 40 -12.52 -14.00 -18.82
CA CYS N 40 -12.74 -13.74 -20.24
C CYS N 40 -11.55 -13.00 -20.85
N LEU N 41 -10.99 -12.04 -20.13
CA LEU N 41 -9.77 -11.38 -20.59
C LEU N 41 -8.63 -12.37 -20.76
N ILE N 42 -8.38 -13.19 -19.74
CA ILE N 42 -7.27 -14.13 -19.80
C ILE N 42 -7.49 -15.15 -20.90
N LEU N 43 -8.72 -15.65 -21.05
CA LEU N 43 -9.02 -16.60 -22.11
C LEU N 43 -8.84 -15.98 -23.49
N GLN N 44 -9.30 -14.74 -23.66
CA GLN N 44 -9.18 -14.08 -24.95
C GLN N 44 -7.73 -13.83 -25.31
N ILE N 45 -6.91 -13.45 -24.33
CA ILE N 45 -5.50 -13.20 -24.59
C ILE N 45 -4.77 -14.51 -24.86
N LEU N 46 -5.09 -15.57 -24.11
CA LEU N 46 -4.43 -16.85 -24.32
C LEU N 46 -4.71 -17.40 -25.71
N THR N 47 -5.99 -17.46 -26.09
CA THR N 47 -6.31 -17.92 -27.44
C THR N 47 -5.86 -16.92 -28.50
N GLY N 48 -5.91 -15.63 -28.17
CA GLY N 48 -5.49 -14.62 -29.14
C GLY N 48 -4.02 -14.74 -29.50
N LEU N 49 -3.17 -14.97 -28.51
CA LEU N 49 -1.73 -15.05 -28.79
C LEU N 49 -1.43 -16.23 -29.71
N PHE N 50 -2.07 -17.37 -29.48
CA PHE N 50 -1.83 -18.53 -30.33
C PHE N 50 -2.46 -18.36 -31.70
N LEU N 51 -3.53 -17.57 -31.80
CA LEU N 51 -4.08 -17.22 -33.11
C LEU N 51 -3.12 -16.31 -33.88
N ALA N 52 -2.45 -15.40 -33.17
CA ALA N 52 -1.53 -14.46 -33.80
C ALA N 52 -0.26 -15.13 -34.29
N MET N 53 -0.01 -16.37 -33.93
CA MET N 53 1.15 -17.10 -34.41
C MET N 53 0.93 -17.74 -35.77
N HIS N 54 -0.28 -17.63 -36.33
CA HIS N 54 -0.55 -18.11 -37.68
C HIS N 54 -1.33 -17.12 -38.53
N TYR N 55 -1.81 -16.02 -37.96
CA TYR N 55 -2.57 -15.03 -38.70
C TYR N 55 -1.64 -13.99 -39.31
N THR N 56 -1.89 -13.64 -40.56
CA THR N 56 -1.09 -12.68 -41.30
C THR N 56 -2.00 -11.55 -41.79
N SER N 57 -1.61 -10.30 -41.51
CA SER N 57 -2.48 -9.16 -41.69
C SER N 57 -2.60 -8.68 -43.14
N ASP N 58 -1.77 -9.19 -44.04
CA ASP N 58 -1.85 -8.75 -45.43
C ASP N 58 -3.18 -9.17 -46.05
N THR N 59 -3.75 -8.27 -46.85
CA THR N 59 -5.07 -8.53 -47.43
C THR N 59 -5.05 -9.77 -48.32
N THR N 60 -3.99 -9.92 -49.13
CA THR N 60 -3.92 -11.07 -50.03
C THR N 60 -3.86 -12.40 -49.28
N THR N 61 -3.42 -12.40 -48.03
CA THR N 61 -3.29 -13.63 -47.26
C THR N 61 -3.80 -13.44 -45.84
N ALA N 62 -4.94 -12.77 -45.68
CA ALA N 62 -5.60 -12.66 -44.38
C ALA N 62 -6.67 -13.73 -44.23
N PHE N 63 -7.64 -13.76 -45.14
CA PHE N 63 -8.69 -14.76 -45.09
C PHE N 63 -8.14 -16.16 -45.26
N SER N 64 -7.19 -16.34 -46.18
CA SER N 64 -6.62 -17.65 -46.44
C SER N 64 -5.84 -18.18 -45.24
N SER N 65 -5.32 -17.28 -44.41
CA SER N 65 -4.60 -17.72 -43.20
C SER N 65 -5.57 -18.19 -42.12
N VAL N 66 -6.77 -17.61 -42.07
CA VAL N 66 -7.78 -18.08 -41.14
C VAL N 66 -8.24 -19.48 -41.51
N THR N 67 -8.40 -19.74 -42.81
CA THR N 67 -8.73 -21.10 -43.25
C THR N 67 -7.59 -22.06 -42.93
N HIS N 68 -6.35 -21.63 -43.11
CA HIS N 68 -5.21 -22.49 -42.78
C HIS N 68 -5.17 -22.79 -41.29
N ILE N 69 -5.64 -21.87 -40.45
CA ILE N 69 -5.66 -22.13 -39.01
C ILE N 69 -6.58 -23.30 -38.69
N CYS N 70 -7.79 -23.29 -39.23
CA CYS N 70 -8.74 -24.36 -38.95
C CYS N 70 -8.37 -25.64 -39.68
N ARG N 71 -8.01 -25.55 -40.96
CA ARG N 71 -7.86 -26.74 -41.79
C ARG N 71 -6.55 -27.47 -41.50
N ASP N 72 -5.48 -26.74 -41.24
CA ASP N 72 -4.15 -27.33 -41.17
C ASP N 72 -3.58 -27.43 -39.77
N VAL N 73 -3.71 -26.39 -38.95
CA VAL N 73 -3.07 -26.38 -37.64
C VAL N 73 -3.72 -27.43 -36.75
N ASN N 74 -2.89 -28.19 -36.04
CA ASN N 74 -3.41 -29.21 -35.13
C ASN N 74 -4.17 -28.54 -34.00
N TYR N 75 -5.43 -28.92 -33.83
CA TYR N 75 -6.33 -28.35 -32.83
C TYR N 75 -6.49 -26.85 -33.00
N GLY N 76 -6.16 -26.32 -34.19
CA GLY N 76 -6.32 -24.90 -34.43
C GLY N 76 -7.73 -24.48 -34.68
N TRP N 77 -8.63 -25.44 -34.94
CA TRP N 77 -10.02 -25.09 -35.21
C TRP N 77 -10.74 -24.66 -33.93
N ILE N 78 -10.46 -25.34 -32.81
CA ILE N 78 -11.13 -24.98 -31.57
C ILE N 78 -10.70 -23.60 -31.11
N ILE N 79 -9.39 -23.31 -31.17
CA ILE N 79 -8.88 -22.04 -30.69
C ILE N 79 -9.55 -20.87 -31.41
N ARG N 80 -9.77 -21.02 -32.72
CA ARG N 80 -10.44 -19.97 -33.48
C ARG N 80 -11.86 -19.75 -32.98
N TYR N 81 -12.53 -20.80 -32.51
CA TYR N 81 -13.92 -20.66 -32.12
C TYR N 81 -14.10 -20.29 -30.65
N MET N 82 -13.18 -20.70 -29.76
CA MET N 82 -13.22 -20.14 -28.41
C MET N 82 -12.88 -18.65 -28.43
N HIS N 83 -12.13 -18.19 -29.43
CA HIS N 83 -11.94 -16.76 -29.59
C HIS N 83 -13.18 -16.08 -30.14
N ALA N 84 -13.82 -16.70 -31.13
CA ALA N 84 -15.00 -16.10 -31.74
C ALA N 84 -16.19 -16.13 -30.78
N ASN N 85 -16.28 -17.18 -29.97
CA ASN N 85 -17.37 -17.28 -28.99
C ASN N 85 -16.99 -16.75 -27.62
N GLY N 86 -15.69 -16.57 -27.35
CA GLY N 86 -15.30 -15.91 -26.12
C GLY N 86 -15.71 -14.45 -26.10
N ALA N 87 -15.63 -13.79 -27.26
CA ALA N 87 -16.14 -12.43 -27.36
C ALA N 87 -17.63 -12.38 -27.12
N SER N 88 -18.35 -13.41 -27.61
CA SER N 88 -19.77 -13.51 -27.30
C SER N 88 -19.99 -13.69 -25.81
N MET N 89 -19.19 -14.53 -25.16
CA MET N 89 -19.28 -14.69 -23.72
C MET N 89 -18.78 -13.45 -22.99
N PHE N 90 -17.82 -12.73 -23.56
CA PHE N 90 -17.35 -11.49 -22.97
C PHE N 90 -18.49 -10.48 -22.85
N PHE N 91 -19.18 -10.22 -23.96
CA PHE N 91 -20.23 -9.21 -23.95
C PHE N 91 -21.49 -9.70 -23.25
N ILE N 92 -21.69 -11.02 -23.18
CA ILE N 92 -22.72 -11.55 -22.30
C ILE N 92 -22.39 -11.21 -20.86
N CYS N 93 -21.14 -11.45 -20.45
CA CYS N 93 -20.71 -11.12 -19.10
C CYS N 93 -20.60 -9.62 -18.89
N LEU N 94 -20.20 -8.87 -19.92
CA LEU N 94 -20.04 -7.43 -19.78
C LEU N 94 -21.37 -6.74 -19.52
N TYR N 95 -22.44 -7.19 -20.18
CA TYR N 95 -23.72 -6.51 -20.06
C TYR N 95 -24.41 -6.81 -18.74
N MET N 96 -24.18 -7.97 -18.15
CA MET N 96 -24.71 -8.24 -16.82
C MET N 96 -23.90 -7.52 -15.74
N HIS N 97 -22.61 -7.30 -15.97
CA HIS N 97 -21.81 -6.51 -15.05
C HIS N 97 -22.33 -5.08 -14.97
N VAL N 98 -22.72 -4.51 -16.11
CA VAL N 98 -23.32 -3.18 -16.12
C VAL N 98 -24.72 -3.23 -15.51
N GLY N 99 -25.49 -4.27 -15.83
CA GLY N 99 -26.86 -4.33 -15.35
C GLY N 99 -26.95 -4.45 -13.84
N ARG N 100 -26.04 -5.19 -13.23
CA ARG N 100 -26.03 -5.33 -11.78
C ARG N 100 -25.78 -4.00 -11.10
N GLY N 101 -24.85 -3.19 -11.65
CA GLY N 101 -24.63 -1.87 -11.10
C GLY N 101 -25.85 -0.98 -11.21
N LEU N 102 -26.57 -1.08 -12.33
CA LEU N 102 -27.81 -0.32 -12.48
C LEU N 102 -28.83 -0.72 -11.42
N TYR N 103 -28.99 -2.02 -11.20
CA TYR N 103 -30.01 -2.50 -10.28
C TYR N 103 -29.61 -2.27 -8.83
N TYR N 104 -28.36 -2.53 -8.49
CA TYR N 104 -27.91 -2.49 -7.10
C TYR N 104 -27.21 -1.19 -6.74
N GLY N 105 -27.31 -0.17 -7.60
CA GLY N 105 -26.77 1.13 -7.29
C GLY N 105 -25.28 1.15 -7.07
N SER N 106 -24.54 0.28 -7.75
CA SER N 106 -23.09 0.25 -7.61
C SER N 106 -22.42 1.46 -8.26
N TYR N 107 -23.16 2.26 -9.02
CA TYR N 107 -22.58 3.46 -9.61
C TYR N 107 -22.30 4.54 -8.58
N THR N 108 -22.75 4.37 -7.34
CA THR N 108 -22.37 5.28 -6.27
C THR N 108 -20.87 5.22 -6.00
N PHE N 109 -20.21 4.12 -6.37
CA PHE N 109 -18.75 4.07 -6.40
C PHE N 109 -18.30 4.84 -7.63
N LEU N 110 -18.22 6.16 -7.49
CA LEU N 110 -18.04 7.03 -8.65
C LEU N 110 -16.71 6.73 -9.36
N GLU N 111 -15.64 6.53 -8.60
CA GLU N 111 -14.35 6.26 -9.22
C GLU N 111 -14.37 4.93 -9.98
N THR N 112 -14.85 3.87 -9.32
CA THR N 112 -14.88 2.56 -9.97
C THR N 112 -15.83 2.55 -11.16
N TRP N 113 -17.01 3.16 -11.01
CA TRP N 113 -17.99 3.15 -12.09
C TRP N 113 -17.47 3.89 -13.32
N ASN N 114 -16.82 5.03 -13.13
CA ASN N 114 -16.30 5.78 -14.26
C ASN N 114 -15.21 5.01 -14.98
N ILE N 115 -14.32 4.35 -14.23
CA ILE N 115 -13.33 3.48 -14.85
C ILE N 115 -14.00 2.30 -15.54
N GLY N 116 -15.17 1.89 -15.04
CA GLY N 116 -15.90 0.81 -15.69
C GLY N 116 -16.37 1.17 -17.09
N VAL N 117 -16.85 2.40 -17.26
CA VAL N 117 -17.26 2.86 -18.60
C VAL N 117 -16.06 2.88 -19.53
N ILE N 118 -14.93 3.39 -19.04
CA ILE N 118 -13.70 3.38 -19.84
C ILE N 118 -13.33 1.96 -20.24
N LEU N 119 -13.49 1.01 -19.30
CA LEU N 119 -13.24 -0.39 -19.62
C LEU N 119 -14.22 -0.89 -20.67
N LEU N 120 -15.49 -0.48 -20.58
CA LEU N 120 -16.48 -0.90 -21.56
C LEU N 120 -16.12 -0.38 -22.95
N LEU N 121 -15.74 0.90 -23.04
CA LEU N 121 -15.42 1.49 -24.34
C LEU N 121 -14.23 0.79 -24.97
N THR N 122 -13.24 0.42 -24.16
CA THR N 122 -12.03 -0.21 -24.69
C THR N 122 -12.34 -1.58 -25.30
N VAL N 123 -13.23 -2.35 -24.67
CA VAL N 123 -13.54 -3.68 -25.18
C VAL N 123 -14.32 -3.59 -26.49
N MET N 124 -15.32 -2.72 -26.55
CA MET N 124 -16.08 -2.58 -27.79
C MET N 124 -15.19 -2.09 -28.94
N ALA N 125 -14.17 -1.29 -28.62
CA ALA N 125 -13.19 -0.94 -29.64
C ALA N 125 -12.37 -2.16 -30.06
N THR N 126 -11.95 -2.96 -29.10
CA THR N 126 -11.17 -4.16 -29.41
C THR N 126 -12.01 -5.17 -30.18
N ALA N 127 -13.26 -5.38 -29.77
CA ALA N 127 -14.11 -6.34 -30.46
C ALA N 127 -14.39 -5.90 -31.89
N PHE N 128 -14.64 -4.60 -32.09
CA PHE N 128 -14.88 -4.10 -33.44
C PHE N 128 -13.64 -4.24 -34.31
N MET N 129 -12.47 -3.94 -33.76
CA MET N 129 -11.24 -4.03 -34.54
C MET N 129 -10.90 -5.48 -34.87
N GLY N 130 -11.18 -6.41 -33.96
CA GLY N 130 -10.90 -7.80 -34.23
C GLY N 130 -11.83 -8.46 -35.22
N TYR N 131 -13.05 -7.93 -35.35
CA TYR N 131 -13.98 -8.47 -36.34
C TYR N 131 -13.50 -8.23 -37.75
N VAL N 132 -12.74 -7.15 -37.97
CA VAL N 132 -12.22 -6.85 -39.30
C VAL N 132 -11.03 -7.73 -39.66
N LEU N 133 -10.43 -8.42 -38.69
CA LEU N 133 -9.26 -9.23 -38.96
C LEU N 133 -9.51 -10.40 -39.91
N PRO N 134 -10.57 -11.19 -39.78
CA PRO N 134 -10.77 -12.29 -40.74
C PRO N 134 -10.93 -11.84 -42.19
N TRP N 135 -11.40 -10.61 -42.43
CA TRP N 135 -11.51 -10.04 -43.77
C TRP N 135 -12.42 -10.90 -44.66
N GLY N 136 -13.69 -10.97 -44.27
CA GLY N 136 -14.61 -11.90 -44.91
C GLY N 136 -15.95 -11.37 -45.37
N GLN N 137 -15.98 -10.17 -45.94
CA GLN N 137 -17.16 -9.59 -46.57
C GLN N 137 -18.19 -9.16 -45.52
N MET N 138 -17.99 -9.60 -44.28
CA MET N 138 -18.64 -9.01 -43.12
C MET N 138 -17.67 -8.15 -42.34
N SER N 139 -16.40 -8.52 -42.36
CA SER N 139 -15.36 -7.69 -41.76
C SER N 139 -15.14 -6.43 -42.57
N PHE N 140 -15.00 -6.56 -43.90
CA PHE N 140 -14.76 -5.40 -44.73
C PHE N 140 -15.95 -4.45 -44.72
N TRP N 141 -17.16 -4.99 -44.81
CA TRP N 141 -18.35 -4.17 -44.96
C TRP N 141 -18.94 -3.73 -43.63
N GLY N 142 -18.80 -4.56 -42.58
CA GLY N 142 -19.17 -4.10 -41.25
C GLY N 142 -18.32 -2.94 -40.80
N ALA N 143 -17.03 -2.97 -41.12
CA ALA N 143 -16.15 -1.85 -40.79
C ALA N 143 -16.40 -0.67 -41.71
N THR N 144 -16.87 -0.92 -42.93
CA THR N 144 -17.10 0.18 -43.87
C THR N 144 -18.19 1.11 -43.39
N VAL N 145 -19.34 0.56 -42.97
CA VAL N 145 -20.46 1.40 -42.58
C VAL N 145 -20.17 2.12 -41.26
N ILE N 146 -19.59 1.41 -40.30
CA ILE N 146 -19.38 2.01 -38.98
C ILE N 146 -18.31 3.08 -39.03
N THR N 147 -17.19 2.80 -39.70
CA THR N 147 -16.11 3.78 -39.76
C THR N 147 -16.51 5.01 -40.56
N ASN N 148 -17.31 4.84 -41.60
CA ASN N 148 -17.78 5.97 -42.39
C ASN N 148 -18.69 6.90 -41.60
N LEU N 149 -19.17 6.47 -40.43
CA LEU N 149 -19.99 7.34 -39.59
C LEU N 149 -19.19 8.55 -39.11
N LEU N 150 -17.87 8.40 -38.95
CA LEU N 150 -17.04 9.50 -38.50
C LEU N 150 -16.94 10.62 -39.54
N SER N 151 -17.36 10.37 -40.78
CA SER N 151 -17.37 11.44 -41.78
C SER N 151 -18.44 12.49 -41.51
N ALA N 152 -19.41 12.17 -40.64
CA ALA N 152 -20.45 13.13 -40.28
C ALA N 152 -19.96 14.20 -39.32
N ILE N 153 -18.80 14.01 -38.69
CA ILE N 153 -18.25 15.01 -37.77
C ILE N 153 -17.90 16.27 -38.58
N PRO N 154 -18.32 17.46 -38.15
CA PRO N 154 -18.13 18.66 -38.97
C PRO N 154 -16.68 19.14 -38.96
N TYR N 155 -16.18 19.46 -40.15
CA TYR N 155 -14.92 20.18 -40.37
C TYR N 155 -13.69 19.34 -40.06
N ILE N 156 -13.88 18.15 -39.50
CA ILE N 156 -12.78 17.23 -39.23
C ILE N 156 -13.12 15.79 -39.59
N GLY N 157 -14.33 15.52 -40.08
CA GLY N 157 -14.76 14.18 -40.37
C GLY N 157 -13.87 13.44 -41.36
N THR N 158 -13.81 13.94 -42.60
CA THR N 158 -13.01 13.27 -43.61
C THR N 158 -11.52 13.27 -43.27
N ASN N 159 -11.07 14.27 -42.51
CA ASN N 159 -9.65 14.34 -42.16
C ASN N 159 -9.24 13.16 -41.28
N LEU N 160 -10.07 12.80 -40.29
CA LEU N 160 -9.75 11.68 -39.42
C LEU N 160 -10.24 10.34 -39.96
N VAL N 161 -11.26 10.35 -40.82
CA VAL N 161 -11.72 9.10 -41.43
C VAL N 161 -10.60 8.48 -42.26
N GLU N 162 -9.97 9.30 -43.11
CA GLU N 162 -8.82 8.82 -43.86
C GLU N 162 -7.66 8.48 -42.95
N TRP N 163 -7.50 9.24 -41.86
CA TRP N 163 -6.40 8.97 -40.94
C TRP N 163 -6.62 7.67 -40.19
N ILE N 164 -7.89 7.31 -39.94
CA ILE N 164 -8.19 5.97 -39.47
C ILE N 164 -7.94 4.95 -40.58
N TRP N 165 -8.37 5.27 -41.81
CA TRP N 165 -8.32 4.30 -42.89
C TRP N 165 -6.90 4.04 -43.38
N GLY N 166 -6.02 5.02 -43.26
CA GLY N 166 -4.74 4.93 -43.91
C GLY N 166 -4.87 4.91 -45.41
N GLY N 167 -5.72 5.75 -45.96
CA GLY N 167 -6.02 5.74 -47.38
C GLY N 167 -7.41 6.32 -47.61
N PHE N 168 -7.94 6.06 -48.79
CA PHE N 168 -9.25 6.57 -49.17
C PHE N 168 -10.40 5.64 -48.81
N SER N 169 -10.10 4.40 -48.41
CA SER N 169 -11.13 3.45 -48.02
C SER N 169 -10.48 2.33 -47.23
N VAL N 170 -11.30 1.44 -46.67
CA VAL N 170 -10.79 0.28 -45.96
C VAL N 170 -10.04 -0.61 -46.93
N ASP N 171 -8.80 -0.95 -46.59
CA ASP N 171 -7.94 -1.72 -47.49
C ASP N 171 -6.87 -2.40 -46.64
N LYS N 172 -5.83 -2.89 -47.32
CA LYS N 172 -4.75 -3.57 -46.62
C LYS N 172 -4.09 -2.67 -45.59
N ALA N 173 -4.02 -1.37 -45.87
CA ALA N 173 -3.42 -0.44 -44.93
C ALA N 173 -4.20 -0.42 -43.61
N THR N 174 -5.53 -0.43 -43.69
CA THR N 174 -6.35 -0.47 -42.49
C THR N 174 -6.23 -1.82 -41.79
N LEU N 175 -6.13 -2.90 -42.57
CA LEU N 175 -6.12 -4.24 -41.98
C LEU N 175 -4.88 -4.47 -41.11
N THR N 176 -3.71 -4.05 -41.59
CA THR N 176 -2.49 -4.21 -40.80
C THR N 176 -2.55 -3.38 -39.52
N ARG N 177 -3.09 -2.16 -39.61
CA ARG N 177 -3.18 -1.31 -38.44
C ARG N 177 -4.10 -1.91 -37.38
N PHE N 178 -5.21 -2.51 -37.81
CA PHE N 178 -6.15 -3.08 -36.86
C PHE N 178 -5.53 -4.25 -36.09
N PHE N 179 -4.81 -5.13 -36.80
CA PHE N 179 -4.21 -6.27 -36.13
C PHE N 179 -3.19 -5.84 -35.08
N ALA N 180 -2.37 -4.83 -35.41
CA ALA N 180 -1.45 -4.29 -34.41
C ALA N 180 -2.22 -3.61 -33.28
N PHE N 181 -3.25 -2.85 -33.60
CA PHE N 181 -4.07 -2.22 -32.57
C PHE N 181 -4.83 -3.26 -31.76
N HIS N 182 -5.33 -4.31 -32.41
CA HIS N 182 -6.03 -5.37 -31.70
C HIS N 182 -5.11 -6.15 -30.78
N PHE N 183 -3.81 -6.14 -31.04
CA PHE N 183 -2.85 -6.82 -30.17
C PHE N 183 -2.57 -6.01 -28.90
N ILE N 184 -2.49 -4.69 -29.02
CA ILE N 184 -2.04 -3.87 -27.89
C ILE N 184 -3.17 -3.59 -26.91
N LEU N 185 -4.37 -3.32 -27.43
CA LEU N 185 -5.46 -2.86 -26.56
C LEU N 185 -5.82 -3.83 -25.44
N PRO N 186 -5.89 -5.14 -25.65
CA PRO N 186 -6.23 -6.04 -24.52
C PRO N 186 -5.25 -5.94 -23.36
N PHE N 187 -3.97 -5.68 -23.63
CA PHE N 187 -3.03 -5.51 -22.53
C PHE N 187 -3.23 -4.19 -21.82
N ILE N 188 -3.80 -3.20 -22.50
CA ILE N 188 -4.22 -1.98 -21.81
C ILE N 188 -5.38 -2.29 -20.86
N ILE N 189 -6.28 -3.18 -21.27
CA ILE N 189 -7.45 -3.49 -20.47
C ILE N 189 -7.05 -4.12 -19.15
N MET N 190 -5.99 -4.95 -19.17
CA MET N 190 -5.50 -5.52 -17.91
C MET N 190 -5.04 -4.44 -16.96
N ALA N 191 -4.31 -3.45 -17.46
CA ALA N 191 -3.85 -2.36 -16.60
C ALA N 191 -5.02 -1.56 -16.03
N ILE N 192 -6.01 -1.27 -16.87
CA ILE N 192 -7.16 -0.51 -16.40
C ILE N 192 -7.99 -1.33 -15.41
N ALA N 193 -8.11 -2.63 -15.65
CA ALA N 193 -8.88 -3.49 -14.75
C ALA N 193 -8.23 -3.53 -13.38
N MET N 194 -6.89 -3.54 -13.32
CA MET N 194 -6.21 -3.44 -12.03
C MET N 194 -6.52 -2.11 -11.36
N VAL N 195 -6.55 -1.02 -12.13
CA VAL N 195 -6.98 0.26 -11.59
C VAL N 195 -8.45 0.22 -11.22
N HIS N 196 -9.26 -0.52 -11.98
CA HIS N 196 -10.67 -0.65 -11.67
C HIS N 196 -10.88 -1.27 -10.28
N LEU N 197 -10.11 -2.30 -9.95
CA LEU N 197 -10.19 -2.89 -8.61
C LEU N 197 -9.63 -1.94 -7.56
N LEU N 198 -8.58 -1.19 -7.89
CA LEU N 198 -7.94 -0.31 -6.92
C LEU N 198 -8.89 0.76 -6.41
N PHE N 199 -9.84 1.20 -7.24
CA PHE N 199 -10.83 2.17 -6.83
C PHE N 199 -12.03 1.55 -6.12
N LEU N 200 -12.08 0.22 -6.04
CA LEU N 200 -13.16 -0.49 -5.39
C LEU N 200 -12.80 -1.08 -4.05
N HIS N 201 -11.60 -1.67 -3.93
CA HIS N 201 -11.20 -2.27 -2.67
C HIS N 201 -11.08 -1.25 -1.54
N GLU N 202 -10.83 0.01 -1.87
CA GLU N 202 -10.77 1.03 -0.84
C GLU N 202 -12.15 1.28 -0.23
N THR N 203 -13.22 1.17 -1.03
CA THR N 203 -14.57 1.40 -0.55
C THR N 203 -15.36 0.11 -0.39
N GLY N 204 -14.73 -1.05 -0.51
CA GLY N 204 -15.43 -2.29 -0.35
C GLY N 204 -16.32 -2.63 -1.53
N SER N 205 -17.23 -3.57 -1.30
CA SER N 205 -18.15 -4.03 -2.32
C SER N 205 -19.57 -3.61 -1.97
N ASN N 206 -20.53 -4.04 -2.79
CA ASN N 206 -21.94 -3.75 -2.58
C ASN N 206 -22.70 -5.05 -2.33
N ASN N 207 -23.90 -4.93 -1.81
CA ASN N 207 -24.75 -6.07 -1.51
C ASN N 207 -26.11 -5.88 -2.14
N PRO N 208 -26.84 -6.97 -2.40
CA PRO N 208 -28.19 -6.83 -2.93
C PRO N 208 -29.11 -5.99 -2.04
N THR N 209 -28.89 -6.04 -0.73
CA THR N 209 -29.67 -5.20 0.18
C THR N 209 -29.44 -3.73 -0.10
N GLY N 210 -28.19 -3.35 -0.37
CA GLY N 210 -27.83 -1.98 -0.58
C GLY N 210 -27.39 -1.24 0.66
N ILE N 211 -27.55 -1.83 1.84
CA ILE N 211 -27.06 -1.22 3.07
C ILE N 211 -25.60 -1.60 3.26
N SER N 212 -24.93 -0.88 4.15
CA SER N 212 -23.53 -1.17 4.46
C SER N 212 -23.42 -2.55 5.07
N SER N 213 -22.46 -3.34 4.56
CA SER N 213 -22.26 -4.71 5.00
C SER N 213 -21.04 -4.85 5.91
N ASP N 214 -20.57 -3.76 6.50
CA ASP N 214 -19.40 -3.82 7.37
C ASP N 214 -19.64 -4.67 8.60
N VAL N 215 -20.90 -4.87 8.99
CA VAL N 215 -21.22 -5.69 10.17
C VAL N 215 -21.19 -7.19 9.89
N ASP N 216 -21.18 -7.60 8.62
CA ASP N 216 -21.26 -9.00 8.27
C ASP N 216 -20.31 -9.35 7.14
N LYS N 217 -19.08 -8.85 7.21
CA LYS N 217 -18.07 -9.19 6.22
C LYS N 217 -17.50 -10.58 6.51
N ILE N 218 -17.13 -11.28 5.45
CA ILE N 218 -16.56 -12.63 5.57
C ILE N 218 -15.27 -12.69 4.76
N PRO N 219 -14.34 -13.59 5.12
CA PRO N 219 -13.11 -13.71 4.32
C PRO N 219 -13.43 -14.17 2.90
N PHE N 220 -12.63 -13.68 1.95
CA PHE N 220 -12.86 -14.03 0.55
C PHE N 220 -12.39 -15.44 0.24
N HIS N 221 -11.27 -15.87 0.82
CA HIS N 221 -10.59 -17.07 0.34
C HIS N 221 -11.44 -18.33 0.41
N PRO N 222 -12.04 -18.71 1.53
CA PRO N 222 -12.73 -20.01 1.58
C PRO N 222 -14.15 -19.98 1.05
N TYR N 223 -14.73 -18.81 0.83
CA TYR N 223 -16.14 -18.70 0.48
C TYR N 223 -16.40 -18.26 -0.94
N TYR N 224 -15.60 -17.31 -1.45
CA TYR N 224 -15.90 -16.77 -2.80
C TYR N 224 -14.98 -17.38 -3.86
N THR N 225 -13.76 -17.78 -3.48
CA THR N 225 -12.92 -18.46 -4.46
C THR N 225 -13.60 -19.72 -4.97
N ILE N 226 -14.19 -20.50 -4.07
CA ILE N 226 -14.94 -21.67 -4.48
C ILE N 226 -16.27 -21.29 -5.11
N LYS N 227 -16.79 -20.10 -4.81
CA LYS N 227 -17.99 -19.62 -5.48
C LYS N 227 -17.67 -19.12 -6.89
N ASP N 228 -16.50 -18.50 -7.06
CA ASP N 228 -16.09 -18.05 -8.39
C ASP N 228 -15.67 -19.23 -9.26
N ILE N 229 -15.07 -20.26 -8.66
CA ILE N 229 -14.68 -21.44 -9.42
C ILE N 229 -15.90 -22.13 -10.00
N LEU N 230 -16.96 -22.25 -9.20
CA LEU N 230 -18.22 -22.78 -9.72
C LEU N 230 -18.79 -21.87 -10.81
N GLY N 231 -18.71 -20.56 -10.60
CA GLY N 231 -19.15 -19.63 -11.62
C GLY N 231 -18.30 -19.71 -12.88
N ALA N 232 -17.00 -19.95 -12.72
CA ALA N 232 -16.13 -20.11 -13.87
C ALA N 232 -16.54 -21.32 -14.70
N LEU N 233 -16.85 -22.44 -14.04
CA LEU N 233 -17.24 -23.64 -14.77
C LEU N 233 -18.52 -23.41 -15.56
N LEU N 234 -19.48 -22.71 -14.97
CA LEU N 234 -20.70 -22.40 -15.70
C LEU N 234 -20.40 -21.53 -16.91
N LEU N 235 -19.35 -20.71 -16.85
CA LEU N 235 -18.94 -19.97 -18.04
C LEU N 235 -18.26 -20.89 -19.06
N ILE N 236 -17.37 -21.76 -18.59
CA ILE N 236 -16.70 -22.69 -19.51
C ILE N 236 -17.71 -23.62 -20.14
N LEU N 237 -18.68 -24.09 -19.36
CA LEU N 237 -19.74 -24.93 -19.92
C LEU N 237 -20.52 -24.18 -21.00
N ALA N 238 -20.90 -22.94 -20.72
CA ALA N 238 -21.69 -22.17 -21.68
C ALA N 238 -20.87 -21.83 -22.92
N LEU N 239 -19.62 -21.40 -22.73
CA LEU N 239 -18.77 -21.09 -23.88
C LEU N 239 -18.48 -22.34 -24.70
N MET N 240 -18.15 -23.45 -24.03
CA MET N 240 -17.81 -24.67 -24.75
C MET N 240 -19.05 -25.26 -25.43
N LEU N 241 -20.24 -25.00 -24.90
CA LEU N 241 -21.45 -25.48 -25.54
C LEU N 241 -21.61 -24.86 -26.93
N LEU N 242 -21.34 -23.56 -27.05
CA LEU N 242 -21.38 -22.94 -28.37
C LEU N 242 -20.27 -23.47 -29.26
N VAL N 243 -19.05 -23.58 -28.73
CA VAL N 243 -17.91 -23.92 -29.56
C VAL N 243 -18.04 -25.33 -30.12
N LEU N 244 -18.48 -26.28 -29.30
CA LEU N 244 -18.49 -27.67 -29.70
C LEU N 244 -19.81 -28.13 -30.30
N PHE N 245 -20.89 -27.37 -30.15
CA PHE N 245 -22.19 -27.80 -30.64
C PHE N 245 -22.87 -26.83 -31.59
N ALA N 246 -22.46 -25.57 -31.63
CA ALA N 246 -23.02 -24.60 -32.57
C ALA N 246 -22.03 -23.47 -32.77
N PRO N 247 -20.86 -23.74 -33.36
CA PRO N 247 -19.81 -22.71 -33.44
C PRO N 247 -20.22 -21.48 -34.22
N ASP N 248 -21.06 -21.62 -35.25
CA ASP N 248 -21.48 -20.49 -36.07
C ASP N 248 -22.90 -20.06 -35.76
N LEU N 249 -23.43 -20.40 -34.59
CA LEU N 249 -24.79 -20.02 -34.24
C LEU N 249 -24.94 -18.50 -34.16
N LEU N 250 -23.96 -17.82 -33.58
CA LEU N 250 -24.05 -16.38 -33.42
C LEU N 250 -23.45 -15.62 -34.60
N GLY N 251 -22.35 -16.12 -35.16
CA GLY N 251 -21.73 -15.44 -36.28
C GLY N 251 -22.57 -15.54 -37.55
N ASP N 252 -22.50 -14.50 -38.36
CA ASP N 252 -23.26 -14.44 -39.60
C ASP N 252 -22.61 -15.33 -40.66
N PRO N 253 -23.41 -16.08 -41.42
CA PRO N 253 -22.84 -16.95 -42.45
C PRO N 253 -22.10 -16.21 -43.55
N ASP N 254 -22.48 -14.97 -43.84
CA ASP N 254 -21.87 -14.23 -44.94
C ASP N 254 -20.39 -13.95 -44.71
N ASN N 255 -19.90 -14.10 -43.48
CA ASN N 255 -18.50 -13.79 -43.20
C ASN N 255 -17.54 -14.82 -43.79
N TYR N 256 -18.05 -15.93 -44.32
CA TYR N 256 -17.18 -16.98 -44.83
C TYR N 256 -16.84 -16.81 -46.31
N THR N 257 -17.30 -15.74 -46.94
CA THR N 257 -16.87 -15.44 -48.30
C THR N 257 -15.84 -14.31 -48.28
N PRO N 258 -14.77 -14.41 -49.08
CA PRO N 258 -13.71 -13.41 -49.01
C PRO N 258 -14.23 -12.02 -49.31
N ALA N 259 -13.62 -11.03 -48.66
CA ALA N 259 -14.08 -9.66 -48.80
C ALA N 259 -13.97 -9.20 -50.25
N ASN N 260 -15.03 -8.57 -50.74
CA ASN N 260 -15.08 -8.06 -52.11
C ASN N 260 -15.62 -6.64 -52.09
N PRO N 261 -14.76 -5.64 -52.22
CA PRO N 261 -15.25 -4.24 -52.20
C PRO N 261 -16.23 -3.91 -53.31
N LEU N 262 -16.23 -4.65 -54.42
CA LEU N 262 -17.15 -4.39 -55.51
C LEU N 262 -18.55 -4.96 -55.28
N ASN N 263 -18.71 -5.86 -54.32
CA ASN N 263 -19.97 -6.54 -54.07
C ASN N 263 -20.44 -6.28 -52.66
N THR N 264 -21.73 -6.00 -52.51
CA THR N 264 -22.22 -5.76 -51.17
C THR N 264 -22.97 -6.97 -50.63
N PRO N 265 -22.91 -7.22 -49.33
CA PRO N 265 -23.66 -8.34 -48.75
C PRO N 265 -25.15 -8.09 -48.82
N PRO N 266 -25.96 -9.15 -48.79
CA PRO N 266 -27.42 -8.94 -48.84
C PRO N 266 -27.94 -8.07 -47.71
N HIS N 267 -27.39 -8.22 -46.51
CA HIS N 267 -27.75 -7.39 -45.37
C HIS N 267 -26.49 -7.05 -44.61
N ILE N 268 -26.33 -5.77 -44.28
CA ILE N 268 -25.16 -5.29 -43.56
C ILE N 268 -25.54 -5.11 -42.09
N LYS N 269 -24.67 -5.59 -41.20
CA LYS N 269 -24.95 -5.54 -39.76
C LYS N 269 -23.71 -5.90 -38.97
N PRO N 270 -23.51 -5.29 -37.79
CA PRO N 270 -22.39 -5.67 -36.93
C PRO N 270 -22.70 -6.92 -36.13
N GLU N 271 -21.80 -7.30 -35.22
CA GLU N 271 -22.04 -8.45 -34.37
C GLU N 271 -23.21 -8.18 -33.42
N TRP N 272 -23.67 -9.25 -32.76
CA TRP N 272 -24.90 -9.15 -31.99
C TRP N 272 -24.78 -8.21 -30.79
N TYR N 273 -23.56 -7.96 -30.30
CA TYR N 273 -23.42 -7.09 -29.14
C TYR N 273 -23.37 -5.61 -29.52
N PHE N 274 -23.35 -5.29 -30.80
CA PHE N 274 -23.47 -3.91 -31.25
C PHE N 274 -24.80 -3.63 -31.92
N LEU N 275 -25.63 -4.65 -32.12
CA LEU N 275 -26.91 -4.45 -32.78
C LEU N 275 -27.82 -3.52 -32.01
N PHE N 276 -27.69 -3.48 -30.67
CA PHE N 276 -28.50 -2.56 -29.89
C PHE N 276 -28.13 -1.12 -30.18
N ALA N 277 -26.87 -0.85 -30.52
CA ALA N 277 -26.45 0.51 -30.84
C ALA N 277 -26.72 0.84 -32.31
N TYR N 278 -26.73 -0.16 -33.18
CA TYR N 278 -27.04 0.07 -34.59
C TYR N 278 -28.46 0.60 -34.75
N ALA N 279 -29.40 0.08 -33.98
CA ALA N 279 -30.79 0.50 -34.10
C ALA N 279 -30.96 1.96 -33.72
N ILE N 280 -30.27 2.42 -32.68
CA ILE N 280 -30.39 3.81 -32.25
C ILE N 280 -29.89 4.75 -33.35
N LEU N 281 -28.74 4.43 -33.94
CA LEU N 281 -28.22 5.26 -35.01
C LEU N 281 -29.16 5.26 -36.22
N ARG N 282 -29.70 4.10 -36.56
CA ARG N 282 -30.62 4.01 -37.69
C ARG N 282 -31.96 4.67 -37.42
N SER N 283 -32.27 5.00 -36.16
CA SER N 283 -33.55 5.61 -35.85
C SER N 283 -33.69 6.99 -36.48
N ILE N 284 -32.64 7.80 -36.41
CA ILE N 284 -32.68 9.19 -36.86
C ILE N 284 -32.22 9.24 -38.30
N PRO N 285 -33.02 9.80 -39.22
CA PRO N 285 -32.56 9.93 -40.61
C PRO N 285 -31.33 10.80 -40.76
N ASN N 286 -31.15 11.78 -39.88
CA ASN N 286 -29.98 12.65 -39.93
C ASN N 286 -28.71 11.86 -39.67
N LYS N 287 -27.63 12.28 -40.33
CA LYS N 287 -26.36 11.59 -40.16
C LYS N 287 -25.63 12.04 -38.89
N LEU N 288 -25.56 13.34 -38.67
CA LEU N 288 -24.90 13.84 -37.46
C LEU N 288 -25.66 13.46 -36.20
N GLY N 289 -26.99 13.43 -36.26
CA GLY N 289 -27.75 13.00 -35.11
C GLY N 289 -27.54 11.53 -34.80
N GLY N 290 -27.43 10.69 -35.83
CA GLY N 290 -27.29 9.27 -35.60
C GLY N 290 -26.00 8.90 -34.91
N VAL N 291 -24.89 9.50 -35.33
CA VAL N 291 -23.60 9.18 -34.71
C VAL N 291 -23.57 9.69 -33.27
N LEU N 292 -24.16 10.86 -33.02
CA LEU N 292 -24.22 11.38 -31.66
C LEU N 292 -25.08 10.49 -30.77
N ALA N 293 -26.24 10.06 -31.26
CA ALA N 293 -27.08 9.16 -30.48
C ALA N 293 -26.39 7.81 -30.24
N LEU N 294 -25.60 7.35 -31.22
CA LEU N 294 -24.83 6.12 -31.02
C LEU N 294 -23.83 6.28 -29.89
N ALA N 295 -23.13 7.41 -29.84
CA ALA N 295 -22.15 7.64 -28.79
C ALA N 295 -22.82 7.99 -27.47
N PHE N 296 -23.91 8.76 -27.51
CA PHE N 296 -24.57 9.18 -26.27
C PHE N 296 -25.14 7.99 -25.52
N SER N 297 -25.72 7.03 -26.25
CA SER N 297 -26.32 5.86 -25.60
C SER N 297 -25.26 5.05 -24.86
N ILE N 298 -24.09 4.88 -25.46
CA ILE N 298 -23.01 4.20 -24.77
C ILE N 298 -22.46 5.05 -23.64
N LEU N 299 -22.32 6.35 -23.87
CA LEU N 299 -21.74 7.25 -22.88
C LEU N 299 -22.75 7.72 -21.84
N ILE N 300 -24.01 7.31 -21.94
CA ILE N 300 -25.01 7.68 -20.93
C ILE N 300 -24.74 7.02 -19.59
N LEU N 301 -23.88 6.00 -19.55
CA LEU N 301 -23.58 5.34 -18.28
C LEU N 301 -22.93 6.31 -17.31
N ALA N 302 -22.02 7.16 -17.80
CA ALA N 302 -21.37 8.12 -16.93
C ALA N 302 -22.36 9.14 -16.37
N LEU N 303 -23.49 9.33 -17.04
CA LEU N 303 -24.52 10.26 -16.58
C LEU N 303 -25.47 9.63 -15.58
N ILE N 304 -25.44 8.30 -15.42
CA ILE N 304 -26.36 7.63 -14.50
C ILE N 304 -26.14 8.04 -13.05
N PRO N 305 -24.91 8.07 -12.52
CA PRO N 305 -24.74 8.43 -11.10
C PRO N 305 -25.25 9.81 -10.75
N LEU N 306 -25.33 10.72 -11.72
CA LEU N 306 -25.85 12.06 -11.48
C LEU N 306 -27.37 12.12 -11.53
N LEU N 307 -28.03 11.01 -11.83
CA LEU N 307 -29.49 10.96 -11.93
C LEU N 307 -30.13 10.25 -10.76
N HIS N 308 -29.36 9.84 -9.77
CA HIS N 308 -29.93 9.14 -8.62
C HIS N 308 -30.83 10.06 -7.83
N THR N 309 -32.01 9.57 -7.45
CA THR N 309 -32.96 10.36 -6.69
C THR N 309 -33.45 9.67 -5.43
N SER N 310 -33.59 8.35 -5.46
CA SER N 310 -34.15 7.63 -4.32
C SER N 310 -33.18 7.66 -3.14
N LYS N 311 -33.76 7.68 -1.93
CA LYS N 311 -32.96 7.63 -0.71
C LYS N 311 -32.43 6.24 -0.40
N GLN N 312 -32.88 5.23 -1.13
CA GLN N 312 -32.33 3.89 -1.03
C GLN N 312 -31.37 3.65 -2.20
N ARG N 313 -30.33 2.86 -1.95
CA ARG N 313 -29.30 2.67 -2.96
C ARG N 313 -29.68 1.60 -3.97
N SER N 314 -29.93 0.39 -3.50
CA SER N 314 -30.27 -0.71 -4.39
C SER N 314 -31.76 -0.69 -4.72
N MET N 315 -32.10 -1.35 -5.82
CA MET N 315 -33.49 -1.46 -6.26
C MET N 315 -34.24 -2.58 -5.57
N MET N 316 -33.66 -3.18 -4.54
CA MET N 316 -34.29 -4.31 -3.87
C MET N 316 -35.62 -3.91 -3.24
N PHE N 317 -35.67 -2.75 -2.59
CA PHE N 317 -36.87 -2.25 -1.93
C PHE N 317 -37.51 -1.10 -2.69
N ARG N 318 -37.40 -1.11 -4.03
CA ARG N 318 -37.94 -0.06 -4.88
C ARG N 318 -38.78 -0.70 -5.97
N PRO N 319 -40.00 -1.17 -5.63
CA PRO N 319 -40.80 -1.88 -6.63
C PRO N 319 -41.15 -1.05 -7.85
N LEU N 320 -41.35 0.26 -7.69
CA LEU N 320 -41.66 1.10 -8.84
C LEU N 320 -40.49 1.15 -9.82
N SER N 321 -39.27 1.25 -9.29
CA SER N 321 -38.09 1.27 -10.17
C SER N 321 -37.81 -0.11 -10.76
N GLN N 322 -38.21 -1.17 -10.06
CA GLN N 322 -38.03 -2.52 -10.61
C GLN N 322 -38.84 -2.72 -11.88
N CYS N 323 -40.07 -2.21 -11.90
CA CYS N 323 -40.89 -2.32 -13.10
C CYS N 323 -40.23 -1.59 -14.27
N LEU N 324 -39.57 -0.47 -14.00
CA LEU N 324 -38.89 0.26 -15.05
C LEU N 324 -37.59 -0.40 -15.47
N PHE N 325 -36.87 -1.03 -14.55
CA PHE N 325 -35.59 -1.63 -14.89
C PHE N 325 -35.76 -2.75 -15.91
N TRP N 326 -36.74 -3.62 -15.70
CA TRP N 326 -36.98 -4.69 -16.64
C TRP N 326 -37.67 -4.21 -17.91
N ALA N 327 -38.32 -3.05 -17.86
CA ALA N 327 -38.77 -2.41 -19.09
C ALA N 327 -37.58 -1.95 -19.92
N LEU N 328 -36.54 -1.41 -19.26
CA LEU N 328 -35.34 -1.02 -19.98
C LEU N 328 -34.61 -2.24 -20.55
N VAL N 329 -34.53 -3.32 -19.78
CA VAL N 329 -33.89 -4.54 -20.26
C VAL N 329 -34.67 -5.11 -21.45
N ALA N 330 -36.00 -5.14 -21.35
CA ALA N 330 -36.81 -5.60 -22.46
C ALA N 330 -36.64 -4.71 -23.68
N ASP N 331 -36.60 -3.39 -23.46
CA ASP N 331 -36.39 -2.46 -24.58
C ASP N 331 -35.01 -2.65 -25.19
N LEU N 332 -34.00 -2.88 -24.35
CA LEU N 332 -32.66 -3.18 -24.88
C LEU N 332 -32.67 -4.45 -25.70
N LEU N 333 -33.53 -5.42 -25.36
CA LEU N 333 -33.67 -6.61 -26.17
C LEU N 333 -34.44 -6.30 -27.46
N THR N 334 -35.41 -5.39 -27.39
CA THR N 334 -36.11 -4.96 -28.60
C THR N 334 -35.15 -4.28 -29.56
N LEU N 335 -34.25 -3.44 -29.04
CA LEU N 335 -33.25 -2.81 -29.88
C LEU N 335 -32.31 -3.84 -30.49
N THR N 336 -31.94 -4.87 -29.72
CA THR N 336 -31.11 -5.93 -30.25
C THR N 336 -31.85 -6.72 -31.34
N TRP N 337 -33.12 -7.01 -31.12
CA TRP N 337 -33.90 -7.75 -32.12
C TRP N 337 -34.04 -6.94 -33.41
N ILE N 338 -34.37 -5.67 -33.28
CA ILE N 338 -34.59 -4.83 -34.46
C ILE N 338 -33.30 -4.37 -35.11
N GLY N 339 -32.16 -4.52 -34.43
CA GLY N 339 -30.89 -4.15 -35.03
C GLY N 339 -30.51 -5.03 -36.20
N GLY N 340 -30.83 -6.32 -36.11
CA GLY N 340 -30.49 -7.27 -37.14
C GLY N 340 -31.51 -7.40 -38.25
N GLN N 341 -32.53 -6.56 -38.28
CA GLN N 341 -33.57 -6.62 -39.28
C GLN N 341 -33.44 -5.49 -40.28
N PRO N 342 -33.82 -5.70 -41.54
CA PRO N 342 -33.71 -4.63 -42.53
C PRO N 342 -34.65 -3.47 -42.22
N VAL N 343 -34.26 -2.30 -42.70
CA VAL N 343 -35.00 -1.07 -42.41
C VAL N 343 -36.21 -0.97 -43.32
N GLU N 344 -37.34 -1.48 -42.86
CA GLU N 344 -38.61 -1.43 -43.58
C GLU N 344 -39.66 -0.76 -42.70
N HIS N 345 -40.89 -0.71 -43.20
CA HIS N 345 -41.93 0.08 -42.53
C HIS N 345 -42.32 -0.46 -41.15
N PRO N 346 -42.28 -1.77 -40.86
CA PRO N 346 -42.62 -2.17 -39.48
C PRO N 346 -41.52 -1.86 -38.51
N TYR N 347 -40.25 -2.03 -38.91
CA TYR N 347 -39.12 -1.78 -38.03
C TYR N 347 -38.71 -0.32 -37.98
N ILE N 348 -39.17 0.51 -38.91
CA ILE N 348 -38.91 1.94 -38.81
C ILE N 348 -39.72 2.54 -37.66
N THR N 349 -41.00 2.17 -37.56
CA THR N 349 -41.83 2.67 -36.47
C THR N 349 -41.38 2.11 -35.13
N ILE N 350 -41.18 0.79 -35.06
CA ILE N 350 -40.76 0.17 -33.81
C ILE N 350 -39.36 0.63 -33.41
N GLY N 351 -38.49 0.83 -34.40
CA GLY N 351 -37.14 1.26 -34.09
C GLY N 351 -37.08 2.63 -33.44
N GLN N 352 -37.86 3.58 -33.95
CA GLN N 352 -37.89 4.91 -33.34
C GLN N 352 -38.49 4.86 -31.94
N LEU N 353 -39.58 4.11 -31.76
CA LEU N 353 -40.24 4.05 -30.46
C LEU N 353 -39.34 3.41 -29.42
N ALA N 354 -38.66 2.32 -29.77
CA ALA N 354 -37.75 1.68 -28.83
C ALA N 354 -36.59 2.60 -28.47
N SER N 355 -36.04 3.30 -29.46
CA SER N 355 -34.92 4.20 -29.19
C SER N 355 -35.35 5.40 -28.35
N VAL N 356 -36.49 6.01 -28.67
CA VAL N 356 -36.96 7.15 -27.90
C VAL N 356 -37.32 6.72 -26.48
N LEU N 357 -37.73 5.47 -26.30
CA LEU N 357 -38.03 4.98 -24.96
C LEU N 357 -36.76 4.66 -24.19
N TYR N 358 -35.70 4.27 -24.88
CA TYR N 358 -34.46 3.93 -24.19
C TYR N 358 -33.90 5.13 -23.44
N PHE N 359 -33.88 6.30 -24.09
CA PHE N 359 -33.43 7.51 -23.43
C PHE N 359 -34.47 8.08 -22.48
N LEU N 360 -35.76 7.95 -22.83
CA LEU N 360 -36.80 8.51 -21.97
C LEU N 360 -36.84 7.82 -20.62
N LEU N 361 -36.64 6.50 -20.60
CA LEU N 361 -36.71 5.77 -19.34
C LEU N 361 -35.63 6.23 -18.37
N ILE N 362 -34.38 6.22 -18.82
CA ILE N 362 -33.27 6.53 -17.92
C ILE N 362 -33.25 8.01 -17.56
N LEU N 363 -33.52 8.89 -18.54
CA LEU N 363 -33.41 10.32 -18.29
C LEU N 363 -34.58 10.88 -17.51
N VAL N 364 -35.78 10.35 -17.72
CA VAL N 364 -36.98 10.97 -17.16
C VAL N 364 -37.69 10.01 -16.20
N LEU N 365 -38.07 8.83 -16.70
CA LEU N 365 -38.93 7.95 -15.92
C LEU N 365 -38.23 7.43 -14.67
N MET N 366 -36.98 6.98 -14.81
CA MET N 366 -36.26 6.47 -13.63
C MET N 366 -36.03 7.53 -12.56
N PRO N 367 -35.52 8.73 -12.86
CA PRO N 367 -35.43 9.76 -11.81
C PRO N 367 -36.77 10.14 -11.22
N THR N 368 -37.83 10.16 -12.04
CA THR N 368 -39.16 10.43 -11.52
C THR N 368 -39.66 9.27 -10.66
N ALA N 369 -39.24 8.04 -10.98
CA ALA N 369 -39.63 6.90 -10.17
C ALA N 369 -39.06 7.02 -8.76
N GLY N 370 -37.80 7.43 -8.63
CA GLY N 370 -37.20 7.58 -7.32
C GLY N 370 -37.85 8.69 -6.50
N THR N 371 -38.23 9.79 -7.16
CA THR N 371 -38.89 10.88 -6.47
C THR N 371 -40.25 10.46 -5.94
N ILE N 372 -41.00 9.69 -6.73
CA ILE N 372 -42.34 9.27 -6.32
C ILE N 372 -42.28 8.39 -5.08
N GLU N 373 -41.35 7.43 -5.07
CA GLU N 373 -41.22 6.56 -3.90
C GLU N 373 -40.69 7.31 -2.69
N ASN N 374 -39.79 8.28 -2.91
CA ASN N 374 -39.29 9.08 -1.80
C ASN N 374 -40.43 9.79 -1.09
N LYS N 375 -41.37 10.34 -1.85
CA LYS N 375 -42.57 10.90 -1.24
C LYS N 375 -43.42 9.82 -0.59
N LEU N 376 -43.44 8.62 -1.17
CA LEU N 376 -44.28 7.53 -0.67
C LEU N 376 -43.75 6.93 0.63
N LEU N 377 -42.52 7.23 1.02
CA LEU N 377 -41.92 6.65 2.21
C LEU N 377 -41.66 7.71 3.27
N LYS N 378 -42.47 8.76 3.31
CA LYS N 378 -42.40 9.81 4.32
C LYS N 378 -41.05 10.53 4.34
N TRP N 379 -40.29 10.49 3.25
CA TRP N 379 -39.01 11.17 3.21
C TRP N 379 -38.65 11.63 1.80
N SER O 1 -41.54 -7.56 -53.42
CA SER O 1 -40.15 -7.33 -53.04
C SER O 1 -39.34 -8.62 -53.05
N ASP O 2 -39.61 -9.46 -54.05
CA ASP O 2 -38.86 -10.70 -54.28
C ASP O 2 -38.82 -11.58 -53.03
N LEU O 3 -39.99 -12.07 -52.65
CA LEU O 3 -40.09 -12.88 -51.43
C LEU O 3 -39.21 -14.11 -51.53
N GLU O 4 -38.57 -14.46 -50.42
CA GLU O 4 -37.63 -15.57 -50.34
C GLU O 4 -38.33 -16.81 -49.81
N LEU O 5 -38.06 -17.95 -50.46
CA LEU O 5 -38.61 -19.22 -50.01
C LEU O 5 -37.71 -19.82 -48.93
N HIS O 6 -38.30 -20.20 -47.81
CA HIS O 6 -37.54 -20.78 -46.71
C HIS O 6 -37.18 -22.22 -47.04
N PRO O 7 -35.90 -22.58 -47.03
CA PRO O 7 -35.50 -23.97 -47.31
C PRO O 7 -36.09 -24.92 -46.29
N PRO O 8 -36.53 -26.10 -46.72
CA PRO O 8 -37.02 -27.09 -45.76
C PRO O 8 -35.89 -27.66 -44.92
N SER O 9 -36.24 -28.15 -43.74
CA SER O 9 -35.26 -28.72 -42.82
C SER O 9 -35.16 -30.22 -43.09
N TYR O 10 -34.33 -30.56 -44.06
CA TYR O 10 -34.12 -31.97 -44.40
C TYR O 10 -33.38 -32.67 -43.28
N PRO O 11 -33.89 -33.79 -42.78
CA PRO O 11 -33.11 -34.58 -41.82
C PRO O 11 -31.83 -35.08 -42.45
N TRP O 12 -30.76 -35.10 -41.65
CA TRP O 12 -29.45 -35.53 -42.12
C TRP O 12 -28.93 -36.60 -41.18
N SER O 13 -27.96 -37.37 -41.67
CA SER O 13 -27.24 -38.30 -40.81
C SER O 13 -26.35 -37.59 -39.81
N HIS O 14 -26.17 -36.27 -39.96
CA HIS O 14 -25.31 -35.48 -39.07
C HIS O 14 -26.07 -34.29 -38.51
N ARG O 15 -27.38 -34.42 -38.31
CA ARG O 15 -28.17 -33.31 -37.80
C ARG O 15 -28.23 -33.26 -36.27
N GLY O 16 -28.00 -34.39 -35.60
CA GLY O 16 -28.07 -34.41 -34.15
C GLY O 16 -26.89 -33.71 -33.51
N LEU O 17 -27.02 -33.50 -32.20
CA LEU O 17 -25.94 -32.85 -31.46
C LEU O 17 -24.70 -33.73 -31.40
N LEU O 18 -24.86 -35.05 -31.47
CA LEU O 18 -23.74 -35.97 -31.43
C LEU O 18 -23.61 -36.82 -32.69
N SER O 19 -24.52 -36.67 -33.64
CA SER O 19 -24.43 -37.42 -34.88
C SER O 19 -23.23 -36.96 -35.70
N SER O 20 -22.60 -37.91 -36.39
CA SER O 20 -21.40 -37.64 -37.18
C SER O 20 -21.74 -37.70 -38.67
N LEU O 21 -20.72 -37.45 -39.49
CA LEU O 21 -20.88 -37.47 -40.93
C LEU O 21 -20.81 -38.90 -41.44
N ASP O 22 -21.65 -39.20 -42.44
CA ASP O 22 -21.66 -40.50 -43.09
C ASP O 22 -20.52 -40.51 -44.10
N HIS O 23 -19.38 -41.10 -43.73
CA HIS O 23 -18.21 -41.06 -44.59
C HIS O 23 -18.39 -41.87 -45.87
N THR O 24 -19.32 -42.83 -45.89
CA THR O 24 -19.66 -43.49 -47.13
C THR O 24 -20.29 -42.49 -48.12
N SER O 25 -21.16 -41.62 -47.61
CA SER O 25 -21.75 -40.60 -48.46
C SER O 25 -20.71 -39.56 -48.89
N ILE O 26 -19.71 -39.30 -48.06
CA ILE O 26 -18.67 -38.34 -48.43
C ILE O 26 -17.91 -38.82 -49.65
N ARG O 27 -17.55 -40.11 -49.67
CA ARG O 27 -16.83 -40.66 -50.81
C ARG O 27 -17.65 -40.55 -52.09
N ARG O 28 -18.94 -40.85 -52.01
CA ARG O 28 -19.82 -40.64 -53.16
C ARG O 28 -20.00 -39.16 -53.44
N GLY O 29 -19.96 -38.32 -52.41
CA GLY O 29 -20.10 -36.89 -52.61
C GLY O 29 -18.95 -36.30 -53.39
N PHE O 30 -17.74 -36.81 -53.18
CA PHE O 30 -16.59 -36.32 -53.93
C PHE O 30 -16.71 -36.68 -55.41
N GLN O 31 -17.24 -37.88 -55.70
CA GLN O 31 -17.41 -38.29 -57.08
C GLN O 31 -18.29 -37.31 -57.85
N VAL O 32 -19.23 -36.67 -57.16
CA VAL O 32 -20.01 -35.60 -57.79
C VAL O 32 -19.12 -34.40 -58.07
N TYR O 33 -18.19 -34.09 -57.16
CA TYR O 33 -17.34 -32.93 -57.35
C TYR O 33 -16.35 -33.17 -58.49
N LYS O 34 -15.67 -34.30 -58.49
CA LYS O 34 -14.64 -34.55 -59.49
C LYS O 34 -15.21 -34.74 -60.89
N GLN O 35 -16.52 -34.90 -61.02
CA GLN O 35 -17.15 -35.10 -62.32
C GLN O 35 -18.10 -33.99 -62.73
N VAL O 36 -18.76 -33.33 -61.79
CA VAL O 36 -19.78 -32.34 -62.13
C VAL O 36 -19.39 -30.95 -61.64
N CYS O 37 -19.10 -30.83 -60.34
CA CYS O 37 -18.77 -29.51 -59.79
C CYS O 37 -17.47 -28.97 -60.36
N SER O 38 -16.44 -29.82 -60.47
CA SER O 38 -15.12 -29.35 -60.87
C SER O 38 -15.07 -28.85 -62.30
N SER O 39 -16.11 -29.10 -63.11
CA SER O 39 -16.12 -28.61 -64.48
C SER O 39 -16.10 -27.09 -64.51
N CYS O 40 -16.88 -26.44 -63.65
CA CYS O 40 -16.91 -24.98 -63.63
C CYS O 40 -16.99 -24.39 -62.24
N HIS O 41 -16.69 -25.16 -61.20
CA HIS O 41 -16.66 -24.65 -59.83
C HIS O 41 -15.33 -25.02 -59.19
N SER O 42 -14.81 -24.11 -58.38
CA SER O 42 -13.51 -24.28 -57.76
C SER O 42 -13.64 -24.67 -56.30
N MET O 43 -12.61 -25.34 -55.79
CA MET O 43 -12.49 -25.66 -54.36
C MET O 43 -11.00 -25.55 -54.02
N ASP O 44 -10.58 -24.35 -53.61
CA ASP O 44 -9.17 -24.03 -53.48
C ASP O 44 -8.66 -24.11 -52.05
N TYR O 45 -9.45 -24.66 -51.13
CA TYR O 45 -9.02 -24.81 -49.76
C TYR O 45 -8.94 -26.27 -49.31
N VAL O 46 -9.39 -27.21 -50.13
CA VAL O 46 -9.32 -28.64 -49.83
C VAL O 46 -8.26 -29.26 -50.72
N ALA O 47 -7.36 -30.02 -50.12
CA ALA O 47 -6.28 -30.68 -50.84
C ALA O 47 -6.66 -32.14 -51.12
N TYR O 48 -5.88 -32.76 -52.00
CA TYR O 48 -6.05 -34.18 -52.25
C TYR O 48 -5.61 -35.02 -51.06
N ARG O 49 -4.82 -34.46 -50.15
CA ARG O 49 -4.41 -35.16 -48.95
C ARG O 49 -5.46 -35.10 -47.85
N HIS O 50 -6.41 -34.18 -47.93
CA HIS O 50 -7.45 -34.09 -46.91
C HIS O 50 -8.39 -35.28 -46.97
N LEU O 51 -8.59 -35.86 -48.15
CA LEU O 51 -9.47 -37.01 -48.30
C LEU O 51 -8.90 -38.28 -47.67
N VAL O 52 -7.63 -38.27 -47.26
CA VAL O 52 -7.05 -39.46 -46.64
C VAL O 52 -7.61 -39.59 -45.23
N GLY O 53 -8.15 -40.77 -44.91
CA GLY O 53 -8.75 -41.01 -43.62
C GLY O 53 -10.16 -40.47 -43.47
N VAL O 54 -10.75 -39.92 -44.52
CA VAL O 54 -12.10 -39.39 -44.45
C VAL O 54 -13.00 -40.16 -45.39
N CYS O 55 -12.63 -40.19 -46.67
CA CYS O 55 -13.40 -40.91 -47.68
C CYS O 55 -12.55 -41.76 -48.62
N TYR O 56 -11.24 -41.56 -48.64
CA TYR O 56 -10.35 -42.35 -49.49
C TYR O 56 -9.12 -42.73 -48.69
N THR O 57 -8.51 -43.85 -49.07
CA THR O 57 -7.26 -44.28 -48.45
C THR O 57 -6.09 -43.47 -49.02
N GLU O 58 -4.92 -43.66 -48.42
CA GLU O 58 -3.73 -42.96 -48.91
C GLU O 58 -3.39 -43.36 -50.33
N ASP O 59 -3.46 -44.65 -50.64
CA ASP O 59 -3.20 -45.10 -52.00
C ASP O 59 -4.28 -44.63 -52.96
N GLU O 60 -5.54 -44.64 -52.52
CA GLU O 60 -6.63 -44.16 -53.35
C GLU O 60 -6.47 -42.68 -53.67
N ALA O 61 -6.12 -41.87 -52.67
CA ALA O 61 -6.00 -40.44 -52.87
C ALA O 61 -4.79 -40.09 -53.73
N LYS O 62 -3.71 -40.86 -53.62
CA LYS O 62 -2.55 -40.62 -54.48
C LYS O 62 -2.90 -40.87 -55.94
N ALA O 63 -3.70 -41.90 -56.21
CA ALA O 63 -4.16 -42.13 -57.58
C ALA O 63 -5.04 -41.00 -58.07
N LEU O 64 -5.93 -40.49 -57.20
CA LEU O 64 -6.78 -39.37 -57.58
C LEU O 64 -5.96 -38.13 -57.90
N ALA O 65 -4.95 -37.86 -57.08
CA ALA O 65 -4.12 -36.67 -57.30
C ALA O 65 -3.28 -36.79 -58.56
N GLU O 66 -2.65 -37.94 -58.77
CA GLU O 66 -1.84 -38.16 -59.96
C GLU O 66 -2.67 -38.23 -61.24
N GLU O 67 -3.99 -38.38 -61.11
CA GLU O 67 -4.84 -38.43 -62.29
C GLU O 67 -4.94 -37.08 -63.01
N VAL O 68 -4.66 -35.98 -62.31
CA VAL O 68 -4.79 -34.64 -62.87
C VAL O 68 -3.41 -34.00 -62.90
N GLU O 69 -3.04 -33.47 -64.06
CA GLU O 69 -1.78 -32.75 -64.19
C GLU O 69 -1.87 -31.39 -63.51
N VAL O 70 -0.76 -30.97 -62.90
CA VAL O 70 -0.68 -29.66 -62.25
C VAL O 70 0.57 -28.96 -62.77
N GLN O 71 0.53 -27.63 -62.72
CA GLN O 71 1.63 -26.78 -63.17
C GLN O 71 2.27 -26.15 -61.95
N ASP O 72 3.52 -26.53 -61.68
CA ASP O 72 4.26 -25.98 -60.55
C ASP O 72 5.72 -26.33 -60.69
N GLY O 73 6.58 -25.46 -60.16
CA GLY O 73 8.00 -25.69 -60.14
C GLY O 73 8.69 -25.08 -61.34
N PRO O 74 9.50 -24.05 -61.09
CA PRO O 74 10.27 -23.42 -62.19
C PRO O 74 11.40 -24.34 -62.62
N ASN O 75 11.40 -24.66 -63.91
CA ASN O 75 12.44 -25.51 -64.48
C ASN O 75 13.78 -24.77 -64.41
N GLU O 76 14.87 -25.54 -64.37
CA GLU O 76 16.19 -24.92 -64.28
C GLU O 76 16.48 -24.00 -65.45
N ASP O 77 15.81 -24.21 -66.59
CA ASP O 77 15.88 -23.27 -67.70
C ASP O 77 15.06 -22.00 -67.46
N GLY O 78 14.20 -22.01 -66.45
CA GLY O 78 13.41 -20.84 -66.10
C GLY O 78 12.01 -20.79 -66.68
N GLU O 79 11.37 -21.94 -66.88
CA GLU O 79 10.05 -21.98 -67.49
C GLU O 79 9.16 -22.95 -66.73
N MET O 80 7.86 -22.70 -66.81
CA MET O 80 6.87 -23.55 -66.17
C MET O 80 6.74 -24.87 -66.94
N PHE O 81 6.43 -25.95 -66.21
CA PHE O 81 6.26 -27.24 -66.84
C PHE O 81 5.20 -28.04 -66.09
N MET O 82 4.51 -28.91 -66.82
CA MET O 82 3.43 -29.72 -66.29
C MET O 82 3.98 -30.96 -65.58
N ARG O 83 3.19 -31.48 -64.65
CA ARG O 83 3.55 -32.68 -63.91
C ARG O 83 2.30 -33.26 -63.27
N PRO O 84 2.27 -34.57 -63.03
CA PRO O 84 1.13 -35.14 -62.29
C PRO O 84 1.08 -34.60 -60.87
N GLY O 85 -0.14 -34.41 -60.39
CA GLY O 85 -0.32 -33.85 -59.07
C GLY O 85 0.07 -34.81 -57.97
N LYS O 86 0.22 -34.27 -56.77
CA LYS O 86 0.58 -35.03 -55.58
C LYS O 86 -0.50 -34.85 -54.52
N LEU O 87 -0.31 -35.50 -53.38
CA LEU O 87 -1.28 -35.40 -52.30
C LEU O 87 -1.39 -33.98 -51.78
N SER O 88 -0.27 -33.26 -51.69
CA SER O 88 -0.27 -31.91 -51.15
C SER O 88 -0.95 -30.90 -52.05
N ASP O 89 -1.25 -31.25 -53.30
CA ASP O 89 -1.84 -30.31 -54.23
C ASP O 89 -3.31 -30.08 -53.92
N TYR O 90 -3.74 -28.83 -54.01
CA TYR O 90 -5.15 -28.49 -53.84
C TYR O 90 -5.94 -28.90 -55.06
N PHE O 91 -7.26 -28.86 -54.95
CA PHE O 91 -8.12 -29.24 -56.06
C PHE O 91 -7.88 -28.29 -57.24
N PRO O 92 -7.86 -28.80 -58.46
CA PRO O 92 -7.55 -27.94 -59.61
C PRO O 92 -8.56 -26.81 -59.77
N LYS O 93 -8.05 -25.65 -60.19
CA LYS O 93 -8.90 -24.51 -60.45
C LYS O 93 -9.37 -24.54 -61.90
N PRO O 94 -10.67 -24.58 -62.16
CA PRO O 94 -11.14 -24.65 -63.56
C PRO O 94 -10.67 -23.48 -64.41
N TYR O 95 -10.55 -22.29 -63.83
CA TYR O 95 -10.11 -21.10 -64.55
C TYR O 95 -9.00 -20.41 -63.78
N PRO O 96 -8.10 -19.71 -64.48
CA PRO O 96 -7.02 -19.02 -63.76
C PRO O 96 -7.49 -17.84 -62.94
N ASN O 97 -8.37 -17.00 -63.49
CA ASN O 97 -8.82 -15.80 -62.82
C ASN O 97 -10.33 -15.70 -62.89
N PRO O 98 -10.96 -14.95 -61.99
CA PRO O 98 -12.42 -14.78 -62.06
C PRO O 98 -12.90 -14.18 -63.36
N GLU O 99 -12.08 -13.35 -64.01
CA GLU O 99 -12.47 -12.76 -65.29
C GLU O 99 -12.69 -13.84 -66.34
N ALA O 100 -11.82 -14.86 -66.37
CA ALA O 100 -12.02 -15.98 -67.27
C ALA O 100 -13.31 -16.72 -66.92
N ALA O 101 -13.59 -16.87 -65.62
CA ALA O 101 -14.80 -17.56 -65.20
C ALA O 101 -16.05 -16.84 -65.68
N ARG O 102 -16.07 -15.51 -65.55
CA ARG O 102 -17.21 -14.75 -66.04
C ARG O 102 -17.32 -14.84 -67.56
N ALA O 103 -16.19 -15.04 -68.25
CA ALA O 103 -16.23 -15.21 -69.70
C ALA O 103 -16.77 -16.59 -70.08
N ALA O 104 -16.39 -17.62 -69.33
CA ALA O 104 -16.86 -18.97 -69.63
C ALA O 104 -18.37 -19.08 -69.47
N ASN O 105 -18.92 -18.48 -68.42
CA ASN O 105 -20.34 -18.49 -68.17
C ASN O 105 -20.97 -17.21 -68.71
N ASN O 106 -22.26 -17.02 -68.44
CA ASN O 106 -22.96 -15.81 -68.89
C ASN O 106 -22.73 -14.65 -67.94
N GLY O 107 -21.46 -14.36 -67.66
CA GLY O 107 -21.07 -13.31 -66.75
C GLY O 107 -21.08 -13.71 -65.28
N ALA O 108 -21.93 -14.66 -64.90
CA ALA O 108 -22.01 -15.09 -63.52
C ALA O 108 -20.71 -15.75 -63.10
N LEU O 109 -20.29 -15.47 -61.86
CA LEU O 109 -19.06 -16.03 -61.33
C LEU O 109 -19.38 -17.18 -60.39
N PRO O 110 -18.99 -18.41 -60.72
CA PRO O 110 -19.27 -19.54 -59.84
C PRO O 110 -18.59 -19.38 -58.49
N PRO O 111 -19.35 -19.36 -57.41
CA PRO O 111 -18.74 -19.19 -56.08
C PRO O 111 -17.90 -20.39 -55.70
N ASP O 112 -16.90 -20.13 -54.85
CA ASP O 112 -16.06 -21.20 -54.33
C ASP O 112 -16.90 -22.15 -53.46
N LEU O 113 -16.70 -23.45 -53.66
CA LEU O 113 -17.49 -24.45 -52.96
C LEU O 113 -16.85 -24.92 -51.66
N SER O 114 -15.70 -24.35 -51.27
CA SER O 114 -15.03 -24.78 -50.05
C SER O 114 -15.87 -24.46 -48.83
N TYR O 115 -16.46 -23.26 -48.76
CA TYR O 115 -17.24 -22.83 -47.62
C TYR O 115 -18.70 -22.57 -47.97
N ILE O 116 -19.16 -23.00 -49.14
CA ILE O 116 -20.49 -22.61 -49.61
C ILE O 116 -21.59 -23.15 -48.71
N VAL O 117 -21.31 -24.20 -47.94
CA VAL O 117 -22.29 -24.68 -46.97
C VAL O 117 -22.43 -23.69 -45.82
N ARG O 118 -21.30 -23.20 -45.30
CA ARG O 118 -21.31 -22.29 -44.16
C ARG O 118 -21.40 -20.83 -44.57
N ALA O 119 -21.31 -20.52 -45.86
CA ALA O 119 -21.40 -19.15 -46.34
C ALA O 119 -22.77 -18.82 -46.93
N ARG O 120 -23.76 -19.68 -46.73
CA ARG O 120 -25.12 -19.44 -47.20
C ARG O 120 -26.09 -19.68 -46.05
N HIS O 121 -27.16 -18.90 -46.02
CA HIS O 121 -28.20 -19.10 -45.02
C HIS O 121 -28.93 -20.40 -45.29
N GLY O 122 -29.07 -21.23 -44.26
CA GLY O 122 -29.72 -22.52 -44.38
C GLY O 122 -28.78 -23.69 -44.46
N GLY O 123 -27.51 -23.46 -44.78
CA GLY O 123 -26.55 -24.55 -44.82
C GLY O 123 -26.85 -25.51 -45.94
N GLU O 124 -26.61 -26.80 -45.68
CA GLU O 124 -26.84 -27.82 -46.70
C GLU O 124 -28.30 -27.95 -47.07
N ASP O 125 -29.23 -27.55 -46.19
CA ASP O 125 -30.64 -27.63 -46.52
C ASP O 125 -30.98 -26.73 -47.69
N TYR O 126 -30.44 -25.51 -47.72
CA TYR O 126 -30.68 -24.62 -48.85
C TYR O 126 -30.01 -25.14 -50.11
N VAL O 127 -28.79 -25.66 -50.00
CA VAL O 127 -28.08 -26.14 -51.17
C VAL O 127 -28.80 -27.35 -51.78
N PHE O 128 -29.21 -28.29 -50.93
CA PHE O 128 -29.96 -29.45 -51.43
C PHE O 128 -31.27 -29.01 -52.09
N SER O 129 -31.97 -28.07 -51.47
CA SER O 129 -33.21 -27.58 -52.06
C SER O 129 -32.93 -26.77 -53.32
N LEU O 130 -31.77 -26.12 -53.39
CA LEU O 130 -31.44 -25.35 -54.59
C LEU O 130 -31.13 -26.26 -55.77
N LEU O 131 -30.36 -27.33 -55.52
CA LEU O 131 -30.00 -28.24 -56.60
C LEU O 131 -31.21 -28.95 -57.18
N THR O 132 -32.13 -29.38 -56.32
CA THR O 132 -33.31 -30.12 -56.74
C THR O 132 -34.54 -29.23 -56.94
N GLY O 133 -34.45 -27.95 -56.63
CA GLY O 133 -35.59 -27.07 -56.70
C GLY O 133 -35.86 -26.46 -58.04
N TYR O 134 -35.09 -26.80 -59.06
CA TYR O 134 -35.30 -26.25 -60.39
C TYR O 134 -36.68 -26.64 -60.90
N CYS O 135 -37.43 -25.67 -61.43
CA CYS O 135 -38.76 -25.92 -61.93
C CYS O 135 -39.03 -25.00 -63.10
N GLU O 136 -40.06 -25.34 -63.87
CA GLU O 136 -40.44 -24.52 -65.01
C GLU O 136 -40.88 -23.15 -64.54
N PRO O 137 -40.42 -22.07 -65.17
CA PRO O 137 -40.81 -20.73 -64.74
C PRO O 137 -42.31 -20.53 -64.83
N PRO O 138 -42.90 -19.82 -63.88
CA PRO O 138 -44.36 -19.61 -63.91
C PRO O 138 -44.75 -18.62 -65.00
N THR O 139 -46.03 -18.67 -65.36
CA THR O 139 -46.56 -17.78 -66.39
C THR O 139 -46.44 -16.33 -65.94
N GLY O 140 -45.99 -15.48 -66.85
CA GLY O 140 -45.84 -14.07 -66.57
C GLY O 140 -44.44 -13.60 -66.27
N VAL O 141 -43.44 -14.47 -66.36
CA VAL O 141 -42.05 -14.08 -66.14
C VAL O 141 -41.37 -13.93 -67.49
N SER O 142 -40.22 -13.27 -67.48
CA SER O 142 -39.41 -13.07 -68.68
C SER O 142 -37.95 -13.25 -68.29
N LEU O 143 -37.39 -14.43 -68.56
CA LEU O 143 -36.03 -14.75 -68.17
C LEU O 143 -35.08 -14.49 -69.33
N ARG O 144 -34.01 -13.75 -69.06
CA ARG O 144 -33.00 -13.50 -70.07
C ARG O 144 -32.28 -14.79 -70.44
N GLU O 145 -31.60 -14.77 -71.58
CA GLU O 145 -30.84 -15.93 -72.02
C GLU O 145 -29.72 -16.22 -71.03
N GLY O 146 -29.43 -17.50 -70.83
CA GLY O 146 -28.45 -17.89 -69.84
C GLY O 146 -28.91 -17.79 -68.41
N LEU O 147 -30.20 -17.57 -68.18
CA LEU O 147 -30.76 -17.47 -66.84
C LEU O 147 -31.86 -18.50 -66.67
N TYR O 148 -31.89 -19.14 -65.51
CA TYR O 148 -32.86 -20.18 -65.22
C TYR O 148 -33.58 -19.87 -63.91
N PHE O 149 -34.82 -20.34 -63.81
CA PHE O 149 -35.67 -20.04 -62.66
C PHE O 149 -35.42 -21.08 -61.57
N ASN O 150 -34.97 -20.62 -60.41
CA ASN O 150 -34.79 -21.46 -59.24
C ASN O 150 -35.35 -20.72 -58.04
N PRO O 151 -36.49 -21.15 -57.49
CA PRO O 151 -37.12 -20.38 -56.40
C PRO O 151 -36.25 -20.24 -55.16
N TYR O 152 -35.45 -21.25 -54.82
CA TYR O 152 -34.62 -21.16 -53.63
C TYR O 152 -33.48 -20.17 -53.80
N PHE O 153 -33.11 -19.84 -55.03
CA PHE O 153 -32.11 -18.81 -55.26
C PHE O 153 -32.74 -17.44 -55.06
N PRO O 154 -32.12 -16.57 -54.26
CA PRO O 154 -32.67 -15.21 -54.10
C PRO O 154 -32.79 -14.50 -55.44
N GLY O 155 -33.93 -13.86 -55.64
CA GLY O 155 -34.25 -13.27 -56.93
C GLY O 155 -34.94 -14.19 -57.90
N GLN O 156 -34.95 -15.50 -57.62
CA GLN O 156 -35.63 -16.49 -58.44
C GLN O 156 -35.17 -16.47 -59.90
N ALA O 157 -33.91 -16.11 -60.12
CA ALA O 157 -33.33 -16.12 -61.46
C ALA O 157 -31.84 -16.41 -61.30
N ILE O 158 -31.47 -17.66 -61.46
CA ILE O 158 -30.08 -18.09 -61.24
C ILE O 158 -29.42 -18.31 -62.59
N GLY O 159 -28.12 -18.04 -62.64
CA GLY O 159 -27.33 -18.21 -63.84
C GLY O 159 -26.76 -19.59 -64.04
N MET O 160 -27.12 -20.54 -63.19
CA MET O 160 -26.58 -21.89 -63.25
C MET O 160 -27.59 -22.84 -63.88
N ALA O 161 -27.19 -23.48 -64.97
CA ALA O 161 -28.02 -24.52 -65.57
C ALA O 161 -28.13 -25.70 -64.61
N PRO O 162 -29.25 -26.43 -64.65
CA PRO O 162 -29.40 -27.59 -63.76
C PRO O 162 -28.26 -28.57 -63.92
N PRO O 163 -27.43 -28.73 -62.88
CA PRO O 163 -26.23 -29.55 -63.00
C PRO O 163 -26.42 -31.01 -62.62
N ILE O 164 -27.58 -31.38 -62.08
CA ILE O 164 -27.82 -32.70 -61.55
C ILE O 164 -29.08 -33.26 -62.19
N TYR O 165 -29.00 -34.48 -62.69
CA TYR O 165 -30.15 -35.19 -63.23
C TYR O 165 -29.92 -36.68 -63.02
N ASN O 166 -30.90 -37.48 -63.43
CA ASN O 166 -30.79 -38.93 -63.26
C ASN O 166 -29.65 -39.48 -64.10
N GLU O 167 -28.81 -40.32 -63.47
CA GLU O 167 -27.67 -40.95 -64.12
C GLU O 167 -26.74 -39.91 -64.76
N VAL O 168 -26.56 -38.79 -64.08
CA VAL O 168 -25.58 -37.80 -64.55
C VAL O 168 -24.17 -38.35 -64.39
N LEU O 169 -23.92 -39.11 -63.33
CA LEU O 169 -22.67 -39.84 -63.15
C LEU O 169 -22.98 -41.27 -62.74
N GLU O 170 -21.93 -42.03 -62.48
CA GLU O 170 -22.05 -43.40 -62.00
C GLU O 170 -21.23 -43.55 -60.73
N PHE O 171 -21.83 -44.12 -59.70
CA PHE O 171 -21.16 -44.27 -58.41
C PHE O 171 -20.35 -45.56 -58.38
N ASP O 172 -19.24 -45.52 -57.64
CA ASP O 172 -18.35 -46.67 -57.56
C ASP O 172 -19.04 -47.86 -56.92
N ASP O 173 -19.77 -47.63 -55.82
CA ASP O 173 -20.44 -48.71 -55.10
C ASP O 173 -21.76 -49.11 -55.73
N GLY O 174 -22.31 -48.32 -56.64
CA GLY O 174 -23.46 -48.74 -57.41
C GLY O 174 -24.82 -48.31 -56.91
N THR O 175 -24.89 -47.37 -55.98
CA THR O 175 -26.20 -46.86 -55.57
C THR O 175 -26.86 -46.13 -56.74
N PRO O 176 -28.20 -46.15 -56.81
CA PRO O 176 -28.90 -45.43 -57.88
C PRO O 176 -28.53 -43.96 -57.93
N ALA O 177 -27.91 -43.53 -59.02
CA ALA O 177 -27.49 -42.15 -59.18
C ALA O 177 -28.67 -41.35 -59.72
N THR O 178 -29.50 -40.86 -58.81
CA THR O 178 -30.68 -40.08 -59.17
C THR O 178 -30.47 -38.62 -58.81
N MET O 179 -31.43 -37.78 -59.24
CA MET O 179 -31.32 -36.35 -59.00
C MET O 179 -31.29 -36.04 -57.51
N SER O 180 -32.15 -36.70 -56.73
CA SER O 180 -32.16 -36.46 -55.30
C SER O 180 -30.97 -37.12 -54.61
N GLN O 181 -30.64 -38.36 -55.00
CA GLN O 181 -29.55 -39.07 -54.33
C GLN O 181 -28.21 -38.38 -54.57
N VAL O 182 -27.95 -37.96 -55.81
CA VAL O 182 -26.66 -37.33 -56.11
C VAL O 182 -26.55 -36.00 -55.36
N ALA O 183 -27.65 -35.25 -55.27
CA ALA O 183 -27.61 -33.98 -54.55
C ALA O 183 -27.33 -34.18 -53.07
N LYS O 184 -27.76 -35.31 -52.50
CA LYS O 184 -27.52 -35.54 -51.08
C LYS O 184 -26.07 -35.84 -50.80
N ASP O 185 -25.41 -36.63 -51.66
CA ASP O 185 -24.02 -36.97 -51.45
C ASP O 185 -23.13 -35.73 -51.54
N VAL O 186 -23.35 -34.90 -52.56
CA VAL O 186 -22.53 -33.71 -52.70
C VAL O 186 -22.80 -32.74 -51.55
N CYS O 187 -24.05 -32.67 -51.08
CA CYS O 187 -24.34 -31.83 -49.92
C CYS O 187 -23.63 -32.36 -48.67
N THR O 188 -23.57 -33.68 -48.52
CA THR O 188 -22.79 -34.26 -47.43
C THR O 188 -21.31 -33.96 -47.62
N PHE O 189 -20.81 -34.05 -48.85
CA PHE O 189 -19.41 -33.71 -49.10
C PHE O 189 -19.15 -32.23 -48.88
N LEU O 190 -20.06 -31.38 -49.37
CA LEU O 190 -19.84 -29.94 -49.25
C LEU O 190 -19.84 -29.49 -47.79
N ARG O 191 -20.50 -30.24 -46.91
CA ARG O 191 -20.39 -29.95 -45.48
C ARG O 191 -19.01 -30.32 -44.96
N TRP O 192 -18.51 -31.50 -45.31
CA TRP O 192 -17.17 -31.88 -44.87
C TRP O 192 -16.12 -30.93 -45.43
N ALA O 193 -16.27 -30.54 -46.69
CA ALA O 193 -15.36 -29.56 -47.26
C ALA O 193 -15.43 -28.22 -46.55
N ALA O 194 -16.53 -27.96 -45.85
CA ALA O 194 -16.70 -26.72 -45.12
C ALA O 194 -16.30 -26.84 -43.65
N GLU O 195 -16.65 -27.95 -43.01
CA GLU O 195 -16.33 -28.20 -41.61
C GLU O 195 -15.67 -29.56 -41.48
N PRO O 196 -14.39 -29.67 -41.81
CA PRO O 196 -13.70 -30.96 -41.62
C PRO O 196 -13.65 -31.39 -40.17
N GLU O 197 -13.68 -30.45 -39.24
CA GLU O 197 -13.65 -30.72 -37.81
C GLU O 197 -14.97 -31.23 -37.27
N HIS O 198 -15.93 -31.53 -38.15
CA HIS O 198 -17.29 -31.84 -37.71
C HIS O 198 -17.32 -33.06 -36.79
N ASP O 199 -16.59 -34.12 -37.15
CA ASP O 199 -16.59 -35.33 -36.34
C ASP O 199 -15.91 -35.09 -34.99
N HIS O 200 -14.73 -34.48 -35.01
CA HIS O 200 -14.04 -34.18 -33.76
C HIS O 200 -14.78 -33.13 -32.94
N ARG O 201 -15.58 -32.28 -33.58
CA ARG O 201 -16.37 -31.29 -32.85
C ARG O 201 -17.34 -31.98 -31.89
N LYS O 202 -18.01 -33.03 -32.37
CA LYS O 202 -18.94 -33.77 -31.51
C LYS O 202 -18.23 -34.77 -30.62
N ARG O 203 -17.10 -35.31 -31.07
CA ARG O 203 -16.38 -36.29 -30.26
C ARG O 203 -15.89 -35.66 -28.97
N MET O 204 -15.36 -34.44 -29.04
CA MET O 204 -15.01 -33.70 -27.84
C MET O 204 -16.24 -33.16 -27.13
N GLY O 205 -17.33 -32.95 -27.86
CA GLY O 205 -18.57 -32.50 -27.22
C GLY O 205 -19.16 -33.54 -26.30
N LEU O 206 -19.11 -34.81 -26.71
CA LEU O 206 -19.60 -35.89 -25.85
C LEU O 206 -18.76 -35.99 -24.58
N LYS O 207 -17.45 -35.85 -24.71
CA LYS O 207 -16.57 -35.94 -23.54
C LYS O 207 -16.80 -34.77 -22.59
N MET O 208 -17.05 -33.57 -23.13
CA MET O 208 -17.35 -32.42 -22.28
C MET O 208 -18.64 -32.63 -21.52
N LEU O 209 -19.68 -33.14 -22.18
CA LEU O 209 -20.95 -33.39 -21.50
C LEU O 209 -20.78 -34.43 -20.41
N LEU O 210 -20.03 -35.49 -20.69
CA LEU O 210 -19.76 -36.50 -19.66
C LEU O 210 -18.80 -35.99 -18.61
N MET O 211 -18.06 -34.92 -18.88
CA MET O 211 -17.19 -34.31 -17.89
C MET O 211 -17.93 -33.26 -17.06
N MET O 212 -18.57 -32.30 -17.73
CA MET O 212 -19.36 -31.31 -17.00
C MET O 212 -20.52 -31.94 -16.26
N GLY O 213 -21.07 -33.04 -16.80
CA GLY O 213 -22.15 -33.72 -16.11
C GLY O 213 -21.73 -34.33 -14.80
N LEU O 214 -20.44 -34.60 -14.61
CA LEU O 214 -19.91 -35.14 -13.37
C LEU O 214 -19.25 -34.08 -12.50
N LEU O 215 -18.53 -33.13 -13.10
CA LEU O 215 -17.80 -32.14 -12.31
C LEU O 215 -18.76 -31.13 -11.69
N LEU O 216 -19.80 -30.73 -12.42
CA LEU O 216 -20.71 -29.71 -11.91
C LEU O 216 -21.39 -30.13 -10.61
N PRO O 217 -21.97 -31.33 -10.49
CA PRO O 217 -22.45 -31.74 -9.16
C PRO O 217 -21.34 -31.83 -8.12
N LEU O 218 -20.12 -32.20 -8.54
CA LEU O 218 -19.02 -32.31 -7.59
C LEU O 218 -18.53 -30.94 -7.15
N VAL O 219 -18.35 -30.02 -8.10
CA VAL O 219 -17.91 -28.67 -7.75
C VAL O 219 -18.96 -27.97 -6.90
N TYR O 220 -20.23 -28.22 -7.19
CA TYR O 220 -21.30 -27.66 -6.37
C TYR O 220 -21.21 -28.17 -4.94
N ALA O 221 -20.84 -29.44 -4.76
CA ALA O 221 -20.72 -29.99 -3.41
C ALA O 221 -19.65 -29.29 -2.60
N MET O 222 -18.51 -28.96 -3.24
CA MET O 222 -17.48 -28.19 -2.53
C MET O 222 -17.99 -26.81 -2.17
N LYS O 223 -18.76 -26.17 -3.04
CA LYS O 223 -19.32 -24.86 -2.73
C LYS O 223 -20.26 -24.95 -1.54
N ARG O 224 -21.15 -25.94 -1.53
CA ARG O 224 -22.08 -26.08 -0.41
C ARG O 224 -21.35 -26.44 0.87
N HIS O 225 -20.34 -27.31 0.78
CA HIS O 225 -19.62 -27.74 1.98
C HIS O 225 -18.91 -26.57 2.65
N LYS O 226 -18.24 -25.74 1.87
CA LYS O 226 -17.55 -24.59 2.44
C LYS O 226 -18.55 -23.53 2.94
N TRP O 227 -19.69 -23.41 2.29
CA TRP O 227 -20.70 -22.43 2.66
C TRP O 227 -21.72 -22.95 3.66
N SER O 228 -21.66 -24.24 4.00
CA SER O 228 -22.60 -24.79 4.97
C SER O 228 -22.39 -24.21 6.37
N VAL O 229 -21.23 -23.61 6.63
CA VAL O 229 -21.00 -22.97 7.92
C VAL O 229 -21.91 -21.75 8.07
N LEU O 230 -21.98 -20.91 7.04
CA LEU O 230 -22.79 -19.70 7.10
C LEU O 230 -24.27 -19.98 6.94
N LYS O 231 -24.64 -20.98 6.14
CA LYS O 231 -26.05 -21.30 5.95
C LYS O 231 -26.68 -21.76 7.26
N SER O 232 -25.97 -22.59 8.01
CA SER O 232 -26.41 -23.02 9.34
C SER O 232 -25.67 -22.18 10.37
N ARG O 233 -26.19 -20.98 10.60
CA ARG O 233 -25.58 -20.02 11.52
C ARG O 233 -26.69 -19.27 12.23
N LYS O 234 -26.77 -19.44 13.55
CA LYS O 234 -27.82 -18.82 14.34
C LYS O 234 -27.30 -17.55 15.01
N LEU O 235 -28.07 -16.48 14.91
CA LEU O 235 -27.72 -15.20 15.51
C LEU O 235 -28.61 -14.95 16.73
N ALA O 236 -28.00 -14.47 17.81
CA ALA O 236 -28.72 -14.15 19.03
C ALA O 236 -28.32 -12.76 19.49
N TYR O 237 -29.31 -11.93 19.81
CA TYR O 237 -29.09 -10.59 20.31
C TYR O 237 -29.49 -10.54 21.78
N ARG O 238 -28.50 -10.31 22.66
CA ARG O 238 -28.72 -10.30 24.10
C ARG O 238 -28.18 -9.00 24.66
N PRO O 239 -28.90 -7.88 24.49
CA PRO O 239 -28.45 -6.61 25.01
C PRO O 239 -28.55 -6.59 26.53
N PRO O 240 -27.77 -5.75 27.20
CA PRO O 240 -27.84 -5.69 28.67
C PRO O 240 -29.17 -5.12 29.15
N LYS O 241 -29.98 -5.96 29.78
CA LYS O 241 -31.30 -5.57 30.27
C LYS O 241 -32.17 -4.97 29.18
N SER P 1 23.44 29.58 24.68
CA SER P 1 24.61 29.26 23.88
C SER P 1 24.23 29.07 22.42
N HIS P 2 22.93 29.06 22.13
CA HIS P 2 22.47 28.98 20.76
C HIS P 2 22.79 30.25 19.97
N THR P 3 23.02 31.37 20.66
CA THR P 3 23.42 32.59 19.98
C THR P 3 24.83 32.50 19.39
N ASP P 4 25.60 31.49 19.77
CA ASP P 4 26.92 31.29 19.19
C ASP P 4 26.87 30.85 17.73
N ILE P 5 25.71 30.45 17.22
CA ILE P 5 25.62 30.01 15.84
C ILE P 5 25.67 31.22 14.92
N LYS P 6 26.39 31.08 13.82
CA LYS P 6 26.50 32.13 12.81
C LYS P 6 26.47 31.48 11.45
N VAL P 7 25.63 32.00 10.56
CA VAL P 7 25.54 31.40 9.22
C VAL P 7 26.88 31.58 8.51
N PRO P 8 27.43 30.52 7.91
CA PRO P 8 28.76 30.63 7.30
C PRO P 8 28.75 31.58 6.11
N ASP P 9 29.94 31.80 5.57
CA ASP P 9 30.12 32.70 4.44
C ASP P 9 29.69 31.99 3.16
N PHE P 10 28.65 32.52 2.52
CA PHE P 10 28.17 32.01 1.24
C PHE P 10 28.58 32.90 0.07
N SER P 11 29.50 33.83 0.29
CA SER P 11 29.89 34.77 -0.76
C SER P 11 30.57 34.08 -1.93
N ASP P 12 31.09 32.87 -1.74
CA ASP P 12 31.70 32.14 -2.85
C ASP P 12 30.66 31.79 -3.90
N TYR P 13 29.46 31.40 -3.49
CA TYR P 13 28.40 31.02 -4.40
C TYR P 13 27.39 32.13 -4.64
N ARG P 14 27.47 33.22 -3.88
CA ARG P 14 26.46 34.27 -3.98
C ARG P 14 26.51 34.96 -5.34
N ARG P 15 25.34 35.32 -5.85
CA ARG P 15 25.26 36.07 -7.09
C ARG P 15 25.89 37.45 -6.89
N PRO P 16 26.45 38.05 -7.95
CA PRO P 16 27.22 39.29 -7.77
C PRO P 16 26.44 40.42 -7.14
N GLU P 17 25.14 40.51 -7.42
CA GLU P 17 24.35 41.64 -6.94
C GLU P 17 23.98 41.49 -5.46
N VAL P 18 23.76 40.26 -4.99
CA VAL P 18 23.43 40.04 -3.60
C VAL P 18 24.71 39.86 -2.79
N LEU P 19 25.85 40.11 -3.42
CA LEU P 19 27.12 40.04 -2.71
C LEU P 19 27.22 41.10 -1.62
N ASP P 20 26.77 42.32 -1.92
CA ASP P 20 26.84 43.41 -0.97
C ASP P 20 25.80 43.24 0.13
N SER P 21 26.24 43.25 1.39
CA SER P 21 25.31 43.10 2.50
C SER P 21 24.50 44.37 2.73
N THR P 22 25.04 45.52 2.36
CA THR P 22 24.33 46.78 2.59
C THR P 22 23.14 46.93 1.64
N LYS P 23 23.34 46.63 0.36
CA LYS P 23 22.28 46.80 -0.62
C LYS P 23 21.15 45.81 -0.39
N SER P 24 19.92 46.30 -0.49
CA SER P 24 18.76 45.44 -0.32
C SER P 24 18.67 44.39 -1.43
N SER P 25 18.10 43.24 -1.08
CA SER P 25 17.93 42.16 -2.04
C SER P 25 16.65 42.29 -2.86
N LYS P 26 15.74 43.20 -2.49
CA LYS P 26 14.49 43.36 -3.22
C LYS P 26 14.65 44.11 -4.53
N GLU P 27 15.73 44.89 -4.67
CA GLU P 27 15.92 45.64 -5.91
C GLU P 27 16.12 44.72 -7.10
N SER P 28 16.90 43.65 -6.91
CA SER P 28 17.21 42.71 -7.99
C SER P 28 16.37 41.45 -7.93
N SER P 29 15.36 41.39 -7.06
CA SER P 29 14.56 40.17 -6.92
C SER P 29 13.82 39.85 -8.20
N GLU P 30 13.29 40.88 -8.87
CA GLU P 30 12.58 40.65 -10.12
C GLU P 30 13.50 40.06 -11.18
N ALA P 31 14.72 40.55 -11.26
CA ALA P 31 15.66 40.12 -12.30
C ALA P 31 16.41 38.86 -11.93
N ARG P 32 16.65 38.62 -10.64
CA ARG P 32 17.25 37.35 -10.23
C ARG P 32 16.34 36.18 -10.57
N LYS P 33 15.04 36.32 -10.30
CA LYS P 33 14.07 35.30 -10.68
C LYS P 33 13.75 35.37 -12.17
N GLY P 34 13.93 36.54 -12.80
CA GLY P 34 13.69 36.64 -14.22
C GLY P 34 14.69 35.84 -15.04
N PHE P 35 15.97 35.89 -14.67
CA PHE P 35 16.99 35.16 -15.41
C PHE P 35 16.80 33.66 -15.26
N SER P 36 16.49 33.20 -14.05
CA SER P 36 16.31 31.77 -13.82
C SER P 36 15.10 31.23 -14.58
N TYR P 37 14.00 32.00 -14.60
CA TYR P 37 12.84 31.57 -15.36
C TYR P 37 13.05 31.70 -16.86
N LEU P 38 13.94 32.59 -17.29
CA LEU P 38 14.25 32.70 -18.71
C LEU P 38 14.86 31.41 -19.22
N VAL P 39 15.71 30.77 -18.42
CA VAL P 39 16.27 29.47 -18.78
C VAL P 39 15.16 28.44 -18.92
N THR P 40 14.23 28.41 -17.97
CA THR P 40 13.13 27.46 -18.02
C THR P 40 12.22 27.73 -19.21
N ALA P 41 11.92 29.00 -19.48
CA ALA P 41 11.06 29.32 -20.61
C ALA P 41 11.71 28.97 -21.93
N THR P 42 13.02 29.18 -22.05
CA THR P 42 13.72 28.84 -23.28
C THR P 42 13.89 27.34 -23.44
N THR P 43 13.97 26.60 -22.33
CA THR P 43 14.06 25.15 -22.44
C THR P 43 12.74 24.54 -22.88
N THR P 44 11.62 25.02 -22.32
CA THR P 44 10.32 24.52 -22.75
C THR P 44 10.01 24.91 -24.20
N VAL P 45 10.47 26.09 -24.63
CA VAL P 45 10.29 26.49 -26.01
C VAL P 45 11.00 25.51 -26.94
N GLY P 46 12.23 25.14 -26.61
CA GLY P 46 12.95 24.17 -27.40
C GLY P 46 12.31 22.79 -27.37
N VAL P 47 11.84 22.37 -26.20
CA VAL P 47 11.18 21.07 -26.08
C VAL P 47 9.84 21.08 -26.81
N ALA P 48 9.13 22.20 -26.77
CA ALA P 48 7.86 22.29 -27.49
C ALA P 48 8.07 22.10 -28.98
N TYR P 49 9.12 22.68 -29.54
CA TYR P 49 9.45 22.44 -30.95
C TYR P 49 9.77 20.98 -31.19
N ALA P 50 10.57 20.37 -30.31
CA ALA P 50 10.94 18.97 -30.47
C ALA P 50 9.75 18.06 -30.30
N ALA P 51 8.90 18.32 -29.30
CA ALA P 51 7.76 17.45 -29.04
C ALA P 51 6.74 17.51 -30.17
N LYS P 52 6.49 18.70 -30.71
CA LYS P 52 5.53 18.83 -31.80
C LYS P 52 6.00 18.12 -33.05
N ASN P 53 7.29 18.18 -33.35
CA ASN P 53 7.81 17.56 -34.56
C ASN P 53 7.76 16.04 -34.46
N VAL P 54 8.21 15.47 -33.35
CA VAL P 54 8.24 14.02 -33.23
C VAL P 54 6.83 13.44 -33.18
N VAL P 55 5.90 14.16 -32.52
CA VAL P 55 4.51 13.69 -32.50
C VAL P 55 3.91 13.73 -33.89
N SER P 56 4.16 14.80 -34.64
CA SER P 56 3.62 14.92 -35.99
C SER P 56 4.23 13.89 -36.93
N GLN P 57 5.48 13.50 -36.71
CA GLN P 57 6.09 12.47 -37.55
C GLN P 57 5.41 11.13 -37.35
N PHE P 58 5.06 10.78 -36.11
CA PHE P 58 4.39 9.52 -35.86
C PHE P 58 2.94 9.56 -36.33
N VAL P 59 2.28 10.71 -36.18
CA VAL P 59 0.91 10.86 -36.66
C VAL P 59 0.86 10.78 -38.18
N SER P 60 1.85 11.39 -38.85
CA SER P 60 1.88 11.37 -40.31
C SER P 60 2.08 9.99 -40.88
N SER P 61 2.62 9.05 -40.11
CA SER P 61 2.87 7.72 -40.63
C SER P 61 1.57 6.98 -40.93
N MET P 62 0.49 7.30 -40.22
CA MET P 62 -0.76 6.59 -40.39
C MET P 62 -1.70 7.27 -41.38
N SER P 63 -1.19 8.17 -42.21
CA SER P 63 -2.05 9.04 -43.00
C SER P 63 -2.01 8.72 -44.49
N ALA P 64 -0.85 8.76 -45.13
CA ALA P 64 -0.77 8.72 -46.58
C ALA P 64 -0.21 7.40 -47.11
N SER P 65 0.99 7.01 -46.68
CA SER P 65 1.65 5.81 -47.21
C SER P 65 1.79 5.90 -48.73
N ALA P 66 2.70 6.79 -49.14
CA ALA P 66 2.78 7.33 -50.49
C ALA P 66 2.55 6.33 -51.61
N ASP P 67 2.86 5.05 -51.38
CA ASP P 67 2.50 4.03 -52.35
C ASP P 67 0.99 3.98 -52.57
N VAL P 68 0.20 4.31 -51.54
CA VAL P 68 -1.24 4.39 -51.72
C VAL P 68 -1.61 5.61 -52.55
N LEU P 69 -0.94 6.74 -52.32
CA LEU P 69 -1.25 7.97 -53.04
C LEU P 69 -0.94 7.88 -54.52
N ALA P 70 -0.04 6.97 -54.93
CA ALA P 70 0.29 6.84 -56.34
C ALA P 70 -0.92 6.41 -57.15
N MET P 71 -1.73 5.50 -56.61
CA MET P 71 -2.92 5.00 -57.29
C MET P 71 -4.15 5.86 -57.03
N SER P 72 -3.96 7.13 -56.67
CA SER P 72 -5.10 8.02 -56.46
C SER P 72 -5.85 8.28 -57.76
N LYS P 73 -5.12 8.44 -58.86
CA LYS P 73 -5.70 8.71 -60.16
C LYS P 73 -5.48 7.52 -61.08
N ILE P 74 -6.53 7.13 -61.81
CA ILE P 74 -6.47 6.00 -62.72
C ILE P 74 -6.94 6.45 -64.11
N GLU P 75 -6.69 5.60 -65.09
CA GLU P 75 -7.09 5.85 -66.46
C GLU P 75 -7.90 4.66 -66.97
N ILE P 76 -8.93 4.95 -67.77
CA ILE P 76 -9.82 3.92 -68.28
C ILE P 76 -10.38 4.40 -69.62
N LYS P 77 -10.65 3.45 -70.51
CA LYS P 77 -11.18 3.76 -71.83
C LYS P 77 -12.66 4.11 -71.75
N LEU P 78 -13.18 4.66 -72.85
CA LEU P 78 -14.60 4.93 -72.98
C LEU P 78 -15.28 4.10 -74.06
N SER P 79 -14.52 3.60 -75.04
CA SER P 79 -15.10 2.81 -76.12
C SER P 79 -15.34 1.35 -75.73
N ASP P 80 -14.81 0.91 -74.59
CA ASP P 80 -15.04 -0.46 -74.16
C ASP P 80 -16.52 -0.71 -73.87
N ILE P 81 -17.18 0.25 -73.24
CA ILE P 81 -18.58 0.10 -72.85
C ILE P 81 -19.45 0.97 -73.77
N PRO P 82 -20.62 0.49 -74.20
CA PRO P 82 -21.50 1.33 -75.01
C PRO P 82 -22.41 2.21 -74.17
N GLU P 83 -23.31 2.94 -74.82
CA GLU P 83 -24.23 3.82 -74.12
C GLU P 83 -25.19 3.02 -73.24
N GLY P 84 -25.44 3.52 -72.04
CA GLY P 84 -26.36 2.92 -71.10
C GLY P 84 -25.75 1.94 -70.12
N LYS P 85 -24.93 1.02 -70.60
CA LYS P 85 -24.29 0.05 -69.73
C LYS P 85 -23.17 0.71 -68.93
N ASN P 86 -22.70 0.00 -67.91
CA ASN P 86 -21.67 0.50 -67.01
C ASN P 86 -20.66 -0.59 -66.72
N MET P 87 -19.49 -0.16 -66.26
CA MET P 87 -18.42 -1.07 -65.85
C MET P 87 -17.93 -0.65 -64.48
N ALA P 88 -17.58 -1.65 -63.67
CA ALA P 88 -17.11 -1.44 -62.30
C ALA P 88 -15.65 -1.84 -62.20
N PHE P 89 -14.84 -0.95 -61.63
CA PHE P 89 -13.44 -1.27 -61.36
C PHE P 89 -13.04 -0.52 -60.09
N LYS P 90 -11.75 -0.57 -59.77
CA LYS P 90 -11.24 -0.06 -58.50
C LYS P 90 -10.70 1.35 -58.66
N TRP P 91 -11.14 2.26 -57.79
CA TRP P 91 -10.59 3.60 -57.72
C TRP P 91 -10.73 4.10 -56.29
N ARG P 92 -9.62 4.44 -55.66
CA ARG P 92 -9.59 4.91 -54.27
C ARG P 92 -10.19 3.87 -53.32
N GLY P 93 -10.15 2.59 -53.71
CA GLY P 93 -10.67 1.54 -52.88
C GLY P 93 -12.17 1.36 -52.91
N LYS P 94 -12.88 2.12 -53.75
CA LYS P 94 -14.32 2.04 -53.84
C LYS P 94 -14.73 1.87 -55.31
N PRO P 95 -15.83 1.18 -55.57
CA PRO P 95 -16.23 0.92 -56.96
C PRO P 95 -16.81 2.15 -57.62
N LEU P 96 -16.40 2.37 -58.87
CA LEU P 96 -16.89 3.49 -59.67
C LEU P 96 -17.38 2.97 -61.01
N PHE P 97 -18.36 3.66 -61.57
CA PHE P 97 -19.02 3.23 -62.80
C PHE P 97 -18.83 4.29 -63.89
N VAL P 98 -18.85 3.83 -65.14
CA VAL P 98 -18.79 4.71 -66.30
C VAL P 98 -20.14 4.64 -67.02
N ARG P 99 -20.74 5.80 -67.24
CA ARG P 99 -22.05 5.89 -67.86
C ARG P 99 -22.01 6.87 -69.02
N HIS P 100 -22.78 6.57 -70.06
CA HIS P 100 -22.86 7.41 -71.26
C HIS P 100 -24.32 7.83 -71.43
N ARG P 101 -24.63 9.08 -71.10
CA ARG P 101 -25.99 9.58 -71.25
C ARG P 101 -26.35 9.65 -72.73
N THR P 102 -27.57 9.23 -73.04
CA THR P 102 -28.09 9.23 -74.39
C THR P 102 -29.01 10.43 -74.61
N LYS P 103 -29.64 10.47 -75.78
CA LYS P 103 -30.42 11.66 -76.17
C LYS P 103 -31.73 11.76 -75.40
N LYS P 104 -32.38 10.64 -75.10
CA LYS P 104 -33.69 10.66 -74.48
C LYS P 104 -33.64 10.64 -72.96
N GLU P 105 -32.45 10.73 -72.36
CA GLU P 105 -32.33 10.82 -70.91
C GLU P 105 -31.80 12.16 -70.42
N ILE P 106 -31.12 12.93 -71.29
CA ILE P 106 -30.61 14.23 -70.87
C ILE P 106 -31.75 15.20 -70.61
N ASP P 107 -32.78 15.19 -71.47
CA ASP P 107 -33.89 16.11 -71.32
C ASP P 107 -34.64 15.89 -70.01
N GLN P 108 -34.84 14.64 -69.63
CA GLN P 108 -35.53 14.34 -68.38
C GLN P 108 -34.76 14.80 -67.16
N GLU P 109 -33.44 14.98 -67.28
CA GLU P 109 -32.65 15.47 -66.15
C GLU P 109 -33.05 16.88 -65.76
N ALA P 110 -33.30 17.74 -66.75
CA ALA P 110 -33.73 19.10 -66.48
C ALA P 110 -35.21 19.21 -66.14
N ALA P 111 -35.97 18.12 -66.30
CA ALA P 111 -37.40 18.16 -66.00
C ALA P 111 -37.65 18.33 -64.50
N VAL P 112 -36.80 17.75 -63.66
CA VAL P 112 -36.97 17.86 -62.22
C VAL P 112 -36.70 19.29 -61.79
N GLU P 113 -37.59 19.83 -60.96
CA GLU P 113 -37.45 21.20 -60.48
C GLU P 113 -36.26 21.32 -59.54
N VAL P 114 -35.67 22.52 -59.50
CA VAL P 114 -34.51 22.76 -58.65
C VAL P 114 -34.89 22.62 -57.18
N SER P 115 -36.01 23.23 -56.79
CA SER P 115 -36.47 23.19 -55.40
C SER P 115 -37.35 21.95 -55.18
N GLN P 116 -36.71 20.78 -55.30
CA GLN P 116 -37.39 19.51 -55.10
C GLN P 116 -36.62 18.52 -54.25
N LEU P 117 -35.37 18.80 -53.92
CA LEU P 117 -34.54 17.91 -53.12
C LEU P 117 -34.08 18.62 -51.85
N ARG P 118 -33.28 17.91 -51.04
CA ARG P 118 -32.77 18.49 -49.81
C ARG P 118 -31.82 19.65 -50.10
N ASP P 119 -30.97 19.51 -51.10
CA ASP P 119 -30.00 20.54 -51.48
C ASP P 119 -30.29 21.00 -52.90
N PRO P 120 -30.51 22.29 -53.14
CA PRO P 120 -30.79 22.75 -54.51
C PRO P 120 -29.56 22.70 -55.41
N GLN P 121 -29.58 21.81 -56.40
CA GLN P 121 -28.49 21.67 -57.35
C GLN P 121 -29.05 21.45 -58.74
N HIS P 122 -28.49 22.17 -59.72
CA HIS P 122 -28.94 22.04 -61.09
C HIS P 122 -28.29 20.81 -61.74
N ASP P 123 -28.54 20.64 -63.04
CA ASP P 123 -28.01 19.51 -63.79
C ASP P 123 -27.00 19.92 -64.86
N LEU P 124 -26.98 21.19 -65.26
CA LEU P 124 -26.09 21.64 -66.32
C LEU P 124 -24.71 22.05 -65.82
N GLU P 125 -24.51 22.15 -64.49
CA GLU P 125 -23.23 22.54 -63.93
C GLU P 125 -22.46 21.38 -63.29
N ARG P 126 -23.15 20.29 -62.95
CA ARG P 126 -22.47 19.17 -62.31
C ARG P 126 -21.55 18.41 -63.27
N VAL P 127 -21.71 18.60 -64.57
CA VAL P 127 -20.88 17.92 -65.56
C VAL P 127 -20.31 18.95 -66.52
N LYS P 128 -19.11 18.67 -67.02
CA LYS P 128 -18.47 19.53 -68.00
C LYS P 128 -19.09 19.39 -69.39
N LYS P 129 -19.80 18.29 -69.64
CA LYS P 129 -20.45 18.04 -70.91
C LYS P 129 -21.53 16.98 -70.73
N PRO P 130 -22.77 17.25 -71.15
CA PRO P 130 -23.85 16.29 -70.91
C PRO P 130 -23.74 14.99 -71.68
N GLU P 131 -22.70 14.80 -72.48
CA GLU P 131 -22.57 13.55 -73.23
C GLU P 131 -22.19 12.39 -72.33
N TRP P 132 -21.21 12.60 -71.44
CA TRP P 132 -20.65 11.54 -70.62
C TRP P 132 -20.84 11.83 -69.15
N VAL P 133 -20.66 10.80 -68.32
CA VAL P 133 -20.74 10.94 -66.88
C VAL P 133 -20.02 9.75 -66.24
N ILE P 134 -19.23 10.04 -65.21
CA ILE P 134 -18.55 9.02 -64.43
C ILE P 134 -18.94 9.21 -62.97
N LEU P 135 -19.34 8.13 -62.32
CA LEU P 135 -19.78 8.21 -60.92
C LEU P 135 -19.19 7.04 -60.15
N ILE P 136 -19.03 7.25 -58.84
CA ILE P 136 -18.56 6.21 -57.95
C ILE P 136 -19.75 5.42 -57.44
N GLY P 137 -19.72 4.11 -57.65
CA GLY P 137 -20.83 3.26 -57.26
C GLY P 137 -20.86 2.96 -55.77
N VAL P 138 -21.13 3.98 -54.96
CA VAL P 138 -21.28 3.82 -53.52
C VAL P 138 -22.54 4.56 -53.10
N CYS P 139 -23.14 4.10 -52.00
CA CYS P 139 -24.28 4.79 -51.43
C CYS P 139 -23.80 6.07 -50.75
N THR P 140 -24.48 7.18 -51.01
CA THR P 140 -24.06 8.46 -50.45
C THR P 140 -24.21 8.50 -48.94
N HIS P 141 -24.95 7.57 -48.34
CA HIS P 141 -25.11 7.55 -46.90
C HIS P 141 -23.94 6.87 -46.21
N LEU P 142 -23.71 5.59 -46.51
CA LEU P 142 -22.68 4.81 -45.83
C LEU P 142 -21.61 4.23 -46.74
N GLY P 143 -21.81 4.27 -48.06
CA GLY P 143 -20.80 3.75 -48.97
C GLY P 143 -21.06 2.33 -49.44
N CYS P 144 -22.28 2.06 -49.87
CA CYS P 144 -22.68 0.75 -50.36
C CYS P 144 -22.97 0.80 -51.85
N VAL P 145 -22.52 -0.22 -52.57
CA VAL P 145 -22.63 -0.25 -54.03
C VAL P 145 -24.09 -0.45 -54.43
N PRO P 146 -24.53 0.13 -55.55
CA PRO P 146 -25.89 -0.11 -56.02
C PRO P 146 -25.97 -1.30 -56.96
N ILE P 147 -27.16 -1.57 -57.48
CA ILE P 147 -27.35 -2.66 -58.42
C ILE P 147 -27.24 -2.13 -59.84
N ALA P 148 -26.98 -3.03 -60.79
CA ALA P 148 -26.70 -2.65 -62.16
C ALA P 148 -28.00 -2.39 -62.90
N ASN P 149 -28.30 -1.12 -63.17
CA ASN P 149 -29.38 -0.67 -64.06
C ASN P 149 -30.75 -1.25 -63.69
N ALA P 150 -30.89 -1.81 -62.50
CA ALA P 150 -32.17 -2.36 -62.05
C ALA P 150 -32.89 -1.37 -61.15
N GLY P 151 -33.26 -0.24 -61.73
CA GLY P 151 -33.91 0.82 -60.97
C GLY P 151 -35.24 1.28 -61.52
N ASP P 152 -35.76 2.37 -60.96
CA ASP P 152 -37.07 2.90 -61.35
C ASP P 152 -37.00 4.32 -61.88
N PHE P 153 -36.30 5.22 -61.18
CA PHE P 153 -36.19 6.61 -61.60
C PHE P 153 -34.74 7.01 -61.84
N GLY P 154 -34.02 6.21 -62.61
CA GLY P 154 -32.63 6.48 -62.91
C GLY P 154 -31.79 5.23 -63.03
N GLY P 155 -32.37 4.09 -62.69
CA GLY P 155 -31.73 2.80 -62.87
C GLY P 155 -30.89 2.31 -61.71
N TYR P 156 -30.66 3.14 -60.70
CA TYR P 156 -29.77 2.77 -59.60
C TYR P 156 -30.55 2.74 -58.29
N TYR P 157 -30.46 1.62 -57.58
CA TYR P 157 -31.15 1.42 -56.31
C TYR P 157 -30.18 0.84 -55.29
N CYS P 158 -30.33 1.28 -54.06
CA CYS P 158 -29.43 0.81 -52.98
C CYS P 158 -30.14 -0.35 -52.27
N PRO P 159 -29.69 -1.62 -52.41
CA PRO P 159 -30.44 -2.78 -51.89
C PRO P 159 -30.37 -2.95 -50.38
N CYS P 160 -29.50 -2.23 -49.67
CA CYS P 160 -29.39 -2.42 -48.22
C CYS P 160 -30.49 -1.68 -47.48
N HIS P 161 -30.53 -0.35 -47.58
CA HIS P 161 -31.51 0.45 -46.88
C HIS P 161 -32.48 1.17 -47.81
N GLY P 162 -32.11 1.40 -49.06
CA GLY P 162 -33.00 2.05 -50.00
C GLY P 162 -32.58 3.47 -50.34
N SER P 163 -32.09 3.66 -51.56
CA SER P 163 -31.72 4.98 -52.05
C SER P 163 -31.78 4.95 -53.57
N HIS P 164 -32.59 5.83 -54.16
CA HIS P 164 -32.82 5.85 -55.59
C HIS P 164 -32.13 7.07 -56.20
N TYR P 165 -31.34 6.85 -57.25
CA TYR P 165 -30.56 7.89 -57.90
C TYR P 165 -30.97 7.98 -59.36
N ASP P 166 -30.98 9.21 -59.89
CA ASP P 166 -31.28 9.44 -61.29
C ASP P 166 -30.00 9.26 -62.11
N ALA P 167 -30.02 9.71 -63.36
CA ALA P 167 -28.84 9.58 -64.21
C ALA P 167 -27.66 10.33 -63.63
N SER P 168 -27.90 11.52 -63.10
CA SER P 168 -26.85 12.33 -62.48
C SER P 168 -26.64 11.99 -61.00
N GLY P 169 -27.44 11.09 -60.44
CA GLY P 169 -27.30 10.69 -59.05
C GLY P 169 -28.15 11.44 -58.06
N ARG P 170 -29.15 12.18 -58.52
CA ARG P 170 -30.03 12.90 -57.62
C ARG P 170 -30.86 11.92 -56.79
N ILE P 171 -31.02 12.23 -55.52
CA ILE P 171 -31.70 11.34 -54.59
C ILE P 171 -33.21 11.52 -54.75
N ARG P 172 -33.88 10.47 -55.20
CA ARG P 172 -35.34 10.49 -55.28
C ARG P 172 -36.01 10.00 -54.01
N LYS P 173 -35.37 9.08 -53.28
CA LYS P 173 -35.90 8.56 -52.03
C LYS P 173 -34.75 8.01 -51.21
N GLY P 174 -35.01 7.83 -49.91
CA GLY P 174 -34.02 7.32 -49.00
C GLY P 174 -33.38 8.42 -48.18
N PRO P 175 -33.03 8.11 -46.93
CA PRO P 175 -32.45 9.12 -46.02
C PRO P 175 -31.00 9.43 -46.35
N ALA P 176 -30.78 9.99 -47.53
CA ALA P 176 -29.44 10.35 -47.99
C ALA P 176 -29.27 11.86 -47.89
N PRO P 177 -28.32 12.36 -47.09
CA PRO P 177 -28.21 13.82 -46.93
C PRO P 177 -27.64 14.53 -48.15
N LEU P 178 -26.62 13.96 -48.78
CA LEU P 178 -25.91 14.62 -49.87
C LEU P 178 -26.09 13.84 -51.17
N ASN P 179 -26.06 14.59 -52.28
CA ASN P 179 -26.23 14.00 -53.60
C ASN P 179 -25.04 13.10 -53.94
N LEU P 180 -25.15 12.42 -55.09
CA LEU P 180 -24.12 11.48 -55.50
C LEU P 180 -22.84 12.22 -55.90
N GLU P 181 -21.71 11.56 -55.69
CA GLU P 181 -20.41 12.19 -55.90
C GLU P 181 -20.20 12.44 -57.39
N VAL P 182 -19.51 13.54 -57.70
CA VAL P 182 -19.14 13.88 -59.07
C VAL P 182 -17.65 14.21 -59.09
N PRO P 183 -16.82 13.51 -59.86
CA PRO P 183 -15.39 13.77 -59.84
C PRO P 183 -15.01 14.97 -60.71
N SER P 184 -13.76 15.40 -60.56
CA SER P 184 -13.24 16.49 -61.35
C SER P 184 -13.15 16.08 -62.82
N TYR P 185 -13.39 17.05 -63.69
CA TYR P 185 -13.44 16.82 -65.13
C TYR P 185 -12.28 17.51 -65.82
N GLU P 186 -11.50 16.74 -66.57
CA GLU P 186 -10.44 17.27 -67.41
C GLU P 186 -10.18 16.28 -68.53
N PHE P 187 -9.60 16.78 -69.62
CA PHE P 187 -9.39 15.95 -70.80
C PHE P 187 -8.08 16.35 -71.47
N THR P 188 -7.34 15.34 -71.94
CA THR P 188 -6.14 15.56 -72.73
C THR P 188 -6.24 14.76 -74.02
N SER P 189 -6.93 13.64 -73.97
CA SER P 189 -7.19 12.81 -75.14
C SER P 189 -8.66 12.40 -75.16
N ASP P 190 -9.21 12.28 -76.37
CA ASP P 190 -10.62 11.94 -76.53
C ASP P 190 -10.92 10.48 -76.26
N ASP P 191 -9.89 9.64 -76.08
CA ASP P 191 -10.08 8.22 -75.84
C ASP P 191 -9.67 7.79 -74.44
N MET P 192 -8.98 8.64 -73.68
CA MET P 192 -8.55 8.33 -72.32
C MET P 192 -9.11 9.37 -71.36
N VAL P 193 -9.42 8.91 -70.15
CA VAL P 193 -9.86 9.79 -69.08
C VAL P 193 -9.03 9.51 -67.84
N ILE P 194 -8.88 10.53 -67.00
CA ILE P 194 -8.25 10.41 -65.69
C ILE P 194 -9.25 10.90 -64.66
N VAL P 195 -9.51 10.08 -63.64
CA VAL P 195 -10.51 10.40 -62.63
C VAL P 195 -9.82 11.26 -61.59
N GLY P 196 -9.82 12.57 -61.83
CA GLY P 196 -9.20 13.52 -60.93
C GLY P 196 -9.05 14.91 -61.53
N MET Q 1 -54.81 11.70 4.53
CA MET Q 1 -54.06 12.59 3.66
C MET Q 1 -52.69 12.01 3.37
N ALA Q 2 -52.59 11.20 2.32
CA ALA Q 2 -51.36 10.49 1.99
C ALA Q 2 -51.41 10.05 0.54
N GLY Q 3 -50.46 9.21 0.15
CA GLY Q 3 -50.50 8.53 -1.14
C GLY Q 3 -50.04 9.35 -2.33
N ARG Q 4 -50.90 10.22 -2.83
CA ARG Q 4 -50.66 10.94 -4.06
C ARG Q 4 -51.18 12.36 -3.91
N PRO Q 5 -50.70 13.30 -4.72
CA PRO Q 5 -51.20 14.68 -4.62
C PRO Q 5 -52.71 14.79 -4.83
N ALA Q 6 -53.29 13.91 -5.62
CA ALA Q 6 -54.73 13.91 -5.82
C ALA Q 6 -55.45 13.51 -4.53
N VAL Q 7 -56.70 13.95 -4.40
CA VAL Q 7 -57.50 13.65 -3.22
C VAL Q 7 -57.76 12.16 -3.11
N SER Q 8 -57.92 11.48 -4.24
CA SER Q 8 -58.07 10.03 -4.28
C SER Q 8 -57.07 9.45 -5.27
N ALA Q 9 -56.38 8.39 -4.85
CA ALA Q 9 -55.41 7.74 -5.72
C ALA Q 9 -56.12 6.80 -6.68
N SER Q 10 -55.34 6.13 -7.53
CA SER Q 10 -55.92 5.23 -8.53
C SER Q 10 -56.62 4.04 -7.89
N SER Q 11 -55.98 3.41 -6.90
CA SER Q 11 -56.52 2.23 -6.25
C SER Q 11 -57.22 2.60 -4.94
N ARG Q 12 -58.28 3.39 -5.08
CA ARG Q 12 -59.21 3.84 -4.03
C ARG Q 12 -58.54 4.47 -2.80
N TRP Q 13 -59.05 5.65 -2.39
CA TRP Q 13 -58.54 6.39 -1.24
C TRP Q 13 -57.07 6.78 -1.44
N LEU Q 14 -56.45 7.31 -0.39
CA LEU Q 14 -55.08 7.81 -0.51
C LEU Q 14 -54.14 7.20 0.53
N GLU Q 15 -54.65 6.92 1.73
CA GLU Q 15 -53.79 6.44 2.79
C GLU Q 15 -53.33 5.01 2.54
N GLY Q 16 -54.19 4.18 1.94
CA GLY Q 16 -53.85 2.79 1.70
C GLY Q 16 -52.80 2.58 0.65
N ILE Q 17 -52.53 3.57 -0.19
CA ILE Q 17 -51.49 3.42 -1.20
C ILE Q 17 -50.12 3.30 -0.55
N ARG Q 18 -49.85 4.13 0.47
CA ARG Q 18 -48.59 4.02 1.18
C ARG Q 18 -48.51 2.71 1.96
N LYS Q 19 -49.62 2.29 2.55
CA LYS Q 19 -49.64 0.99 3.22
C LYS Q 19 -49.41 -0.14 2.22
N TRP Q 20 -50.00 -0.03 1.03
CA TRP Q 20 -49.78 -1.03 -0.01
C TRP Q 20 -48.33 -1.01 -0.48
N TYR Q 21 -47.74 0.18 -0.58
CA TYR Q 21 -46.34 0.27 -1.02
C TYR Q 21 -45.38 -0.31 0.01
N TYR Q 22 -45.69 -0.15 1.30
CA TYR Q 22 -44.80 -0.67 2.34
C TYR Q 22 -44.67 -2.18 2.22
N ASN Q 23 -45.79 -2.88 2.04
CA ASN Q 23 -45.73 -4.32 1.82
C ASN Q 23 -45.10 -4.66 0.48
N ALA Q 24 -45.23 -3.76 -0.50
CA ALA Q 24 -44.62 -4.01 -1.80
C ALA Q 24 -43.11 -3.82 -1.74
N ALA Q 25 -42.63 -2.86 -0.94
CA ALA Q 25 -41.20 -2.62 -0.84
C ALA Q 25 -40.47 -3.85 -0.31
N GLY Q 26 -41.01 -4.48 0.71
CA GLY Q 26 -40.49 -5.75 1.17
C GLY Q 26 -39.32 -5.68 2.13
N PHE Q 27 -38.96 -4.50 2.61
CA PHE Q 27 -37.91 -4.43 3.63
C PHE Q 27 -38.44 -4.77 5.01
N ASN Q 28 -39.76 -4.79 5.20
CA ASN Q 28 -40.31 -5.28 6.45
C ASN Q 28 -40.20 -6.79 6.56
N LYS Q 29 -40.27 -7.50 5.43
CA LYS Q 29 -40.13 -8.94 5.45
C LYS Q 29 -38.75 -9.36 5.95
N LEU Q 30 -37.74 -8.53 5.76
CA LEU Q 30 -36.40 -8.82 6.23
C LEU Q 30 -36.19 -8.45 7.69
N GLY Q 31 -37.18 -7.84 8.35
CA GLY Q 31 -37.01 -7.39 9.70
C GLY Q 31 -36.28 -6.07 9.84
N LEU Q 32 -36.34 -5.22 8.82
CA LEU Q 32 -35.67 -3.92 8.84
C LEU Q 32 -36.71 -2.82 8.93
N MET Q 33 -36.41 -1.77 9.69
CA MET Q 33 -37.24 -0.59 9.69
C MET Q 33 -36.88 0.28 8.49
N ARG Q 34 -37.67 1.33 8.27
CA ARG Q 34 -37.49 2.15 7.09
C ARG Q 34 -36.12 2.82 7.07
N ASP Q 35 -35.68 3.33 8.22
CA ASP Q 35 -34.42 4.04 8.30
C ASP Q 35 -33.22 3.11 8.40
N ASP Q 36 -33.42 1.80 8.45
CA ASP Q 36 -32.32 0.85 8.40
C ASP Q 36 -31.84 0.58 6.98
N THR Q 37 -32.56 1.06 5.97
CA THR Q 37 -32.22 0.83 4.57
C THR Q 37 -31.79 2.10 3.86
N ILE Q 38 -31.60 3.20 4.60
CA ILE Q 38 -31.28 4.48 3.98
C ILE Q 38 -29.87 4.45 3.41
N HIS Q 39 -29.62 5.32 2.44
CA HIS Q 39 -28.30 5.46 1.84
C HIS Q 39 -27.39 6.23 2.79
N GLU Q 40 -26.20 5.68 3.03
CA GLU Q 40 -25.26 6.27 3.98
C GLU Q 40 -24.31 7.20 3.23
N ASN Q 41 -24.62 8.48 3.23
CA ASN Q 41 -23.73 9.48 2.67
C ASN Q 41 -22.95 10.15 3.80
N ASP Q 42 -22.20 11.20 3.48
CA ASP Q 42 -21.44 11.92 4.49
C ASP Q 42 -22.33 12.62 5.51
N ASP Q 43 -23.63 12.72 5.21
CA ASP Q 43 -24.59 13.38 6.12
C ASP Q 43 -25.21 12.32 7.03
N VAL Q 44 -25.77 11.27 6.44
CA VAL Q 44 -26.42 10.22 7.22
C VAL Q 44 -25.41 9.54 8.14
N LYS Q 45 -24.17 9.37 7.67
CA LYS Q 45 -23.16 8.69 8.47
C LYS Q 45 -22.88 9.45 9.76
N GLU Q 46 -22.83 10.77 9.70
CA GLU Q 46 -22.67 11.56 10.92
C GLU Q 46 -23.89 11.43 11.83
N ALA Q 47 -25.09 11.45 11.24
CA ALA Q 47 -26.30 11.34 12.04
C ALA Q 47 -26.45 9.96 12.67
N ILE Q 48 -25.79 8.95 12.09
CA ILE Q 48 -25.73 7.65 12.76
C ILE Q 48 -24.82 7.74 13.99
N ARG Q 49 -23.72 8.47 13.87
CA ARG Q 49 -22.76 8.57 14.97
C ARG Q 49 -23.37 9.21 16.21
N ARG Q 50 -24.46 9.94 16.06
CA ARG Q 50 -25.14 10.57 17.19
C ARG Q 50 -26.22 9.69 17.79
N LEU Q 51 -26.43 8.49 17.26
CA LEU Q 51 -27.48 7.62 17.79
C LEU Q 51 -27.12 7.16 19.19
N PRO Q 52 -28.10 7.00 20.07
CA PRO Q 52 -27.82 6.44 21.40
C PRO Q 52 -27.39 4.99 21.28
N GLU Q 53 -26.65 4.54 22.29
CA GLU Q 53 -26.10 3.19 22.25
C GLU Q 53 -27.20 2.15 22.19
N ASN Q 54 -28.31 2.39 22.91
CA ASN Q 54 -29.41 1.42 22.88
C ASN Q 54 -30.05 1.35 21.50
N LEU Q 55 -30.12 2.47 20.78
CA LEU Q 55 -30.73 2.49 19.46
C LEU Q 55 -29.75 2.10 18.36
N TYR Q 56 -28.49 2.50 18.49
CA TYR Q 56 -27.49 2.12 17.49
C TYR Q 56 -27.24 0.62 17.50
N ASP Q 57 -27.16 0.02 18.70
CA ASP Q 57 -26.92 -1.42 18.78
C ASP Q 57 -28.11 -2.21 18.24
N ASP Q 58 -29.32 -1.69 18.44
CA ASP Q 58 -30.50 -2.36 17.88
C ASP Q 58 -30.47 -2.34 16.36
N ARG Q 59 -30.03 -1.21 15.78
CA ARG Q 59 -29.93 -1.12 14.33
C ARG Q 59 -28.92 -2.11 13.78
N VAL Q 60 -27.81 -2.31 14.50
CA VAL Q 60 -26.76 -3.20 14.01
C VAL Q 60 -27.29 -4.62 13.86
N PHE Q 61 -28.02 -5.11 14.87
CA PHE Q 61 -28.52 -6.48 14.81
C PHE Q 61 -29.60 -6.63 13.75
N ARG Q 62 -30.46 -5.62 13.58
CA ARG Q 62 -31.48 -5.69 12.55
C ARG Q 62 -30.86 -5.80 11.17
N ILE Q 63 -29.78 -5.05 10.93
CA ILE Q 63 -29.04 -5.19 9.68
C ILE Q 63 -28.32 -6.53 9.64
N LYS Q 64 -27.73 -6.94 10.76
CA LYS Q 64 -26.95 -8.17 10.79
C LYS Q 64 -27.80 -9.39 10.44
N ARG Q 65 -29.02 -9.45 10.99
CA ARG Q 65 -29.88 -10.60 10.70
C ARG Q 65 -30.48 -10.50 9.31
N ALA Q 66 -30.69 -9.28 8.79
CA ALA Q 66 -31.23 -9.13 7.45
C ALA Q 66 -30.27 -9.65 6.40
N LEU Q 67 -28.97 -9.37 6.58
CA LEU Q 67 -27.98 -9.91 5.65
C LEU Q 67 -27.92 -11.43 5.72
N ASP Q 68 -28.13 -11.99 6.92
CA ASP Q 68 -28.24 -13.44 7.05
C ASP Q 68 -29.45 -13.96 6.27
N LEU Q 69 -30.58 -13.26 6.36
CA LEU Q 69 -31.76 -13.64 5.57
C LEU Q 69 -31.49 -13.47 4.08
N SER Q 70 -30.86 -12.37 3.68
CA SER Q 70 -30.57 -12.17 2.27
C SER Q 70 -29.54 -13.17 1.76
N MET Q 71 -28.59 -13.56 2.61
CA MET Q 71 -27.61 -14.56 2.20
C MET Q 71 -28.27 -15.88 1.89
N ARG Q 72 -29.25 -16.28 2.69
CA ARG Q 72 -29.99 -17.51 2.49
C ARG Q 72 -31.18 -17.34 1.55
N GLN Q 73 -31.38 -16.13 1.01
CA GLN Q 73 -32.51 -15.83 0.13
C GLN Q 73 -33.83 -16.19 0.79
N GLN Q 74 -33.97 -15.85 2.08
CA GLN Q 74 -35.14 -16.17 2.87
C GLN Q 74 -35.75 -14.89 3.44
N ILE Q 75 -36.89 -15.05 4.11
CA ILE Q 75 -37.57 -13.95 4.78
C ILE Q 75 -38.01 -14.42 6.17
N LEU Q 76 -38.32 -13.44 7.02
CA LEU Q 76 -38.82 -13.74 8.34
C LEU Q 76 -40.26 -14.27 8.26
N PRO Q 77 -40.69 -15.04 9.26
CA PRO Q 77 -42.07 -15.52 9.28
C PRO Q 77 -43.08 -14.38 9.27
N LYS Q 78 -44.32 -14.74 8.96
CA LYS Q 78 -45.39 -13.75 8.80
C LYS Q 78 -45.60 -12.94 10.07
N GLU Q 79 -45.33 -13.51 11.23
CA GLU Q 79 -45.54 -12.82 12.49
C GLU Q 79 -44.37 -11.94 12.90
N GLN Q 80 -43.22 -12.05 12.23
CA GLN Q 80 -42.03 -11.30 12.61
C GLN Q 80 -41.74 -10.14 11.66
N TRP Q 81 -42.67 -9.83 10.76
CA TRP Q 81 -42.47 -8.70 9.86
C TRP Q 81 -42.67 -7.38 10.59
N THR Q 82 -42.06 -6.33 10.06
CA THR Q 82 -42.20 -4.99 10.63
C THR Q 82 -43.56 -4.43 10.21
N LYS Q 83 -44.45 -4.24 11.18
CA LYS Q 83 -45.75 -3.67 10.89
C LYS Q 83 -45.60 -2.24 10.40
N TYR Q 84 -46.41 -1.87 9.41
CA TYR Q 84 -46.33 -0.52 8.84
C TYR Q 84 -46.67 0.54 9.88
N GLU Q 85 -47.69 0.29 10.69
CA GLU Q 85 -48.06 1.26 11.72
C GLU Q 85 -47.02 1.31 12.84
N GLU Q 86 -46.43 0.17 13.18
CA GLU Q 86 -45.46 0.11 14.26
C GLU Q 86 -44.07 0.55 13.85
N ASP Q 87 -43.83 0.78 12.55
CA ASP Q 87 -42.55 1.28 12.09
C ASP Q 87 -42.44 2.77 12.41
N LYS Q 88 -41.43 3.13 13.18
CA LYS Q 88 -41.22 4.52 13.58
C LYS Q 88 -39.84 4.98 13.13
N SER Q 89 -39.75 6.27 12.79
CA SER Q 89 -38.50 6.86 12.31
C SER Q 89 -37.62 7.18 13.50
N TYR Q 90 -36.62 6.34 13.74
CA TYR Q 90 -35.65 6.56 14.80
C TYR Q 90 -34.48 7.42 14.34
N LEU Q 91 -34.42 7.77 13.05
CA LEU Q 91 -33.33 8.56 12.50
C LEU Q 91 -33.76 9.91 11.97
N GLU Q 92 -35.05 10.13 11.77
CA GLU Q 92 -35.51 11.43 11.26
C GLU Q 92 -35.14 12.59 12.17
N PRO Q 93 -35.33 12.53 13.50
CA PRO Q 93 -34.90 13.65 14.34
C PRO Q 93 -33.41 13.95 14.23
N TYR Q 94 -32.58 12.92 14.07
CA TYR Q 94 -31.14 13.14 13.94
C TYR Q 94 -30.77 13.65 12.56
N LEU Q 95 -31.46 13.17 11.51
CA LEU Q 95 -31.20 13.66 10.17
C LEU Q 95 -31.55 15.14 10.05
N LYS Q 96 -32.66 15.55 10.67
CA LYS Q 96 -33.12 16.93 10.52
C LYS Q 96 -32.10 17.91 11.08
N GLU Q 97 -31.49 17.59 12.22
CA GLU Q 97 -30.49 18.48 12.80
C GLU Q 97 -29.26 18.59 11.91
N VAL Q 98 -28.82 17.49 11.31
CA VAL Q 98 -27.70 17.55 10.38
C VAL Q 98 -28.11 18.29 9.12
N ILE Q 99 -29.38 18.21 8.71
CA ILE Q 99 -29.89 19.06 7.64
C ILE Q 99 -29.80 20.52 8.05
N ARG Q 100 -30.24 20.84 9.27
CA ARG Q 100 -30.18 22.21 9.75
C ARG Q 100 -28.74 22.70 9.86
N GLU Q 101 -27.85 21.85 10.40
CA GLU Q 101 -26.46 22.25 10.57
C GLU Q 101 -25.78 22.45 9.23
N ARG Q 102 -25.99 21.53 8.28
CA ARG Q 102 -25.33 21.64 6.98
C ARG Q 102 -25.85 22.85 6.20
N LYS Q 103 -27.15 23.12 6.28
CA LYS Q 103 -27.70 24.27 5.57
C LYS Q 103 -27.13 25.58 6.10
N GLU Q 104 -27.02 25.72 7.42
CA GLU Q 104 -26.41 26.92 7.99
C GLU Q 104 -24.95 27.03 7.58
N ARG Q 105 -24.21 25.92 7.64
CA ARG Q 105 -22.80 25.95 7.27
C ARG Q 105 -22.62 26.29 5.79
N GLU Q 106 -23.44 25.68 4.93
CA GLU Q 106 -23.31 25.94 3.49
C GLU Q 106 -23.66 27.37 3.15
N GLU Q 107 -24.74 27.90 3.75
CA GLU Q 107 -25.17 29.26 3.41
C GLU Q 107 -24.25 30.31 4.03
N TRP Q 108 -23.64 30.01 5.18
CA TRP Q 108 -22.70 30.95 5.78
C TRP Q 108 -21.47 31.14 4.91
N ALA Q 109 -21.06 30.10 4.18
CA ALA Q 109 -19.90 30.22 3.31
C ALA Q 109 -20.12 31.25 2.22
N LYS Q 110 -21.32 31.25 1.63
CA LYS Q 110 -21.66 32.23 0.60
C LYS Q 110 -22.31 33.43 1.26
N LYS Q 111 -21.55 34.51 1.42
CA LYS Q 111 -22.05 35.70 2.10
C LYS Q 111 -21.30 36.94 1.63
N MET R 1 -5.74 -0.48 -2.44
CA MET R 1 -6.52 -1.32 -1.54
C MET R 1 -6.22 -0.97 -0.08
N GLY R 2 -7.19 -1.20 0.80
CA GLY R 2 -7.02 -0.87 2.20
C GLY R 2 -8.09 -1.50 3.05
N ARG R 3 -7.99 -1.24 4.36
CA ARG R 3 -8.92 -1.69 5.39
C ARG R 3 -8.90 -3.21 5.55
N GLN R 4 -9.24 -3.69 6.75
CA GLN R 4 -9.21 -5.12 7.05
C GLN R 4 -10.01 -5.35 8.32
N PHE R 5 -10.17 -6.62 8.68
CA PHE R 5 -10.93 -6.99 9.86
C PHE R 5 -10.28 -6.41 11.11
N GLY R 6 -11.11 -5.80 11.96
CA GLY R 6 -10.62 -5.21 13.20
C GLY R 6 -11.12 -3.79 13.41
N HIS R 7 -11.28 -3.03 12.33
CA HIS R 7 -11.75 -1.65 12.40
C HIS R 7 -12.96 -1.41 11.51
N LEU R 8 -13.65 -2.47 11.08
CA LEU R 8 -14.75 -2.29 10.13
C LEU R 8 -15.90 -1.53 10.78
N THR R 9 -16.35 -1.96 11.95
CA THR R 9 -17.45 -1.31 12.64
C THR R 9 -17.45 -1.77 14.09
N ARG R 10 -18.37 -1.20 14.87
CA ARG R 10 -18.52 -1.51 16.29
C ARG R 10 -19.78 -2.35 16.46
N VAL R 11 -19.60 -3.64 16.76
CA VAL R 11 -20.70 -4.58 16.94
C VAL R 11 -20.69 -5.05 18.38
N ARG R 12 -21.84 -4.97 19.05
CA ARG R 12 -21.93 -5.24 20.47
C ARG R 12 -23.11 -6.14 20.76
N HIS R 13 -22.94 -7.03 21.75
CA HIS R 13 -24.00 -7.87 22.28
C HIS R 13 -24.66 -8.73 21.21
N VAL R 14 -23.85 -9.31 20.33
CA VAL R 14 -24.33 -10.22 19.29
C VAL R 14 -23.54 -11.52 19.42
N ILE R 15 -24.27 -12.62 19.63
CA ILE R 15 -23.67 -13.94 19.77
C ILE R 15 -24.07 -14.77 18.55
N THR R 16 -23.09 -15.41 17.93
CA THR R 16 -23.33 -16.25 16.77
C THR R 16 -22.85 -17.67 17.06
N TYR R 17 -23.56 -18.63 16.48
CA TYR R 17 -23.20 -20.04 16.58
C TYR R 17 -23.06 -20.60 15.18
N SER R 18 -22.12 -21.54 15.02
CA SER R 18 -21.89 -22.17 13.73
C SER R 18 -21.41 -23.59 13.96
N LEU R 19 -21.55 -24.42 12.94
CA LEU R 19 -21.15 -25.82 13.00
C LEU R 19 -19.95 -26.08 12.10
N SER R 20 -19.23 -27.14 12.42
CA SER R 20 -18.15 -27.58 11.55
C SER R 20 -18.75 -28.09 10.24
N PRO R 21 -18.14 -27.76 9.10
CA PRO R 21 -18.69 -28.23 7.82
C PRO R 21 -18.70 -29.74 7.69
N PHE R 22 -17.88 -30.45 8.47
CA PHE R 22 -17.86 -31.90 8.45
C PHE R 22 -18.91 -32.53 9.36
N GLU R 23 -19.57 -31.74 10.20
CA GLU R 23 -20.60 -32.25 11.09
C GLU R 23 -22.00 -31.84 10.65
N GLN R 24 -22.16 -31.40 9.41
CA GLN R 24 -23.47 -31.01 8.91
C GLN R 24 -23.58 -31.38 7.44
N ARG R 25 -24.79 -31.71 7.02
CA ARG R 25 -25.02 -32.13 5.64
C ARG R 25 -24.93 -30.95 4.70
N ALA R 26 -24.22 -31.13 3.58
CA ALA R 26 -24.03 -30.05 2.62
C ALA R 26 -25.33 -29.69 1.91
N PHE R 27 -26.19 -30.68 1.64
CA PHE R 27 -27.46 -30.48 0.94
C PHE R 27 -28.60 -30.84 1.88
N PRO R 28 -28.88 -30.00 2.87
CA PRO R 28 -29.94 -30.32 3.83
C PRO R 28 -31.30 -29.85 3.36
N HIS R 29 -32.24 -30.77 3.16
CA HIS R 29 -33.60 -30.46 2.72
C HIS R 29 -33.57 -29.65 1.43
N TYR R 30 -32.91 -30.22 0.42
CA TYR R 30 -32.79 -29.53 -0.87
C TYR R 30 -34.15 -29.28 -1.50
N PHE R 31 -34.86 -30.36 -1.87
CA PHE R 31 -36.15 -30.23 -2.50
C PHE R 31 -37.30 -30.05 -1.50
N SER R 32 -37.06 -30.32 -0.22
CA SER R 32 -38.09 -30.13 0.78
C SER R 32 -38.32 -28.66 1.09
N LYS R 33 -37.27 -27.84 1.00
CA LYS R 33 -37.35 -26.43 1.27
C LYS R 33 -37.00 -25.54 0.09
N GLY R 34 -36.05 -25.96 -0.75
CA GLY R 34 -35.66 -25.14 -1.89
C GLY R 34 -36.79 -24.95 -2.89
N ILE R 35 -37.47 -26.04 -3.24
CA ILE R 35 -38.56 -25.95 -4.20
C ILE R 35 -39.70 -25.07 -3.68
N PRO R 36 -40.20 -25.24 -2.45
CA PRO R 36 -41.18 -24.26 -1.95
C PRO R 36 -40.62 -22.86 -1.85
N ASN R 37 -39.31 -22.72 -1.65
CA ASN R 37 -38.70 -21.39 -1.61
C ASN R 37 -38.72 -20.73 -2.99
N VAL R 38 -38.30 -21.46 -4.03
CA VAL R 38 -38.20 -20.86 -5.35
C VAL R 38 -39.56 -20.41 -5.86
N LEU R 39 -40.61 -21.16 -5.51
CA LEU R 39 -41.95 -20.69 -5.83
C LEU R 39 -42.26 -19.38 -5.13
N ARG R 40 -41.84 -19.25 -3.86
CA ARG R 40 -42.03 -18.00 -3.15
C ARG R 40 -41.22 -16.87 -3.78
N ARG R 41 -39.97 -17.15 -4.13
CA ARG R 41 -39.11 -16.12 -4.70
C ARG R 41 -39.61 -15.69 -6.07
N THR R 42 -40.05 -16.64 -6.90
CA THR R 42 -40.51 -16.31 -8.24
C THR R 42 -41.76 -15.44 -8.22
N ARG R 43 -42.71 -15.75 -7.31
CA ARG R 43 -43.92 -14.94 -7.22
C ARG R 43 -43.58 -13.51 -6.82
N ALA R 44 -42.62 -13.34 -5.92
CA ALA R 44 -42.24 -12.00 -5.46
C ALA R 44 -41.66 -11.14 -6.57
N CYS R 45 -41.27 -11.73 -7.70
CA CYS R 45 -40.67 -10.97 -8.79
C CYS R 45 -41.39 -11.13 -10.13
N ILE R 46 -42.31 -12.08 -10.26
CA ILE R 46 -42.97 -12.28 -11.56
C ILE R 46 -43.89 -11.13 -11.92
N LEU R 47 -44.34 -10.34 -10.95
CA LEU R 47 -45.16 -9.18 -11.26
C LEU R 47 -44.34 -7.97 -11.66
N ARG R 48 -43.01 -8.04 -11.55
CA ARG R 48 -42.14 -6.96 -11.97
C ARG R 48 -41.17 -7.37 -13.07
N VAL R 49 -41.07 -8.67 -13.38
CA VAL R 49 -40.16 -9.17 -14.39
C VAL R 49 -40.92 -9.59 -15.65
N ALA R 50 -42.00 -10.36 -15.49
CA ALA R 50 -42.70 -10.91 -16.65
C ALA R 50 -43.34 -9.85 -17.53
N PRO R 51 -44.11 -8.89 -17.01
CA PRO R 51 -44.85 -7.97 -17.90
C PRO R 51 -43.95 -7.21 -18.88
N PRO R 52 -42.77 -6.73 -18.45
CA PRO R 52 -41.91 -6.05 -19.44
C PRO R 52 -41.48 -6.95 -20.60
N PHE R 53 -41.23 -8.23 -20.34
CA PHE R 53 -40.80 -9.14 -21.39
C PHE R 53 -41.97 -9.79 -22.12
N VAL R 54 -43.15 -9.84 -21.49
CA VAL R 54 -44.34 -10.29 -22.21
C VAL R 54 -44.68 -9.32 -23.33
N ALA R 55 -44.47 -8.03 -23.08
CA ALA R 55 -44.75 -7.03 -24.11
C ALA R 55 -43.82 -7.19 -25.31
N PHE R 56 -42.54 -7.51 -25.05
CA PHE R 56 -41.60 -7.68 -26.15
C PHE R 56 -42.03 -8.80 -27.09
N TYR R 57 -42.51 -9.92 -26.53
CA TYR R 57 -43.01 -11.00 -27.37
C TYR R 57 -44.20 -10.54 -28.19
N LEU R 58 -45.06 -9.69 -27.63
CA LEU R 58 -46.18 -9.15 -28.39
C LEU R 58 -45.68 -8.29 -29.54
N VAL R 59 -44.62 -7.52 -29.30
CA VAL R 59 -43.98 -6.78 -30.39
C VAL R 59 -43.39 -7.75 -31.41
N TYR R 60 -42.74 -8.81 -30.93
CA TYR R 60 -42.19 -9.82 -31.82
C TYR R 60 -43.29 -10.48 -32.65
N THR R 61 -44.37 -10.90 -32.00
CA THR R 61 -45.43 -11.62 -32.72
C THR R 61 -46.19 -10.72 -33.68
N TRP R 62 -46.07 -9.41 -33.57
CA TRP R 62 -46.73 -8.48 -34.48
C TRP R 62 -45.79 -7.82 -35.47
N GLY R 63 -44.59 -7.42 -35.02
CA GLY R 63 -43.63 -6.84 -35.93
C GLY R 63 -43.16 -7.83 -36.98
N THR R 64 -43.04 -9.10 -36.61
CA THR R 64 -42.68 -10.13 -37.57
C THR R 64 -43.84 -10.43 -38.52
N GLN R 65 -45.06 -10.51 -37.98
CA GLN R 65 -46.21 -10.78 -38.82
C GLN R 65 -46.46 -9.66 -39.82
N GLU R 66 -46.28 -8.41 -39.39
CA GLU R 66 -46.48 -7.28 -40.29
C GLU R 66 -45.48 -7.30 -41.43
N PHE R 67 -44.23 -7.68 -41.15
CA PHE R 67 -43.19 -7.65 -42.17
C PHE R 67 -43.51 -8.61 -43.31
N GLU R 68 -43.91 -9.84 -42.98
CA GLU R 68 -44.28 -10.79 -44.02
C GLU R 68 -45.58 -10.39 -44.70
N LYS R 69 -46.54 -9.89 -43.92
CA LYS R 69 -47.81 -9.45 -44.52
C LYS R 69 -47.60 -8.29 -45.46
N SER R 70 -46.75 -7.34 -45.09
CA SER R 70 -46.43 -6.24 -46.00
C SER R 70 -45.72 -6.75 -47.25
N LYS R 71 -44.87 -7.77 -47.09
CA LYS R 71 -44.21 -8.37 -48.24
C LYS R 71 -45.21 -8.98 -49.19
N ARG R 72 -46.23 -9.66 -48.66
CA ARG R 72 -47.28 -10.22 -49.51
C ARG R 72 -48.00 -9.10 -50.24
N LYS R 73 -48.34 -9.36 -51.50
CA LYS R 73 -48.93 -8.33 -52.35
C LYS R 73 -50.43 -8.21 -52.09
N ASN R 74 -51.08 -7.30 -52.81
CA ASN R 74 -52.52 -7.13 -52.84
C ASN R 74 -52.96 -6.99 -54.29
N PRO R 75 -54.20 -7.31 -54.61
CA PRO R 75 -54.67 -7.15 -55.98
C PRO R 75 -54.59 -5.70 -56.44
N ALA R 76 -54.17 -5.52 -57.69
CA ALA R 76 -54.00 -4.18 -58.27
C ALA R 76 -54.44 -4.14 -59.72
N ALA R 77 -55.42 -4.96 -60.10
CA ALA R 77 -55.90 -4.95 -61.48
C ALA R 77 -56.61 -3.66 -61.79
N TYR R 78 -56.39 -3.15 -63.01
CA TYR R 78 -56.96 -1.87 -63.42
C TYR R 78 -58.17 -2.00 -64.35
N GLU R 79 -58.13 -2.90 -65.34
CA GLU R 79 -59.31 -3.14 -66.17
C GLU R 79 -59.18 -4.53 -66.83
N ASN R 80 -60.00 -5.46 -66.37
CA ASN R 80 -60.11 -6.82 -66.90
C ASN R 80 -61.18 -7.55 -66.13
N ASP R 81 -61.67 -8.65 -66.70
CA ASP R 81 -62.61 -9.54 -66.04
C ASP R 81 -62.04 -10.95 -66.19
N ARG R 82 -61.12 -11.31 -65.30
CA ARG R 82 -60.44 -12.61 -65.35
C ARG R 82 -59.86 -12.90 -66.72
N GLY S 1 -40.38 -47.39 -64.59
CA GLY S 1 -40.63 -46.85 -65.95
C GLY S 1 -39.58 -45.85 -66.38
N ASP S 2 -38.45 -46.32 -66.93
CA ASP S 2 -37.32 -45.44 -67.36
C ASP S 2 -36.31 -46.36 -68.06
N PRO S 3 -35.21 -45.87 -68.69
CA PRO S 3 -34.32 -46.77 -69.45
C PRO S 3 -33.13 -47.45 -68.74
N LYS S 4 -33.38 -48.41 -67.84
CA LYS S 4 -32.23 -49.17 -67.27
C LYS S 4 -32.18 -50.58 -67.87
N GLU S 5 -32.88 -51.56 -67.29
CA GLU S 5 -32.69 -52.92 -67.87
C GLU S 5 -34.03 -53.66 -67.92
N GLU S 6 -34.07 -54.86 -68.51
CA GLU S 6 -35.31 -55.69 -68.62
C GLU S 6 -36.21 -55.10 -69.72
N GLU S 7 -37.42 -55.65 -69.91
CA GLU S 7 -38.32 -55.19 -71.00
C GLU S 7 -39.03 -53.89 -70.61
N GLU S 8 -40.22 -53.64 -71.17
CA GLU S 8 -40.95 -52.37 -70.91
C GLU S 8 -39.99 -51.20 -71.15
N GLU S 9 -39.26 -51.24 -72.27
CA GLU S 9 -38.25 -50.18 -72.59
C GLU S 9 -37.30 -50.02 -71.39
N GLU S 10 -36.88 -51.13 -70.77
CA GLU S 10 -35.91 -51.09 -69.63
C GLU S 10 -36.57 -50.52 -68.37
N GLU S 11 -35.84 -50.44 -67.24
CA GLU S 11 -36.48 -50.03 -65.95
C GLU S 11 -35.52 -49.24 -65.05
N GLU S 12 -35.17 -48.00 -65.41
CA GLU S 12 -34.28 -47.13 -64.59
C GLU S 12 -35.04 -46.62 -63.37
N LEU S 13 -34.59 -46.99 -62.18
CA LEU S 13 -35.24 -46.52 -60.93
C LEU S 13 -35.67 -45.06 -61.03
N VAL S 14 -36.94 -44.83 -61.36
CA VAL S 14 -37.48 -43.44 -61.39
C VAL S 14 -37.12 -42.80 -60.05
N ASP S 15 -36.82 -41.50 -60.07
CA ASP S 15 -36.34 -40.85 -58.86
C ASP S 15 -37.38 -40.93 -57.75
N PRO S 16 -37.00 -41.37 -56.55
CA PRO S 16 -37.96 -41.31 -55.42
C PRO S 16 -38.42 -39.90 -55.10
N LEU S 17 -37.64 -38.88 -55.48
CA LEU S 17 -38.08 -37.51 -55.27
C LEU S 17 -39.37 -37.22 -56.04
N THR S 18 -39.46 -37.71 -57.28
CA THR S 18 -40.68 -37.53 -58.05
C THR S 18 -41.86 -38.25 -57.40
N THR S 19 -41.63 -39.48 -56.93
CA THR S 19 -42.70 -40.23 -56.29
C THR S 19 -43.18 -39.53 -55.02
N VAL S 20 -42.24 -39.03 -54.20
CA VAL S 20 -42.62 -38.37 -52.97
C VAL S 20 -43.34 -37.05 -53.26
N ARG S 21 -42.92 -36.35 -54.31
CA ARG S 21 -43.51 -35.05 -54.63
C ARG S 21 -44.99 -35.19 -54.98
N GLU S 22 -45.34 -36.19 -55.79
CA GLU S 22 -46.74 -36.41 -56.14
C GLU S 22 -47.51 -37.06 -55.00
N GLN S 23 -46.84 -37.59 -53.98
CA GLN S 23 -47.51 -38.10 -52.80
C GLN S 23 -48.09 -37.00 -51.94
N CYS S 24 -47.70 -35.74 -52.18
CA CYS S 24 -48.14 -34.62 -51.36
C CYS S 24 -48.92 -33.57 -52.13
N GLU S 25 -49.24 -33.82 -53.40
CA GLU S 25 -50.09 -32.88 -54.12
C GLU S 25 -51.55 -33.04 -53.76
N GLN S 26 -51.93 -34.13 -53.10
CA GLN S 26 -53.31 -34.34 -52.66
C GLN S 26 -53.55 -33.90 -51.23
N LEU S 27 -52.52 -33.43 -50.51
CA LEU S 27 -52.73 -32.95 -49.17
C LEU S 27 -53.56 -31.66 -49.19
N GLU S 28 -54.33 -31.46 -48.11
CA GLU S 28 -55.24 -30.32 -48.06
C GLU S 28 -54.47 -29.00 -48.15
N LYS S 29 -53.34 -28.89 -47.45
CA LYS S 29 -52.56 -27.66 -47.50
C LYS S 29 -52.01 -27.40 -48.90
N CYS S 30 -51.64 -28.45 -49.62
CA CYS S 30 -51.02 -28.29 -50.93
C CYS S 30 -52.02 -28.13 -52.06
N VAL S 31 -53.21 -28.73 -51.96
CA VAL S 31 -54.20 -28.56 -53.02
C VAL S 31 -54.76 -27.15 -53.00
N LYS S 32 -55.01 -26.59 -51.82
CA LYS S 32 -55.54 -25.23 -51.74
C LYS S 32 -54.54 -24.22 -52.26
N ALA S 33 -53.27 -24.40 -51.92
CA ALA S 33 -52.23 -23.52 -52.47
C ALA S 33 -52.13 -23.67 -53.97
N ARG S 34 -52.22 -24.90 -54.48
CA ARG S 34 -52.26 -25.11 -55.92
C ARG S 34 -53.53 -24.47 -56.50
N GLU S 35 -54.63 -24.52 -55.75
CA GLU S 35 -55.87 -23.92 -56.22
C GLU S 35 -55.69 -22.44 -56.50
N ARG S 36 -55.08 -21.70 -55.58
CA ARG S 36 -54.85 -20.28 -55.80
C ARG S 36 -53.91 -20.04 -56.96
N LEU S 37 -53.00 -20.98 -57.24
CA LEU S 37 -52.12 -20.86 -58.39
C LEU S 37 -52.89 -20.89 -59.70
N GLU S 38 -53.94 -21.72 -59.77
CA GLU S 38 -54.69 -21.85 -61.02
C GLU S 38 -55.43 -20.57 -61.37
N LEU S 39 -56.14 -19.98 -60.40
CA LEU S 39 -56.87 -18.76 -60.67
C LEU S 39 -55.93 -17.60 -61.00
N CYS S 40 -54.73 -17.61 -60.45
CA CYS S 40 -53.75 -16.57 -60.80
C CYS S 40 -53.38 -16.65 -62.27
N ASP S 41 -53.17 -17.86 -62.79
CA ASP S 41 -52.75 -18.02 -64.17
C ASP S 41 -53.81 -17.51 -65.13
N GLU S 42 -55.09 -17.80 -64.84
CA GLU S 42 -56.17 -17.32 -65.70
C GLU S 42 -56.20 -15.80 -65.75
N ARG S 43 -55.99 -15.15 -64.60
CA ARG S 43 -55.97 -13.69 -64.57
C ARG S 43 -54.77 -13.14 -65.35
N VAL S 44 -53.62 -13.78 -65.23
CA VAL S 44 -52.40 -13.24 -65.82
C VAL S 44 -52.30 -13.62 -67.29
N SER S 45 -52.51 -14.90 -67.61
CA SER S 45 -52.35 -15.35 -68.99
C SER S 45 -53.36 -14.66 -69.92
N SER S 46 -54.61 -14.56 -69.48
CA SER S 46 -55.63 -13.90 -70.30
C SER S 46 -55.45 -12.38 -70.32
N ARG S 47 -54.65 -11.82 -69.41
CA ARG S 47 -54.44 -10.39 -69.39
C ARG S 47 -53.63 -9.93 -70.60
N SER S 48 -54.00 -8.77 -71.14
CA SER S 48 -53.29 -8.25 -72.30
C SER S 48 -51.94 -7.65 -71.92
N GLN S 49 -51.90 -6.78 -70.92
CA GLN S 49 -50.63 -6.36 -70.33
C GLN S 49 -50.86 -6.16 -68.84
N THR S 50 -49.99 -6.75 -68.02
CA THR S 50 -49.97 -6.53 -66.58
C THR S 50 -48.72 -7.18 -66.01
N GLU S 51 -48.09 -6.51 -65.04
CA GLU S 51 -46.84 -6.98 -64.47
C GLU S 51 -47.00 -8.12 -63.48
N GLU S 52 -48.23 -8.40 -63.03
CA GLU S 52 -48.43 -9.50 -62.09
C GLU S 52 -48.12 -10.84 -62.75
N ASP S 53 -47.61 -11.77 -61.96
CA ASP S 53 -47.44 -13.14 -62.43
C ASP S 53 -47.69 -14.06 -61.23
N CYS S 54 -47.32 -15.33 -61.35
CA CYS S 54 -47.86 -16.36 -60.48
C CYS S 54 -46.75 -17.20 -59.85
N THR S 55 -45.74 -16.55 -59.28
CA THR S 55 -44.75 -17.30 -58.52
C THR S 55 -44.95 -17.21 -57.01
N GLU S 56 -45.60 -16.14 -56.52
CA GLU S 56 -45.88 -16.08 -55.08
C GLU S 56 -46.85 -17.19 -54.68
N GLU S 57 -47.94 -17.35 -55.44
CA GLU S 57 -48.82 -18.48 -55.22
C GLU S 57 -48.09 -19.80 -55.47
N LEU S 58 -47.21 -19.82 -56.47
CA LEU S 58 -46.35 -20.97 -56.67
C LEU S 58 -45.44 -21.19 -55.47
N LEU S 59 -44.90 -20.10 -54.91
CA LEU S 59 -44.02 -20.23 -53.75
C LEU S 59 -44.76 -20.80 -52.55
N ASP S 60 -46.00 -20.34 -52.31
CA ASP S 60 -46.81 -20.94 -51.25
C ASP S 60 -47.12 -22.39 -51.56
N PHE S 61 -47.38 -22.70 -52.83
CA PHE S 61 -47.55 -24.09 -53.24
C PHE S 61 -46.27 -24.89 -53.01
N LEU S 62 -45.12 -24.29 -53.32
CA LEU S 62 -43.86 -24.97 -53.06
C LEU S 62 -43.60 -25.11 -51.56
N HIS S 63 -43.87 -24.07 -50.79
CA HIS S 63 -43.56 -24.09 -49.36
C HIS S 63 -44.29 -25.21 -48.65
N ALA S 64 -45.57 -25.41 -48.97
CA ALA S 64 -46.32 -26.51 -48.37
C ALA S 64 -45.81 -27.86 -48.88
N ARG S 65 -45.54 -27.97 -50.18
CA ARG S 65 -45.12 -29.25 -50.74
C ARG S 65 -43.69 -29.58 -50.34
N ASP S 66 -42.79 -28.60 -50.43
CA ASP S 66 -41.38 -28.89 -50.15
C ASP S 66 -41.12 -29.16 -48.68
N HIS S 67 -41.97 -28.68 -47.77
CA HIS S 67 -41.83 -29.05 -46.37
C HIS S 67 -42.29 -30.48 -46.13
N CYS S 68 -43.28 -30.95 -46.89
CA CYS S 68 -43.70 -32.35 -46.78
C CYS S 68 -42.58 -33.30 -47.20
N VAL S 69 -41.98 -33.05 -48.36
CA VAL S 69 -41.04 -34.02 -48.92
C VAL S 69 -39.84 -34.20 -48.01
N ALA S 70 -39.42 -33.12 -47.34
CA ALA S 70 -38.31 -33.23 -46.38
C ALA S 70 -38.62 -34.24 -45.30
N HIS S 71 -39.89 -34.38 -44.91
CA HIS S 71 -40.25 -35.32 -43.86
C HIS S 71 -39.97 -36.76 -44.29
N LYS S 72 -40.26 -37.10 -45.54
CA LYS S 72 -40.24 -38.47 -46.01
C LYS S 72 -39.52 -38.60 -47.35
N LEU S 73 -38.35 -38.00 -47.47
CA LEU S 73 -37.51 -38.17 -48.65
C LEU S 73 -36.27 -39.00 -48.40
N PHE S 74 -35.59 -38.78 -47.28
CA PHE S 74 -34.33 -39.47 -47.02
C PHE S 74 -34.51 -40.95 -46.73
N ASN S 75 -35.73 -41.40 -46.44
CA ASN S 75 -35.94 -42.82 -46.21
C ASN S 75 -35.67 -43.63 -47.46
N SER S 76 -36.14 -43.15 -48.62
CA SER S 76 -35.93 -43.87 -49.87
C SER S 76 -34.50 -43.74 -50.37
N LEU S 77 -33.80 -42.67 -50.02
CA LEU S 77 -32.44 -42.46 -50.48
C LEU S 77 -31.49 -43.44 -49.81
N LYS S 78 -30.34 -43.65 -50.44
CA LYS S 78 -29.33 -44.63 -50.00
C LYS S 78 -29.93 -46.03 -49.90
N MET T 1 -11.85 45.99 48.25
CA MET T 1 -10.89 45.05 47.69
C MET T 1 -11.36 43.62 47.91
N LEU T 2 -12.24 43.14 47.03
CA LEU T 2 -12.84 41.81 47.12
C LEU T 2 -12.72 41.15 45.75
N SER T 3 -11.62 40.41 45.55
CA SER T 3 -11.40 39.71 44.29
C SER T 3 -10.34 38.64 44.51
N VAL T 4 -10.04 37.90 43.43
CA VAL T 4 -9.02 36.86 43.48
C VAL T 4 -7.68 37.32 42.92
N ALA T 5 -7.65 38.46 42.24
CA ALA T 5 -6.41 38.97 41.65
C ALA T 5 -5.78 40.08 42.48
N ALA T 6 -6.60 40.91 43.13
CA ALA T 6 -6.05 41.97 43.97
C ALA T 6 -5.29 41.39 45.16
N ARG T 7 -5.80 40.32 45.76
CA ARG T 7 -5.12 39.68 46.87
C ARG T 7 -3.93 38.84 46.42
N SER T 8 -3.80 38.56 45.13
CA SER T 8 -2.66 37.83 44.57
C SER T 8 -2.49 36.47 45.23
N GLY T 9 -3.61 35.78 45.42
CA GLY T 9 -3.62 34.52 46.13
C GLY T 9 -3.90 33.34 45.25
N PRO T 10 -5.15 32.86 45.27
CA PRO T 10 -5.50 31.62 44.57
C PRO T 10 -5.45 31.77 43.06
N PHE T 11 -5.84 30.72 42.36
CA PHE T 11 -5.72 30.68 40.90
C PHE T 11 -7.06 30.89 40.24
N ALA T 12 -7.01 31.31 38.97
CA ALA T 12 -8.21 31.62 38.19
C ALA T 12 -7.95 31.27 36.74
N PRO T 13 -8.11 29.99 36.38
CA PRO T 13 -7.91 29.59 34.98
C PRO T 13 -8.95 30.22 34.06
N VAL T 14 -8.53 30.47 32.82
CA VAL T 14 -9.36 31.11 31.82
C VAL T 14 -9.40 30.25 30.58
N LEU T 15 -10.60 30.01 30.05
CA LEU T 15 -10.79 29.30 28.79
C LEU T 15 -11.49 30.25 27.83
N SER T 16 -10.99 30.32 26.60
CA SER T 16 -11.45 31.30 25.63
C SER T 16 -11.76 30.64 24.30
N ALA T 17 -12.49 31.37 23.46
CA ALA T 17 -12.76 30.94 22.09
C ALA T 17 -11.83 31.58 21.07
N THR T 18 -11.31 32.77 21.35
CA THR T 18 -10.34 33.43 20.48
C THR T 18 -9.04 33.78 21.19
N SER T 19 -8.79 33.18 22.36
CA SER T 19 -7.57 33.43 23.12
C SER T 19 -7.11 32.14 23.78
N ARG T 20 -5.84 32.13 24.17
CA ARG T 20 -5.25 30.94 24.75
C ARG T 20 -5.73 30.74 26.19
N GLY T 21 -5.66 29.50 26.64
CA GLY T 21 -5.99 29.18 28.02
C GLY T 21 -4.94 29.67 28.98
N VAL T 22 -5.27 30.69 29.77
CA VAL T 22 -4.34 31.33 30.69
C VAL T 22 -4.81 31.07 32.11
N ALA T 23 -3.92 30.51 32.93
CA ALA T 23 -4.20 30.23 34.33
C ALA T 23 -3.06 30.76 35.18
N GLY T 24 -3.40 31.38 36.32
CA GLY T 24 -2.39 31.80 37.25
C GLY T 24 -2.48 33.22 37.73
N ALA T 25 -2.49 33.40 39.05
CA ALA T 25 -2.37 34.70 39.70
C ALA T 25 -0.95 34.86 40.21
N LEU T 26 -0.73 35.91 40.99
CA LEU T 26 0.63 36.19 41.49
C LEU T 26 1.05 35.15 42.52
N ARG T 27 2.25 34.62 42.34
CA ARG T 27 2.90 33.72 43.28
C ARG T 27 4.37 33.63 42.89
N PRO T 28 5.26 33.25 43.83
CA PRO T 28 6.69 33.50 43.58
C PRO T 28 7.29 32.63 42.49
N LEU T 29 7.53 33.24 41.33
CA LEU T 29 8.34 32.63 40.28
C LEU T 29 9.28 33.61 39.59
N VAL T 30 8.99 34.91 39.64
CA VAL T 30 9.83 35.89 38.93
C VAL T 30 11.20 35.99 39.58
N GLN T 31 11.23 36.08 40.91
CA GLN T 31 12.51 36.21 41.60
C GLN T 31 13.38 34.98 41.47
N ALA T 32 12.81 33.82 41.12
CA ALA T 32 13.60 32.63 40.87
C ALA T 32 14.33 32.68 39.54
N ALA T 33 13.81 33.46 38.58
CA ALA T 33 14.41 33.49 37.26
C ALA T 33 15.73 34.24 37.24
N VAL T 34 15.91 35.22 38.14
CA VAL T 34 17.16 35.97 38.16
C VAL T 34 18.36 35.08 38.47
N PRO T 35 18.36 34.27 39.53
CA PRO T 35 19.39 33.22 39.61
C PRO T 35 18.92 32.01 38.80
N ALA T 36 19.19 32.09 37.48
CA ALA T 36 18.51 31.25 36.51
C ALA T 36 18.76 29.76 36.72
N THR T 37 17.76 29.05 37.20
CA THR T 37 17.79 27.60 37.32
C THR T 37 16.50 27.00 36.75
N SER T 38 15.43 27.78 36.77
CA SER T 38 14.15 27.35 36.23
C SER T 38 14.24 27.41 34.71
N GLU T 39 14.52 26.26 34.09
CA GLU T 39 14.89 26.18 32.69
C GLU T 39 13.74 26.42 31.72
N SER T 40 12.55 26.88 32.13
CA SER T 40 11.43 27.06 31.21
C SER T 40 11.17 25.77 30.44
N PRO T 41 10.55 24.78 31.08
CA PRO T 41 10.50 23.43 30.50
C PRO T 41 9.93 23.41 29.10
N VAL T 42 10.35 22.40 28.32
CA VAL T 42 9.99 22.32 26.92
C VAL T 42 8.47 22.26 26.76
N LEU T 43 8.00 22.66 25.58
CA LEU T 43 6.58 22.71 25.29
C LEU T 43 6.05 21.34 24.87
N ASP T 44 6.33 20.33 25.69
CA ASP T 44 5.86 18.97 25.41
C ASP T 44 4.36 18.91 25.65
N LEU T 45 3.59 18.80 24.57
CA LEU T 45 2.13 18.81 24.64
C LEU T 45 1.64 20.09 25.32
N LYS T 46 1.99 21.23 24.71
CA LYS T 46 1.77 22.54 25.31
C LYS T 46 1.39 23.55 24.22
N ARG T 47 0.61 24.54 24.62
CA ARG T 47 0.21 25.64 23.75
C ARG T 47 1.12 26.85 23.95
N SER T 48 0.89 27.89 23.15
CA SER T 48 1.76 29.06 23.15
C SER T 48 1.36 30.04 24.24
N VAL T 49 2.34 30.50 25.02
CA VAL T 49 2.10 31.36 26.17
C VAL T 49 1.88 32.79 25.72
N LEU T 50 1.41 33.64 26.63
CA LEU T 50 1.31 35.09 26.48
C LEU T 50 0.16 35.47 25.55
N CYS T 51 -0.45 34.47 24.90
CA CYS T 51 -1.59 34.66 23.99
C CYS T 51 -1.23 35.57 22.82
N ARG T 52 -2.16 35.71 21.87
CA ARG T 52 -1.95 36.57 20.70
C ARG T 52 -3.27 37.26 20.34
N GLU T 53 -3.51 38.43 20.93
CA GLU T 53 -4.61 39.28 20.51
C GLU T 53 -4.25 40.76 20.55
N SER T 54 -3.01 41.12 20.86
CA SER T 54 -2.62 42.52 20.96
C SER T 54 -1.28 42.76 20.26
N MET U 1 -9.44 -46.69 8.96
CA MET U 1 -8.49 -47.80 9.07
C MET U 1 -9.10 -48.99 9.80
N VAL U 2 -9.70 -48.71 10.96
CA VAL U 2 -10.31 -49.74 11.78
C VAL U 2 -11.83 -49.61 11.79
N ALA U 3 -12.41 -49.01 10.76
CA ALA U 3 -13.85 -48.82 10.69
C ALA U 3 -14.45 -49.70 9.58
N PRO U 4 -15.69 -50.16 9.77
CA PRO U 4 -16.33 -51.01 8.76
C PRO U 4 -16.93 -50.27 7.58
N THR U 5 -16.62 -48.99 7.39
CA THR U 5 -17.09 -48.22 6.26
C THR U 5 -15.94 -47.93 5.31
N LEU U 6 -16.24 -47.93 4.01
CA LEU U 6 -15.19 -47.82 3.00
C LEU U 6 -14.46 -46.48 3.08
N THR U 7 -15.21 -45.38 3.26
CA THR U 7 -14.61 -44.05 3.20
C THR U 7 -13.63 -43.83 4.35
N ALA U 8 -13.88 -44.41 5.52
CA ALA U 8 -12.95 -44.26 6.62
C ALA U 8 -11.60 -44.89 6.29
N ARG U 9 -11.61 -46.08 5.69
CA ARG U 9 -10.37 -46.66 5.21
C ARG U 9 -9.81 -45.87 4.03
N LEU U 10 -10.68 -45.22 3.26
CA LEU U 10 -10.22 -44.44 2.11
C LEU U 10 -9.58 -43.14 2.54
N TYR U 11 -9.98 -42.60 3.71
CA TYR U 11 -9.43 -41.34 4.18
C TYR U 11 -8.11 -41.54 4.91
N SER U 12 -8.11 -42.38 5.94
CA SER U 12 -6.91 -42.54 6.77
C SER U 12 -5.76 -43.11 5.96
N LEU U 13 -6.05 -44.07 5.08
CA LEU U 13 -4.99 -44.68 4.28
C LEU U 13 -4.36 -43.66 3.32
N LEU U 14 -5.19 -42.85 2.67
CA LEU U 14 -4.72 -41.96 1.62
C LEU U 14 -4.84 -40.48 2.01
N PHE U 15 -6.04 -40.01 2.35
CA PHE U 15 -6.28 -38.58 2.46
C PHE U 15 -5.83 -37.98 3.78
N ARG U 16 -5.36 -38.81 4.73
CA ARG U 16 -4.93 -38.27 6.02
C ARG U 16 -3.73 -37.34 5.86
N ARG U 17 -2.76 -37.72 5.03
CA ARG U 17 -1.57 -36.92 4.78
C ARG U 17 -1.67 -36.31 3.40
N THR U 18 -1.46 -35.00 3.32
CA THR U 18 -1.61 -34.29 2.05
C THR U 18 -0.61 -34.75 1.00
N SER U 19 0.52 -35.34 1.41
CA SER U 19 1.44 -35.90 0.44
C SER U 19 0.80 -37.02 -0.36
N THR U 20 0.10 -37.93 0.33
CA THR U 20 -0.59 -39.01 -0.36
C THR U 20 -1.93 -38.56 -0.94
N PHE U 21 -2.45 -37.41 -0.52
CA PHE U 21 -3.65 -36.86 -1.13
C PHE U 21 -3.39 -36.48 -2.58
N ALA U 22 -2.21 -35.91 -2.86
CA ALA U 22 -1.86 -35.57 -4.23
C ALA U 22 -1.53 -36.81 -5.05
N LEU U 23 -1.03 -37.87 -4.40
CA LEU U 23 -0.70 -39.10 -5.13
C LEU U 23 -1.94 -39.72 -5.73
N THR U 24 -3.04 -39.78 -4.97
CA THR U 24 -4.26 -40.34 -5.51
C THR U 24 -4.84 -39.45 -6.61
N ILE U 25 -4.59 -38.15 -6.55
CA ILE U 25 -5.06 -37.26 -7.61
C ILE U 25 -4.30 -37.52 -8.90
N VAL U 26 -2.97 -37.58 -8.83
CA VAL U 26 -2.18 -37.79 -10.04
C VAL U 26 -2.34 -39.21 -10.56
N VAL U 27 -2.33 -40.21 -9.67
CA VAL U 27 -2.54 -41.58 -10.09
C VAL U 27 -3.98 -41.78 -10.53
N GLY U 28 -4.92 -41.20 -9.80
CA GLY U 28 -6.32 -41.27 -10.21
C GLY U 28 -6.56 -40.64 -11.57
N ALA U 29 -5.84 -39.56 -11.87
CA ALA U 29 -5.95 -38.95 -13.19
C ALA U 29 -5.42 -39.87 -14.28
N LEU U 30 -4.37 -40.64 -13.97
CA LEU U 30 -3.85 -41.60 -14.94
C LEU U 30 -4.92 -42.63 -15.31
N PHE U 31 -5.53 -43.26 -14.30
CA PHE U 31 -6.50 -44.31 -14.58
C PHE U 31 -7.84 -43.76 -15.05
N PHE U 32 -8.20 -42.56 -14.61
CA PHE U 32 -9.45 -41.96 -15.07
C PHE U 32 -9.35 -41.56 -16.54
N GLU U 33 -8.27 -40.87 -16.91
CA GLU U 33 -8.15 -40.37 -18.28
C GLU U 33 -8.06 -41.51 -19.28
N ARG U 34 -7.45 -42.63 -18.90
CA ARG U 34 -7.35 -43.75 -19.83
C ARG U 34 -8.69 -44.45 -19.99
N ALA U 35 -9.42 -44.64 -18.89
CA ALA U 35 -10.72 -45.32 -18.97
C ALA U 35 -11.80 -44.41 -19.53
N PHE U 36 -11.72 -43.10 -19.26
CA PHE U 36 -12.75 -42.19 -19.73
C PHE U 36 -12.75 -42.09 -21.25
N ASP U 37 -11.57 -42.03 -21.87
CA ASP U 37 -11.50 -41.97 -23.32
C ASP U 37 -12.13 -43.20 -23.95
N GLN U 38 -11.74 -44.39 -23.50
CA GLN U 38 -12.35 -45.61 -24.01
C GLN U 38 -13.83 -45.66 -23.66
N GLY U 39 -14.20 -45.21 -22.47
CA GLY U 39 -15.60 -45.18 -22.10
C GLY U 39 -16.40 -44.19 -22.92
N ALA U 40 -15.84 -42.99 -23.16
CA ALA U 40 -16.56 -41.95 -23.89
C ALA U 40 -16.42 -42.06 -25.39
N ASP U 41 -15.51 -42.91 -25.90
CA ASP U 41 -15.42 -43.12 -27.33
C ASP U 41 -16.27 -44.30 -27.79
N ALA U 42 -16.26 -45.39 -27.04
CA ALA U 42 -17.06 -46.55 -27.42
C ALA U 42 -18.53 -46.20 -27.53
N ILE U 43 -19.01 -45.31 -26.67
CA ILE U 43 -20.38 -44.84 -26.77
C ILE U 43 -20.56 -43.97 -28.01
N TYR U 44 -19.55 -43.15 -28.33
CA TYR U 44 -19.67 -42.28 -29.51
C TYR U 44 -19.75 -43.08 -30.79
N GLU U 45 -18.92 -44.11 -30.93
CA GLU U 45 -18.94 -44.93 -32.14
C GLU U 45 -20.19 -45.80 -32.21
N HIS U 46 -20.84 -46.08 -31.08
CA HIS U 46 -22.11 -46.79 -31.12
C HIS U 46 -23.19 -45.94 -31.78
N ILE U 47 -23.20 -44.63 -31.49
CA ILE U 47 -24.17 -43.74 -32.12
C ILE U 47 -23.92 -43.66 -33.62
N ASN U 48 -22.68 -43.87 -34.05
CA ASN U 48 -22.31 -43.68 -35.45
C ASN U 48 -21.82 -44.99 -36.06
N GLU U 49 -22.55 -46.08 -35.83
CA GLU U 49 -22.15 -47.36 -36.38
C GLU U 49 -22.32 -47.36 -37.89
N GLY U 50 -21.27 -47.79 -38.60
CA GLY U 50 -21.31 -47.77 -40.05
C GLY U 50 -21.21 -46.39 -40.67
N LYS U 51 -20.65 -45.43 -39.93
CA LYS U 51 -20.58 -44.04 -40.39
C LYS U 51 -19.16 -43.55 -40.57
N LEU U 52 -18.31 -43.70 -39.56
CA LEU U 52 -16.98 -43.11 -39.61
C LEU U 52 -16.08 -43.87 -40.59
N TRP U 53 -14.83 -43.42 -40.69
CA TRP U 53 -13.87 -44.08 -41.55
C TRP U 53 -13.43 -45.43 -40.99
N LYS U 54 -13.51 -45.59 -39.67
CA LYS U 54 -13.14 -46.86 -39.06
C LYS U 54 -14.08 -47.99 -39.47
N HIS U 55 -15.36 -47.67 -39.68
CA HIS U 55 -16.37 -48.67 -39.94
C HIS U 55 -16.54 -48.99 -41.42
N ILE U 56 -15.84 -48.29 -42.30
CA ILE U 56 -15.93 -48.56 -43.73
C ILE U 56 -14.53 -48.77 -44.30
N LYS U 57 -13.54 -48.81 -43.43
CA LYS U 57 -12.17 -49.07 -43.87
C LYS U 57 -12.01 -50.49 -44.40
N HIS U 58 -12.74 -51.44 -43.82
CA HIS U 58 -12.49 -52.86 -44.09
C HIS U 58 -12.62 -53.22 -45.56
N LYS U 59 -13.37 -52.44 -46.34
CA LYS U 59 -13.53 -52.70 -47.77
C LYS U 59 -12.49 -51.99 -48.61
N TYR U 60 -11.32 -51.72 -48.05
CA TYR U 60 -10.24 -51.07 -48.77
C TYR U 60 -8.93 -51.74 -48.35
N GLU U 61 -7.80 -51.08 -48.63
CA GLU U 61 -6.44 -51.58 -48.39
C GLU U 61 -6.31 -53.06 -48.77
N ASN U 62 -6.71 -53.31 -50.02
CA ASN U 62 -6.64 -54.67 -50.62
C ASN U 62 -6.53 -55.81 -49.61
N LYS U 63 -5.32 -56.30 -49.41
CA LYS U 63 -5.17 -57.51 -48.61
C LYS U 63 -5.20 -57.26 -47.11
N GLU U 64 -5.37 -56.01 -46.67
CA GLU U 64 -5.43 -55.70 -45.25
C GLU U 64 -6.86 -55.37 -44.84
N MET V 1 -19.81 40.04 4.59
CA MET V 1 -20.82 39.32 5.35
C MET V 1 -22.09 40.16 5.52
N LEU V 2 -23.20 39.66 4.97
CA LEU V 2 -24.48 40.37 5.06
C LEU V 2 -25.60 39.33 5.16
N THR V 3 -25.97 38.99 6.40
CA THR V 3 -27.19 38.24 6.72
C THR V 3 -27.35 36.98 5.87
N ARG V 4 -26.24 36.35 5.49
CA ARG V 4 -26.24 35.03 4.84
C ARG V 4 -27.05 35.04 3.54
N PHE V 5 -26.57 35.81 2.57
CA PHE V 5 -27.22 35.91 1.27
C PHE V 5 -26.95 34.66 0.45
N LEU V 6 -27.41 34.65 -0.80
CA LEU V 6 -27.36 33.48 -1.67
C LEU V 6 -26.24 33.66 -2.68
N GLY V 7 -25.11 33.01 -2.43
CA GLY V 7 -23.99 32.97 -3.35
C GLY V 7 -23.35 34.29 -3.73
N PRO V 8 -23.07 35.19 -2.76
CA PRO V 8 -22.25 36.36 -3.10
C PRO V 8 -20.76 36.04 -3.05
N ARG V 9 -20.36 35.17 -2.12
CA ARG V 9 -18.94 34.88 -1.93
C ARG V 9 -18.36 34.17 -3.14
N TYR V 10 -19.09 33.21 -3.71
CA TYR V 10 -18.56 32.46 -4.85
C TYR V 10 -18.48 33.33 -6.09
N ARG V 11 -19.33 34.36 -6.20
CA ARG V 11 -19.19 35.32 -7.29
C ARG V 11 -17.89 36.08 -7.19
N GLN V 12 -17.50 36.49 -5.99
CA GLN V 12 -16.22 37.17 -5.80
C GLN V 12 -15.06 36.23 -6.11
N LEU V 13 -15.16 34.97 -5.69
CA LEU V 13 -14.11 34.01 -5.97
C LEU V 13 -13.97 33.75 -7.46
N ALA V 14 -15.10 33.68 -8.17
CA ALA V 14 -15.06 33.46 -9.62
C ALA V 14 -14.36 34.61 -10.33
N ARG V 15 -14.65 35.85 -9.92
CA ARG V 15 -14.06 37.01 -10.59
C ARG V 15 -12.54 37.03 -10.42
N ASN V 16 -12.02 36.48 -9.32
CA ASN V 16 -10.58 36.42 -9.13
C ASN V 16 -9.92 35.52 -10.17
N TRP V 17 -10.55 34.39 -10.50
CA TRP V 17 -9.99 33.43 -11.44
C TRP V 17 -10.36 33.71 -12.88
N VAL V 18 -11.25 34.67 -13.14
CA VAL V 18 -11.62 34.99 -14.53
C VAL V 18 -10.44 35.47 -15.36
N PRO V 19 -9.63 36.45 -14.90
CA PRO V 19 -8.51 36.90 -15.76
C PRO V 19 -7.54 35.77 -16.12
N THR V 20 -7.25 34.87 -15.19
CA THR V 20 -6.37 33.75 -15.51
C THR V 20 -7.07 32.69 -16.34
N ALA V 21 -8.36 32.45 -16.09
CA ALA V 21 -9.09 31.48 -16.91
C ALA V 21 -9.18 31.95 -18.36
N SER V 22 -9.42 33.25 -18.57
CA SER V 22 -9.44 33.78 -19.93
C SER V 22 -8.09 33.63 -20.60
N LEU V 23 -7.00 33.88 -19.85
CA LEU V 23 -5.67 33.68 -20.42
C LEU V 23 -5.31 32.21 -20.51
N TRP V 24 -5.87 31.38 -19.62
CA TRP V 24 -5.62 29.94 -19.71
C TRP V 24 -6.22 29.37 -20.99
N GLY V 25 -7.39 29.88 -21.40
CA GLY V 25 -7.99 29.43 -22.64
C GLY V 25 -7.18 29.77 -23.87
N ALA V 26 -6.29 30.75 -23.78
CA ALA V 26 -5.40 31.05 -24.89
C ALA V 26 -4.45 29.89 -25.16
N VAL V 27 -3.95 29.26 -24.09
CA VAL V 27 -3.08 28.09 -24.25
C VAL V 27 -3.84 26.97 -24.96
N GLY V 28 -5.09 26.73 -24.55
CA GLY V 28 -5.91 25.76 -25.26
C GLY V 28 -6.18 26.15 -26.70
N ALA V 29 -6.28 27.45 -26.97
CA ALA V 29 -6.53 27.91 -28.33
C ALA V 29 -5.23 27.95 -29.14
N VAL V 30 -4.25 28.72 -28.68
CA VAL V 30 -2.99 28.85 -29.42
C VAL V 30 -2.26 27.51 -29.49
N GLY V 31 -2.23 26.78 -28.37
CA GLY V 31 -1.55 25.50 -28.36
C GLY V 31 -2.14 24.51 -29.35
N LEU V 32 -3.47 24.46 -29.43
CA LEU V 32 -4.10 23.62 -30.45
C LEU V 32 -3.79 24.12 -31.85
N VAL V 33 -3.83 25.44 -32.05
CA VAL V 33 -3.46 26.01 -33.34
C VAL V 33 -1.99 25.74 -33.64
N TRP V 34 -1.12 25.88 -32.64
CA TRP V 34 0.30 25.61 -32.82
C TRP V 34 0.53 24.14 -33.17
N ALA V 35 -0.31 23.25 -32.66
CA ALA V 35 -0.10 21.82 -32.89
C ALA V 35 -0.29 21.44 -34.35
N THR V 36 -1.33 21.99 -35.00
CA THR V 36 -1.70 21.53 -36.33
C THR V 36 -1.76 22.68 -37.33
N ASP V 37 -0.98 23.74 -37.08
CA ASP V 37 -0.88 24.86 -38.06
C ASP V 37 -2.24 25.11 -38.72
N TRP V 38 -3.28 25.35 -37.92
CA TRP V 38 -4.62 25.59 -38.45
C TRP V 38 -4.65 26.76 -39.44
N ARG V 39 -5.29 26.52 -40.58
CA ARG V 39 -5.09 27.38 -41.74
C ARG V 39 -5.62 28.80 -41.51
N LEU V 40 -6.81 28.92 -40.92
CA LEU V 40 -7.46 30.23 -40.84
C LEU V 40 -7.09 31.01 -39.58
N ILE V 41 -6.17 30.49 -38.77
CA ILE V 41 -5.62 31.24 -37.65
C ILE V 41 -4.25 31.83 -37.96
N LEU V 42 -3.41 31.06 -38.65
CA LEU V 42 -2.09 31.55 -39.04
C LEU V 42 -2.16 32.42 -40.29
N ASP V 43 -3.04 33.41 -40.28
CA ASP V 43 -3.16 34.37 -41.38
C ASP V 43 -3.19 35.81 -40.93
N TRP V 44 -3.51 36.09 -39.67
CA TRP V 44 -3.50 37.45 -39.15
C TRP V 44 -2.17 37.84 -38.54
N VAL V 45 -1.39 36.87 -38.09
CA VAL V 45 -0.07 37.17 -37.52
C VAL V 45 0.84 37.70 -38.61
N PRO V 46 1.69 38.70 -38.34
CA PRO V 46 2.52 39.27 -39.40
C PRO V 46 3.66 38.36 -39.82
N TYR V 47 4.34 37.73 -38.87
CA TYR V 47 5.52 36.94 -39.19
C TYR V 47 5.17 35.60 -39.81
N ILE V 48 4.10 34.96 -39.34
CA ILE V 48 3.81 33.57 -39.69
C ILE V 48 2.74 33.48 -40.78
N ASN V 49 2.56 34.53 -41.58
CA ASN V 49 1.58 34.49 -42.66
C ASN V 49 2.20 33.89 -43.92
#